data_2F2H
#
_entry.id   2F2H
#
_cell.length_a   162.317
_cell.length_b   175.841
_cell.length_c   210.742
_cell.angle_alpha   90.00
_cell.angle_beta   90.00
_cell.angle_gamma   90.00
#
_symmetry.space_group_name_H-M   'P 21 21 21'
#
loop_
_entity.id
_entity.type
_entity.pdbx_description
1 polymer 'Putative family 31 glucosidase yicI'
2 non-polymer 'SULFATE ION'
3 non-polymer '4-NITROPHENYL 6-THIO-6-S-ALPHA-D-XYLOPYRANOSYL-BETA-D-GLUCOPYRANOSIDE'
4 non-polymer GLYCEROL
5 non-polymer '3[N-MORPHOLINO]PROPANE SULFONIC ACID'
6 water water
#
_entity_poly.entity_id   1
_entity_poly.type   'polypeptide(L)'
_entity_poly.pdbx_seq_one_letter_code
;MKISDGNWLIQPGLNLIHPLQVFEVEQQDNEMVVYAAPRDVRERTWQLDTPLFTLRFFSPQEGIVGVRIEHFQGALNNGP
HYPLNILQDVKVTIENTERYAEFKSGNLSARVSKGEFWSLDFLRNGERITGSQVKNNGYVQDTNNQRNYMFERLDLGVGE
TVYGLGERFTALVRNGQTVETWNRDGGTSTEQAYKNIPFYMTNRGYGVLVNHPQCVSFEVGSEKVSKVQFSVESEYLEYF
VIDGPTPKAVLDRYTRFTGRPALPPAWSFGLWLTTSFTTNYDEATVNSFIDGMAERNLPLHVFHFDCFWMKAFQWCDFEW
DPLTFPDPEGMIRRLKAKGLKICVWINPYIGQKSPVFKELQEKGYLLKRPDGSLWQWDKWQPGLAIYDFTNPDACKWYAD
KLKGLVAMGVDCFKTDFGERIPTDVQWFDGSDPQKMHNHYAYIYNELVWNVLKDTVGEEEAVLFARSASVGAQKFPVHWG
GDCYANYESMAESLRGGLSIGLSGFGFWSHDIGGFENTAPAHVYKRWCAFGLLSSHSRLHGSKSYRVPWAYDDESCDVVR
FFTQLKCRMMPYLYREAARANARGTPMMRAMMMEFPDDPACDYLDRQYMLGDNVMVAPVFTEAGDVQFYLPEGRWTHLWH
NDELDGSRWHKQQHGFLSLPVYVRDNTLLALGNNDQRPDYVWHEGTAFHLFNLQDGHEAVCEVPAADGSVIFTLKAARTG
NTITVTGAGEAKNWTLCLRNVVKVNGLQDGSQAESEQGLVVKPQGNALTITLH
;
_entity_poly.pdbx_strand_id   A,B,C,D,E,F
#
# COMPACT_ATOMS: atom_id res chain seq x y z
N MET A 1 -13.86 21.49 -8.50
CA MET A 1 -13.67 20.31 -7.60
C MET A 1 -15.01 19.93 -7.03
N LYS A 2 -15.35 18.64 -7.08
CA LYS A 2 -16.66 18.25 -6.65
C LYS A 2 -16.70 18.20 -5.11
N ILE A 3 -17.64 18.89 -4.53
CA ILE A 3 -17.87 18.91 -3.09
C ILE A 3 -19.17 18.17 -2.74
N SER A 4 -20.27 18.63 -3.33
CA SER A 4 -21.55 17.91 -3.17
C SER A 4 -21.56 16.66 -4.02
N ASP A 5 -22.45 15.73 -3.67
CA ASP A 5 -22.83 14.58 -4.47
C ASP A 5 -24.35 14.66 -4.67
N GLY A 6 -24.76 15.49 -5.62
CA GLY A 6 -26.15 15.86 -5.76
C GLY A 6 -26.59 16.79 -4.66
N ASN A 7 -27.91 17.04 -4.62
CA ASN A 7 -28.48 17.92 -3.63
C ASN A 7 -28.36 17.40 -2.21
N TRP A 8 -28.45 16.08 -2.07
CA TRP A 8 -28.69 15.42 -0.81
C TRP A 8 -27.48 14.86 -0.08
N LEU A 9 -26.35 14.70 -0.76
CA LEU A 9 -25.22 14.01 -0.19
C LEU A 9 -23.98 14.82 -0.39
N ILE A 10 -22.92 14.38 0.28
CA ILE A 10 -21.61 14.96 0.12
C ILE A 10 -20.65 13.89 -0.40
N GLN A 11 -19.67 14.32 -1.20
CA GLN A 11 -18.66 13.42 -1.73
C GLN A 11 -18.03 12.63 -0.55
N PRO A 12 -17.80 11.33 -0.77
CA PRO A 12 -17.25 10.45 0.27
C PRO A 12 -15.93 10.99 0.81
N GLY A 13 -15.75 11.00 2.12
CA GLY A 13 -14.45 11.37 2.65
C GLY A 13 -14.26 12.86 2.93
N LEU A 14 -15.22 13.70 2.56
CA LEU A 14 -15.11 15.13 2.79
C LEU A 14 -15.93 15.54 4.01
N ASN A 15 -15.31 16.30 4.91
CA ASN A 15 -16.01 16.91 6.03
C ASN A 15 -16.09 18.40 5.82
N LEU A 16 -17.30 18.97 5.91
CA LEU A 16 -17.53 20.39 5.62
C LEU A 16 -17.96 21.08 6.90
N ILE A 17 -17.46 22.30 7.10
CA ILE A 17 -18.01 23.24 8.07
C ILE A 17 -18.23 24.57 7.37
N HIS A 18 -19.29 25.26 7.78
CA HIS A 18 -19.77 26.48 7.15
C HIS A 18 -19.94 27.60 8.16
N PRO A 19 -19.75 28.87 7.78
CA PRO A 19 -20.27 29.96 8.63
C PRO A 19 -21.79 29.99 8.54
N LEU A 20 -22.43 29.75 9.68
CA LEU A 20 -23.90 29.51 9.84
C LEU A 20 -24.54 30.56 10.75
N GLN A 21 -23.74 31.25 11.58
CA GLN A 21 -24.31 32.20 12.55
C GLN A 21 -23.32 33.27 12.97
N VAL A 22 -23.70 34.52 12.83
CA VAL A 22 -22.87 35.64 13.32
C VAL A 22 -22.81 35.53 14.86
N PHE A 23 -21.60 35.49 15.39
CA PHE A 23 -21.34 35.53 16.82
C PHE A 23 -21.05 36.96 17.22
N GLU A 24 -20.21 37.63 16.45
CA GLU A 24 -19.74 38.97 16.76
C GLU A 24 -19.25 39.70 15.50
N VAL A 25 -19.45 41.02 15.53
CA VAL A 25 -19.01 41.94 14.46
C VAL A 25 -18.17 42.99 15.09
N GLU A 26 -17.02 43.25 14.50
CA GLU A 26 -16.15 44.32 14.96
C GLU A 26 -15.79 45.28 13.82
N GLN A 27 -15.88 46.59 14.04
CA GLN A 27 -15.31 47.55 13.10
C GLN A 27 -13.89 47.83 13.44
N GLN A 28 -12.99 47.62 12.50
CA GLN A 28 -11.57 47.86 12.68
C GLN A 28 -11.07 48.87 11.65
N ASP A 29 -11.08 50.14 12.04
CA ASP A 29 -10.94 51.30 11.15
C ASP A 29 -11.95 51.23 9.98
N ASN A 30 -11.43 51.09 8.75
CA ASN A 30 -12.24 51.05 7.55
C ASN A 30 -12.48 49.62 7.07
N GLU A 31 -12.34 48.65 7.98
CA GLU A 31 -12.62 47.24 7.69
C GLU A 31 -13.63 46.68 8.70
N MET A 32 -14.48 45.76 8.24
CA MET A 32 -15.48 45.11 9.08
C MET A 32 -15.11 43.63 9.23
N VAL A 33 -14.95 43.20 10.47
CA VAL A 33 -14.67 41.81 10.81
C VAL A 33 -15.91 41.11 11.37
N VAL A 34 -16.28 39.98 10.79
CA VAL A 34 -17.40 39.20 11.25
C VAL A 34 -16.87 37.81 11.69
N TYR A 35 -17.12 37.46 12.98
CA TYR A 35 -16.89 36.13 13.54
C TYR A 35 -18.12 35.22 13.38
N ALA A 36 -17.98 34.11 12.68
CA ALA A 36 -19.15 33.27 12.30
C ALA A 36 -18.93 31.81 12.70
N ALA A 37 -19.90 31.28 13.41
CA ALA A 37 -19.85 29.98 13.99
C ALA A 37 -20.49 29.00 13.05
N PRO A 38 -20.04 27.73 13.13
CA PRO A 38 -20.55 26.62 12.34
C PRO A 38 -21.76 25.92 12.90
N ARG A 39 -22.35 26.51 13.94
CA ARG A 39 -23.48 25.96 14.66
C ARG A 39 -24.06 27.05 15.53
N ASP A 40 -25.22 26.75 16.10
CA ASP A 40 -25.88 27.68 16.98
C ASP A 40 -25.07 27.81 18.25
N VAL A 41 -24.51 28.99 18.45
CA VAL A 41 -23.79 29.33 19.67
C VAL A 41 -24.47 30.47 20.44
N ARG A 42 -25.80 30.62 20.32
CA ARG A 42 -26.46 31.69 21.07
C ARG A 42 -26.37 31.51 22.62
N GLU A 43 -26.23 30.24 23.07
CA GLU A 43 -26.03 29.84 24.47
C GLU A 43 -24.55 29.62 24.80
N ARG A 44 -24.16 30.04 26.00
CA ARG A 44 -22.76 29.99 26.43
C ARG A 44 -22.19 28.58 26.44
N THR A 45 -23.03 27.59 26.69
CA THR A 45 -22.59 26.20 26.77
C THR A 45 -22.08 25.66 25.44
N TRP A 46 -22.48 26.30 24.35
CA TRP A 46 -21.99 25.95 23.01
C TRP A 46 -20.83 26.84 22.52
N GLN A 47 -20.42 27.79 23.36
CA GLN A 47 -19.37 28.74 22.98
C GLN A 47 -17.97 28.24 23.26
N LEU A 48 -17.75 26.99 22.84
CA LEU A 48 -16.48 26.30 22.96
C LEU A 48 -16.56 24.96 22.22
N ASP A 49 -15.42 24.30 22.04
CA ASP A 49 -15.35 23.00 21.29
C ASP A 49 -16.02 23.09 19.96
N THR A 50 -15.64 24.14 19.25
CA THR A 50 -16.16 24.45 17.92
C THR A 50 -15.15 25.26 17.11
N PRO A 51 -15.11 25.06 15.79
CA PRO A 51 -14.47 26.01 14.87
C PRO A 51 -15.19 27.37 14.85
N LEU A 52 -14.50 28.38 14.35
CA LEU A 52 -15.07 29.67 14.09
C LEU A 52 -14.40 30.25 12.87
N PHE A 53 -15.18 30.81 11.96
CA PHE A 53 -14.69 31.53 10.79
C PHE A 53 -14.55 33.00 11.09
N THR A 54 -13.47 33.56 10.57
CA THR A 54 -13.21 35.00 10.60
C THR A 54 -13.30 35.61 9.20
N LEU A 55 -14.31 36.45 9.01
CA LEU A 55 -14.55 37.09 7.72
C LEU A 55 -14.17 38.57 7.81
N ARG A 56 -13.32 39.00 6.90
CA ARG A 56 -12.92 40.41 6.85
C ARG A 56 -13.38 41.00 5.52
N PHE A 57 -13.98 42.15 5.62
CA PHE A 57 -14.45 42.87 4.51
C PHE A 57 -13.70 44.18 4.42
N PHE A 58 -13.10 44.46 3.27
CA PHE A 58 -12.28 45.63 3.03
C PHE A 58 -12.45 46.15 1.58
N SER A 59 -12.05 47.39 1.31
CA SER A 59 -12.13 47.91 -0.06
C SER A 59 -10.81 48.49 -0.52
N PRO A 60 -10.18 47.87 -1.54
CA PRO A 60 -8.93 48.33 -2.08
C PRO A 60 -9.08 49.46 -3.09
N GLN A 61 -10.27 49.63 -3.66
CA GLN A 61 -10.59 50.64 -4.67
C GLN A 61 -12.10 50.89 -4.59
N GLU A 62 -12.57 52.06 -5.04
CA GLU A 62 -14.00 52.38 -5.04
C GLU A 62 -14.87 51.34 -5.80
N GLY A 63 -15.94 50.85 -5.17
CA GLY A 63 -16.83 49.89 -5.82
C GLY A 63 -16.26 48.48 -5.94
N ILE A 64 -15.19 48.19 -5.17
CA ILE A 64 -14.63 46.84 -5.04
C ILE A 64 -14.71 46.44 -3.55
N VAL A 65 -15.43 45.35 -3.29
CA VAL A 65 -15.39 44.82 -1.96
C VAL A 65 -14.69 43.47 -1.90
N GLY A 66 -13.66 43.51 -1.10
CA GLY A 66 -12.88 42.32 -0.76
C GLY A 66 -13.53 41.55 0.39
N VAL A 67 -13.50 40.23 0.25
CA VAL A 67 -13.98 39.33 1.26
C VAL A 67 -12.94 38.26 1.52
N ARG A 68 -12.43 38.22 2.75
CA ARG A 68 -11.51 37.19 3.19
C ARG A 68 -12.16 36.33 4.28
N ILE A 69 -12.25 35.03 4.00
CA ILE A 69 -12.85 34.06 4.87
C ILE A 69 -11.72 33.13 5.32
N GLU A 70 -11.42 33.14 6.63
CA GLU A 70 -10.28 32.35 7.20
C GLU A 70 -10.72 31.36 8.22
N HIS A 71 -10.08 30.20 8.11
CA HIS A 71 -10.05 29.21 9.20
C HIS A 71 -8.79 29.49 10.05
N PHE A 72 -7.69 28.80 9.84
CA PHE A 72 -6.47 28.99 10.62
C PHE A 72 -5.50 30.04 10.06
N GLN A 73 -5.13 31.00 10.90
CA GLN A 73 -4.17 32.03 10.55
C GLN A 73 -2.70 31.66 10.74
N GLY A 74 -2.41 30.52 11.35
CA GLY A 74 -1.02 30.15 11.66
C GLY A 74 -0.28 29.50 10.51
N ALA A 75 -0.98 29.33 9.39
CA ALA A 75 -0.44 28.75 8.17
C ALA A 75 0.64 29.66 7.58
N LEU A 76 1.60 29.06 6.89
CA LEU A 76 2.76 29.79 6.34
C LEU A 76 2.43 30.94 5.34
N ASN A 77 1.56 30.68 4.38
CA ASN A 77 1.19 31.71 3.36
C ASN A 77 2.35 32.55 2.72
N ASN A 78 3.26 31.89 1.98
CA ASN A 78 4.30 32.56 1.18
C ASN A 78 3.74 33.08 -0.12
N GLY A 79 4.46 34.01 -0.72
CA GLY A 79 4.13 34.50 -2.06
C GLY A 79 4.63 33.57 -3.14
N PRO A 80 4.54 34.00 -4.42
CA PRO A 80 4.13 35.36 -4.81
C PRO A 80 2.63 35.63 -4.64
N HIS A 81 2.30 36.91 -4.65
CA HIS A 81 0.95 37.43 -4.66
C HIS A 81 0.74 38.28 -5.95
N TYR A 82 -0.52 38.42 -6.36
CA TYR A 82 -0.87 39.17 -7.55
C TYR A 82 -0.50 40.64 -7.33
N PRO A 83 -0.16 41.37 -8.43
CA PRO A 83 0.31 42.75 -8.37
C PRO A 83 -0.86 43.73 -8.32
N LEU A 84 -1.64 43.60 -7.26
CA LEU A 84 -2.82 44.40 -7.05
C LEU A 84 -2.46 45.78 -6.55
N ASN A 85 -3.24 46.75 -6.99
CA ASN A 85 -3.14 48.13 -6.55
C ASN A 85 -4.15 48.32 -5.43
N ILE A 86 -3.66 48.44 -4.22
CA ILE A 86 -4.52 48.42 -3.04
C ILE A 86 -4.43 49.78 -2.38
N LEU A 87 -5.52 50.54 -2.39
CA LEU A 87 -5.62 51.80 -1.61
C LEU A 87 -6.02 51.56 -0.13
N GLN A 88 -5.46 52.38 0.75
CA GLN A 88 -5.67 52.25 2.19
C GLN A 88 -6.75 53.19 2.77
N ASP A 89 -7.19 54.14 1.93
CA ASP A 89 -7.98 55.27 2.34
C ASP A 89 -9.27 55.46 1.52
N VAL A 90 -9.74 54.39 0.86
CA VAL A 90 -11.02 54.38 0.15
C VAL A 90 -12.13 54.72 1.16
N LYS A 91 -13.00 55.64 0.80
CA LYS A 91 -14.12 56.05 1.61
C LYS A 91 -15.13 54.90 1.61
N VAL A 92 -15.54 54.45 2.81
CA VAL A 92 -16.43 53.31 2.98
C VAL A 92 -17.45 53.64 4.08
N THR A 93 -18.55 52.89 4.13
CA THR A 93 -19.52 52.98 5.20
C THR A 93 -19.60 51.59 5.86
N ILE A 94 -19.60 51.56 7.19
CA ILE A 94 -19.78 50.34 7.97
C ILE A 94 -20.95 50.51 8.92
N GLU A 95 -22.00 49.73 8.75
CA GLU A 95 -23.13 49.74 9.72
C GLU A 95 -23.43 48.37 10.31
N ASN A 96 -23.42 48.35 11.63
CA ASN A 96 -23.47 47.15 12.40
C ASN A 96 -24.65 47.36 13.27
N THR A 97 -25.74 46.70 12.91
CA THR A 97 -27.04 46.90 13.50
C THR A 97 -27.45 45.58 14.09
N GLU A 98 -28.63 45.55 14.70
CA GLU A 98 -29.12 44.34 15.32
C GLU A 98 -29.48 43.24 14.30
N ARG A 99 -29.83 43.66 13.09
CA ARG A 99 -30.27 42.69 12.07
C ARG A 99 -29.20 42.37 11.04
N TYR A 100 -28.25 43.30 10.84
CA TYR A 100 -27.27 43.17 9.78
C TYR A 100 -25.94 43.76 10.16
N ALA A 101 -24.91 43.27 9.49
CA ALA A 101 -23.62 43.96 9.34
C ALA A 101 -23.39 44.25 7.84
N GLU A 102 -23.15 45.52 7.52
CA GLU A 102 -23.09 45.98 6.14
C GLU A 102 -21.83 46.85 5.91
N PHE A 103 -21.05 46.44 4.93
CA PHE A 103 -19.85 47.15 4.49
C PHE A 103 -20.10 47.69 3.05
N LYS A 104 -19.94 49.01 2.85
CA LYS A 104 -20.23 49.64 1.58
C LYS A 104 -19.07 50.47 1.02
N SER A 105 -18.74 50.21 -0.25
CA SER A 105 -17.74 50.93 -1.04
C SER A 105 -18.40 51.36 -2.33
N GLY A 106 -18.55 52.67 -2.51
CA GLY A 106 -19.27 53.18 -3.66
C GLY A 106 -20.72 52.74 -3.60
N ASN A 107 -21.24 52.13 -4.66
CA ASN A 107 -22.64 51.63 -4.66
C ASN A 107 -22.72 50.15 -4.31
N LEU A 108 -21.57 49.54 -4.04
CA LEU A 108 -21.55 48.10 -3.79
C LEU A 108 -21.41 47.82 -2.29
N SER A 109 -22.36 47.09 -1.71
CA SER A 109 -22.22 46.66 -0.33
C SER A 109 -22.22 45.14 -0.17
N ALA A 110 -21.60 44.68 0.91
CA ALA A 110 -21.76 43.31 1.37
C ALA A 110 -22.53 43.35 2.68
N ARG A 111 -23.62 42.58 2.74
CA ARG A 111 -24.47 42.55 3.91
C ARG A 111 -24.56 41.14 4.49
N VAL A 112 -24.29 41.04 5.79
CA VAL A 112 -24.40 39.77 6.48
C VAL A 112 -25.55 39.89 7.44
N SER A 113 -26.43 38.89 7.36
CA SER A 113 -27.63 38.75 8.19
C SER A 113 -27.28 38.08 9.49
N LYS A 114 -27.45 38.82 10.57
CA LYS A 114 -27.37 38.32 11.92
C LYS A 114 -28.54 37.43 12.31
N GLY A 115 -28.33 36.70 13.38
CA GLY A 115 -29.35 35.87 13.95
C GLY A 115 -29.41 34.50 13.34
N GLU A 116 -30.60 33.93 13.36
CA GLU A 116 -30.75 32.54 13.01
C GLU A 116 -30.61 32.29 11.50
N PHE A 117 -30.98 33.27 10.68
CA PHE A 117 -30.93 33.06 9.24
C PHE A 117 -29.77 33.83 8.56
N TRP A 118 -28.62 33.16 8.60
CA TRP A 118 -27.43 33.60 7.93
C TRP A 118 -27.61 33.82 6.42
N SER A 119 -26.97 34.87 5.94
CA SER A 119 -26.98 35.21 4.54
C SER A 119 -25.81 36.16 4.28
N LEU A 120 -25.09 35.97 3.18
CA LEU A 120 -24.13 36.95 2.69
C LEU A 120 -24.62 37.48 1.30
N ASP A 121 -25.01 38.75 1.26
CA ASP A 121 -25.63 39.31 0.06
C ASP A 121 -24.77 40.43 -0.45
N PHE A 122 -24.53 40.45 -1.76
CA PHE A 122 -23.90 41.58 -2.43
C PHE A 122 -24.99 42.48 -3.07
N LEU A 123 -25.03 43.74 -2.66
CA LEU A 123 -26.06 44.69 -3.10
C LEU A 123 -25.51 45.88 -3.88
N ARG A 124 -26.30 46.38 -4.84
CA ARG A 124 -25.99 47.62 -5.60
C ARG A 124 -27.11 48.62 -5.36
N ASN A 125 -26.79 49.74 -4.70
CA ASN A 125 -27.82 50.62 -4.18
C ASN A 125 -28.93 49.78 -3.55
N GLY A 126 -28.55 48.89 -2.63
CA GLY A 126 -29.51 48.08 -1.87
C GLY A 126 -30.32 47.04 -2.63
N GLU A 127 -29.95 46.71 -3.86
CA GLU A 127 -30.60 45.66 -4.65
C GLU A 127 -29.60 44.52 -4.85
N ARG A 128 -29.99 43.30 -4.53
CA ARG A 128 -29.05 42.17 -4.49
C ARG A 128 -28.61 41.74 -5.87
N ILE A 129 -27.30 41.72 -6.12
CA ILE A 129 -26.82 41.35 -7.42
C ILE A 129 -26.24 39.94 -7.44
N THR A 130 -25.81 39.43 -6.28
CA THR A 130 -25.48 38.01 -6.08
C THR A 130 -25.34 37.82 -4.57
N GLY A 131 -24.92 36.64 -4.17
CA GLY A 131 -24.52 36.43 -2.81
C GLY A 131 -24.23 34.99 -2.59
N SER A 132 -24.02 34.66 -1.31
CA SER A 132 -23.74 33.33 -0.82
C SER A 132 -24.80 33.01 0.19
N GLN A 133 -25.51 31.95 -0.09
CA GLN A 133 -26.53 31.41 0.78
C GLN A 133 -25.90 30.45 1.76
N VAL A 134 -26.54 30.29 2.91
CA VAL A 134 -26.02 29.45 3.99
C VAL A 134 -25.66 28.05 3.51
N LYS A 135 -24.50 27.57 3.97
CA LYS A 135 -23.94 26.27 3.65
C LYS A 135 -23.28 26.20 2.27
N ASN A 136 -23.12 27.35 1.61
CA ASN A 136 -22.48 27.41 0.31
C ASN A 136 -21.11 28.01 0.37
N ASN A 137 -20.59 28.23 1.56
CA ASN A 137 -19.15 28.50 1.68
C ASN A 137 -18.61 27.77 2.87
N GLY A 138 -17.29 27.78 3.00
CA GLY A 138 -16.65 27.26 4.20
C GLY A 138 -15.42 26.46 3.90
N TYR A 139 -15.17 25.47 4.75
CA TYR A 139 -13.93 24.71 4.78
C TYR A 139 -14.21 23.23 4.53
N VAL A 140 -13.33 22.64 3.72
CA VAL A 140 -13.44 21.25 3.31
C VAL A 140 -12.22 20.51 3.78
N GLN A 141 -12.42 19.55 4.66
CA GLN A 141 -11.41 18.63 5.04
C GLN A 141 -11.57 17.35 4.26
N ASP A 142 -10.63 17.10 3.37
CA ASP A 142 -10.61 15.92 2.53
C ASP A 142 -9.81 14.85 3.25
N THR A 143 -10.53 13.92 3.88
CA THR A 143 -9.87 12.87 4.67
C THR A 143 -9.32 11.77 3.78
N ASN A 144 -9.58 11.84 2.48
CA ASN A 144 -9.00 10.90 1.51
C ASN A 144 -7.54 11.19 1.18
N ASN A 145 -7.21 12.46 1.01
CA ASN A 145 -5.85 12.86 0.66
C ASN A 145 -5.22 13.85 1.66
N GLN A 146 -5.88 14.05 2.80
CA GLN A 146 -5.41 14.89 3.86
C GLN A 146 -5.17 16.31 3.39
N ARG A 147 -5.87 16.78 2.36
CA ARG A 147 -5.79 18.20 1.99
C ARG A 147 -7.02 18.98 2.42
N ASN A 148 -6.81 20.27 2.65
CA ASN A 148 -7.89 21.09 3.11
C ASN A 148 -8.09 22.26 2.15
N TYR A 149 -9.35 22.62 1.94
CA TYR A 149 -9.77 23.62 0.96
C TYR A 149 -10.72 24.62 1.61
N MET A 150 -10.74 25.83 1.06
CA MET A 150 -11.84 26.75 1.29
C MET A 150 -12.64 26.94 0.02
N PHE A 151 -13.94 27.20 0.14
CA PHE A 151 -14.82 27.39 -0.99
C PHE A 151 -15.92 28.40 -0.78
N GLU A 152 -16.45 28.85 -1.90
CA GLU A 152 -17.59 29.74 -2.01
C GLU A 152 -18.42 29.35 -3.23
N ARG A 153 -19.71 29.64 -3.17
CA ARG A 153 -20.62 29.58 -4.31
C ARG A 153 -21.44 30.84 -4.39
N LEU A 154 -21.19 31.64 -5.43
CA LEU A 154 -21.94 32.89 -5.63
C LEU A 154 -23.08 32.63 -6.62
N ASP A 155 -24.26 33.06 -6.22
CA ASP A 155 -25.50 32.81 -6.98
C ASP A 155 -25.50 33.44 -8.36
N LEU A 156 -26.22 32.76 -9.27
CA LEU A 156 -26.56 33.28 -10.57
C LEU A 156 -28.07 33.36 -10.60
N GLY A 157 -28.60 34.45 -11.14
CA GLY A 157 -30.02 34.64 -11.38
C GLY A 157 -30.46 33.98 -12.64
N VAL A 158 -31.78 34.03 -12.87
CA VAL A 158 -32.42 33.45 -14.08
C VAL A 158 -31.88 34.16 -15.32
N GLY A 159 -31.34 33.41 -16.27
CA GLY A 159 -30.77 33.97 -17.47
C GLY A 159 -29.38 34.62 -17.25
N GLU A 160 -28.79 34.45 -16.09
CA GLU A 160 -27.50 35.12 -15.84
C GLU A 160 -26.37 34.27 -16.41
N THR A 161 -25.43 34.91 -17.14
CA THR A 161 -24.47 34.15 -17.90
C THR A 161 -23.07 34.67 -17.50
N VAL A 162 -22.10 33.77 -17.59
CA VAL A 162 -20.75 33.98 -17.12
C VAL A 162 -19.72 33.94 -18.26
N TYR A 163 -18.75 34.85 -18.18
CA TYR A 163 -17.73 35.08 -19.19
C TYR A 163 -16.35 35.26 -18.54
N GLY A 164 -15.30 35.01 -19.31
CA GLY A 164 -13.92 35.40 -18.85
C GLY A 164 -13.12 34.18 -18.43
N LEU A 165 -12.40 34.30 -17.32
CA LEU A 165 -11.51 33.25 -16.82
C LEU A 165 -10.30 32.98 -17.70
N GLY A 166 -9.98 33.96 -18.54
CA GLY A 166 -8.72 33.94 -19.32
C GLY A 166 -9.04 33.74 -20.78
N GLU A 167 -8.02 33.48 -21.56
CA GLU A 167 -8.21 33.14 -22.96
C GLU A 167 -8.48 31.66 -23.03
N ARG A 168 -9.72 31.28 -23.34
CA ARG A 168 -10.14 29.88 -23.33
C ARG A 168 -10.94 29.67 -24.60
N PHE A 169 -11.01 28.42 -25.05
CA PHE A 169 -11.45 28.02 -26.41
C PHE A 169 -12.69 27.19 -26.36
N THR A 170 -13.23 26.98 -25.17
CA THR A 170 -14.51 26.36 -24.95
C THR A 170 -15.59 27.36 -25.40
N ALA A 171 -16.84 26.92 -25.33
CA ALA A 171 -17.97 27.79 -25.50
C ALA A 171 -17.78 29.04 -24.66
N LEU A 172 -18.19 30.17 -25.25
CA LEU A 172 -17.90 31.49 -24.72
C LEU A 172 -18.56 31.71 -23.37
N VAL A 173 -19.82 31.33 -23.31
CA VAL A 173 -20.59 31.43 -22.06
C VAL A 173 -20.24 30.19 -21.26
N ARG A 174 -19.81 30.45 -20.03
CA ARG A 174 -19.07 29.52 -19.19
C ARG A 174 -20.00 28.54 -18.37
N ASN A 175 -21.30 28.82 -18.33
CA ASN A 175 -22.29 28.02 -17.59
C ASN A 175 -22.24 26.61 -18.10
N GLY A 176 -22.07 25.65 -17.18
CA GLY A 176 -21.94 24.25 -17.49
C GLY A 176 -20.53 23.76 -17.49
N GLN A 177 -19.58 24.69 -17.37
CA GLN A 177 -18.14 24.36 -17.44
C GLN A 177 -17.44 24.23 -16.11
N THR A 178 -16.54 23.26 -16.02
CA THR A 178 -15.53 23.35 -15.01
C THR A 178 -14.29 24.02 -15.61
N VAL A 179 -13.72 24.99 -14.89
CA VAL A 179 -12.43 25.54 -15.25
C VAL A 179 -11.41 25.60 -14.11
N GLU A 180 -10.19 25.17 -14.43
CA GLU A 180 -9.05 25.11 -13.53
C GLU A 180 -8.08 26.19 -14.01
N THR A 181 -7.79 27.19 -13.16
CA THR A 181 -6.90 28.29 -13.57
C THR A 181 -5.43 27.90 -13.37
N TRP A 182 -4.90 27.25 -14.39
CA TRP A 182 -3.59 26.59 -14.39
C TRP A 182 -3.00 26.62 -15.84
N ASN A 183 -1.94 27.39 -16.01
CA ASN A 183 -1.34 27.54 -17.33
C ASN A 183 -0.89 26.22 -17.79
N ARG A 184 -1.17 25.97 -19.06
CA ARG A 184 -0.77 24.78 -19.78
C ARG A 184 -0.45 25.07 -21.23
N ASP A 185 0.36 24.20 -21.83
CA ASP A 185 0.57 24.23 -23.28
C ASP A 185 -0.29 23.13 -23.92
N GLY A 186 -1.53 23.46 -24.29
CA GLY A 186 -2.49 22.47 -24.80
C GLY A 186 -3.06 22.80 -26.18
N GLY A 187 -2.44 23.76 -26.86
CA GLY A 187 -3.02 24.23 -28.13
C GLY A 187 -4.18 25.13 -27.88
N THR A 188 -4.99 25.30 -28.93
CA THR A 188 -6.08 26.22 -29.00
C THR A 188 -7.38 25.48 -29.25
N SER A 189 -7.35 24.16 -28.99
CA SER A 189 -8.44 23.27 -29.38
C SER A 189 -9.03 22.49 -28.19
N THR A 190 -8.64 22.81 -26.95
CA THR A 190 -9.02 22.02 -25.81
C THR A 190 -9.60 22.91 -24.71
N GLU A 191 -9.80 22.32 -23.55
CA GLU A 191 -10.26 23.06 -22.34
C GLU A 191 -9.08 23.74 -21.67
N GLN A 192 -7.89 23.40 -22.10
CA GLN A 192 -6.68 24.04 -21.58
C GLN A 192 -6.49 25.44 -22.12
N ALA A 193 -5.69 26.19 -21.36
CA ALA A 193 -5.42 27.59 -21.66
C ALA A 193 -3.95 27.89 -21.31
N TYR A 194 -3.30 28.69 -22.15
CA TYR A 194 -1.96 29.26 -21.85
C TYR A 194 -2.04 30.46 -20.92
N LYS A 195 -3.18 31.12 -20.97
CA LYS A 195 -3.41 32.38 -20.29
C LYS A 195 -4.65 32.25 -19.34
N ASN A 196 -4.46 31.75 -18.13
CA ASN A 196 -5.55 31.60 -17.16
C ASN A 196 -5.63 32.81 -16.26
N ILE A 197 -6.84 33.24 -15.96
CA ILE A 197 -7.14 34.38 -15.06
C ILE A 197 -8.33 33.99 -14.20
N PRO A 198 -8.18 34.00 -12.86
CA PRO A 198 -9.28 33.64 -11.98
C PRO A 198 -10.28 34.78 -11.77
N PHE A 199 -10.67 35.39 -12.89
CA PHE A 199 -11.64 36.49 -12.90
C PHE A 199 -12.75 36.12 -13.88
N TYR A 200 -13.99 36.30 -13.44
CA TYR A 200 -15.16 36.19 -14.30
C TYR A 200 -16.06 37.42 -14.17
N MET A 201 -16.87 37.65 -15.18
CA MET A 201 -17.92 38.65 -15.10
C MET A 201 -19.16 38.06 -15.74
N THR A 202 -20.30 38.68 -15.39
CA THR A 202 -21.59 38.21 -15.83
C THR A 202 -22.38 39.29 -16.53
N ASN A 203 -23.47 38.85 -17.14
CA ASN A 203 -24.38 39.78 -17.77
C ASN A 203 -25.31 40.53 -16.80
N ARG A 204 -25.03 40.43 -15.50
CA ARG A 204 -25.67 41.28 -14.49
C ARG A 204 -24.76 42.49 -14.10
N GLY A 205 -23.62 42.70 -14.79
CA GLY A 205 -22.86 43.93 -14.58
C GLY A 205 -21.99 44.02 -13.33
N TYR A 206 -21.44 42.88 -12.92
CA TYR A 206 -20.41 42.85 -11.88
C TYR A 206 -19.38 41.80 -12.28
N GLY A 207 -18.25 41.82 -11.60
CA GLY A 207 -17.21 40.80 -11.82
C GLY A 207 -16.67 40.29 -10.50
N VAL A 208 -16.00 39.14 -10.52
CA VAL A 208 -15.28 38.68 -9.33
C VAL A 208 -13.88 38.17 -9.66
N LEU A 209 -12.90 38.69 -8.88
CA LEU A 209 -11.55 38.22 -8.86
C LEU A 209 -11.34 37.34 -7.62
N VAL A 210 -11.00 36.09 -7.85
CA VAL A 210 -10.63 35.17 -6.76
C VAL A 210 -9.11 35.33 -6.62
N ASN A 211 -8.66 35.78 -5.44
CA ASN A 211 -7.29 36.31 -5.27
C ASN A 211 -6.26 35.25 -4.82
N HIS A 212 -6.02 34.30 -5.71
CA HIS A 212 -5.14 33.18 -5.44
C HIS A 212 -4.40 32.82 -6.71
N PRO A 213 -3.05 33.03 -6.76
CA PRO A 213 -2.25 32.63 -7.94
C PRO A 213 -2.11 31.14 -8.23
N GLN A 214 -2.35 30.30 -7.22
CA GLN A 214 -2.37 28.86 -7.35
C GLN A 214 -3.56 28.47 -8.18
N CYS A 215 -3.69 27.17 -8.42
CA CYS A 215 -4.85 26.69 -9.11
C CYS A 215 -6.13 27.00 -8.35
N VAL A 216 -7.08 27.67 -9.02
CA VAL A 216 -8.45 27.82 -8.50
C VAL A 216 -9.38 26.92 -9.35
N SER A 217 -10.18 26.11 -8.68
CA SER A 217 -11.11 25.21 -9.35
C SER A 217 -12.51 25.83 -9.32
N PHE A 218 -12.97 26.24 -10.50
CA PHE A 218 -14.29 26.82 -10.70
C PHE A 218 -15.24 25.78 -11.26
N GLU A 219 -16.40 25.67 -10.63
CA GLU A 219 -17.50 24.89 -11.19
C GLU A 219 -18.56 25.95 -11.49
N VAL A 220 -18.67 26.34 -12.77
CA VAL A 220 -19.49 27.46 -13.21
C VAL A 220 -20.80 26.84 -13.69
N GLY A 221 -21.77 26.80 -12.82
CA GLY A 221 -23.04 26.10 -13.08
C GLY A 221 -22.82 24.65 -13.41
N SER A 222 -21.72 24.03 -12.94
CA SER A 222 -21.41 22.63 -13.25
C SER A 222 -21.56 21.65 -12.11
N GLU A 223 -21.68 22.16 -10.87
CA GLU A 223 -22.01 21.37 -9.69
C GLU A 223 -23.39 21.80 -9.23
N LYS A 224 -23.50 22.99 -8.67
CA LYS A 224 -24.77 23.62 -8.48
C LYS A 224 -25.05 24.49 -9.71
N VAL A 225 -26.15 24.16 -10.40
CA VAL A 225 -26.36 24.68 -11.75
C VAL A 225 -26.63 26.18 -11.80
N SER A 226 -27.11 26.72 -10.68
CA SER A 226 -27.31 28.17 -10.64
C SER A 226 -26.33 28.91 -9.70
N LYS A 227 -25.09 28.41 -9.61
CA LYS A 227 -24.02 29.11 -8.88
C LYS A 227 -22.69 28.94 -9.54
N VAL A 228 -21.82 29.92 -9.30
CA VAL A 228 -20.40 29.79 -9.58
C VAL A 228 -19.68 29.43 -8.29
N GLN A 229 -19.25 28.18 -8.25
CA GLN A 229 -18.45 27.61 -7.17
C GLN A 229 -17.00 27.78 -7.52
N PHE A 230 -16.23 28.23 -6.52
CA PHE A 230 -14.75 28.19 -6.58
C PHE A 230 -14.13 27.73 -5.27
N SER A 231 -13.03 27.02 -5.39
CA SER A 231 -12.32 26.39 -4.28
C SER A 231 -10.82 26.43 -4.52
N VAL A 232 -10.08 26.51 -3.42
CA VAL A 232 -8.64 26.57 -3.44
C VAL A 232 -8.09 25.79 -2.21
N GLU A 233 -6.92 25.16 -2.35
CA GLU A 233 -6.29 24.44 -1.25
C GLU A 233 -5.55 25.49 -0.42
N SER A 234 -6.15 25.89 0.69
CA SER A 234 -5.70 27.08 1.50
C SER A 234 -6.49 27.09 2.83
N GLU A 235 -5.96 27.78 3.84
CA GLU A 235 -6.72 28.00 5.10
C GLU A 235 -7.59 29.23 5.05
N TYR A 236 -7.48 29.98 3.94
CA TYR A 236 -8.34 31.16 3.67
C TYR A 236 -8.67 31.27 2.20
N LEU A 237 -9.74 32.01 1.94
CA LEU A 237 -10.24 32.28 0.62
C LEU A 237 -10.49 33.77 0.57
N GLU A 238 -9.96 34.41 -0.45
CA GLU A 238 -10.11 35.85 -0.61
C GLU A 238 -10.55 36.12 -2.03
N TYR A 239 -11.69 36.77 -2.13
CA TYR A 239 -12.17 37.22 -3.38
C TYR A 239 -12.66 38.67 -3.35
N PHE A 240 -12.77 39.26 -4.52
CA PHE A 240 -13.20 40.66 -4.72
C PHE A 240 -14.38 40.75 -5.68
N VAL A 241 -15.50 41.29 -5.19
CA VAL A 241 -16.62 41.61 -6.02
C VAL A 241 -16.45 43.04 -6.53
N ILE A 242 -16.60 43.18 -7.85
CA ILE A 242 -16.25 44.37 -8.59
C ILE A 242 -17.48 44.87 -9.29
N ASP A 243 -17.96 46.03 -8.86
CA ASP A 243 -19.19 46.59 -9.44
C ASP A 243 -18.99 47.10 -10.90
N GLY A 244 -20.10 47.18 -11.64
CA GLY A 244 -20.16 47.85 -12.93
C GLY A 244 -20.85 49.22 -12.89
N PRO A 245 -22.14 49.30 -13.25
CA PRO A 245 -23.10 48.22 -13.55
C PRO A 245 -23.04 47.67 -14.96
N THR A 246 -22.06 48.11 -15.74
CA THR A 246 -21.91 47.59 -17.11
C THR A 246 -20.60 46.80 -17.23
N PRO A 247 -20.54 45.89 -18.21
CA PRO A 247 -19.29 45.18 -18.47
C PRO A 247 -18.08 46.10 -18.66
N LYS A 248 -18.21 47.18 -19.37
CA LYS A 248 -17.08 48.06 -19.54
C LYS A 248 -16.69 48.72 -18.23
N ALA A 249 -17.70 48.99 -17.36
CA ALA A 249 -17.45 49.58 -16.04
C ALA A 249 -16.73 48.62 -15.10
N VAL A 250 -17.14 47.35 -15.14
CA VAL A 250 -16.42 46.30 -14.41
C VAL A 250 -14.96 46.20 -14.82
N LEU A 251 -14.68 46.28 -16.14
CA LEU A 251 -13.32 46.07 -16.64
C LEU A 251 -12.45 47.25 -16.35
N ASP A 252 -13.09 48.43 -16.37
CA ASP A 252 -12.38 49.68 -15.97
C ASP A 252 -11.92 49.49 -14.51
N ARG A 253 -12.84 49.21 -13.61
CA ARG A 253 -12.45 48.87 -12.22
C ARG A 253 -11.44 47.70 -12.13
N TYR A 254 -11.68 46.58 -12.84
CA TYR A 254 -10.73 45.45 -12.79
C TYR A 254 -9.32 45.82 -13.25
N THR A 255 -9.23 46.61 -14.34
CA THR A 255 -7.91 47.06 -14.88
C THR A 255 -7.27 48.19 -14.07
N ARG A 256 -8.04 49.05 -13.42
CA ARG A 256 -7.42 49.99 -12.48
C ARG A 256 -6.80 49.18 -11.29
N PHE A 257 -7.49 48.15 -10.87
CA PHE A 257 -7.08 47.32 -9.76
C PHE A 257 -5.86 46.41 -10.05
N THR A 258 -5.77 45.82 -11.26
CA THR A 258 -4.81 44.75 -11.53
C THR A 258 -3.78 45.15 -12.58
N GLY A 259 -4.05 46.24 -13.30
CA GLY A 259 -3.13 46.73 -14.33
C GLY A 259 -3.88 47.17 -15.58
N ARG A 260 -3.50 48.36 -16.06
CA ARG A 260 -4.03 48.87 -17.32
C ARG A 260 -3.19 48.33 -18.45
N PRO A 261 -3.86 47.88 -19.53
CA PRO A 261 -3.16 47.59 -20.81
C PRO A 261 -2.30 48.77 -21.27
N ALA A 262 -1.03 48.53 -21.60
CA ALA A 262 -0.19 49.59 -22.17
C ALA A 262 -0.71 49.91 -23.57
N LEU A 263 -0.42 51.11 -24.05
CA LEU A 263 -0.75 51.50 -25.42
C LEU A 263 0.42 51.16 -26.38
N PRO A 264 0.21 50.17 -27.26
CA PRO A 264 1.31 49.80 -28.14
C PRO A 264 1.58 50.86 -29.23
N PRO A 265 2.82 50.89 -29.74
CA PRO A 265 3.15 51.82 -30.83
C PRO A 265 2.32 51.57 -32.07
N ALA A 266 1.96 52.65 -32.77
CA ALA A 266 1.22 52.54 -34.04
C ALA A 266 1.87 51.55 -35.05
N TRP A 267 3.20 51.54 -35.21
CA TRP A 267 3.73 50.58 -36.18
C TRP A 267 3.29 49.11 -35.95
N SER A 268 2.98 48.79 -34.68
CA SER A 268 2.69 47.41 -34.27
C SER A 268 1.33 46.94 -34.86
N PHE A 269 0.54 47.91 -35.31
CA PHE A 269 -0.79 47.64 -35.88
C PHE A 269 -0.74 47.26 -37.35
N GLY A 270 0.46 47.20 -37.95
CA GLY A 270 0.60 46.76 -39.30
C GLY A 270 0.62 45.25 -39.46
N LEU A 271 1.04 44.83 -40.65
CA LEU A 271 1.09 43.43 -40.97
C LEU A 271 2.46 42.95 -40.54
N TRP A 272 2.45 41.84 -39.80
CA TRP A 272 3.65 41.10 -39.42
C TRP A 272 3.80 39.90 -40.34
N LEU A 273 5.04 39.61 -40.70
CA LEU A 273 5.32 38.39 -41.40
C LEU A 273 6.46 37.70 -40.69
N THR A 274 6.48 36.38 -40.75
CA THR A 274 7.60 35.63 -40.18
C THR A 274 8.34 34.78 -41.19
N THR A 275 9.47 34.23 -40.73
CA THR A 275 10.25 33.22 -41.48
C THR A 275 9.51 31.87 -41.64
N SER A 276 8.39 31.73 -40.93
CA SER A 276 7.84 30.41 -40.62
C SER A 276 8.80 29.61 -39.73
N PHE A 277 8.38 28.41 -39.34
CA PHE A 277 9.09 27.68 -38.28
C PHE A 277 10.20 26.79 -38.87
N THR A 278 9.80 25.73 -39.57
CA THR A 278 10.72 24.64 -39.94
C THR A 278 11.19 24.77 -41.36
N THR A 279 10.86 25.90 -41.98
CA THR A 279 11.47 26.33 -43.24
C THR A 279 12.89 26.63 -42.91
N ASN A 280 13.57 27.17 -43.92
CA ASN A 280 14.96 27.47 -43.84
C ASN A 280 15.10 28.97 -43.99
N TYR A 281 15.91 29.57 -43.14
CA TYR A 281 16.04 31.02 -43.11
C TYR A 281 17.47 31.28 -43.43
N ASP A 282 17.71 32.35 -44.16
CA ASP A 282 19.02 32.98 -44.31
C ASP A 282 18.71 34.31 -44.98
N GLU A 283 19.68 35.20 -45.12
CA GLU A 283 19.32 36.52 -45.58
C GLU A 283 18.66 36.54 -46.97
N ALA A 284 19.20 35.77 -47.90
CA ALA A 284 18.67 35.68 -49.27
C ALA A 284 17.21 35.26 -49.31
N THR A 285 16.92 34.23 -48.51
CA THR A 285 15.55 33.67 -48.42
C THR A 285 14.62 34.68 -47.80
N VAL A 286 15.02 35.25 -46.69
CA VAL A 286 14.25 36.32 -46.08
C VAL A 286 13.95 37.44 -47.08
N ASN A 287 14.97 37.89 -47.83
CA ASN A 287 14.78 38.97 -48.81
C ASN A 287 13.93 38.64 -50.05
N SER A 288 13.88 37.37 -50.42
CA SER A 288 13.06 36.97 -51.56
C SER A 288 11.61 37.14 -51.15
N PHE A 289 11.29 36.82 -49.93
CA PHE A 289 9.91 36.98 -49.53
C PHE A 289 9.55 38.44 -49.27
N ILE A 290 10.49 39.20 -48.71
CA ILE A 290 10.27 40.58 -48.47
C ILE A 290 10.11 41.36 -49.78
N ASP A 291 11.02 41.13 -50.72
CA ASP A 291 10.89 41.69 -52.08
C ASP A 291 9.64 41.20 -52.81
N GLY A 292 9.32 39.93 -52.65
CA GLY A 292 8.05 39.39 -53.18
C GLY A 292 6.82 40.17 -52.73
N MET A 293 6.82 40.60 -51.46
CA MET A 293 5.67 41.35 -50.96
C MET A 293 5.59 42.69 -51.70
N ALA A 294 6.76 43.32 -51.81
CA ALA A 294 6.90 44.67 -52.34
C ALA A 294 6.58 44.70 -53.84
N GLU A 295 7.09 43.71 -54.57
CA GLU A 295 6.74 43.47 -55.99
C GLU A 295 5.23 43.41 -56.26
N ARG A 296 4.50 42.82 -55.32
CA ARG A 296 3.05 42.68 -55.44
C ARG A 296 2.24 43.78 -54.75
N ASN A 297 2.92 44.84 -54.34
CA ASN A 297 2.26 45.98 -53.69
C ASN A 297 1.46 45.55 -52.44
N LEU A 298 2.11 44.68 -51.67
CA LEU A 298 1.55 44.16 -50.43
C LEU A 298 2.38 44.78 -49.35
N PRO A 299 1.86 45.84 -48.68
CA PRO A 299 2.55 46.52 -47.57
C PRO A 299 2.92 45.57 -46.41
N LEU A 300 4.08 45.80 -45.83
CA LEU A 300 4.60 44.91 -44.80
C LEU A 300 5.32 45.80 -43.82
N HIS A 301 5.08 45.60 -42.53
CA HIS A 301 5.59 46.54 -41.47
C HIS A 301 6.53 45.95 -40.40
N VAL A 302 6.34 44.68 -40.09
CA VAL A 302 7.15 44.01 -39.09
C VAL A 302 7.53 42.64 -39.62
N PHE A 303 8.80 42.30 -39.44
CA PHE A 303 9.29 40.98 -39.82
C PHE A 303 9.86 40.26 -38.61
N HIS A 304 9.53 38.98 -38.47
CA HIS A 304 9.83 38.18 -37.31
C HIS A 304 10.71 37.01 -37.64
N PHE A 305 11.82 36.89 -36.93
CA PHE A 305 12.65 35.71 -36.98
C PHE A 305 12.25 34.62 -35.94
N ASP A 306 11.98 33.41 -36.40
CA ASP A 306 11.46 32.39 -35.50
C ASP A 306 12.59 31.55 -34.91
N CYS A 307 12.25 30.43 -34.27
CA CYS A 307 13.20 29.67 -33.40
C CYS A 307 14.58 29.41 -33.98
N PHE A 308 14.62 29.03 -35.28
CA PHE A 308 15.85 28.66 -35.94
C PHE A 308 16.79 29.82 -36.23
N TRP A 309 16.60 30.97 -35.61
CA TRP A 309 17.68 31.94 -35.60
C TRP A 309 18.79 31.49 -34.71
N MET A 310 18.44 30.57 -33.81
CA MET A 310 19.40 29.88 -32.96
C MET A 310 19.56 28.42 -33.44
N LYS A 311 20.65 27.82 -33.01
CA LYS A 311 20.95 26.40 -33.30
C LYS A 311 19.99 25.42 -32.66
N ALA A 312 19.66 24.36 -33.41
CA ALA A 312 18.73 23.34 -32.93
C ALA A 312 19.26 22.77 -31.59
N PHE A 313 18.32 22.54 -30.66
CA PHE A 313 18.62 21.88 -29.37
C PHE A 313 19.32 22.83 -28.36
N GLN A 314 19.55 24.08 -28.77
CA GLN A 314 20.17 25.08 -27.93
C GLN A 314 19.26 26.22 -27.56
N TRP A 315 17.97 26.10 -27.87
CA TRP A 315 17.03 27.16 -27.64
C TRP A 315 16.70 27.24 -26.16
N CYS A 316 16.63 28.42 -25.54
CA CYS A 316 16.87 29.77 -26.04
C CYS A 316 18.13 30.26 -25.36
N ASP A 317 19.23 30.25 -26.09
CA ASP A 317 20.55 30.67 -25.56
C ASP A 317 21.07 31.96 -26.16
N PHE A 318 20.27 32.55 -27.05
CA PHE A 318 20.54 33.87 -27.64
C PHE A 318 21.72 33.94 -28.59
N GLU A 319 22.22 32.81 -29.04
CA GLU A 319 23.34 32.77 -30.00
C GLU A 319 22.86 32.55 -31.41
N TRP A 320 23.19 33.47 -32.30
CA TRP A 320 22.72 33.39 -33.68
C TRP A 320 23.41 32.21 -34.31
N ASP A 321 22.67 31.42 -35.10
CA ASP A 321 23.30 30.36 -35.88
C ASP A 321 24.30 30.95 -36.90
N PRO A 322 25.58 30.66 -36.75
CA PRO A 322 26.58 31.29 -37.63
C PRO A 322 26.63 30.80 -39.09
N LEU A 323 26.08 29.63 -39.39
CA LEU A 323 26.00 29.16 -40.77
C LEU A 323 24.96 29.91 -41.55
N THR A 324 23.81 30.01 -40.94
CA THR A 324 22.67 30.65 -41.50
C THR A 324 22.73 32.18 -41.42
N PHE A 325 23.32 32.70 -40.34
CA PHE A 325 23.40 34.14 -40.12
C PHE A 325 24.81 34.58 -39.78
N PRO A 326 25.66 34.65 -40.79
CA PRO A 326 27.02 35.10 -40.58
C PRO A 326 27.19 36.58 -40.19
N ASP A 327 26.23 37.45 -40.54
CA ASP A 327 26.25 38.86 -40.12
C ASP A 327 24.86 39.29 -39.60
N PRO A 328 24.47 38.83 -38.40
CA PRO A 328 23.12 39.15 -37.92
C PRO A 328 22.80 40.65 -37.84
N GLU A 329 23.67 41.47 -37.27
CA GLU A 329 23.38 42.89 -37.19
C GLU A 329 23.28 43.58 -38.57
N GLY A 330 24.16 43.22 -39.51
CA GLY A 330 24.11 43.80 -40.86
C GLY A 330 22.80 43.44 -41.55
N MET A 331 22.41 42.18 -41.43
CA MET A 331 21.13 41.78 -42.02
C MET A 331 19.97 42.54 -41.44
N ILE A 332 19.95 42.69 -40.13
CA ILE A 332 18.79 43.38 -39.58
C ILE A 332 18.79 44.89 -39.97
N ARG A 333 19.98 45.52 -40.01
CA ARG A 333 20.04 46.93 -40.43
C ARG A 333 19.50 47.09 -41.84
N ARG A 334 19.90 46.19 -42.74
CA ARG A 334 19.45 46.28 -44.11
C ARG A 334 17.91 46.14 -44.19
N LEU A 335 17.31 45.32 -43.35
CA LEU A 335 15.86 45.24 -43.29
C LEU A 335 15.27 46.50 -42.69
N LYS A 336 15.92 47.06 -41.67
CA LYS A 336 15.36 48.23 -40.99
C LYS A 336 15.32 49.47 -41.93
N ALA A 337 16.32 49.53 -42.81
CA ALA A 337 16.51 50.64 -43.75
C ALA A 337 15.40 50.70 -44.77
N LYS A 338 14.73 49.53 -44.98
CA LYS A 338 13.50 49.42 -45.77
C LYS A 338 12.26 49.95 -45.02
N GLY A 339 12.40 50.30 -43.75
CA GLY A 339 11.25 50.79 -43.02
C GLY A 339 10.60 49.71 -42.16
N LEU A 340 11.18 48.53 -42.11
CA LEU A 340 10.61 47.41 -41.31
C LEU A 340 11.03 47.51 -39.85
N LYS A 341 10.15 47.05 -38.97
CA LYS A 341 10.51 46.81 -37.58
C LYS A 341 10.84 45.30 -37.43
N ILE A 342 11.77 44.98 -36.52
CA ILE A 342 12.28 43.58 -36.31
C ILE A 342 11.87 42.89 -34.97
N CYS A 343 11.28 41.71 -35.10
CA CYS A 343 11.00 40.83 -33.96
C CYS A 343 11.81 39.54 -34.02
N VAL A 344 12.20 39.05 -32.85
CA VAL A 344 12.75 37.73 -32.73
C VAL A 344 12.01 36.88 -31.66
N TRP A 345 12.03 35.59 -31.90
CA TRP A 345 11.50 34.60 -30.99
C TRP A 345 12.40 34.44 -29.78
N ILE A 346 11.81 34.45 -28.59
CA ILE A 346 12.48 34.02 -27.33
C ILE A 346 11.56 33.09 -26.54
N ASN A 347 12.14 32.36 -25.59
CA ASN A 347 11.39 31.71 -24.50
C ASN A 347 12.31 31.63 -23.26
N PRO A 348 11.79 31.15 -22.13
CA PRO A 348 12.50 31.15 -20.83
C PRO A 348 13.00 29.77 -20.43
N TYR A 349 13.31 28.96 -21.43
CA TYR A 349 13.95 27.69 -21.24
C TYR A 349 15.28 27.62 -22.00
N ILE A 350 16.09 26.67 -21.65
CA ILE A 350 17.33 26.44 -22.35
C ILE A 350 17.74 24.98 -22.45
N GLY A 351 18.01 24.56 -23.68
CA GLY A 351 18.53 23.20 -24.00
C GLY A 351 19.95 22.98 -23.49
N GLN A 352 20.19 21.75 -23.04
CA GLN A 352 21.48 21.37 -22.51
C GLN A 352 22.63 21.40 -23.57
N LYS A 353 22.33 21.21 -24.85
CA LYS A 353 23.39 21.31 -25.90
C LYS A 353 24.09 22.66 -25.96
N SER A 354 23.41 23.72 -25.54
CA SER A 354 24.00 25.05 -25.60
C SER A 354 25.29 25.15 -24.79
N PRO A 355 26.33 25.75 -25.36
CA PRO A 355 27.58 25.95 -24.63
C PRO A 355 27.43 26.80 -23.37
N VAL A 356 26.45 27.68 -23.36
CA VAL A 356 26.13 28.52 -22.21
C VAL A 356 25.45 27.75 -21.06
N PHE A 357 24.86 26.58 -21.35
CA PHE A 357 24.14 25.83 -20.34
C PHE A 357 25.00 25.56 -19.10
N LYS A 358 26.20 25.11 -19.35
CA LYS A 358 27.17 24.78 -18.29
C LYS A 358 27.45 25.99 -17.40
N GLU A 359 27.59 27.16 -18.02
CA GLU A 359 27.78 28.46 -17.33
C GLU A 359 26.65 28.78 -16.36
N LEU A 360 25.41 28.66 -16.87
CA LEU A 360 24.23 28.88 -16.07
C LEU A 360 24.14 27.89 -14.92
N GLN A 361 24.49 26.62 -15.17
CA GLN A 361 24.43 25.59 -14.15
C GLN A 361 25.43 25.88 -13.03
N GLU A 362 26.64 26.22 -13.40
CA GLU A 362 27.65 26.66 -12.46
C GLU A 362 27.31 27.92 -11.68
N LYS A 363 26.61 28.88 -12.30
CA LYS A 363 26.25 30.12 -11.61
C LYS A 363 24.95 30.03 -10.77
N GLY A 364 24.19 28.97 -10.97
CA GLY A 364 23.00 28.75 -10.18
C GLY A 364 21.75 29.44 -10.67
N TYR A 365 21.73 29.73 -11.97
CA TYR A 365 20.70 30.57 -12.61
C TYR A 365 19.52 29.74 -13.11
N LEU A 366 19.66 28.43 -13.05
CA LEU A 366 18.60 27.52 -13.51
C LEU A 366 17.79 26.98 -12.35
N LEU A 367 16.50 26.73 -12.60
CA LEU A 367 15.60 26.20 -11.59
C LEU A 367 16.03 24.79 -11.05
N LYS A 368 16.05 24.66 -9.73
CA LYS A 368 16.55 23.48 -9.05
C LYS A 368 15.43 22.71 -8.38
N ARG A 369 15.65 21.41 -8.29
CA ARG A 369 14.91 20.55 -7.41
C ARG A 369 15.38 20.80 -5.97
N PRO A 370 14.56 20.34 -5.01
CA PRO A 370 14.88 20.53 -3.58
C PRO A 370 16.26 19.98 -3.17
N ASP A 371 16.73 18.91 -3.82
CA ASP A 371 18.07 18.37 -3.52
C ASP A 371 19.23 19.20 -4.06
N GLY A 372 18.92 20.26 -4.82
CA GLY A 372 19.94 21.11 -5.46
C GLY A 372 20.35 20.66 -6.86
N SER A 373 19.87 19.50 -7.31
CA SER A 373 20.08 19.11 -8.71
C SER A 373 19.28 20.05 -9.63
N LEU A 374 19.61 20.13 -10.92
CA LEU A 374 18.75 20.84 -11.87
C LEU A 374 17.44 20.11 -12.16
N TRP A 375 16.36 20.87 -12.23
CA TRP A 375 15.12 20.35 -12.82
C TRP A 375 15.30 20.23 -14.34
N GLN A 376 15.12 19.06 -14.92
CA GLN A 376 15.31 18.90 -16.36
C GLN A 376 14.28 17.98 -16.94
N TRP A 377 13.82 18.26 -18.16
CA TRP A 377 13.17 17.19 -18.93
C TRP A 377 13.56 17.24 -20.43
N ASP A 378 12.95 16.38 -21.22
CA ASP A 378 13.25 16.26 -22.64
C ASP A 378 12.11 16.73 -23.51
N LYS A 379 11.09 17.34 -22.92
CA LYS A 379 10.10 18.06 -23.76
C LYS A 379 10.62 19.43 -24.23
N TRP A 380 10.28 19.75 -25.48
CA TRP A 380 10.71 20.96 -26.25
C TRP A 380 12.15 20.87 -26.71
N GLN A 381 13.08 20.80 -25.74
CA GLN A 381 14.51 20.74 -26.00
C GLN A 381 15.12 19.68 -25.08
N PRO A 382 16.16 18.98 -25.58
CA PRO A 382 16.78 17.93 -24.79
C PRO A 382 17.43 18.50 -23.56
N GLY A 383 17.26 17.84 -22.42
CA GLY A 383 17.85 18.31 -21.15
C GLY A 383 17.44 19.72 -20.82
N LEU A 384 16.27 20.14 -21.29
CA LEU A 384 15.79 21.48 -21.00
C LEU A 384 15.77 21.85 -19.50
N ALA A 385 16.23 23.07 -19.23
CA ALA A 385 16.17 23.68 -17.95
C ALA A 385 15.43 25.03 -18.11
N ILE A 386 14.97 25.56 -16.97
CA ILE A 386 14.16 26.80 -16.89
C ILE A 386 15.02 27.91 -16.25
N TYR A 387 15.02 29.12 -16.81
CA TYR A 387 15.65 30.26 -16.16
C TYR A 387 14.90 30.64 -14.86
N ASP A 388 15.65 30.72 -13.75
CA ASP A 388 15.04 31.03 -12.43
C ASP A 388 14.95 32.54 -12.25
N PHE A 389 13.80 33.07 -12.71
CA PHE A 389 13.54 34.49 -12.64
C PHE A 389 13.25 34.99 -11.22
N THR A 390 13.37 34.14 -10.20
CA THR A 390 13.35 34.64 -8.80
C THR A 390 14.75 34.90 -8.28
N ASN A 391 15.73 34.55 -9.10
CA ASN A 391 17.13 34.75 -8.81
C ASN A 391 17.54 36.09 -9.50
N PRO A 392 17.74 37.15 -8.71
CA PRO A 392 18.04 38.45 -9.37
C PRO A 392 19.20 38.41 -10.37
N ASP A 393 20.29 37.70 -10.05
CA ASP A 393 21.43 37.60 -10.96
C ASP A 393 21.09 36.85 -12.25
N ALA A 394 20.19 35.90 -12.19
CA ALA A 394 19.69 35.24 -13.40
C ALA A 394 18.86 36.16 -14.31
N CYS A 395 17.97 36.92 -13.71
CA CYS A 395 17.22 38.01 -14.37
C CYS A 395 18.15 38.94 -15.12
N LYS A 396 19.29 39.26 -14.50
CA LYS A 396 20.20 40.22 -15.06
C LYS A 396 20.89 39.59 -16.24
N TRP A 397 21.29 38.32 -16.10
CA TRP A 397 21.96 37.66 -17.23
C TRP A 397 21.04 37.67 -18.47
N TYR A 398 19.77 37.32 -18.23
CA TYR A 398 18.79 37.16 -19.29
C TYR A 398 18.52 38.51 -19.93
N ALA A 399 18.21 39.52 -19.09
CA ALA A 399 18.01 40.90 -19.54
C ALA A 399 19.19 41.42 -20.41
N ASP A 400 20.41 41.03 -20.07
CA ASP A 400 21.61 41.53 -20.76
C ASP A 400 21.70 40.96 -22.15
N LYS A 401 21.34 39.71 -22.31
CA LYS A 401 21.15 39.12 -23.64
C LYS A 401 20.08 39.84 -24.47
N LEU A 402 18.93 40.11 -23.87
CA LEU A 402 17.90 40.84 -24.57
C LEU A 402 18.45 42.23 -24.95
N LYS A 403 19.19 42.85 -24.03
CA LYS A 403 19.78 44.16 -24.36
C LYS A 403 20.76 44.07 -25.53
N GLY A 404 21.50 42.97 -25.63
CA GLY A 404 22.40 42.79 -26.75
C GLY A 404 21.69 42.69 -28.07
N LEU A 405 20.51 42.06 -28.07
CA LEU A 405 19.68 42.03 -29.25
C LEU A 405 19.13 43.40 -29.66
N VAL A 406 18.58 44.11 -28.70
CA VAL A 406 18.07 45.44 -28.94
C VAL A 406 19.20 46.34 -29.49
N ALA A 407 20.40 46.17 -28.98
CA ALA A 407 21.55 47.01 -29.35
C ALA A 407 21.92 46.75 -30.81
N MET A 408 21.62 45.53 -31.29
CA MET A 408 21.79 45.18 -32.69
C MET A 408 20.67 45.65 -33.60
N GLY A 409 19.64 46.27 -33.03
CA GLY A 409 18.52 46.81 -33.81
C GLY A 409 17.23 46.00 -33.77
N VAL A 410 17.18 44.95 -32.96
CA VAL A 410 15.91 44.23 -32.73
C VAL A 410 14.92 45.16 -32.02
N ASP A 411 13.67 45.23 -32.47
CA ASP A 411 12.69 46.18 -31.88
C ASP A 411 11.73 45.58 -30.84
N CYS A 412 11.49 44.27 -30.93
CA CYS A 412 10.54 43.63 -30.06
C CYS A 412 10.80 42.13 -30.05
N PHE A 413 10.03 41.41 -29.22
CA PHE A 413 10.22 39.98 -28.98
C PHE A 413 8.87 39.24 -28.92
N LYS A 414 8.90 38.00 -29.38
CA LYS A 414 7.84 37.08 -29.13
C LYS A 414 8.23 36.31 -27.83
N THR A 415 7.53 36.64 -26.74
CA THR A 415 7.70 35.98 -25.44
C THR A 415 6.88 34.68 -25.44
N ASP A 416 7.48 33.67 -26.06
CA ASP A 416 6.84 32.39 -26.23
C ASP A 416 6.98 31.50 -24.98
N PHE A 417 6.10 30.50 -24.90
CA PHE A 417 6.07 29.55 -23.80
C PHE A 417 5.86 30.23 -22.42
N GLY A 418 6.37 29.59 -21.36
CA GLY A 418 6.17 30.02 -20.00
C GLY A 418 5.12 29.29 -19.20
N GLU A 419 4.45 28.30 -19.80
CA GLU A 419 3.32 27.62 -19.17
C GLU A 419 3.72 26.42 -18.27
N ARG A 420 4.65 25.57 -18.74
CA ARG A 420 4.84 24.24 -18.13
C ARG A 420 5.88 24.33 -17.08
N ILE A 421 5.49 24.99 -15.99
CA ILE A 421 6.36 25.39 -14.89
C ILE A 421 6.11 24.34 -13.76
N PRO A 422 7.13 23.53 -13.47
CA PRO A 422 6.97 22.48 -12.48
C PRO A 422 6.85 23.01 -11.05
N THR A 423 6.27 22.17 -10.19
CA THR A 423 6.10 22.45 -8.77
C THR A 423 7.02 21.70 -7.83
N ASP A 424 7.70 20.68 -8.32
CA ASP A 424 8.58 19.85 -7.47
C ASP A 424 9.99 20.45 -7.51
N VAL A 425 10.07 21.68 -7.04
CA VAL A 425 11.25 22.50 -7.23
C VAL A 425 11.40 23.40 -6.01
N GLN A 426 12.58 24.01 -5.90
CA GLN A 426 12.84 25.06 -4.94
C GLN A 426 13.40 26.29 -5.65
N TRP A 427 12.55 27.30 -5.71
CA TRP A 427 12.88 28.59 -6.27
C TRP A 427 13.94 29.26 -5.41
N PHE A 428 14.80 30.01 -6.07
CA PHE A 428 15.83 30.77 -5.42
C PHE A 428 15.29 31.55 -4.22
N ASP A 429 14.15 32.21 -4.37
CA ASP A 429 13.61 33.09 -3.32
C ASP A 429 12.72 32.39 -2.30
N GLY A 430 12.48 31.10 -2.49
CA GLY A 430 11.78 30.32 -1.52
C GLY A 430 10.25 30.45 -1.63
N SER A 431 9.78 30.99 -2.75
CA SER A 431 8.36 31.20 -2.89
C SER A 431 7.63 29.86 -3.11
N ASP A 432 6.33 29.92 -2.92
CA ASP A 432 5.45 28.78 -3.03
C ASP A 432 5.34 28.30 -4.50
N PRO A 433 5.83 27.10 -4.74
CA PRO A 433 5.81 26.62 -6.11
C PRO A 433 4.40 26.52 -6.71
N GLN A 434 3.39 26.35 -5.88
CA GLN A 434 2.02 26.27 -6.37
C GLN A 434 1.55 27.59 -6.97
N LYS A 435 2.03 28.67 -6.43
CA LYS A 435 1.67 30.02 -6.86
C LYS A 435 2.58 30.47 -7.99
N MET A 436 3.83 29.96 -7.98
CA MET A 436 4.79 30.36 -9.00
C MET A 436 4.42 29.78 -10.34
N HIS A 437 3.68 28.66 -10.39
CA HIS A 437 3.37 28.06 -11.66
C HIS A 437 2.79 29.06 -12.70
N ASN A 438 1.75 29.80 -12.26
CA ASN A 438 1.04 30.81 -13.06
C ASN A 438 1.74 32.16 -13.03
N HIS A 439 2.25 32.53 -11.87
CA HIS A 439 2.82 33.91 -11.76
C HIS A 439 4.14 34.00 -12.56
N TYR A 440 4.86 32.90 -12.75
CA TYR A 440 6.01 32.86 -13.69
C TYR A 440 5.79 33.61 -15.02
N ALA A 441 4.64 33.39 -15.62
CA ALA A 441 4.32 34.07 -16.85
C ALA A 441 4.33 35.59 -16.71
N TYR A 442 3.92 36.10 -15.56
CA TYR A 442 3.94 37.51 -15.31
C TYR A 442 5.40 38.03 -15.15
N ILE A 443 6.19 37.34 -14.36
CA ILE A 443 7.55 37.76 -14.08
C ILE A 443 8.44 37.75 -15.28
N TYR A 444 8.34 36.65 -16.06
CA TYR A 444 8.98 36.53 -17.37
C TYR A 444 8.64 37.70 -18.29
N ASN A 445 7.37 37.90 -18.56
CA ASN A 445 6.94 38.93 -19.45
C ASN A 445 7.25 40.33 -18.94
N GLU A 446 7.14 40.56 -17.64
CA GLU A 446 7.57 41.85 -17.03
C GLU A 446 9.03 42.14 -17.26
N LEU A 447 9.87 41.11 -17.07
CA LEU A 447 11.30 41.26 -17.29
C LEU A 447 11.58 41.76 -18.73
N VAL A 448 10.89 41.18 -19.71
CA VAL A 448 11.19 41.47 -21.10
C VAL A 448 10.68 42.84 -21.44
N TRP A 449 9.49 43.15 -20.97
CA TRP A 449 8.89 44.47 -21.14
C TRP A 449 9.81 45.57 -20.65
N ASN A 450 10.34 45.37 -19.45
CA ASN A 450 11.23 46.33 -18.83
C ASN A 450 12.52 46.55 -19.62
N VAL A 451 13.01 45.54 -20.35
CA VAL A 451 14.23 45.71 -21.17
C VAL A 451 13.92 46.78 -22.26
N LEU A 452 12.78 46.61 -22.89
CA LEU A 452 12.31 47.54 -23.92
C LEU A 452 12.12 48.92 -23.39
N LYS A 453 11.51 48.99 -22.22
CA LYS A 453 11.19 50.24 -21.58
C LYS A 453 12.43 51.00 -21.18
N ASP A 454 13.47 50.28 -20.83
CA ASP A 454 14.76 50.87 -20.50
C ASP A 454 15.69 51.10 -21.66
N THR A 455 15.27 50.75 -22.89
CA THR A 455 16.14 50.86 -24.08
C THR A 455 15.48 51.70 -25.20
N VAL A 456 14.53 51.08 -25.90
CA VAL A 456 13.82 51.74 -26.98
C VAL A 456 12.85 52.78 -26.43
N GLY A 457 12.42 52.56 -25.19
CA GLY A 457 11.47 53.39 -24.50
C GLY A 457 10.11 52.75 -24.48
N GLU A 458 9.31 53.16 -23.49
CA GLU A 458 8.02 52.56 -23.19
C GLU A 458 7.04 52.75 -24.33
N GLU A 459 7.04 53.93 -24.94
CA GLU A 459 6.19 54.22 -26.12
C GLU A 459 6.46 53.25 -27.27
N GLU A 460 7.67 52.71 -27.36
CA GLU A 460 8.02 51.79 -28.43
C GLU A 460 7.90 50.32 -28.07
N ALA A 461 7.53 49.99 -26.83
CA ALA A 461 7.57 48.60 -26.32
C ALA A 461 6.35 47.79 -26.78
N VAL A 462 6.60 46.55 -27.23
CA VAL A 462 5.53 45.67 -27.62
C VAL A 462 6.08 44.24 -27.66
N LEU A 463 5.23 43.29 -27.34
CA LEU A 463 5.57 41.83 -27.38
C LEU A 463 4.50 41.15 -28.14
N PHE A 464 4.74 39.88 -28.51
CA PHE A 464 3.72 38.91 -28.86
C PHE A 464 3.91 37.83 -27.80
N ALA A 465 2.98 37.73 -26.84
CA ALA A 465 3.18 36.93 -25.62
C ALA A 465 2.24 35.74 -25.65
N ARG A 466 2.77 34.52 -25.45
CA ARG A 466 1.87 33.32 -25.47
C ARG A 466 1.19 33.02 -24.13
N SER A 467 1.86 33.36 -23.02
CA SER A 467 1.35 32.99 -21.69
C SER A 467 1.06 34.26 -20.91
N ALA A 468 0.24 34.14 -19.88
CA ALA A 468 -0.17 35.26 -19.05
C ALA A 468 -0.67 34.87 -17.68
N SER A 469 -0.80 35.87 -16.80
CA SER A 469 -1.43 35.71 -15.46
C SER A 469 -1.92 37.08 -15.08
N VAL A 470 -2.60 37.17 -13.94
CA VAL A 470 -3.22 38.45 -13.50
C VAL A 470 -2.19 39.57 -13.50
N GLY A 471 -2.50 40.67 -14.17
CA GLY A 471 -1.53 41.76 -14.24
C GLY A 471 -0.73 41.78 -15.51
N ALA A 472 -0.63 40.64 -16.23
CA ALA A 472 0.20 40.62 -17.42
C ALA A 472 -0.39 41.39 -18.62
N GLN A 473 -1.65 41.80 -18.54
CA GLN A 473 -2.22 42.64 -19.56
C GLN A 473 -1.49 43.99 -19.69
N LYS A 474 -0.63 44.30 -18.73
CA LYS A 474 0.17 45.54 -18.79
C LYS A 474 1.27 45.45 -19.83
N PHE A 475 1.50 44.25 -20.35
CA PHE A 475 2.62 43.99 -21.25
C PHE A 475 2.09 43.40 -22.61
N PRO A 476 1.40 44.21 -23.41
CA PRO A 476 0.83 43.67 -24.65
C PRO A 476 1.86 43.41 -25.73
N VAL A 477 1.54 42.59 -26.72
CA VAL A 477 0.20 42.08 -27.08
C VAL A 477 0.19 40.57 -26.87
N HIS A 478 -0.98 40.04 -26.55
CA HIS A 478 -1.14 38.63 -26.28
C HIS A 478 -1.59 37.89 -27.54
N TRP A 479 -0.96 36.75 -27.78
CA TRP A 479 -1.03 36.09 -29.04
C TRP A 479 -1.71 34.72 -28.85
N GLY A 480 -2.77 34.50 -29.63
CA GLY A 480 -3.70 33.39 -29.52
C GLY A 480 -3.21 31.98 -29.66
N GLY A 481 -1.97 31.76 -30.08
CA GLY A 481 -1.41 30.40 -30.03
C GLY A 481 -1.53 29.64 -31.32
N ASP A 482 -1.19 28.35 -31.25
CA ASP A 482 -1.09 27.45 -32.42
C ASP A 482 -2.45 26.87 -32.86
N CYS A 483 -2.81 27.13 -34.12
CA CYS A 483 -4.10 26.73 -34.69
C CYS A 483 -4.00 25.86 -35.90
N TYR A 484 -4.96 24.95 -36.05
CA TYR A 484 -5.16 24.28 -37.32
C TYR A 484 -5.84 25.17 -38.37
N ALA A 485 -5.51 24.89 -39.64
CA ALA A 485 -6.02 25.66 -40.76
C ALA A 485 -7.40 25.18 -41.26
N ASN A 486 -8.44 25.47 -40.48
CA ASN A 486 -9.82 25.10 -40.83
C ASN A 486 -10.81 26.07 -40.16
N TYR A 487 -12.05 26.12 -40.65
CA TYR A 487 -13.05 27.04 -40.12
C TYR A 487 -13.47 26.81 -38.67
N GLU A 488 -13.56 25.56 -38.24
CA GLU A 488 -13.80 25.23 -36.80
C GLU A 488 -12.73 25.84 -35.90
N SER A 489 -11.47 25.68 -36.29
CA SER A 489 -10.35 26.24 -35.55
C SER A 489 -10.33 27.77 -35.57
N MET A 490 -10.75 28.36 -36.70
CA MET A 490 -10.80 29.82 -36.79
C MET A 490 -11.86 30.32 -35.78
N ALA A 491 -12.97 29.58 -35.68
CA ALA A 491 -14.05 29.92 -34.73
C ALA A 491 -13.66 29.81 -33.26
N GLU A 492 -12.96 28.74 -32.92
CA GLU A 492 -12.50 28.63 -31.56
C GLU A 492 -11.43 29.67 -31.22
N SER A 493 -10.63 30.09 -32.20
CA SER A 493 -9.69 31.18 -31.96
C SER A 493 -10.38 32.49 -31.62
N LEU A 494 -11.43 32.83 -32.35
CA LEU A 494 -12.17 34.03 -32.06
C LEU A 494 -12.82 33.96 -30.67
N ARG A 495 -13.35 32.81 -30.24
CA ARG A 495 -13.78 32.64 -28.82
C ARG A 495 -12.67 32.96 -27.83
N GLY A 496 -11.48 32.47 -28.08
CA GLY A 496 -10.30 32.82 -27.24
C GLY A 496 -10.07 34.32 -27.21
N GLY A 497 -10.11 34.92 -28.37
CA GLY A 497 -9.99 36.37 -28.51
C GLY A 497 -10.99 37.19 -27.75
N LEU A 498 -12.26 36.88 -27.91
CA LEU A 498 -13.28 37.59 -27.15
C LEU A 498 -13.12 37.43 -25.64
N SER A 499 -12.87 36.19 -25.22
CA SER A 499 -12.60 35.82 -23.83
C SER A 499 -11.45 36.59 -23.18
N ILE A 500 -10.34 36.74 -23.87
CA ILE A 500 -9.22 37.41 -23.25
C ILE A 500 -9.58 38.89 -22.98
N GLY A 501 -10.42 39.49 -23.84
CA GLY A 501 -10.81 40.88 -23.60
C GLY A 501 -11.83 40.97 -22.52
N LEU A 502 -12.57 39.86 -22.32
CA LEU A 502 -13.46 39.73 -21.18
C LEU A 502 -12.72 39.45 -19.85
N SER A 503 -11.36 39.35 -19.92
CA SER A 503 -10.50 39.05 -18.77
C SER A 503 -9.43 40.10 -18.55
N GLY A 504 -9.59 41.26 -19.20
CA GLY A 504 -8.75 42.45 -18.89
C GLY A 504 -7.64 42.81 -19.86
N PHE A 505 -7.54 42.05 -20.96
CA PHE A 505 -6.50 42.21 -21.96
C PHE A 505 -7.07 43.05 -23.11
N GLY A 506 -6.37 44.12 -23.41
CA GLY A 506 -6.88 45.09 -24.37
C GLY A 506 -6.61 44.82 -25.83
N PHE A 507 -5.64 43.95 -26.09
CA PHE A 507 -5.13 43.67 -27.43
C PHE A 507 -4.84 42.19 -27.61
N TRP A 508 -5.10 41.69 -28.80
CA TRP A 508 -5.03 40.24 -29.06
C TRP A 508 -4.61 40.05 -30.55
N SER A 509 -3.51 39.34 -30.73
CA SER A 509 -3.07 38.90 -32.04
C SER A 509 -3.30 37.44 -32.30
N HIS A 510 -3.24 37.13 -33.57
CA HIS A 510 -3.33 35.78 -34.02
C HIS A 510 -2.77 35.69 -35.43
N ASP A 511 -2.61 34.45 -35.86
CA ASP A 511 -1.96 34.12 -37.13
C ASP A 511 -2.98 33.72 -38.20
N ILE A 512 -2.93 34.44 -39.30
CA ILE A 512 -3.86 34.25 -40.41
C ILE A 512 -3.53 32.94 -41.11
N GLY A 513 -4.56 32.10 -41.21
CA GLY A 513 -4.43 30.81 -41.80
C GLY A 513 -3.99 29.74 -40.83
N GLY A 514 -3.82 30.09 -39.56
CA GLY A 514 -3.20 29.22 -38.60
C GLY A 514 -1.77 28.83 -38.96
N PHE A 515 -1.36 27.67 -38.44
CA PHE A 515 0.03 27.22 -38.36
C PHE A 515 0.27 25.96 -39.25
N GLU A 516 -0.70 25.06 -39.26
CA GLU A 516 -0.71 23.86 -40.15
C GLU A 516 -0.28 24.21 -41.57
N ASN A 517 0.76 23.54 -42.08
CA ASN A 517 1.55 24.10 -43.20
C ASN A 517 0.77 24.30 -44.50
N THR A 518 -0.21 23.41 -44.74
CA THR A 518 -1.12 23.52 -45.86
C THR A 518 -2.53 23.92 -45.38
N ALA A 519 -2.86 25.21 -45.54
CA ALA A 519 -4.24 25.68 -45.49
C ALA A 519 -4.91 25.64 -46.88
N PRO A 520 -6.21 25.31 -46.95
CA PRO A 520 -6.85 25.57 -48.25
C PRO A 520 -6.90 27.08 -48.49
N ALA A 521 -6.84 27.48 -49.75
CA ALA A 521 -6.82 28.91 -50.04
C ALA A 521 -8.06 29.65 -49.53
N HIS A 522 -9.22 29.02 -49.62
CA HIS A 522 -10.43 29.68 -49.14
C HIS A 522 -10.36 30.00 -47.60
N VAL A 523 -9.82 29.05 -46.79
CA VAL A 523 -9.67 29.29 -45.36
C VAL A 523 -8.72 30.46 -45.11
N TYR A 524 -7.63 30.49 -45.85
CA TYR A 524 -6.61 31.55 -45.67
C TYR A 524 -7.18 32.92 -46.01
N LYS A 525 -8.01 32.95 -47.03
CA LYS A 525 -8.64 34.18 -47.45
C LYS A 525 -9.63 34.75 -46.43
N ARG A 526 -10.52 33.88 -45.93
CA ARG A 526 -11.47 34.26 -44.88
C ARG A 526 -10.76 34.73 -43.60
N TRP A 527 -9.78 33.96 -43.23
CA TRP A 527 -8.99 34.26 -42.07
C TRP A 527 -8.16 35.53 -42.23
N CYS A 528 -7.69 35.90 -43.45
CA CYS A 528 -7.03 37.23 -43.67
C CYS A 528 -7.90 38.38 -43.29
N ALA A 529 -9.17 38.35 -43.67
CA ALA A 529 -10.06 39.46 -43.39
C ALA A 529 -10.28 39.62 -41.91
N PHE A 530 -10.52 38.53 -41.21
CA PHE A 530 -10.58 38.50 -39.72
C PHE A 530 -9.30 39.02 -39.07
N GLY A 531 -8.18 38.47 -39.48
CA GLY A 531 -6.88 38.82 -38.96
C GLY A 531 -6.55 40.30 -39.08
N LEU A 532 -6.83 40.91 -40.22
CA LEU A 532 -6.60 42.33 -40.41
C LEU A 532 -7.66 43.26 -39.84
N LEU A 533 -8.79 42.70 -39.44
CA LEU A 533 -9.80 43.42 -38.68
C LEU A 533 -9.76 42.98 -37.16
N SER A 534 -8.54 42.82 -36.66
CA SER A 534 -8.24 42.45 -35.28
C SER A 534 -7.20 43.53 -34.86
N SER A 535 -6.95 43.70 -33.57
CA SER A 535 -5.97 44.72 -33.16
C SER A 535 -4.59 44.41 -33.81
N HIS A 536 -4.15 43.14 -33.79
CA HIS A 536 -2.81 42.81 -34.23
C HIS A 536 -2.87 41.58 -35.13
N SER A 537 -2.03 41.54 -36.15
CA SER A 537 -2.25 40.70 -37.34
C SER A 537 -0.91 40.10 -37.81
N ARG A 538 -0.76 38.78 -37.83
CA ARG A 538 0.48 38.14 -38.29
C ARG A 538 0.28 37.01 -39.31
N LEU A 539 1.23 36.87 -40.22
CA LEU A 539 1.35 35.72 -41.16
C LEU A 539 2.54 34.89 -40.73
N HIS A 540 2.28 33.63 -40.39
CA HIS A 540 3.26 32.72 -39.80
C HIS A 540 2.85 31.27 -40.03
N GLY A 541 3.67 30.54 -40.77
CA GLY A 541 3.42 29.12 -40.97
C GLY A 541 4.41 28.21 -40.27
N SER A 542 4.27 26.94 -40.61
CA SER A 542 5.00 25.85 -40.01
C SER A 542 6.19 25.50 -40.92
N LYS A 543 5.91 24.82 -42.04
CA LYS A 543 6.97 24.28 -42.91
C LYS A 543 7.15 25.07 -44.20
N SER A 544 6.36 26.15 -44.36
CA SER A 544 6.52 27.11 -45.50
C SER A 544 6.01 28.53 -45.19
N TYR A 545 6.59 29.52 -45.88
CA TYR A 545 6.18 30.94 -45.73
C TYR A 545 4.68 31.13 -45.96
N ARG A 546 4.04 31.94 -45.11
CA ARG A 546 2.57 32.14 -45.17
C ARG A 546 2.18 33.28 -46.13
N VAL A 547 2.96 33.38 -47.22
CA VAL A 547 2.83 34.44 -48.22
C VAL A 547 1.71 34.06 -49.20
N PRO A 548 0.87 35.05 -49.58
CA PRO A 548 -0.39 34.78 -50.31
C PRO A 548 -0.18 34.15 -51.66
N TRP A 549 0.96 34.40 -52.27
CA TRP A 549 1.18 33.86 -53.60
C TRP A 549 1.55 32.40 -53.57
N ALA A 550 1.62 31.80 -52.38
CA ALA A 550 1.64 30.35 -52.26
C ALA A 550 0.32 29.77 -52.77
N TYR A 551 -0.76 30.54 -52.60
CA TYR A 551 -2.10 30.11 -52.98
C TYR A 551 -2.45 30.52 -54.43
N ASP A 552 -2.81 31.79 -54.63
CA ASP A 552 -3.33 32.29 -55.92
C ASP A 552 -3.24 33.80 -55.94
N ASP A 553 -3.45 34.37 -57.12
CA ASP A 553 -3.39 35.81 -57.30
C ASP A 553 -4.42 36.46 -56.38
N GLU A 554 -5.59 35.81 -56.30
CA GLU A 554 -6.69 36.30 -55.51
C GLU A 554 -6.36 36.44 -54.05
N SER A 555 -5.60 35.50 -53.48
CA SER A 555 -5.16 35.61 -52.10
C SER A 555 -4.29 36.85 -51.91
N CYS A 556 -3.50 37.21 -52.93
CA CYS A 556 -2.71 38.42 -52.89
C CYS A 556 -3.60 39.65 -52.85
N ASP A 557 -4.68 39.63 -53.63
CA ASP A 557 -5.66 40.77 -53.68
C ASP A 557 -6.37 40.97 -52.31
N VAL A 558 -6.59 39.84 -51.65
CA VAL A 558 -7.21 39.81 -50.33
C VAL A 558 -6.26 40.42 -49.29
N VAL A 559 -5.04 39.89 -49.22
CA VAL A 559 -4.03 40.49 -48.32
C VAL A 559 -3.87 42.00 -48.59
N ARG A 560 -3.66 42.40 -49.85
CA ARG A 560 -3.53 43.85 -50.18
C ARG A 560 -4.76 44.64 -49.75
N PHE A 561 -5.97 44.16 -50.09
CA PHE A 561 -7.20 44.91 -49.80
C PHE A 561 -7.43 45.21 -48.30
N PHE A 562 -7.22 44.21 -47.45
CA PHE A 562 -7.43 44.36 -46.05
C PHE A 562 -6.27 44.97 -45.34
N THR A 563 -5.05 44.84 -45.85
CA THR A 563 -3.95 45.57 -45.27
C THR A 563 -4.14 47.09 -45.51
N GLN A 564 -4.43 47.46 -46.76
CA GLN A 564 -4.81 48.84 -47.10
C GLN A 564 -5.94 49.38 -46.21
N LEU A 565 -7.01 48.61 -46.07
CA LEU A 565 -8.17 49.01 -45.24
C LEU A 565 -7.76 49.30 -43.80
N LYS A 566 -7.01 48.40 -43.18
CA LYS A 566 -6.61 48.62 -41.80
C LYS A 566 -5.78 49.89 -41.66
N CYS A 567 -4.82 50.06 -42.55
CA CYS A 567 -4.02 51.31 -42.55
C CYS A 567 -4.86 52.56 -42.63
N ARG A 568 -5.86 52.55 -43.49
CA ARG A 568 -6.78 53.70 -43.63
C ARG A 568 -7.69 53.87 -42.43
N MET A 569 -7.96 52.76 -41.72
CA MET A 569 -8.79 52.80 -40.50
C MET A 569 -8.06 53.29 -39.25
N MET A 570 -6.76 53.53 -39.34
CA MET A 570 -5.95 53.77 -38.14
C MET A 570 -6.30 54.98 -37.30
N PRO A 571 -6.76 56.08 -37.92
CA PRO A 571 -7.13 57.20 -37.04
C PRO A 571 -8.27 56.83 -36.07
N TYR A 572 -9.15 55.92 -36.51
CA TYR A 572 -10.25 55.34 -35.68
C TYR A 572 -9.68 54.31 -34.71
N LEU A 573 -9.00 53.32 -35.30
CA LEU A 573 -8.43 52.22 -34.57
C LEU A 573 -7.51 52.69 -33.45
N TYR A 574 -6.65 53.68 -33.68
CA TYR A 574 -5.74 54.06 -32.60
C TYR A 574 -6.41 54.78 -31.46
N ARG A 575 -7.48 55.53 -31.75
CA ARG A 575 -8.28 56.13 -30.69
C ARG A 575 -8.93 55.04 -29.82
N GLU A 576 -9.46 54.01 -30.48
CA GLU A 576 -10.08 52.89 -29.75
C GLU A 576 -9.00 52.13 -28.94
N ALA A 577 -7.77 52.13 -29.40
CA ALA A 577 -6.69 51.48 -28.68
C ALA A 577 -6.33 52.26 -27.41
N ALA A 578 -6.37 53.59 -27.47
CA ALA A 578 -6.18 54.43 -26.28
C ALA A 578 -7.25 54.17 -25.22
N ARG A 579 -8.48 53.84 -25.60
CA ARG A 579 -9.50 53.36 -24.65
C ARG A 579 -9.14 52.09 -23.85
N ALA A 580 -8.48 51.16 -24.52
CA ALA A 580 -8.00 49.98 -23.84
C ALA A 580 -7.01 50.39 -22.74
N ASN A 581 -6.15 51.34 -23.04
CA ASN A 581 -5.20 51.80 -22.08
C ASN A 581 -5.84 52.62 -20.93
N ALA A 582 -6.80 53.46 -21.25
CA ALA A 582 -7.41 54.35 -20.28
C ALA A 582 -8.43 53.65 -19.38
N ARG A 583 -9.23 52.74 -19.95
CA ARG A 583 -10.38 52.18 -19.23
C ARG A 583 -10.38 50.64 -19.28
N GLY A 584 -9.37 50.03 -19.89
CA GLY A 584 -9.36 48.58 -20.08
C GLY A 584 -10.40 48.03 -21.05
N THR A 585 -10.96 48.89 -21.91
CA THR A 585 -11.93 48.41 -22.89
C THR A 585 -11.20 47.74 -24.07
N PRO A 586 -11.33 46.39 -24.23
CA PRO A 586 -10.55 45.77 -25.30
C PRO A 586 -10.99 46.26 -26.68
N MET A 587 -10.08 46.19 -27.64
CA MET A 587 -10.40 46.55 -29.02
C MET A 587 -11.44 45.65 -29.66
N MET A 588 -11.23 44.33 -29.54
CA MET A 588 -12.22 43.33 -29.91
C MET A 588 -13.19 43.01 -28.75
N ARG A 589 -14.45 43.39 -28.95
CA ARG A 589 -15.46 43.32 -27.90
C ARG A 589 -16.55 42.36 -28.21
N ALA A 590 -16.83 41.52 -27.24
CA ALA A 590 -18.00 40.63 -27.35
C ALA A 590 -19.28 41.49 -27.54
N MET A 591 -20.24 40.97 -28.30
CA MET A 591 -21.44 41.76 -28.53
C MET A 591 -22.08 42.12 -27.17
N MET A 592 -22.07 41.16 -26.21
CA MET A 592 -22.67 41.37 -24.85
C MET A 592 -22.03 42.55 -24.07
N MET A 593 -20.76 42.84 -24.35
CA MET A 593 -19.99 43.93 -23.73
C MET A 593 -20.36 45.33 -24.25
N GLU A 594 -20.68 45.39 -25.54
CA GLU A 594 -21.04 46.65 -26.17
C GLU A 594 -22.53 46.91 -26.05
N PHE A 595 -23.33 45.85 -26.01
CA PHE A 595 -24.79 46.03 -25.96
C PHE A 595 -25.33 45.19 -24.79
N PRO A 596 -25.02 45.60 -23.54
CA PRO A 596 -25.30 44.74 -22.39
C PRO A 596 -26.75 44.52 -22.05
N ASP A 597 -27.62 45.38 -22.58
CA ASP A 597 -29.06 45.28 -22.32
C ASP A 597 -29.82 44.56 -23.40
N ASP A 598 -29.13 44.05 -24.42
CA ASP A 598 -29.81 43.35 -25.52
C ASP A 598 -29.73 41.84 -25.31
N PRO A 599 -30.89 41.19 -25.06
CA PRO A 599 -30.85 39.79 -24.74
C PRO A 599 -30.51 38.91 -25.94
N ALA A 600 -30.57 39.46 -27.14
CA ALA A 600 -30.14 38.69 -28.31
C ALA A 600 -28.61 38.52 -28.35
N CYS A 601 -27.89 39.31 -27.56
CA CYS A 601 -26.43 39.28 -27.62
C CYS A 601 -25.70 38.31 -26.66
N ASP A 602 -26.41 37.67 -25.72
CA ASP A 602 -25.80 36.88 -24.64
C ASP A 602 -24.81 35.82 -25.13
N TYR A 603 -25.13 35.12 -26.19
CA TYR A 603 -24.31 34.00 -26.64
C TYR A 603 -23.54 34.21 -27.96
N LEU A 604 -23.49 35.45 -28.47
CA LEU A 604 -22.96 35.74 -29.78
C LEU A 604 -21.46 35.63 -29.69
N ASP A 605 -20.89 34.65 -30.39
CA ASP A 605 -19.45 34.41 -30.38
C ASP A 605 -18.75 34.32 -31.75
N ARG A 606 -19.48 34.60 -32.84
CA ARG A 606 -18.98 34.52 -34.19
C ARG A 606 -18.95 35.92 -34.81
N GLN A 607 -19.10 36.94 -33.98
CA GLN A 607 -19.00 38.31 -34.45
C GLN A 607 -18.56 39.13 -33.25
N TYR A 608 -18.24 40.37 -33.51
CA TYR A 608 -17.67 41.23 -32.50
C TYR A 608 -17.73 42.67 -32.90
N MET A 609 -17.52 43.55 -31.94
CA MET A 609 -17.32 44.94 -32.21
C MET A 609 -15.84 45.25 -32.20
N LEU A 610 -15.39 45.99 -33.20
CA LEU A 610 -14.01 46.48 -33.25
C LEU A 610 -14.05 47.94 -32.93
N GLY A 611 -13.76 48.28 -31.70
CA GLY A 611 -14.03 49.58 -31.17
C GLY A 611 -15.50 49.81 -30.96
N ASP A 612 -15.82 51.05 -30.61
CA ASP A 612 -17.18 51.45 -30.31
C ASP A 612 -18.13 51.28 -31.47
N ASN A 613 -17.66 51.50 -32.71
CA ASN A 613 -18.60 51.76 -33.81
C ASN A 613 -18.71 50.79 -34.97
N VAL A 614 -17.89 49.73 -34.99
CA VAL A 614 -17.97 48.84 -36.16
C VAL A 614 -18.18 47.40 -35.74
N MET A 615 -19.23 46.77 -36.30
CA MET A 615 -19.46 45.34 -36.13
C MET A 615 -18.80 44.51 -37.24
N VAL A 616 -17.96 43.57 -36.85
CA VAL A 616 -17.40 42.66 -37.80
C VAL A 616 -17.80 41.23 -37.56
N ALA A 617 -18.16 40.59 -38.67
CA ALA A 617 -18.65 39.19 -38.64
C ALA A 617 -17.85 38.36 -39.66
N PRO A 618 -16.76 37.70 -39.21
CA PRO A 618 -15.99 36.88 -40.15
C PRO A 618 -16.84 35.83 -40.85
N VAL A 619 -16.38 35.36 -42.00
CA VAL A 619 -17.11 34.43 -42.83
C VAL A 619 -16.47 33.07 -42.70
N PHE A 620 -17.26 32.08 -42.24
CA PHE A 620 -16.71 30.78 -41.82
C PHE A 620 -17.09 29.67 -42.81
N THR A 621 -17.28 30.05 -44.09
CA THR A 621 -17.68 29.10 -45.16
C THR A 621 -16.93 29.50 -46.39
N GLU A 622 -16.68 28.53 -47.27
CA GLU A 622 -16.00 28.79 -48.55
C GLU A 622 -16.94 29.56 -49.48
N ALA A 623 -18.18 29.08 -49.53
CA ALA A 623 -19.23 29.71 -50.33
C ALA A 623 -19.55 31.16 -49.97
N GLY A 624 -19.21 31.63 -48.77
CA GLY A 624 -19.45 32.99 -48.41
C GLY A 624 -20.73 33.25 -47.62
N ASP A 625 -21.47 32.21 -47.26
CA ASP A 625 -22.68 32.37 -46.42
C ASP A 625 -22.25 32.76 -44.99
N VAL A 626 -22.93 33.75 -44.41
CA VAL A 626 -22.65 34.23 -43.09
C VAL A 626 -23.97 34.76 -42.51
N GLN A 627 -24.22 34.38 -41.27
CA GLN A 627 -25.32 34.94 -40.50
C GLN A 627 -24.82 35.68 -39.31
N PHE A 628 -25.39 36.86 -39.09
CA PHE A 628 -25.03 37.71 -37.99
C PHE A 628 -26.21 38.50 -37.43
N TYR A 629 -26.02 39.05 -36.22
CA TYR A 629 -27.05 39.84 -35.52
C TYR A 629 -26.67 41.30 -35.44
N LEU A 630 -27.63 42.18 -35.69
CA LEU A 630 -27.39 43.59 -35.53
C LEU A 630 -28.28 44.13 -34.42
N PRO A 631 -27.68 44.80 -33.42
CA PRO A 631 -28.48 45.52 -32.43
C PRO A 631 -29.23 46.72 -33.02
N GLU A 632 -30.18 47.25 -32.27
CA GLU A 632 -31.05 48.37 -32.73
C GLU A 632 -30.28 49.48 -33.44
N GLY A 633 -30.88 50.03 -34.50
CA GLY A 633 -30.22 51.08 -35.27
C GLY A 633 -30.17 50.75 -36.75
N ARG A 634 -29.87 51.78 -37.54
CA ARG A 634 -29.66 51.59 -38.97
C ARG A 634 -28.16 51.61 -39.25
N TRP A 635 -27.64 50.43 -39.52
CA TRP A 635 -26.23 50.20 -39.79
C TRP A 635 -25.89 50.34 -41.27
N THR A 636 -24.66 50.73 -41.53
CA THR A 636 -24.16 50.97 -42.87
C THR A 636 -22.84 50.23 -43.15
N HIS A 637 -22.73 49.55 -44.30
CA HIS A 637 -21.49 48.80 -44.58
C HIS A 637 -20.37 49.75 -44.81
N LEU A 638 -19.22 49.45 -44.23
CA LEU A 638 -18.13 50.37 -44.15
C LEU A 638 -17.69 50.84 -45.55
N TRP A 639 -17.66 49.94 -46.53
CA TRP A 639 -17.34 50.36 -47.89
C TRP A 639 -18.39 50.04 -48.91
N HIS A 640 -19.30 49.06 -48.72
CA HIS A 640 -20.41 48.87 -49.67
C HIS A 640 -21.50 49.94 -49.51
N ASN A 641 -21.59 50.56 -48.34
CA ASN A 641 -22.66 51.54 -48.01
C ASN A 641 -24.11 51.07 -48.00
N ASP A 642 -24.32 49.78 -48.15
CA ASP A 642 -25.68 49.29 -47.98
C ASP A 642 -26.02 49.34 -46.50
N GLU A 643 -27.32 49.56 -46.22
CA GLU A 643 -27.86 49.72 -44.88
C GLU A 643 -28.70 48.54 -44.47
N LEU A 644 -28.72 48.27 -43.16
CA LEU A 644 -29.53 47.21 -42.56
C LEU A 644 -30.13 47.70 -41.27
N ASP A 645 -31.35 47.26 -41.00
CA ASP A 645 -31.94 47.63 -39.74
C ASP A 645 -31.65 46.56 -38.72
N GLY A 646 -31.59 46.98 -37.47
CA GLY A 646 -31.16 46.13 -36.41
C GLY A 646 -32.27 45.53 -35.60
N SER A 647 -31.85 45.05 -34.45
CA SER A 647 -32.68 44.33 -33.54
C SER A 647 -33.18 43.02 -34.21
N ARG A 648 -32.30 42.46 -35.05
CA ARG A 648 -32.59 41.20 -35.75
C ARG A 648 -31.39 40.55 -36.40
N TRP A 649 -31.57 39.29 -36.79
CA TRP A 649 -30.57 38.55 -37.53
C TRP A 649 -30.63 38.79 -39.02
N HIS A 650 -29.44 38.75 -39.62
CA HIS A 650 -29.25 38.88 -41.07
C HIS A 650 -28.44 37.76 -41.66
N LYS A 651 -28.78 37.41 -42.90
CA LYS A 651 -28.05 36.40 -43.66
C LYS A 651 -27.58 36.97 -45.01
N GLN A 652 -26.27 36.89 -45.26
CA GLN A 652 -25.67 37.34 -46.49
C GLN A 652 -24.67 36.33 -47.11
N GLN A 653 -24.35 36.59 -48.37
CA GLN A 653 -23.28 35.89 -49.08
C GLN A 653 -22.18 36.90 -49.51
N HIS A 654 -20.93 36.66 -49.08
CA HIS A 654 -19.81 37.55 -49.41
C HIS A 654 -18.68 36.82 -50.14
N GLY A 655 -18.10 37.49 -51.13
CA GLY A 655 -16.95 36.99 -51.83
C GLY A 655 -15.74 37.24 -50.95
N PHE A 656 -14.60 36.79 -51.41
CA PHE A 656 -13.37 36.83 -50.64
C PHE A 656 -12.81 38.25 -50.33
N LEU A 657 -13.28 39.26 -51.06
CA LEU A 657 -12.91 40.66 -50.77
C LEU A 657 -13.97 41.33 -49.86
N SER A 658 -14.83 40.53 -49.22
CA SER A 658 -15.94 41.07 -48.44
C SER A 658 -16.29 40.25 -47.24
N LEU A 659 -16.95 40.92 -46.30
CA LEU A 659 -17.56 40.31 -45.15
C LEU A 659 -18.38 41.45 -44.52
N PRO A 660 -19.33 41.07 -43.65
CA PRO A 660 -20.08 42.10 -42.90
C PRO A 660 -19.18 42.96 -41.98
N VAL A 661 -19.14 44.26 -42.26
CA VAL A 661 -18.39 45.22 -41.51
C VAL A 661 -19.31 46.45 -41.48
N TYR A 662 -20.10 46.56 -40.41
CA TYR A 662 -21.24 47.49 -40.36
C TYR A 662 -21.00 48.56 -39.33
N VAL A 663 -21.25 49.79 -39.76
CA VAL A 663 -20.98 50.96 -38.93
C VAL A 663 -22.31 51.41 -38.36
N ARG A 664 -22.33 51.62 -37.04
CA ARG A 664 -23.52 52.12 -36.32
C ARG A 664 -23.99 53.45 -36.82
N ASP A 665 -25.28 53.69 -36.64
CA ASP A 665 -25.87 54.99 -36.86
C ASP A 665 -25.36 56.03 -35.86
N ASN A 666 -25.59 57.29 -36.18
CA ASN A 666 -25.07 58.42 -35.37
C ASN A 666 -23.56 58.37 -35.07
N THR A 667 -22.79 58.06 -36.10
CA THR A 667 -21.35 57.86 -36.01
C THR A 667 -20.60 58.82 -36.93
N LEU A 668 -19.52 59.38 -36.41
CA LEU A 668 -18.61 60.18 -37.20
C LEU A 668 -17.25 59.52 -37.06
N LEU A 669 -16.69 59.10 -38.20
CA LEU A 669 -15.57 58.17 -38.23
C LEU A 669 -14.43 58.73 -39.05
N ALA A 670 -13.21 58.68 -38.53
CA ALA A 670 -12.03 59.19 -39.26
C ALA A 670 -11.23 58.12 -39.96
N LEU A 671 -11.13 58.26 -41.28
CA LEU A 671 -10.25 57.47 -42.10
C LEU A 671 -9.10 58.35 -42.54
N GLY A 672 -7.96 57.73 -42.79
CA GLY A 672 -6.78 58.50 -43.14
C GLY A 672 -6.44 58.42 -44.60
N ASN A 673 -5.40 59.15 -44.97
CA ASN A 673 -5.04 59.28 -46.37
C ASN A 673 -3.79 58.49 -46.68
N ASN A 674 -3.52 57.44 -45.92
CA ASN A 674 -2.37 56.56 -46.20
C ASN A 674 -2.88 55.13 -46.06
N ASP A 675 -2.67 54.32 -47.09
CA ASP A 675 -3.09 52.90 -47.08
C ASP A 675 -1.88 51.99 -47.19
N GLN A 676 -0.68 52.53 -46.90
CA GLN A 676 0.57 51.79 -47.03
C GLN A 676 1.29 51.43 -45.74
N ARG A 677 1.01 52.19 -44.67
CA ARG A 677 1.56 52.00 -43.33
C ARG A 677 0.56 52.45 -42.26
N PRO A 678 0.62 51.87 -41.05
CA PRO A 678 -0.33 52.30 -40.01
C PRO A 678 0.13 53.58 -39.28
N ASP A 679 1.42 53.84 -39.32
CA ASP A 679 2.00 54.93 -38.54
C ASP A 679 2.28 56.16 -39.41
N TYR A 680 1.38 57.13 -39.34
CA TYR A 680 1.45 58.33 -40.17
C TYR A 680 0.64 59.39 -39.52
N VAL A 681 0.64 60.61 -40.06
CA VAL A 681 0.06 61.71 -39.30
C VAL A 681 -1.40 61.78 -39.59
N TRP A 682 -2.19 61.23 -38.66
CA TRP A 682 -3.61 60.92 -38.94
C TRP A 682 -4.50 62.17 -39.11
N HIS A 683 -4.13 63.23 -38.43
CA HIS A 683 -4.89 64.47 -38.43
C HIS A 683 -4.55 65.40 -39.62
N GLU A 684 -3.74 64.94 -40.57
CA GLU A 684 -3.61 65.66 -41.84
C GLU A 684 -4.13 64.80 -42.98
N GLY A 685 -5.00 65.38 -43.80
CA GLY A 685 -5.60 64.62 -44.91
C GLY A 685 -6.80 63.79 -44.50
N THR A 686 -7.25 64.01 -43.27
CA THR A 686 -8.25 63.18 -42.69
C THR A 686 -9.54 63.26 -43.48
N ALA A 687 -10.11 62.10 -43.78
CA ALA A 687 -11.44 61.95 -44.37
C ALA A 687 -12.46 61.49 -43.34
N PHE A 688 -13.32 62.41 -42.94
CA PHE A 688 -14.35 62.08 -42.01
C PHE A 688 -15.56 61.58 -42.74
N HIS A 689 -16.32 60.74 -42.05
CA HIS A 689 -17.49 60.10 -42.61
C HIS A 689 -18.61 60.03 -41.57
N LEU A 690 -19.73 60.65 -41.94
CA LEU A 690 -20.87 60.75 -41.08
C LEU A 690 -21.94 59.81 -41.56
N PHE A 691 -22.36 58.94 -40.65
CA PHE A 691 -23.29 57.85 -40.93
C PHE A 691 -24.59 58.03 -40.15
N ASN A 692 -25.71 58.07 -40.87
CA ASN A 692 -27.05 58.13 -40.28
C ASN A 692 -27.21 59.00 -38.99
N LEU A 693 -26.91 60.28 -39.12
CA LEU A 693 -27.08 61.21 -38.00
C LEU A 693 -28.56 61.51 -37.85
N GLN A 694 -29.17 61.12 -36.75
CA GLN A 694 -30.60 61.38 -36.62
C GLN A 694 -30.82 62.75 -35.99
N ASP A 695 -32.02 63.25 -36.14
CA ASP A 695 -32.44 64.52 -35.54
C ASP A 695 -32.36 64.42 -34.02
N GLY A 696 -31.75 65.42 -33.39
CA GLY A 696 -31.59 65.40 -31.95
C GLY A 696 -30.29 64.77 -31.48
N HIS A 697 -29.49 64.19 -32.39
CA HIS A 697 -28.28 63.47 -31.98
C HIS A 697 -27.06 64.26 -32.32
N GLU A 698 -25.95 63.84 -31.73
CA GLU A 698 -24.64 64.41 -32.00
C GLU A 698 -23.66 63.24 -32.14
N ALA A 699 -22.75 63.32 -33.11
CA ALA A 699 -21.72 62.30 -33.32
C ALA A 699 -20.42 62.98 -33.04
N VAL A 700 -19.55 62.34 -32.28
CA VAL A 700 -18.22 62.91 -31.95
C VAL A 700 -17.13 61.99 -32.51
N CYS A 701 -16.08 62.62 -33.02
CA CYS A 701 -14.94 61.93 -33.52
C CYS A 701 -13.71 62.52 -32.87
N GLU A 702 -12.90 61.69 -32.23
CA GLU A 702 -11.64 62.13 -31.66
C GLU A 702 -10.45 61.55 -32.40
N VAL A 703 -9.68 62.42 -33.03
CA VAL A 703 -8.51 61.97 -33.75
C VAL A 703 -7.31 62.02 -32.80
N PRO A 704 -6.58 60.90 -32.70
CA PRO A 704 -5.50 60.86 -31.74
C PRO A 704 -4.16 61.27 -32.35
N ALA A 705 -3.26 61.68 -31.45
CA ALA A 705 -1.89 61.83 -31.76
C ALA A 705 -1.20 60.47 -31.65
N ALA A 706 0.07 60.44 -32.02
CA ALA A 706 0.91 59.26 -31.93
C ALA A 706 0.93 58.66 -30.54
N ASP A 707 0.71 59.49 -29.52
CA ASP A 707 0.76 59.00 -28.14
C ASP A 707 -0.63 58.65 -27.60
N GLY A 708 -1.62 58.76 -28.48
CA GLY A 708 -2.98 58.36 -28.19
C GLY A 708 -3.82 59.44 -27.56
N SER A 709 -3.21 60.57 -27.23
CA SER A 709 -3.98 61.72 -26.74
C SER A 709 -4.85 62.28 -27.88
N VAL A 710 -5.91 63.01 -27.52
CA VAL A 710 -6.83 63.52 -28.52
C VAL A 710 -6.26 64.84 -29.03
N ILE A 711 -5.81 64.86 -30.29
CA ILE A 711 -5.30 66.08 -30.91
C ILE A 711 -6.36 66.95 -31.62
N PHE A 712 -7.41 66.32 -32.11
CA PHE A 712 -8.51 67.02 -32.79
C PHE A 712 -9.81 66.35 -32.51
N THR A 713 -10.86 67.14 -32.26
CA THR A 713 -12.20 66.61 -32.09
C THR A 713 -13.13 67.29 -33.09
N LEU A 714 -13.93 66.50 -33.80
CA LEU A 714 -14.99 67.03 -34.69
C LEU A 714 -16.32 66.57 -34.15
N LYS A 715 -17.31 67.45 -34.22
CA LYS A 715 -18.65 67.14 -33.75
C LYS A 715 -19.67 67.56 -34.80
N ALA A 716 -20.64 66.69 -35.03
CA ALA A 716 -21.75 66.92 -35.95
C ALA A 716 -23.05 66.80 -35.18
N ALA A 717 -23.83 67.85 -35.13
CA ALA A 717 -25.04 67.87 -34.31
C ALA A 717 -26.21 68.19 -35.23
N ARG A 718 -27.28 67.44 -35.10
CA ARG A 718 -28.44 67.70 -35.91
C ARG A 718 -29.59 68.19 -35.06
N THR A 719 -30.16 69.32 -35.51
CA THR A 719 -31.45 69.78 -35.00
C THR A 719 -32.33 70.13 -36.22
N GLY A 720 -33.48 69.47 -36.32
CA GLY A 720 -34.34 69.62 -37.49
C GLY A 720 -33.66 69.10 -38.74
N ASN A 721 -33.48 69.94 -39.76
CA ASN A 721 -32.74 69.56 -40.97
C ASN A 721 -31.37 70.25 -41.12
N THR A 722 -30.92 70.87 -40.03
CA THR A 722 -29.63 71.57 -40.00
C THR A 722 -28.60 70.77 -39.21
N ILE A 723 -27.49 70.42 -39.83
CA ILE A 723 -26.41 69.84 -39.05
C ILE A 723 -25.29 70.84 -38.91
N THR A 724 -24.90 71.03 -37.66
CA THR A 724 -23.88 71.99 -37.30
C THR A 724 -22.58 71.25 -37.03
N VAL A 725 -21.51 71.66 -37.69
CA VAL A 725 -20.22 71.01 -37.53
C VAL A 725 -19.17 71.90 -36.84
N THR A 726 -18.58 71.37 -35.75
CA THR A 726 -17.55 72.08 -35.00
C THR A 726 -16.34 71.20 -34.68
N GLY A 727 -15.17 71.73 -35.00
CA GLY A 727 -13.91 71.09 -34.73
C GLY A 727 -13.08 71.87 -33.71
N ALA A 728 -12.35 71.15 -32.86
CA ALA A 728 -11.50 71.76 -31.83
C ALA A 728 -10.19 71.01 -31.79
N GLY A 729 -9.07 71.75 -31.86
CA GLY A 729 -7.73 71.19 -31.85
C GLY A 729 -6.98 71.41 -33.16
N GLU A 730 -6.08 70.49 -33.48
CA GLU A 730 -5.20 70.65 -34.62
C GLU A 730 -5.45 69.61 -35.74
N ALA A 731 -5.80 70.08 -36.95
CA ALA A 731 -5.94 69.19 -38.13
C ALA A 731 -5.85 70.00 -39.43
N LYS A 732 -5.36 69.38 -40.51
CA LYS A 732 -5.17 70.07 -41.78
C LYS A 732 -5.82 69.31 -42.91
N ASN A 733 -6.40 70.06 -43.85
CA ASN A 733 -6.82 69.50 -45.12
C ASN A 733 -7.72 68.29 -45.01
N TRP A 734 -8.74 68.45 -44.20
CA TRP A 734 -9.69 67.40 -44.00
C TRP A 734 -10.98 67.66 -44.71
N THR A 735 -11.80 66.63 -44.73
CA THR A 735 -13.00 66.65 -45.52
C THR A 735 -14.05 65.85 -44.77
N LEU A 736 -15.32 66.16 -44.98
CA LEU A 736 -16.44 65.47 -44.29
C LEU A 736 -17.36 64.85 -45.32
N CYS A 737 -17.50 63.52 -45.30
CA CYS A 737 -18.39 62.81 -46.24
C CYS A 737 -19.75 62.49 -45.64
N LEU A 738 -20.82 62.90 -46.30
CA LEU A 738 -22.14 62.63 -45.80
C LEU A 738 -22.64 61.35 -46.42
N ARG A 739 -22.40 60.23 -45.72
CA ARG A 739 -22.53 58.92 -46.35
C ARG A 739 -23.98 58.76 -46.78
N ASN A 740 -24.15 58.31 -48.03
CA ASN A 740 -25.46 58.03 -48.63
C ASN A 740 -26.41 59.23 -48.79
N VAL A 741 -25.85 60.42 -48.79
CA VAL A 741 -26.58 61.65 -49.02
C VAL A 741 -26.08 62.18 -50.35
N VAL A 742 -26.99 62.21 -51.32
CA VAL A 742 -26.62 62.60 -52.69
C VAL A 742 -26.80 64.07 -52.95
N LYS A 743 -27.64 64.75 -52.16
CA LYS A 743 -27.98 66.14 -52.44
C LYS A 743 -28.23 66.93 -51.17
N VAL A 744 -27.75 68.17 -51.17
CA VAL A 744 -27.98 69.09 -50.06
C VAL A 744 -28.67 70.39 -50.52
N ASN A 745 -29.56 70.86 -49.66
CA ASN A 745 -30.27 72.12 -49.86
C ASN A 745 -29.37 73.31 -49.76
N GLY A 746 -28.39 73.26 -48.87
CA GLY A 746 -27.45 74.32 -48.76
C GLY A 746 -26.37 74.06 -47.74
N LEU A 747 -25.37 74.92 -47.77
CA LEU A 747 -24.16 74.72 -47.06
C LEU A 747 -23.65 76.12 -46.69
N GLN A 748 -23.44 76.40 -45.40
CA GLN A 748 -22.72 77.64 -44.99
C GLN A 748 -21.28 77.28 -44.57
N ASP A 749 -20.31 78.06 -45.02
CA ASP A 749 -18.89 77.88 -44.68
C ASP A 749 -18.22 76.57 -45.18
N GLY A 750 -18.57 76.12 -46.39
CA GLY A 750 -17.81 75.06 -47.08
C GLY A 750 -18.15 74.83 -48.55
N SER A 751 -17.27 74.17 -49.30
CA SER A 751 -17.58 73.69 -50.66
C SER A 751 -18.07 72.24 -50.70
N GLN A 752 -18.67 71.83 -51.81
CA GLN A 752 -19.19 70.48 -51.95
C GLN A 752 -18.90 69.83 -53.29
N ALA A 753 -18.92 68.50 -53.29
CA ALA A 753 -18.65 67.70 -54.47
C ALA A 753 -19.24 66.30 -54.35
N GLU A 754 -19.74 65.77 -55.45
CA GLU A 754 -20.30 64.42 -55.49
C GLU A 754 -19.22 63.36 -55.23
N SER A 755 -19.62 62.27 -54.53
CA SER A 755 -18.85 61.02 -54.48
C SER A 755 -19.78 59.81 -54.53
N GLU A 756 -19.19 58.69 -54.87
CA GLU A 756 -19.91 57.42 -54.92
C GLU A 756 -20.61 57.10 -53.55
N GLN A 757 -19.94 57.45 -52.45
CA GLN A 757 -20.45 57.19 -51.08
C GLN A 757 -21.31 58.32 -50.52
N GLY A 758 -21.40 59.43 -51.25
CA GLY A 758 -22.18 60.61 -50.89
C GLY A 758 -21.40 61.92 -50.93
N LEU A 759 -22.14 63.00 -50.78
CA LEU A 759 -21.55 64.34 -50.82
C LEU A 759 -20.30 64.52 -49.94
N VAL A 760 -19.21 64.97 -50.54
CA VAL A 760 -18.01 65.34 -49.80
C VAL A 760 -17.88 66.87 -49.61
N VAL A 761 -18.01 67.28 -48.36
CA VAL A 761 -17.96 68.69 -47.99
C VAL A 761 -16.54 69.04 -47.58
N LYS A 762 -16.07 70.19 -48.07
CA LYS A 762 -14.76 70.76 -47.68
C LYS A 762 -15.03 72.04 -46.90
N PRO A 763 -14.42 72.21 -45.72
CA PRO A 763 -14.76 73.36 -44.87
C PRO A 763 -14.00 74.62 -45.27
N GLN A 764 -14.61 75.78 -44.99
CA GLN A 764 -13.91 77.08 -44.95
C GLN A 764 -14.61 78.12 -44.08
N GLY A 765 -14.26 78.14 -42.79
CA GLY A 765 -14.75 79.15 -41.83
C GLY A 765 -15.17 78.55 -40.48
N ASN A 766 -15.89 77.44 -40.57
CA ASN A 766 -16.50 76.79 -39.40
C ASN A 766 -17.71 77.61 -38.86
N ALA A 767 -18.74 77.59 -39.69
CA ALA A 767 -20.05 77.17 -39.29
C ALA A 767 -20.09 75.67 -39.72
N LEU A 768 -19.28 75.39 -40.72
CA LEU A 768 -19.51 74.29 -41.62
C LEU A 768 -20.95 73.77 -41.67
N THR A 769 -21.95 74.59 -41.36
CA THR A 769 -23.30 74.09 -41.26
C THR A 769 -23.80 73.60 -42.63
N ILE A 770 -24.55 72.51 -42.63
CA ILE A 770 -25.12 71.96 -43.86
C ILE A 770 -26.64 71.86 -43.67
N THR A 771 -27.40 72.18 -44.72
CA THR A 771 -28.87 72.06 -44.68
C THR A 771 -29.38 70.92 -45.58
N LEU A 772 -30.05 69.95 -44.95
CA LEU A 772 -30.60 68.79 -45.64
C LEU A 772 -31.86 69.16 -46.43
N HIS A 773 -32.27 68.27 -47.33
CA HIS A 773 -33.58 68.33 -47.98
C HIS A 773 -34.66 67.86 -47.01
N MET B 1 21.92 -6.52 -14.48
CA MET B 1 20.52 -6.08 -14.37
C MET B 1 19.80 -6.41 -15.68
N LYS B 2 18.65 -7.03 -15.55
CA LYS B 2 17.90 -7.41 -16.72
C LYS B 2 17.26 -6.17 -17.42
N ILE B 3 17.61 -6.01 -18.68
CA ILE B 3 17.07 -4.91 -19.49
C ILE B 3 16.16 -5.50 -20.54
N SER B 4 16.71 -6.29 -21.44
CA SER B 4 15.90 -6.96 -22.45
C SER B 4 15.14 -8.11 -21.80
N ASP B 5 14.04 -8.54 -22.45
CA ASP B 5 13.31 -9.78 -22.10
C ASP B 5 13.35 -10.69 -23.32
N GLY B 6 14.46 -11.42 -23.44
CA GLY B 6 14.76 -12.10 -24.70
C GLY B 6 15.05 -11.15 -25.88
N ASN B 7 15.15 -11.71 -27.09
CA ASN B 7 15.49 -10.88 -28.23
C ASN B 7 14.44 -9.84 -28.59
N TRP B 8 13.17 -10.19 -28.42
CA TRP B 8 12.06 -9.43 -29.01
C TRP B 8 11.44 -8.43 -28.05
N LEU B 9 11.66 -8.58 -26.76
CA LEU B 9 10.92 -7.81 -25.76
C LEU B 9 11.80 -7.08 -24.78
N ILE B 10 11.18 -6.20 -24.01
CA ILE B 10 11.83 -5.43 -22.92
C ILE B 10 11.15 -5.74 -21.56
N GLN B 11 11.91 -5.78 -20.47
CA GLN B 11 11.34 -6.02 -19.15
C GLN B 11 10.19 -5.02 -18.94
N PRO B 12 9.08 -5.50 -18.34
CA PRO B 12 7.91 -4.64 -18.14
C PRO B 12 8.26 -3.45 -17.26
N GLY B 13 7.77 -2.28 -17.67
CA GLY B 13 8.00 -1.01 -16.97
C GLY B 13 9.30 -0.26 -17.23
N LEU B 14 10.24 -0.84 -17.99
CA LEU B 14 11.41 -0.13 -18.47
C LEU B 14 11.13 0.54 -19.82
N ASN B 15 11.41 1.83 -19.89
CA ASN B 15 11.37 2.58 -21.12
C ASN B 15 12.82 2.83 -21.49
N LEU B 16 13.20 2.46 -22.73
CA LEU B 16 14.57 2.59 -23.20
C LEU B 16 14.72 3.67 -24.26
N ILE B 17 15.83 4.41 -24.24
CA ILE B 17 16.17 5.25 -25.39
C ILE B 17 17.65 5.08 -25.69
N HIS B 18 17.98 5.10 -26.99
CA HIS B 18 19.31 4.75 -27.50
C HIS B 18 19.85 5.84 -28.42
N PRO B 19 21.16 6.06 -28.43
CA PRO B 19 21.74 6.85 -29.52
C PRO B 19 21.72 6.05 -30.83
N LEU B 20 21.04 6.61 -31.84
CA LEU B 20 20.77 5.89 -33.09
C LEU B 20 21.17 6.73 -34.35
N GLN B 21 21.50 8.00 -34.20
CA GLN B 21 21.91 8.86 -35.33
C GLN B 21 22.79 10.01 -34.89
N VAL B 22 23.93 10.18 -35.53
CA VAL B 22 24.80 11.35 -35.32
C VAL B 22 24.07 12.62 -35.82
N PHE B 23 23.87 13.59 -34.92
CA PHE B 23 23.39 14.92 -35.31
C PHE B 23 24.55 15.88 -35.61
N GLU B 24 25.58 15.85 -34.79
CA GLU B 24 26.68 16.77 -34.93
C GLU B 24 27.88 16.21 -34.26
N VAL B 25 29.05 16.58 -34.77
CA VAL B 25 30.34 16.30 -34.17
C VAL B 25 31.08 17.63 -33.97
N GLU B 26 31.82 17.72 -32.90
CA GLU B 26 32.56 18.92 -32.55
C GLU B 26 33.86 18.45 -31.93
N GLN B 27 34.98 19.01 -32.38
CA GLN B 27 36.30 18.76 -31.79
C GLN B 27 36.61 19.90 -30.83
N GLN B 28 36.98 19.54 -29.61
CA GLN B 28 37.26 20.50 -28.52
C GLN B 28 38.66 20.17 -27.99
N ASP B 29 39.63 20.92 -28.51
CA ASP B 29 41.04 20.60 -28.35
C ASP B 29 41.34 19.12 -28.66
N ASN B 30 41.77 18.34 -27.66
CA ASN B 30 42.11 16.93 -27.89
C ASN B 30 40.96 15.95 -27.53
N GLU B 31 39.71 16.42 -27.61
CA GLU B 31 38.52 15.61 -27.32
C GLU B 31 37.49 15.76 -28.46
N MET B 32 36.71 14.72 -28.64
CA MET B 32 35.72 14.66 -29.69
C MET B 32 34.33 14.49 -29.03
N VAL B 33 33.34 15.28 -29.47
CA VAL B 33 31.99 15.25 -28.89
C VAL B 33 31.01 14.91 -30.01
N VAL B 34 30.23 13.84 -29.81
CA VAL B 34 29.24 13.40 -30.77
C VAL B 34 27.88 13.57 -30.10
N TYR B 35 27.01 14.34 -30.72
CA TYR B 35 25.64 14.49 -30.29
C TYR B 35 24.85 13.54 -31.14
N ALA B 36 24.10 12.65 -30.48
CA ALA B 36 23.36 11.57 -31.11
C ALA B 36 21.93 11.52 -30.66
N ALA B 37 21.02 11.48 -31.61
CA ALA B 37 19.60 11.53 -31.33
C ALA B 37 19.10 10.11 -31.25
N PRO B 38 18.00 9.89 -30.50
CA PRO B 38 17.34 8.62 -30.39
C PRO B 38 16.32 8.32 -31.50
N ARG B 39 16.24 9.20 -32.49
CA ARG B 39 15.40 9.01 -33.67
C ARG B 39 15.94 9.85 -34.80
N ASP B 40 15.28 9.79 -35.97
CA ASP B 40 15.73 10.46 -37.17
C ASP B 40 15.42 11.92 -37.03
N VAL B 41 16.46 12.75 -37.01
CA VAL B 41 16.34 14.22 -36.87
C VAL B 41 16.99 15.01 -38.02
N ARG B 42 17.04 14.35 -39.19
CA ARG B 42 17.52 14.97 -40.42
C ARG B 42 16.68 16.19 -40.77
N GLU B 43 15.39 16.12 -40.47
CA GLU B 43 14.46 17.22 -40.78
C GLU B 43 14.14 18.09 -39.56
N ARG B 44 14.10 19.39 -39.78
CA ARG B 44 13.97 20.37 -38.67
C ARG B 44 12.68 20.19 -37.88
N THR B 45 11.63 19.75 -38.56
CA THR B 45 10.33 19.45 -37.90
C THR B 45 10.48 18.50 -36.71
N TRP B 46 11.44 17.58 -36.81
CA TRP B 46 11.74 16.57 -35.78
C TRP B 46 12.90 16.92 -34.82
N GLN B 47 13.46 18.13 -34.96
CA GLN B 47 14.62 18.56 -34.15
C GLN B 47 14.17 19.26 -32.85
N LEU B 48 13.24 18.62 -32.16
CA LEU B 48 12.64 19.12 -30.93
C LEU B 48 11.71 18.03 -30.36
N ASP B 49 11.24 18.20 -29.11
CA ASP B 49 10.56 17.12 -28.38
C ASP B 49 11.21 15.75 -28.56
N THR B 50 12.50 15.72 -28.28
CA THR B 50 13.31 14.49 -28.32
C THR B 50 14.46 14.60 -27.30
N PRO B 51 14.78 13.50 -26.64
CA PRO B 51 16.06 13.47 -25.93
C PRO B 51 17.26 13.54 -26.89
N LEU B 52 18.44 13.76 -26.36
CA LEU B 52 19.66 13.79 -27.16
C LEU B 52 20.78 13.29 -26.26
N PHE B 53 21.65 12.44 -26.76
CA PHE B 53 22.80 11.92 -26.00
C PHE B 53 24.01 12.74 -26.37
N THR B 54 24.88 12.97 -25.40
CA THR B 54 26.17 13.63 -25.63
C THR B 54 27.26 12.62 -25.35
N LEU B 55 27.96 12.15 -26.37
CA LEU B 55 29.10 11.26 -26.16
C LEU B 55 30.39 12.06 -26.28
N ARG B 56 31.28 11.94 -25.29
CA ARG B 56 32.60 12.53 -25.32
C ARG B 56 33.69 11.48 -25.32
N PHE B 57 34.66 11.67 -26.21
CA PHE B 57 35.80 10.79 -26.36
C PHE B 57 37.07 11.57 -26.01
N PHE B 58 37.96 10.89 -25.29
CA PHE B 58 39.13 11.50 -24.69
C PHE B 58 40.13 10.41 -24.32
N SER B 59 41.40 10.79 -24.17
CA SER B 59 42.42 9.80 -23.79
C SER B 59 43.23 10.22 -22.57
N PRO B 60 43.10 9.49 -21.45
CA PRO B 60 43.83 9.72 -20.20
C PRO B 60 45.30 9.31 -20.27
N GLN B 61 45.58 8.31 -21.10
CA GLN B 61 46.88 7.69 -21.28
C GLN B 61 46.88 7.12 -22.73
N GLU B 62 48.04 7.06 -23.37
CA GLU B 62 48.22 6.47 -24.71
C GLU B 62 47.65 5.08 -24.75
N GLY B 63 46.79 4.80 -25.72
CA GLY B 63 46.26 3.41 -25.87
C GLY B 63 45.06 3.15 -25.00
N ILE B 64 44.59 4.19 -24.34
CA ILE B 64 43.33 4.19 -23.62
C ILE B 64 42.37 5.22 -24.19
N VAL B 65 41.19 4.74 -24.53
CA VAL B 65 40.12 5.61 -24.99
C VAL B 65 38.95 5.60 -24.01
N GLY B 66 38.69 6.78 -23.46
CA GLY B 66 37.59 7.07 -22.57
C GLY B 66 36.36 7.48 -23.37
N VAL B 67 35.21 7.07 -22.85
CA VAL B 67 33.94 7.22 -23.54
C VAL B 67 32.96 7.60 -22.46
N ARG B 68 32.45 8.82 -22.49
CA ARG B 68 31.42 9.26 -21.56
C ARG B 68 30.13 9.51 -22.34
N ILE B 69 29.11 8.70 -22.06
CA ILE B 69 27.81 8.94 -22.63
C ILE B 69 26.82 9.49 -21.58
N GLU B 70 26.17 10.60 -21.89
CA GLU B 70 25.44 11.42 -20.92
C GLU B 70 24.04 11.65 -21.42
N HIS B 71 23.08 11.51 -20.53
CA HIS B 71 21.75 12.04 -20.71
C HIS B 71 21.77 13.43 -20.03
N PHE B 72 21.36 13.55 -18.78
CA PHE B 72 21.26 14.86 -18.13
C PHE B 72 22.55 15.22 -17.38
N GLN B 73 23.05 16.42 -17.59
CA GLN B 73 24.22 16.97 -16.85
C GLN B 73 23.86 17.62 -15.53
N GLY B 74 22.56 17.76 -15.26
CA GLY B 74 22.03 18.47 -14.08
C GLY B 74 22.08 17.73 -12.75
N ALA B 75 22.43 16.47 -12.80
CA ALA B 75 22.53 15.62 -11.64
C ALA B 75 23.69 16.09 -10.76
N LEU B 76 23.59 15.79 -9.47
CA LEU B 76 24.61 16.16 -8.48
C LEU B 76 26.00 15.60 -8.71
N ASN B 77 26.11 14.32 -9.04
CA ASN B 77 27.44 13.68 -9.26
C ASN B 77 28.52 14.05 -8.23
N ASN B 78 28.24 13.81 -6.96
CA ASN B 78 29.26 13.90 -5.91
C ASN B 78 30.27 12.73 -6.00
N GLY B 79 31.44 12.92 -5.39
CA GLY B 79 32.43 11.88 -5.22
C GLY B 79 32.09 10.93 -4.08
N PRO B 80 33.01 10.02 -3.76
CA PRO B 80 34.39 10.00 -4.33
C PRO B 80 34.48 9.43 -5.76
N HIS B 81 35.59 9.70 -6.43
CA HIS B 81 35.91 9.16 -7.71
C HIS B 81 37.20 8.31 -7.55
N TYR B 82 37.41 7.38 -8.46
CA TYR B 82 38.56 6.48 -8.41
C TYR B 82 39.84 7.27 -8.59
N PRO B 83 40.95 6.77 -8.02
CA PRO B 83 42.22 7.55 -8.08
C PRO B 83 42.96 7.40 -9.43
N LEU B 84 42.34 7.88 -10.50
CA LEU B 84 42.89 7.72 -11.86
C LEU B 84 44.04 8.68 -12.18
N ASN B 85 45.05 8.20 -12.88
CA ASN B 85 46.13 9.03 -13.42
C ASN B 85 45.77 9.50 -14.82
N ILE B 86 45.46 10.78 -14.91
CA ILE B 86 44.88 11.30 -16.14
C ILE B 86 45.79 12.38 -16.68
N LEU B 87 46.32 12.16 -17.88
CA LEU B 87 47.07 13.19 -18.58
C LEU B 87 46.15 14.04 -19.46
N GLN B 88 46.54 15.31 -19.60
CA GLN B 88 45.82 16.29 -20.41
C GLN B 88 46.47 16.47 -21.81
N ASP B 89 47.68 15.93 -21.96
CA ASP B 89 48.54 16.17 -23.11
C ASP B 89 48.77 14.95 -23.99
N VAL B 90 47.94 13.91 -23.88
CA VAL B 90 48.14 12.73 -24.70
C VAL B 90 47.97 13.06 -26.18
N LYS B 91 48.85 12.50 -27.00
CA LYS B 91 48.82 12.72 -28.45
C LYS B 91 47.72 11.88 -29.07
N VAL B 92 46.80 12.54 -29.77
CA VAL B 92 45.65 11.88 -30.37
C VAL B 92 45.37 12.44 -31.76
N THR B 93 44.61 11.68 -32.54
CA THR B 93 44.09 12.12 -33.82
C THR B 93 42.55 12.11 -33.77
N ILE B 94 41.96 13.16 -34.32
CA ILE B 94 40.51 13.29 -34.44
C ILE B 94 40.21 13.59 -35.91
N GLU B 95 39.43 12.71 -36.52
CA GLU B 95 39.06 12.73 -37.91
C GLU B 95 37.53 12.72 -38.04
N ASN B 96 36.99 13.86 -38.45
CA ASN B 96 35.57 14.00 -38.66
C ASN B 96 35.24 14.18 -40.14
N THR B 97 34.65 13.14 -40.70
CA THR B 97 34.36 13.06 -42.11
C THR B 97 32.86 12.79 -42.33
N GLU B 98 32.47 12.63 -43.60
CA GLU B 98 31.05 12.50 -43.97
C GLU B 98 30.58 11.15 -43.48
N ARG B 99 31.47 10.18 -43.49
CA ARG B 99 31.13 8.80 -43.15
C ARG B 99 31.22 8.55 -41.62
N TYR B 100 32.26 9.10 -40.98
CA TYR B 100 32.65 8.74 -39.64
C TYR B 100 33.10 9.90 -38.80
N ALA B 101 33.06 9.67 -37.49
CA ALA B 101 33.78 10.47 -36.52
C ALA B 101 34.74 9.52 -35.79
N GLU B 102 36.05 9.79 -35.88
CA GLU B 102 37.05 8.87 -35.31
C GLU B 102 38.10 9.54 -34.42
N PHE B 103 38.32 8.94 -33.24
CA PHE B 103 39.21 9.45 -32.18
C PHE B 103 40.24 8.35 -31.88
N LYS B 104 41.53 8.66 -32.02
CA LYS B 104 42.59 7.64 -31.96
C LYS B 104 43.65 8.04 -30.95
N SER B 105 43.99 7.10 -30.06
CA SER B 105 45.10 7.25 -29.12
C SER B 105 45.96 6.01 -29.27
N GLY B 106 47.22 6.19 -29.68
CA GLY B 106 48.11 5.04 -29.93
C GLY B 106 47.60 4.25 -31.11
N ASN B 107 47.46 2.96 -30.94
CA ASN B 107 46.91 2.13 -31.97
C ASN B 107 45.40 1.94 -31.84
N LEU B 108 44.79 2.58 -30.84
CA LEU B 108 43.39 2.30 -30.52
C LEU B 108 42.52 3.47 -30.91
N SER B 109 41.46 3.19 -31.67
CA SER B 109 40.52 4.23 -32.01
C SER B 109 39.09 3.83 -31.63
N ALA B 110 38.29 4.86 -31.39
CA ALA B 110 36.84 4.75 -31.33
C ALA B 110 36.27 5.43 -32.57
N ARG B 111 35.34 4.75 -33.24
CA ARG B 111 34.78 5.24 -34.47
C ARG B 111 33.26 5.19 -34.43
N VAL B 112 32.62 6.31 -34.75
CA VAL B 112 31.16 6.32 -34.85
C VAL B 112 30.70 6.51 -36.28
N SER B 113 29.75 5.66 -36.71
CA SER B 113 29.19 5.80 -38.04
C SER B 113 28.04 6.78 -38.12
N LYS B 114 28.21 7.74 -39.04
CA LYS B 114 27.20 8.76 -39.37
C LYS B 114 26.14 8.14 -40.29
N GLY B 115 25.04 8.84 -40.46
CA GLY B 115 23.99 8.36 -41.38
C GLY B 115 23.04 7.35 -40.77
N GLU B 116 22.36 6.63 -41.64
CA GLU B 116 21.28 5.70 -41.24
C GLU B 116 21.75 4.58 -40.29
N PHE B 117 22.98 4.14 -40.42
CA PHE B 117 23.43 2.91 -39.77
C PHE B 117 24.50 3.19 -38.72
N TRP B 118 23.99 3.62 -37.58
CA TRP B 118 24.78 3.94 -36.39
C TRP B 118 25.59 2.75 -35.98
N SER B 119 26.84 2.99 -35.61
CA SER B 119 27.66 1.98 -35.05
C SER B 119 28.74 2.66 -34.21
N LEU B 120 29.16 2.04 -33.12
CA LEU B 120 30.30 2.51 -32.33
C LEU B 120 31.33 1.38 -32.33
N ASP B 121 32.48 1.61 -32.95
CA ASP B 121 33.46 0.53 -33.13
C ASP B 121 34.80 0.90 -32.51
N PHE B 122 35.44 -0.10 -31.91
CA PHE B 122 36.78 0.06 -31.31
C PHE B 122 37.77 -0.70 -32.18
N LEU B 123 38.71 0.03 -32.75
CA LEU B 123 39.61 -0.58 -33.73
C LEU B 123 41.04 -0.54 -33.25
N ARG B 124 41.77 -1.62 -33.53
CA ARG B 124 43.17 -1.66 -33.33
C ARG B 124 43.84 -1.65 -34.71
N ASN B 125 44.51 -0.55 -34.96
CA ASN B 125 45.10 -0.25 -36.22
C ASN B 125 44.11 -0.54 -37.36
N GLY B 126 42.86 -0.10 -37.16
CA GLY B 126 41.83 -0.25 -38.16
C GLY B 126 41.08 -1.57 -38.20
N GLU B 127 41.43 -2.55 -37.36
CA GLU B 127 40.60 -3.78 -37.26
C GLU B 127 39.78 -3.76 -35.97
N ARG B 128 38.53 -4.19 -36.08
CA ARG B 128 37.57 -4.08 -35.00
C ARG B 128 37.82 -5.12 -33.91
N ILE B 129 38.13 -4.67 -32.69
CA ILE B 129 38.35 -5.60 -31.57
C ILE B 129 37.12 -5.73 -30.71
N THR B 130 36.25 -4.71 -30.73
CA THR B 130 34.91 -4.80 -30.11
C THR B 130 34.13 -3.58 -30.55
N GLY B 131 32.91 -3.44 -30.04
CA GLY B 131 32.14 -2.23 -30.23
C GLY B 131 30.73 -2.40 -29.71
N SER B 132 29.92 -1.41 -30.02
CA SER B 132 28.55 -1.34 -29.59
C SER B 132 27.71 -1.19 -30.81
N GLN B 133 26.79 -2.12 -30.95
CA GLN B 133 25.82 -2.14 -32.03
C GLN B 133 24.65 -1.26 -31.66
N VAL B 134 24.00 -0.70 -32.67
CA VAL B 134 22.88 0.19 -32.42
C VAL B 134 21.85 -0.46 -31.47
N LYS B 135 21.35 0.35 -30.55
CA LYS B 135 20.38 -0.05 -29.52
C LYS B 135 20.94 -0.90 -28.38
N ASN B 136 22.25 -1.01 -28.30
CA ASN B 136 22.91 -1.73 -27.18
C ASN B 136 23.54 -0.80 -26.14
N ASN B 137 23.36 0.51 -26.31
CA ASN B 137 23.59 1.43 -25.20
C ASN B 137 22.48 2.44 -25.08
N GLY B 138 22.52 3.20 -23.98
CA GLY B 138 21.51 4.19 -23.72
C GLY B 138 21.04 4.33 -22.28
N TYR B 139 19.80 4.78 -22.15
CA TYR B 139 19.23 5.19 -20.88
C TYR B 139 18.03 4.29 -20.60
N VAL B 140 17.93 3.84 -19.36
CA VAL B 140 16.86 3.03 -18.86
C VAL B 140 16.09 3.80 -17.84
N GLN B 141 14.82 3.98 -18.13
CA GLN B 141 13.94 4.61 -17.18
C GLN B 141 13.09 3.48 -16.63
N ASP B 142 13.35 3.11 -15.37
CA ASP B 142 12.58 2.11 -14.67
C ASP B 142 11.36 2.75 -13.95
N THR B 143 10.19 2.62 -14.59
CA THR B 143 8.96 3.16 -14.08
C THR B 143 8.41 2.31 -12.94
N ASN B 144 9.03 1.16 -12.64
CA ASN B 144 8.60 0.34 -11.50
C ASN B 144 9.09 0.92 -10.16
N ASN B 145 10.34 1.38 -10.12
CA ASN B 145 10.96 1.83 -8.88
C ASN B 145 11.53 3.23 -9.00
N GLN B 146 11.19 3.91 -10.08
CA GLN B 146 11.52 5.32 -10.25
C GLN B 146 13.03 5.63 -10.34
N ARG B 147 13.86 4.65 -10.68
CA ARG B 147 15.30 4.86 -10.85
C ARG B 147 15.69 4.87 -12.31
N ASN B 148 16.79 5.55 -12.64
CA ASN B 148 17.24 5.58 -14.00
C ASN B 148 18.66 5.11 -14.11
N TYR B 149 18.94 4.42 -15.21
CA TYR B 149 20.26 3.82 -15.43
C TYR B 149 20.79 4.15 -16.83
N MET B 150 22.10 4.08 -16.97
CA MET B 150 22.78 4.10 -18.25
C MET B 150 23.45 2.72 -18.47
N PHE B 151 23.45 2.25 -19.70
CA PHE B 151 24.02 0.93 -19.97
C PHE B 151 24.82 0.86 -21.26
N GLU B 152 25.65 -0.16 -21.39
CA GLU B 152 26.38 -0.45 -22.59
C GLU B 152 26.52 -1.96 -22.72
N ARG B 153 26.68 -2.44 -23.95
CA ARG B 153 26.96 -3.81 -24.24
C ARG B 153 28.04 -3.86 -25.28
N LEU B 154 29.19 -4.39 -24.91
CA LEU B 154 30.36 -4.44 -25.80
C LEU B 154 30.50 -5.83 -26.34
N ASP B 155 30.62 -5.94 -27.65
CA ASP B 155 30.62 -7.25 -28.34
C ASP B 155 31.81 -8.18 -27.98
N LEU B 156 31.51 -9.47 -28.02
CA LEU B 156 32.46 -10.57 -27.85
C LEU B 156 32.47 -11.31 -29.16
N GLY B 157 33.66 -11.67 -29.68
CA GLY B 157 33.80 -12.49 -30.89
C GLY B 157 33.69 -13.97 -30.58
N VAL B 158 33.75 -14.79 -31.63
CA VAL B 158 33.74 -16.25 -31.50
C VAL B 158 35.00 -16.72 -30.74
N GLY B 159 34.77 -17.54 -29.71
CA GLY B 159 35.84 -17.97 -28.81
C GLY B 159 36.37 -16.91 -27.85
N GLU B 160 35.84 -15.69 -27.88
CA GLU B 160 36.30 -14.66 -26.94
C GLU B 160 35.81 -14.90 -25.51
N THR B 161 36.77 -15.03 -24.60
CA THR B 161 36.52 -15.24 -23.14
C THR B 161 36.86 -14.07 -22.24
N VAL B 162 36.08 -13.94 -21.16
CA VAL B 162 36.24 -12.80 -20.20
C VAL B 162 36.79 -13.17 -18.81
N TYR B 163 37.61 -12.27 -18.28
CA TYR B 163 38.34 -12.46 -17.03
C TYR B 163 38.36 -11.19 -16.20
N GLY B 164 38.57 -11.38 -14.90
CA GLY B 164 38.82 -10.29 -13.94
C GLY B 164 37.60 -9.97 -13.10
N LEU B 165 37.29 -8.70 -13.02
CA LEU B 165 36.21 -8.21 -12.18
C LEU B 165 36.44 -8.41 -10.68
N GLY B 166 37.70 -8.63 -10.30
CA GLY B 166 38.11 -8.64 -8.92
C GLY B 166 38.54 -10.02 -8.51
N GLU B 167 38.66 -10.22 -7.20
CA GLU B 167 38.95 -11.54 -6.65
C GLU B 167 37.59 -12.22 -6.48
N ARG B 168 37.30 -13.13 -7.41
CA ARG B 168 36.05 -13.85 -7.40
C ARG B 168 36.34 -15.33 -7.38
N PHE B 169 35.37 -16.07 -6.85
CA PHE B 169 35.54 -17.50 -6.56
C PHE B 169 34.67 -18.38 -7.41
N THR B 170 33.97 -17.78 -8.37
CA THR B 170 33.21 -18.51 -9.37
C THR B 170 34.15 -19.04 -10.46
N ALA B 171 33.58 -19.71 -11.46
CA ALA B 171 34.36 -20.18 -12.59
C ALA B 171 35.20 -19.02 -13.10
N LEU B 172 36.47 -19.30 -13.39
CA LEU B 172 37.45 -18.27 -13.80
C LEU B 172 37.00 -17.41 -14.99
N VAL B 173 36.50 -18.08 -16.02
CA VAL B 173 36.05 -17.42 -17.23
C VAL B 173 34.60 -16.94 -16.97
N ARG B 174 34.38 -15.66 -17.19
CA ARG B 174 33.22 -14.96 -16.66
C ARG B 174 31.96 -15.13 -17.53
N ASN B 175 32.14 -15.62 -18.75
CA ASN B 175 31.05 -15.86 -19.69
C ASN B 175 29.92 -16.71 -19.06
N GLY B 176 28.72 -16.14 -19.01
CA GLY B 176 27.53 -16.82 -18.46
C GLY B 176 27.12 -16.33 -17.08
N GLN B 177 27.95 -15.46 -16.50
CA GLN B 177 27.82 -14.98 -15.13
C GLN B 177 27.29 -13.58 -15.07
N THR B 178 26.38 -13.31 -14.14
CA THR B 178 26.21 -11.91 -13.75
C THR B 178 27.16 -11.57 -12.59
N VAL B 179 27.75 -10.37 -12.64
CA VAL B 179 28.57 -9.90 -11.53
C VAL B 179 28.26 -8.47 -11.12
N GLU B 180 27.99 -8.32 -9.82
CA GLU B 180 27.72 -7.02 -9.19
C GLU B 180 29.00 -6.55 -8.48
N THR B 181 29.55 -5.39 -8.84
CA THR B 181 30.77 -4.91 -8.19
C THR B 181 30.47 -4.12 -6.88
N TRP B 182 30.35 -4.90 -5.82
CA TRP B 182 29.88 -4.43 -4.52
C TRP B 182 30.54 -5.25 -3.46
N ASN B 183 31.42 -4.61 -2.70
CA ASN B 183 32.12 -5.34 -1.63
C ASN B 183 31.19 -5.96 -0.59
N ARG B 184 31.47 -7.22 -0.28
CA ARG B 184 30.72 -8.00 0.68
C ARG B 184 31.62 -8.92 1.47
N ASP B 185 31.19 -9.22 2.69
CA ASP B 185 31.86 -10.24 3.49
C ASP B 185 31.03 -11.50 3.34
N GLY B 186 31.36 -12.32 2.34
CA GLY B 186 30.59 -13.53 2.05
C GLY B 186 31.41 -14.80 2.05
N GLY B 187 32.61 -14.74 2.57
CA GLY B 187 33.52 -15.86 2.53
C GLY B 187 34.13 -16.01 1.14
N THR B 188 34.59 -17.23 0.85
CA THR B 188 35.36 -17.53 -0.37
C THR B 188 34.68 -18.62 -1.22
N SER B 189 33.41 -18.87 -0.98
CA SER B 189 32.73 -20.01 -1.57
C SER B 189 31.46 -19.63 -2.29
N THR B 190 31.27 -18.33 -2.56
CA THR B 190 30.00 -17.82 -3.11
C THR B 190 30.25 -16.89 -4.28
N GLU B 191 29.19 -16.30 -4.80
CA GLU B 191 29.33 -15.30 -5.87
C GLU B 191 29.85 -13.97 -5.34
N GLN B 192 29.90 -13.82 -4.02
CA GLN B 192 30.25 -12.56 -3.40
C GLN B 192 31.76 -12.39 -3.37
N ALA B 193 32.22 -11.15 -3.23
CA ALA B 193 33.67 -10.90 -3.18
C ALA B 193 33.93 -9.79 -2.19
N TYR B 194 35.06 -9.87 -1.49
CA TYR B 194 35.59 -8.79 -0.64
C TYR B 194 36.23 -7.70 -1.50
N LYS B 195 36.77 -8.11 -2.65
CA LYS B 195 37.60 -7.24 -3.48
C LYS B 195 37.01 -7.10 -4.89
N ASN B 196 36.11 -6.13 -5.05
CA ASN B 196 35.45 -5.91 -6.36
C ASN B 196 36.13 -4.87 -7.20
N ILE B 197 36.22 -5.13 -8.51
CA ILE B 197 36.86 -4.21 -9.46
C ILE B 197 36.03 -4.20 -10.72
N PRO B 198 35.48 -3.04 -11.15
CA PRO B 198 34.76 -3.00 -12.43
C PRO B 198 35.65 -2.99 -13.66
N PHE B 199 36.65 -3.88 -13.69
CA PHE B 199 37.55 -4.00 -14.83
C PHE B 199 37.56 -5.44 -15.31
N TYR B 200 37.37 -5.63 -16.62
CA TYR B 200 37.52 -6.95 -17.24
C TYR B 200 38.50 -6.87 -18.38
N MET B 201 39.15 -7.98 -18.68
CA MET B 201 39.87 -8.15 -19.95
C MET B 201 39.54 -9.50 -20.62
N THR B 202 39.85 -9.57 -21.91
CA THR B 202 39.49 -10.70 -22.71
C THR B 202 40.71 -11.29 -23.37
N ASN B 203 40.50 -12.49 -23.90
CA ASN B 203 41.56 -13.16 -24.66
C ASN B 203 41.77 -12.57 -26.08
N ARG B 204 41.20 -11.40 -26.36
CA ARG B 204 41.45 -10.69 -27.62
C ARG B 204 42.42 -9.54 -27.33
N GLY B 205 42.94 -9.45 -26.13
CA GLY B 205 44.00 -8.50 -25.83
C GLY B 205 43.58 -7.05 -25.66
N TYR B 206 42.39 -6.85 -25.09
CA TYR B 206 41.99 -5.53 -24.58
C TYR B 206 41.32 -5.72 -23.22
N GLY B 207 41.17 -4.62 -22.51
CA GLY B 207 40.37 -4.59 -21.31
C GLY B 207 39.47 -3.37 -21.28
N VAL B 208 38.63 -3.34 -20.24
CA VAL B 208 37.72 -2.23 -20.00
C VAL B 208 37.42 -2.00 -18.51
N LEU B 209 37.63 -0.74 -18.11
CA LEU B 209 37.36 -0.22 -16.79
C LEU B 209 36.04 0.55 -16.92
N VAL B 210 34.99 0.10 -16.22
CA VAL B 210 33.77 0.87 -16.06
C VAL B 210 34.03 1.86 -14.88
N ASN B 211 34.02 3.15 -15.16
CA ASN B 211 34.52 4.15 -14.20
C ASN B 211 33.45 4.68 -13.25
N HIS B 212 32.96 3.79 -12.42
CA HIS B 212 31.97 4.06 -11.42
C HIS B 212 32.28 3.27 -10.15
N PRO B 213 32.52 3.96 -9.02
CA PRO B 213 32.72 3.32 -7.70
C PRO B 213 31.50 2.69 -7.03
N GLN B 214 30.31 3.13 -7.43
CA GLN B 214 29.04 2.49 -7.00
C GLN B 214 28.87 1.08 -7.53
N CYS B 215 27.76 0.44 -7.16
CA CYS B 215 27.53 -0.87 -7.73
C CYS B 215 27.41 -0.79 -9.29
N VAL B 216 28.22 -1.58 -9.99
CA VAL B 216 28.11 -1.70 -11.44
C VAL B 216 27.59 -3.10 -11.66
N SER B 217 26.52 -3.22 -12.45
CA SER B 217 25.94 -4.54 -12.72
C SER B 217 26.35 -5.08 -14.10
N PHE B 218 27.18 -6.14 -14.11
CA PHE B 218 27.64 -6.78 -15.36
C PHE B 218 26.77 -8.04 -15.65
N GLU B 219 26.32 -8.17 -16.88
CA GLU B 219 25.74 -9.38 -17.41
C GLU B 219 26.73 -9.78 -18.47
N VAL B 220 27.59 -10.71 -18.08
CA VAL B 220 28.76 -11.09 -18.86
C VAL B 220 28.34 -12.30 -19.70
N GLY B 221 27.78 -12.01 -20.87
CA GLY B 221 27.19 -13.00 -21.72
C GLY B 221 26.05 -13.73 -21.06
N SER B 222 25.40 -13.08 -20.10
CA SER B 222 24.35 -13.68 -19.29
C SER B 222 22.96 -13.12 -19.62
N GLU B 223 22.92 -12.06 -20.45
CA GLU B 223 21.67 -11.53 -21.01
C GLU B 223 21.79 -11.65 -22.53
N LYS B 224 22.73 -10.94 -23.12
CA LYS B 224 23.03 -11.13 -24.54
C LYS B 224 24.32 -11.96 -24.50
N VAL B 225 24.24 -13.15 -25.07
CA VAL B 225 25.22 -14.20 -24.77
C VAL B 225 26.55 -13.90 -25.40
N SER B 226 26.56 -13.09 -26.45
CA SER B 226 27.86 -12.66 -27.03
C SER B 226 28.26 -11.20 -26.82
N LYS B 227 27.86 -10.66 -25.67
CA LYS B 227 28.22 -9.30 -25.25
C LYS B 227 28.41 -9.20 -23.74
N VAL B 228 29.25 -8.26 -23.34
CA VAL B 228 29.43 -7.87 -21.98
C VAL B 228 28.59 -6.64 -21.79
N GLN B 229 27.46 -6.83 -21.15
CA GLN B 229 26.61 -5.74 -20.73
C GLN B 229 27.00 -5.18 -19.35
N PHE B 230 26.95 -3.86 -19.23
CA PHE B 230 27.13 -3.20 -17.95
C PHE B 230 26.19 -1.99 -17.78
N SER B 231 25.68 -1.83 -16.56
CA SER B 231 24.71 -0.76 -16.26
C SER B 231 24.96 -0.23 -14.88
N VAL B 232 24.61 1.06 -14.72
CA VAL B 232 24.83 1.80 -13.50
C VAL B 232 23.68 2.79 -13.30
N GLU B 233 23.26 2.97 -12.06
CA GLU B 233 22.29 4.00 -11.70
C GLU B 233 22.98 5.38 -11.75
N SER B 234 22.83 6.05 -12.87
CA SER B 234 23.50 7.28 -13.16
C SER B 234 22.86 7.93 -14.39
N GLU B 235 23.08 9.23 -14.53
CA GLU B 235 22.69 9.97 -15.74
C GLU B 235 23.77 9.94 -16.80
N TYR B 236 24.95 9.43 -16.45
CA TYR B 236 26.02 9.22 -17.41
C TYR B 236 26.66 7.89 -17.16
N LEU B 237 27.23 7.35 -18.21
CA LEU B 237 28.11 6.23 -18.15
C LEU B 237 29.49 6.59 -18.71
N GLU B 238 30.54 6.18 -18.02
CA GLU B 238 31.91 6.42 -18.44
C GLU B 238 32.72 5.15 -18.32
N TYR B 239 33.36 4.77 -19.44
CA TYR B 239 34.21 3.58 -19.45
C TYR B 239 35.41 3.85 -20.33
N PHE B 240 36.42 3.04 -20.09
CA PHE B 240 37.69 3.17 -20.78
C PHE B 240 38.03 1.88 -21.46
N VAL B 241 38.25 1.95 -22.77
CA VAL B 241 38.76 0.80 -23.47
C VAL B 241 40.30 0.90 -23.50
N ILE B 242 40.95 -0.20 -23.14
CA ILE B 242 42.40 -0.27 -22.93
C ILE B 242 43.04 -1.29 -23.82
N ASP B 243 43.88 -0.83 -24.71
CA ASP B 243 44.56 -1.71 -25.67
C ASP B 243 45.67 -2.57 -25.06
N GLY B 244 45.98 -3.67 -25.74
CA GLY B 244 47.01 -4.57 -25.37
C GLY B 244 48.20 -4.42 -26.30
N PRO B 245 48.34 -5.29 -27.31
CA PRO B 245 47.39 -6.34 -27.71
C PRO B 245 47.52 -7.67 -26.98
N THR B 246 48.36 -7.75 -25.95
CA THR B 246 48.39 -8.95 -25.12
C THR B 246 47.79 -8.64 -23.75
N PRO B 247 47.33 -9.68 -23.02
CA PRO B 247 46.89 -9.50 -21.62
C PRO B 247 47.90 -8.74 -20.75
N LYS B 248 49.18 -9.06 -20.87
CA LYS B 248 50.18 -8.36 -20.06
C LYS B 248 50.28 -6.90 -20.36
N ALA B 249 50.13 -6.53 -21.64
CA ALA B 249 50.14 -5.17 -22.10
C ALA B 249 48.94 -4.33 -21.64
N VAL B 250 47.75 -4.95 -21.62
CA VAL B 250 46.58 -4.37 -21.02
C VAL B 250 46.86 -4.09 -19.57
N LEU B 251 47.35 -5.09 -18.87
CA LEU B 251 47.63 -4.92 -17.47
C LEU B 251 48.67 -3.84 -17.20
N ASP B 252 49.64 -3.69 -18.10
CA ASP B 252 50.67 -2.62 -18.00
C ASP B 252 49.97 -1.26 -18.08
N ARG B 253 49.13 -1.05 -19.10
CA ARG B 253 48.38 0.19 -19.24
C ARG B 253 47.40 0.39 -18.08
N TYR B 254 46.74 -0.70 -17.66
CA TYR B 254 45.72 -0.60 -16.59
C TYR B 254 46.33 -0.10 -15.28
N THR B 255 47.47 -0.66 -14.91
CA THR B 255 48.19 -0.30 -13.70
C THR B 255 48.93 1.04 -13.78
N ARG B 256 49.37 1.40 -14.96
CA ARG B 256 49.85 2.81 -15.16
C ARG B 256 48.70 3.74 -14.88
N PHE B 257 47.56 3.40 -15.45
CA PHE B 257 46.35 4.23 -15.31
C PHE B 257 45.81 4.37 -13.86
N THR B 258 45.64 3.22 -13.18
CA THR B 258 44.90 3.19 -11.92
C THR B 258 45.80 2.93 -10.70
N GLY B 259 47.04 2.53 -10.93
CA GLY B 259 47.99 2.34 -9.83
C GLY B 259 48.88 1.11 -9.95
N ARG B 260 50.18 1.32 -9.73
CA ARG B 260 51.16 0.26 -9.85
C ARG B 260 51.25 -0.52 -8.53
N PRO B 261 51.24 -1.87 -8.58
CA PRO B 261 51.57 -2.56 -7.32
C PRO B 261 52.89 -2.04 -6.71
N ALA B 262 52.95 -1.85 -5.39
CA ALA B 262 54.22 -1.50 -4.74
C ALA B 262 55.09 -2.75 -4.69
N LEU B 263 56.40 -2.58 -4.52
CA LEU B 263 57.28 -3.71 -4.36
C LEU B 263 57.41 -4.02 -2.84
N PRO B 264 56.94 -5.21 -2.40
CA PRO B 264 57.04 -5.59 -1.03
C PRO B 264 58.48 -5.88 -0.63
N PRO B 265 58.78 -5.73 0.66
CA PRO B 265 60.09 -6.07 1.22
C PRO B 265 60.33 -7.56 1.14
N ALA B 266 61.57 -7.93 0.87
CA ALA B 266 61.89 -9.32 0.65
C ALA B 266 61.50 -10.17 1.87
N TRP B 267 61.61 -9.60 3.06
CA TRP B 267 61.27 -10.36 4.26
C TRP B 267 59.81 -10.83 4.28
N SER B 268 58.93 -10.07 3.61
CA SER B 268 57.51 -10.38 3.53
C SER B 268 57.26 -11.72 2.80
N PHE B 269 58.24 -12.16 2.00
CA PHE B 269 58.13 -13.40 1.21
C PHE B 269 58.41 -14.69 1.97
N GLY B 270 58.93 -14.58 3.19
CA GLY B 270 59.11 -15.76 4.03
C GLY B 270 57.82 -16.34 4.58
N LEU B 271 57.96 -17.20 5.59
CA LEU B 271 56.85 -17.86 6.21
C LEU B 271 56.24 -17.01 7.36
N TRP B 272 54.92 -16.78 7.26
CA TRP B 272 54.12 -16.15 8.32
C TRP B 272 53.38 -17.20 9.16
N LEU B 273 53.29 -16.97 10.46
CA LEU B 273 52.49 -17.80 11.37
C LEU B 273 51.72 -16.87 12.30
N THR B 274 50.55 -17.32 12.75
CA THR B 274 49.76 -16.52 13.66
C THR B 274 49.53 -17.23 14.98
N THR B 275 49.01 -16.44 15.92
CA THR B 275 48.48 -16.95 17.18
C THR B 275 47.29 -17.91 17.00
N SER B 276 46.78 -18.06 15.78
CA SER B 276 45.40 -18.51 15.55
C SER B 276 44.39 -17.59 16.28
N PHE B 277 43.13 -17.97 16.30
CA PHE B 277 42.09 -17.06 16.74
C PHE B 277 41.84 -17.06 18.25
N THR B 278 41.55 -18.24 18.83
CA THR B 278 40.98 -18.35 20.19
C THR B 278 41.96 -18.98 21.17
N THR B 279 43.15 -19.29 20.68
CA THR B 279 44.24 -19.73 21.53
C THR B 279 44.62 -18.64 22.56
N ASN B 280 45.63 -18.94 23.37
CA ASN B 280 46.08 -18.06 24.47
C ASN B 280 47.35 -17.34 24.02
N TYR B 281 47.34 -16.02 23.96
CA TYR B 281 48.44 -15.33 23.27
C TYR B 281 49.57 -14.87 24.22
N ASP B 282 49.62 -15.38 25.44
CA ASP B 282 50.62 -14.88 26.34
C ASP B 282 52.01 -15.21 25.82
N GLU B 283 53.00 -14.45 26.27
CA GLU B 283 54.33 -14.60 25.76
C GLU B 283 54.74 -16.07 25.87
N ALA B 284 54.51 -16.68 27.02
CA ALA B 284 54.87 -18.09 27.21
C ALA B 284 54.38 -19.01 26.09
N THR B 285 53.11 -18.87 25.73
CA THR B 285 52.47 -19.74 24.77
C THR B 285 52.99 -19.45 23.34
N VAL B 286 53.00 -18.19 22.98
CA VAL B 286 53.62 -17.78 21.74
C VAL B 286 55.04 -18.33 21.60
N ASN B 287 55.87 -18.16 22.63
CA ASN B 287 57.28 -18.58 22.54
C ASN B 287 57.46 -20.08 22.46
N SER B 288 56.50 -20.85 22.94
CA SER B 288 56.54 -22.30 22.78
C SER B 288 56.41 -22.71 21.31
N PHE B 289 55.50 -22.07 20.58
CA PHE B 289 55.35 -22.35 19.14
C PHE B 289 56.49 -21.82 18.27
N ILE B 290 56.96 -20.61 18.55
CA ILE B 290 58.14 -20.09 17.89
C ILE B 290 59.34 -21.04 18.09
N ASP B 291 59.62 -21.37 19.34
CA ASP B 291 60.72 -22.28 19.65
C ASP B 291 60.53 -23.70 19.13
N GLY B 292 59.28 -24.19 19.12
CA GLY B 292 58.93 -25.44 18.48
C GLY B 292 59.24 -25.48 16.97
N MET B 293 59.12 -24.34 16.27
CA MET B 293 59.50 -24.29 14.85
C MET B 293 61.03 -24.43 14.73
N ALA B 294 61.74 -23.62 15.51
CA ALA B 294 63.22 -23.61 15.49
C ALA B 294 63.80 -24.97 15.90
N GLU B 295 63.17 -25.59 16.90
CA GLU B 295 63.55 -26.92 17.35
C GLU B 295 63.47 -27.96 16.24
N ARG B 296 62.50 -27.79 15.35
CA ARG B 296 62.34 -28.73 14.23
C ARG B 296 62.95 -28.25 12.93
N ASN B 297 63.79 -27.21 13.01
CA ASN B 297 64.44 -26.60 11.83
C ASN B 297 63.47 -26.06 10.75
N LEU B 298 62.36 -25.47 11.22
CA LEU B 298 61.35 -24.85 10.36
C LEU B 298 61.52 -23.35 10.39
N PRO B 299 62.13 -22.79 9.32
CA PRO B 299 62.29 -21.33 9.24
C PRO B 299 60.97 -20.58 9.38
N LEU B 300 61.03 -19.46 10.05
CA LEU B 300 59.86 -18.65 10.30
C LEU B 300 60.32 -17.20 10.32
N HIS B 301 59.54 -16.34 9.68
CA HIS B 301 59.99 -14.98 9.38
C HIS B 301 59.07 -13.86 9.85
N VAL B 302 57.77 -14.12 9.84
CA VAL B 302 56.76 -13.17 10.37
C VAL B 302 55.85 -13.89 11.37
N PHE B 303 55.54 -13.18 12.44
CA PHE B 303 54.54 -13.67 13.40
C PHE B 303 53.50 -12.60 13.63
N HIS B 304 52.25 -13.08 13.64
CA HIS B 304 51.05 -12.25 13.66
C HIS B 304 50.16 -12.50 14.88
N PHE B 305 49.89 -11.44 15.62
CA PHE B 305 48.84 -11.40 16.67
C PHE B 305 47.45 -11.09 16.14
N ASP B 306 46.52 -11.99 16.39
CA ASP B 306 45.15 -11.87 15.85
C ASP B 306 44.25 -11.10 16.81
N CYS B 307 42.95 -11.12 16.58
CA CYS B 307 42.03 -10.22 17.26
C CYS B 307 42.17 -10.13 18.79
N PHE B 308 42.36 -11.27 19.46
CA PHE B 308 42.39 -11.30 20.95
C PHE B 308 43.63 -10.67 21.59
N TRP B 309 44.44 -9.94 20.82
CA TRP B 309 45.42 -9.06 21.44
C TRP B 309 44.72 -7.89 22.08
N MET B 310 43.45 -7.71 21.68
CA MET B 310 42.57 -6.75 22.32
C MET B 310 41.46 -7.47 23.13
N LYS B 311 40.87 -6.73 24.07
CA LYS B 311 39.82 -7.30 24.90
C LYS B 311 38.59 -7.55 24.03
N ALA B 312 37.90 -8.66 24.33
CA ALA B 312 36.67 -9.07 23.63
C ALA B 312 35.58 -7.99 23.66
N PHE B 313 34.93 -7.87 22.52
CA PHE B 313 33.85 -6.93 22.32
C PHE B 313 34.33 -5.46 22.23
N GLN B 314 35.66 -5.25 22.29
CA GLN B 314 36.29 -3.92 22.23
C GLN B 314 37.12 -3.68 20.94
N TRP B 315 37.00 -4.58 19.97
CA TRP B 315 37.82 -4.54 18.77
C TRP B 315 37.19 -3.49 17.81
N CYS B 316 37.97 -2.65 17.12
CA CYS B 316 39.41 -2.48 17.23
C CYS B 316 39.71 -1.11 17.93
N ASP B 317 40.00 -1.16 19.24
CA ASP B 317 40.25 0.05 20.09
C ASP B 317 41.73 0.26 20.39
N PHE B 318 42.53 -0.71 19.94
CA PHE B 318 43.98 -0.69 19.99
C PHE B 318 44.60 -0.88 21.37
N GLU B 319 43.83 -1.33 22.37
CA GLU B 319 44.40 -1.50 23.73
C GLU B 319 44.77 -2.95 23.93
N TRP B 320 46.03 -3.21 24.28
CA TRP B 320 46.44 -4.56 24.58
C TRP B 320 45.63 -5.07 25.75
N ASP B 321 45.18 -6.31 25.66
CA ASP B 321 44.60 -6.96 26.82
C ASP B 321 45.69 -7.03 27.93
N PRO B 322 45.44 -6.36 29.07
CA PRO B 322 46.49 -6.26 30.08
C PRO B 322 46.69 -7.53 30.88
N LEU B 323 45.74 -8.46 30.84
CA LEU B 323 45.94 -9.67 31.60
C LEU B 323 46.86 -10.58 30.84
N THR B 324 46.67 -10.65 29.54
CA THR B 324 47.53 -11.44 28.66
C THR B 324 48.86 -10.76 28.34
N PHE B 325 48.84 -9.44 28.23
CA PHE B 325 49.99 -8.68 27.75
C PHE B 325 50.37 -7.58 28.73
N PRO B 326 50.90 -7.96 29.90
CA PRO B 326 51.31 -6.93 30.84
C PRO B 326 52.37 -6.02 30.25
N ASP B 327 53.18 -6.56 29.34
CA ASP B 327 54.32 -5.81 28.78
C ASP B 327 54.37 -5.99 27.25
N PRO B 328 53.56 -5.20 26.52
CA PRO B 328 53.50 -5.41 25.08
C PRO B 328 54.84 -5.18 24.40
N GLU B 329 55.49 -4.06 24.70
CA GLU B 329 56.74 -3.72 24.06
C GLU B 329 57.91 -4.66 24.39
N GLY B 330 58.01 -5.08 25.64
CA GLY B 330 59.04 -6.05 26.02
C GLY B 330 58.85 -7.34 25.25
N MET B 331 57.61 -7.77 25.13
CA MET B 331 57.34 -8.99 24.40
C MET B 331 57.72 -8.84 22.93
N ILE B 332 57.27 -7.76 22.27
CA ILE B 332 57.63 -7.52 20.87
C ILE B 332 59.17 -7.57 20.71
N ARG B 333 59.91 -6.83 21.54
CA ARG B 333 61.37 -6.83 21.42
C ARG B 333 61.94 -8.22 21.52
N ARG B 334 61.44 -8.99 22.47
CA ARG B 334 61.97 -10.32 22.71
C ARG B 334 61.79 -11.23 21.50
N LEU B 335 60.62 -11.15 20.86
CA LEU B 335 60.32 -11.98 19.70
C LEU B 335 61.09 -11.49 18.49
N LYS B 336 61.30 -10.18 18.43
CA LYS B 336 61.98 -9.57 17.32
C LYS B 336 63.45 -9.96 17.30
N ALA B 337 64.05 -10.05 18.50
CA ALA B 337 65.41 -10.56 18.67
C ALA B 337 65.60 -12.00 18.15
N LYS B 338 64.52 -12.78 18.04
CA LYS B 338 64.57 -14.14 17.47
C LYS B 338 64.47 -14.16 15.92
N GLY B 339 64.86 -13.07 15.27
CA GLY B 339 64.77 -12.96 13.81
C GLY B 339 63.34 -13.01 13.25
N LEU B 340 62.43 -12.29 13.91
CA LEU B 340 61.04 -12.18 13.47
C LEU B 340 60.68 -10.74 13.19
N LYS B 341 59.86 -10.60 12.13
CA LYS B 341 59.07 -9.42 11.90
C LYS B 341 57.69 -9.62 12.55
N ILE B 342 57.06 -8.51 12.93
CA ILE B 342 55.81 -8.57 13.72
C ILE B 342 54.60 -7.92 13.02
N CYS B 343 53.50 -8.66 13.04
CA CYS B 343 52.22 -8.22 12.48
C CYS B 343 51.07 -8.24 13.51
N VAL B 344 50.18 -7.26 13.44
CA VAL B 344 48.99 -7.35 14.27
C VAL B 344 47.73 -7.13 13.47
N TRP B 345 46.66 -7.72 13.98
CA TRP B 345 45.35 -7.62 13.40
C TRP B 345 44.73 -6.25 13.70
N ILE B 346 44.17 -5.62 12.67
CA ILE B 346 43.36 -4.41 12.87
C ILE B 346 42.11 -4.44 12.02
N ASN B 347 41.13 -3.62 12.36
CA ASN B 347 40.04 -3.42 11.43
C ASN B 347 39.52 -2.02 11.61
N PRO B 348 38.55 -1.62 10.78
CA PRO B 348 38.06 -0.27 10.82
C PRO B 348 36.75 -0.09 11.58
N TYR B 349 36.43 -1.01 12.49
CA TYR B 349 35.24 -0.92 13.32
C TYR B 349 35.62 -0.86 14.80
N ILE B 350 34.65 -0.50 15.62
CA ILE B 350 34.82 -0.53 17.06
C ILE B 350 33.54 -0.86 17.83
N GLY B 351 33.67 -1.87 18.71
CA GLY B 351 32.55 -2.24 19.60
C GLY B 351 32.31 -1.21 20.69
N GLN B 352 31.07 -1.14 21.12
CA GLN B 352 30.64 -0.18 22.16
C GLN B 352 31.24 -0.38 23.59
N LYS B 353 31.57 -1.64 23.92
CA LYS B 353 32.15 -1.96 25.21
C LYS B 353 33.44 -1.21 25.43
N SER B 354 34.18 -0.90 24.37
CA SER B 354 35.46 -0.23 24.57
C SER B 354 35.29 1.13 25.23
N PRO B 355 36.07 1.42 26.29
CA PRO B 355 36.19 2.81 26.85
C PRO B 355 36.47 3.89 25.82
N VAL B 356 37.15 3.53 24.74
CA VAL B 356 37.54 4.47 23.68
C VAL B 356 36.35 4.93 22.84
N PHE B 357 35.34 4.06 22.75
CA PHE B 357 34.10 4.34 22.03
C PHE B 357 33.46 5.67 22.42
N LYS B 358 33.29 5.88 23.73
CA LYS B 358 32.74 7.14 24.24
C LYS B 358 33.56 8.37 23.81
N GLU B 359 34.89 8.25 23.84
CA GLU B 359 35.76 9.35 23.38
C GLU B 359 35.51 9.65 21.91
N LEU B 360 35.51 8.61 21.09
CA LEU B 360 35.29 8.74 19.65
C LEU B 360 33.92 9.31 19.30
N GLN B 361 32.91 8.91 20.06
CA GLN B 361 31.56 9.41 19.87
C GLN B 361 31.47 10.87 20.22
N GLU B 362 32.07 11.23 21.34
CA GLU B 362 32.10 12.65 21.77
C GLU B 362 32.81 13.55 20.74
N LYS B 363 33.98 13.11 20.27
CA LYS B 363 34.73 13.79 19.25
C LYS B 363 34.09 13.81 17.84
N GLY B 364 33.10 12.93 17.59
CA GLY B 364 32.40 12.88 16.31
C GLY B 364 33.15 12.14 15.22
N TYR B 365 33.98 11.16 15.61
CA TYR B 365 34.80 10.40 14.64
C TYR B 365 34.17 9.15 14.06
N LEU B 366 32.95 8.83 14.48
CA LEU B 366 32.30 7.60 14.10
C LEU B 366 31.20 7.92 13.09
N LEU B 367 30.95 6.99 12.16
CA LEU B 367 30.01 7.24 11.06
C LEU B 367 28.60 7.39 11.64
N LYS B 368 27.89 8.40 11.17
CA LYS B 368 26.57 8.78 11.67
C LYS B 368 25.46 8.52 10.66
N ARG B 369 24.25 8.31 11.18
CA ARG B 369 23.04 8.32 10.36
C ARG B 369 22.65 9.76 10.06
N PRO B 370 21.82 9.97 9.02
CA PRO B 370 21.44 11.38 8.72
C PRO B 370 20.85 12.17 9.91
N ASP B 371 20.21 11.49 10.85
CA ASP B 371 19.66 12.24 12.01
C ASP B 371 20.73 12.70 13.05
N GLY B 372 21.98 12.27 12.88
CA GLY B 372 23.04 12.66 13.82
C GLY B 372 23.40 11.61 14.87
N SER B 373 22.57 10.58 14.99
CA SER B 373 22.85 9.44 15.87
C SER B 373 23.95 8.59 15.20
N LEU B 374 24.63 7.76 15.98
CA LEU B 374 25.62 6.86 15.40
C LEU B 374 24.98 5.74 14.61
N TRP B 375 25.63 5.35 13.53
CA TRP B 375 25.27 4.10 12.87
C TRP B 375 25.85 2.96 13.72
N GLN B 376 25.01 1.98 14.05
CA GLN B 376 25.41 0.85 14.87
C GLN B 376 24.68 -0.40 14.43
N TRP B 377 25.34 -1.54 14.56
CA TRP B 377 24.64 -2.81 14.54
C TRP B 377 25.40 -3.87 15.42
N ASP B 378 24.87 -5.08 15.50
CA ASP B 378 25.42 -6.12 16.39
C ASP B 378 26.19 -7.21 15.66
N LYS B 379 26.41 -7.03 14.38
CA LYS B 379 27.30 -7.96 13.65
C LYS B 379 28.77 -7.71 13.98
N TRP B 380 29.49 -8.80 14.12
CA TRP B 380 30.94 -8.75 14.46
C TRP B 380 31.23 -8.37 15.94
N GLN B 381 30.88 -7.13 16.31
CA GLN B 381 30.99 -6.67 17.67
C GLN B 381 29.67 -6.00 18.16
N PRO B 382 29.36 -6.14 19.46
CA PRO B 382 28.14 -5.54 19.97
C PRO B 382 28.21 -4.01 19.87
N GLY B 383 27.13 -3.40 19.39
CA GLY B 383 27.08 -1.93 19.19
C GLY B 383 28.20 -1.40 18.34
N LEU B 384 28.61 -2.22 17.34
CA LEU B 384 29.70 -1.89 16.46
C LEU B 384 29.42 -0.58 15.71
N ALA B 385 30.37 0.34 15.76
CA ALA B 385 30.40 1.52 14.94
C ALA B 385 31.60 1.53 13.97
N ILE B 386 31.62 2.51 13.06
CA ILE B 386 32.62 2.56 11.99
C ILE B 386 33.43 3.83 12.07
N TYR B 387 34.74 3.72 11.96
CA TYR B 387 35.60 4.91 11.84
C TYR B 387 35.34 5.70 10.55
N ASP B 388 34.89 6.94 10.70
CA ASP B 388 34.61 7.80 9.53
C ASP B 388 35.92 8.40 8.98
N PHE B 389 36.46 7.77 7.96
CA PHE B 389 37.74 8.17 7.40
C PHE B 389 37.58 9.29 6.38
N THR B 390 36.40 9.89 6.25
CA THR B 390 36.27 11.12 5.48
C THR B 390 36.48 12.32 6.42
N ASN B 391 36.61 12.05 7.73
CA ASN B 391 36.87 13.02 8.78
C ASN B 391 38.38 13.09 9.01
N PRO B 392 39.02 14.18 8.60
CA PRO B 392 40.50 14.31 8.75
C PRO B 392 41.02 13.98 10.16
N ASP B 393 40.28 14.42 11.17
CA ASP B 393 40.68 14.29 12.57
C ASP B 393 40.56 12.84 13.03
N ALA B 394 39.48 12.18 12.59
CA ALA B 394 39.32 10.72 12.79
C ALA B 394 40.49 9.94 12.20
N CYS B 395 40.87 10.33 10.98
CA CYS B 395 41.96 9.67 10.28
C CYS B 395 43.27 9.85 11.02
N LYS B 396 43.48 11.05 11.54
CA LYS B 396 44.72 11.37 12.29
C LYS B 396 44.75 10.60 13.61
N TRP B 397 43.58 10.52 14.26
CA TRP B 397 43.46 9.72 15.50
C TRP B 397 43.81 8.26 15.27
N TYR B 398 43.33 7.72 14.17
CA TYR B 398 43.52 6.29 13.91
C TYR B 398 44.96 6.03 13.51
N ALA B 399 45.48 6.91 12.66
CA ALA B 399 46.87 6.83 12.23
C ALA B 399 47.84 6.96 13.42
N ASP B 400 47.50 7.82 14.38
CA ASP B 400 48.34 8.02 15.55
C ASP B 400 48.39 6.74 16.40
N LYS B 401 47.27 6.05 16.50
CA LYS B 401 47.28 4.73 17.19
C LYS B 401 48.17 3.69 16.51
N LEU B 402 48.15 3.69 15.19
CA LEU B 402 48.99 2.79 14.43
C LEU B 402 50.47 3.17 14.61
N LYS B 403 50.78 4.46 14.57
CA LYS B 403 52.17 4.94 14.79
C LYS B 403 52.67 4.54 16.19
N GLY B 404 51.78 4.63 17.18
CA GLY B 404 52.07 4.09 18.49
C GLY B 404 52.51 2.63 18.38
N LEU B 405 51.79 1.85 17.61
CA LEU B 405 52.13 0.41 17.52
C LEU B 405 53.45 0.17 16.80
N VAL B 406 53.71 0.89 15.73
CA VAL B 406 54.96 0.78 15.03
C VAL B 406 56.14 1.14 15.96
N ALA B 407 55.96 2.22 16.72
CA ALA B 407 57.01 2.73 17.65
C ALA B 407 57.41 1.68 18.67
N MET B 408 56.43 0.85 18.99
CA MET B 408 56.58 -0.24 19.91
C MET B 408 57.20 -1.47 19.19
N GLY B 409 57.42 -1.42 17.87
CA GLY B 409 58.11 -2.50 17.17
C GLY B 409 57.28 -3.37 16.23
N VAL B 410 55.99 -3.06 16.12
CA VAL B 410 55.15 -3.69 15.11
C VAL B 410 55.59 -3.26 13.70
N ASP B 411 55.74 -4.22 12.81
CA ASP B 411 56.25 -3.93 11.45
C ASP B 411 55.17 -3.76 10.39
N CYS B 412 54.03 -4.42 10.58
CA CYS B 412 53.04 -4.44 9.51
C CYS B 412 51.68 -4.74 10.08
N PHE B 413 50.65 -4.64 9.26
CA PHE B 413 49.27 -4.88 9.70
C PHE B 413 48.47 -5.77 8.78
N LYS B 414 47.53 -6.51 9.37
CA LYS B 414 46.50 -7.18 8.65
C LYS B 414 45.34 -6.22 8.65
N THR B 415 45.10 -5.58 7.51
CA THR B 415 43.96 -4.71 7.31
C THR B 415 42.73 -5.54 6.95
N ASP B 416 42.11 -6.03 7.99
CA ASP B 416 40.99 -6.92 7.87
C ASP B 416 39.68 -6.09 7.74
N PHE B 417 38.65 -6.77 7.26
CA PHE B 417 37.34 -6.22 6.98
C PHE B 417 37.37 -4.97 6.06
N GLY B 418 36.37 -4.10 6.20
CA GLY B 418 36.22 -2.91 5.32
C GLY B 418 35.12 -3.02 4.29
N GLU B 419 34.44 -4.17 4.27
CA GLU B 419 33.48 -4.45 3.23
C GLU B 419 32.00 -4.03 3.53
N ARG B 420 31.50 -4.33 4.72
CA ARG B 420 30.07 -4.08 5.01
C ARG B 420 29.79 -2.62 5.43
N ILE B 421 29.96 -1.71 4.47
CA ILE B 421 29.86 -0.28 4.72
C ILE B 421 28.44 0.17 4.37
N PRO B 422 27.71 0.69 5.36
CA PRO B 422 26.28 0.96 5.08
C PRO B 422 26.10 2.20 4.19
N THR B 423 24.94 2.30 3.57
CA THR B 423 24.64 3.42 2.71
C THR B 423 23.66 4.38 3.36
N ASP B 424 22.96 3.96 4.45
CA ASP B 424 21.93 4.81 5.09
C ASP B 424 22.59 5.70 6.15
N VAL B 425 23.40 6.63 5.64
CA VAL B 425 24.43 7.24 6.43
C VAL B 425 24.78 8.62 5.84
N GLN B 426 25.44 9.44 6.66
CA GLN B 426 25.93 10.74 6.23
C GLN B 426 27.42 10.89 6.62
N TRP B 427 28.27 10.81 5.61
CA TRP B 427 29.73 10.92 5.77
C TRP B 427 30.09 12.33 6.18
N PHE B 428 31.18 12.48 6.96
CA PHE B 428 31.64 13.79 7.40
C PHE B 428 31.80 14.76 6.21
N ASP B 429 32.34 14.24 5.12
CA ASP B 429 32.61 15.03 3.95
C ASP B 429 31.42 15.19 2.98
N GLY B 430 30.25 14.66 3.31
CA GLY B 430 29.09 14.73 2.41
C GLY B 430 29.18 13.90 1.10
N SER B 431 30.14 12.98 1.01
CA SER B 431 30.24 12.01 -0.12
C SER B 431 28.98 11.23 -0.41
N ASP B 432 28.83 10.78 -1.65
CA ASP B 432 27.75 9.85 -2.08
C ASP B 432 27.92 8.52 -1.35
N PRO B 433 26.99 8.16 -0.47
CA PRO B 433 27.23 6.89 0.21
C PRO B 433 27.31 5.67 -0.74
N GLN B 434 26.75 5.78 -1.94
CA GLN B 434 26.72 4.65 -2.88
C GLN B 434 28.09 4.39 -3.47
N LYS B 435 28.91 5.43 -3.52
CA LYS B 435 30.28 5.34 -4.04
C LYS B 435 31.28 5.00 -2.92
N MET B 436 30.96 5.44 -1.69
CA MET B 436 31.79 5.20 -0.51
C MET B 436 31.82 3.75 -0.09
N HIS B 437 30.76 2.99 -0.36
CA HIS B 437 30.72 1.60 0.03
C HIS B 437 32.01 0.85 -0.38
N ASN B 438 32.34 0.90 -1.67
CA ASN B 438 33.54 0.28 -2.21
C ASN B 438 34.80 1.12 -1.96
N HIS B 439 34.70 2.42 -2.21
CA HIS B 439 35.88 3.29 -2.02
C HIS B 439 36.45 3.28 -0.60
N TYR B 440 35.63 3.09 0.41
CA TYR B 440 36.12 3.00 1.79
C TYR B 440 37.34 2.07 1.93
N ALA B 441 37.27 0.91 1.29
CA ALA B 441 38.38 -0.05 1.33
C ALA B 441 39.73 0.60 0.90
N TYR B 442 39.68 1.42 -0.14
CA TYR B 442 40.87 2.12 -0.66
C TYR B 442 41.39 3.14 0.35
N ILE B 443 40.46 3.93 0.89
CA ILE B 443 40.78 5.01 1.85
C ILE B 443 41.41 4.42 3.11
N TYR B 444 40.78 3.33 3.56
CA TYR B 444 41.20 2.59 4.77
C TYR B 444 42.62 2.08 4.59
N ASN B 445 42.84 1.31 3.53
CA ASN B 445 44.18 0.82 3.25
C ASN B 445 45.22 1.88 2.93
N GLU B 446 44.81 2.94 2.26
CA GLU B 446 45.72 4.01 1.94
C GLU B 446 46.23 4.62 3.22
N LEU B 447 45.33 4.94 4.12
CA LEU B 447 45.72 5.52 5.40
C LEU B 447 46.76 4.66 6.15
N VAL B 448 46.54 3.35 6.20
CA VAL B 448 47.43 2.47 6.96
C VAL B 448 48.80 2.34 6.26
N TRP B 449 48.75 2.20 4.93
CA TRP B 449 49.96 2.22 4.09
C TRP B 449 50.83 3.45 4.33
N ASN B 450 50.20 4.63 4.35
CA ASN B 450 50.93 5.90 4.53
C ASN B 450 51.60 6.02 5.89
N VAL B 451 50.97 5.43 6.90
CA VAL B 451 51.55 5.32 8.23
C VAL B 451 52.86 4.51 8.17
N LEU B 452 52.88 3.45 7.38
CA LEU B 452 54.10 2.62 7.26
C LEU B 452 55.17 3.39 6.48
N LYS B 453 54.79 3.93 5.31
CA LYS B 453 55.63 4.87 4.58
C LYS B 453 56.31 5.89 5.51
N ASP B 454 55.53 6.49 6.37
CA ASP B 454 56.02 7.59 7.17
C ASP B 454 56.82 7.13 8.37
N THR B 455 56.78 5.84 8.70
CA THR B 455 57.43 5.33 9.91
C THR B 455 58.54 4.38 9.51
N VAL B 456 58.21 3.17 9.08
CA VAL B 456 59.25 2.20 8.66
C VAL B 456 59.89 2.51 7.34
N GLY B 457 59.28 3.40 6.55
CA GLY B 457 59.73 3.68 5.22
C GLY B 457 58.98 2.90 4.15
N GLU B 458 58.79 3.54 3.00
CA GLU B 458 58.09 2.91 1.89
C GLU B 458 58.62 1.51 1.53
N GLU B 459 59.94 1.32 1.50
CA GLU B 459 60.52 0.01 1.09
C GLU B 459 60.10 -1.13 2.03
N GLU B 460 59.75 -0.77 3.25
CA GLU B 460 59.44 -1.71 4.33
C GLU B 460 57.93 -1.93 4.50
N ALA B 461 57.12 -1.25 3.70
CA ALA B 461 55.67 -1.22 3.91
C ALA B 461 55.07 -2.48 3.30
N VAL B 462 54.19 -3.11 4.07
CA VAL B 462 53.42 -4.26 3.58
C VAL B 462 52.23 -4.51 4.52
N LEU B 463 51.18 -5.08 3.95
CA LEU B 463 49.93 -5.41 4.63
C LEU B 463 49.50 -6.78 4.19
N PHE B 464 48.55 -7.32 4.94
CA PHE B 464 47.69 -8.43 4.53
C PHE B 464 46.28 -7.81 4.56
N ALA B 465 45.76 -7.46 3.38
CA ALA B 465 44.49 -6.70 3.25
C ALA B 465 43.36 -7.57 2.69
N ARG B 466 42.20 -7.57 3.38
CA ARG B 466 41.05 -8.41 2.96
C ARG B 466 40.12 -7.77 1.89
N SER B 467 39.95 -6.46 1.93
CA SER B 467 39.20 -5.79 0.88
C SER B 467 40.02 -4.90 0.02
N ALA B 468 39.36 -4.43 -1.03
CA ALA B 468 39.97 -3.62 -2.02
C ALA B 468 38.92 -3.00 -2.93
N SER B 469 39.38 -2.02 -3.68
CA SER B 469 38.63 -1.27 -4.66
C SER B 469 39.71 -0.77 -5.65
N VAL B 470 39.31 -0.13 -6.75
CA VAL B 470 40.26 0.34 -7.78
C VAL B 470 41.30 1.23 -7.11
N GLY B 471 42.57 0.97 -7.44
CA GLY B 471 43.71 1.72 -6.88
C GLY B 471 44.44 1.06 -5.71
N ALA B 472 43.74 0.18 -4.99
CA ALA B 472 44.29 -0.48 -3.80
C ALA B 472 45.44 -1.50 -4.05
N GLN B 473 45.66 -1.88 -5.30
CA GLN B 473 46.82 -2.73 -5.67
C GLN B 473 48.12 -2.04 -5.30
N LYS B 474 48.09 -0.72 -5.21
CA LYS B 474 49.23 0.08 -4.71
C LYS B 474 49.68 -0.27 -3.28
N PHE B 475 48.82 -0.96 -2.53
CA PHE B 475 49.06 -1.23 -1.13
C PHE B 475 49.07 -2.74 -0.84
N PRO B 476 50.03 -3.48 -1.43
CA PRO B 476 50.03 -4.94 -1.31
C PRO B 476 50.38 -5.39 0.11
N VAL B 477 50.08 -6.61 0.56
CA VAL B 477 49.55 -7.77 -0.20
C VAL B 477 48.08 -8.03 0.09
N HIS B 478 47.37 -8.53 -0.91
CA HIS B 478 45.96 -8.82 -0.72
C HIS B 478 45.77 -10.28 -0.36
N TRP B 479 45.02 -10.50 0.71
CA TRP B 479 44.85 -11.77 1.33
C TRP B 479 43.50 -12.38 1.02
N GLY B 480 43.48 -13.66 0.67
CA GLY B 480 42.35 -14.32 0.03
C GLY B 480 41.10 -14.69 0.83
N GLY B 481 41.12 -14.43 2.13
CA GLY B 481 39.95 -14.65 2.97
C GLY B 481 39.84 -16.02 3.60
N ASP B 482 38.64 -16.26 4.14
CA ASP B 482 38.36 -17.40 5.04
C ASP B 482 37.91 -18.61 4.24
N CYS B 483 38.60 -19.75 4.40
CA CYS B 483 38.38 -20.99 3.66
C CYS B 483 38.24 -22.22 4.53
N TYR B 484 37.27 -23.06 4.18
CA TYR B 484 37.20 -24.36 4.76
C TYR B 484 38.33 -25.20 4.24
N ALA B 485 38.62 -26.28 4.97
CA ALA B 485 39.78 -27.13 4.71
C ALA B 485 39.45 -28.42 3.93
N ASN B 486 39.16 -28.27 2.64
CA ASN B 486 38.93 -29.38 1.73
C ASN B 486 39.45 -28.96 0.36
N TYR B 487 39.55 -29.93 -0.56
CA TYR B 487 40.13 -29.68 -1.90
C TYR B 487 39.30 -28.73 -2.79
N GLU B 488 37.99 -28.87 -2.76
CA GLU B 488 37.11 -27.99 -3.51
C GLU B 488 37.34 -26.53 -3.11
N SER B 489 37.46 -26.25 -1.82
CA SER B 489 37.78 -24.89 -1.34
C SER B 489 39.14 -24.38 -1.78
N MET B 490 40.14 -25.27 -1.76
CA MET B 490 41.50 -24.95 -2.20
C MET B 490 41.48 -24.47 -3.64
N ALA B 491 40.65 -25.13 -4.46
CA ALA B 491 40.48 -24.81 -5.86
C ALA B 491 39.76 -23.50 -6.06
N GLU B 492 38.70 -23.26 -5.30
CA GLU B 492 38.00 -21.98 -5.36
C GLU B 492 38.94 -20.85 -5.08
N SER B 493 39.80 -21.02 -4.07
CA SER B 493 40.76 -20.01 -3.65
C SER B 493 41.77 -19.66 -4.72
N LEU B 494 42.27 -20.69 -5.39
CA LEU B 494 43.16 -20.49 -6.53
C LEU B 494 42.46 -19.68 -7.64
N ARG B 495 41.19 -19.98 -7.94
CA ARG B 495 40.47 -19.16 -8.94
C ARG B 495 40.48 -17.68 -8.55
N GLY B 496 40.30 -17.44 -7.25
CA GLY B 496 40.34 -16.10 -6.70
C GLY B 496 41.65 -15.37 -6.83
N GLY B 497 42.74 -16.09 -6.51
CA GLY B 497 44.10 -15.55 -6.72
C GLY B 497 44.47 -15.26 -8.18
N LEU B 498 44.14 -16.18 -9.07
CA LEU B 498 44.30 -15.94 -10.50
C LEU B 498 43.53 -14.70 -10.94
N SER B 499 42.29 -14.57 -10.42
CA SER B 499 41.38 -13.51 -10.82
C SER B 499 41.88 -12.15 -10.38
N ILE B 500 42.56 -12.09 -9.24
CA ILE B 500 42.98 -10.81 -8.68
C ILE B 500 44.16 -10.30 -9.53
N GLY B 501 44.97 -11.22 -10.02
CA GLY B 501 46.08 -10.92 -10.96
C GLY B 501 45.61 -10.33 -12.26
N LEU B 502 44.52 -10.89 -12.76
CA LEU B 502 43.80 -10.40 -13.93
C LEU B 502 42.97 -9.13 -13.66
N SER B 503 43.00 -8.60 -12.42
CA SER B 503 42.33 -7.33 -12.08
C SER B 503 43.25 -6.20 -11.56
N GLY B 504 44.55 -6.29 -11.84
CA GLY B 504 45.52 -5.26 -11.47
C GLY B 504 46.41 -5.52 -10.25
N PHE B 505 46.29 -6.68 -9.61
CA PHE B 505 46.98 -6.92 -8.31
C PHE B 505 48.20 -7.88 -8.44
N GLY B 506 49.37 -7.40 -8.04
CA GLY B 506 50.60 -8.11 -8.36
C GLY B 506 50.93 -9.24 -7.42
N PHE B 507 50.33 -9.18 -6.22
CA PHE B 507 50.64 -10.09 -5.09
C PHE B 507 49.34 -10.53 -4.41
N TRP B 508 49.31 -11.81 -4.05
CA TRP B 508 48.19 -12.40 -3.39
C TRP B 508 48.68 -13.42 -2.37
N SER B 509 48.11 -13.33 -1.18
CA SER B 509 48.38 -14.25 -0.08
C SER B 509 47.16 -15.08 0.33
N HIS B 510 47.45 -16.22 0.93
CA HIS B 510 46.43 -17.08 1.44
C HIS B 510 46.98 -17.94 2.57
N ASP B 511 46.06 -18.60 3.25
CA ASP B 511 46.36 -19.32 4.48
C ASP B 511 46.40 -20.82 4.19
N ILE B 512 47.53 -21.44 4.51
CA ILE B 512 47.73 -22.85 4.25
C ILE B 512 46.78 -23.71 5.09
N GLY B 513 46.09 -24.64 4.44
CA GLY B 513 45.06 -25.45 5.09
C GLY B 513 43.75 -24.72 5.42
N GLY B 514 43.65 -23.44 5.07
CA GLY B 514 42.49 -22.64 5.41
C GLY B 514 42.36 -22.31 6.88
N PHE B 515 41.12 -22.04 7.28
CA PHE B 515 40.79 -21.50 8.59
C PHE B 515 40.07 -22.50 9.48
N GLU B 516 39.42 -23.46 8.85
CA GLU B 516 38.65 -24.47 9.56
C GLU B 516 39.54 -25.29 10.48
N ASN B 517 38.95 -25.71 11.60
CA ASN B 517 39.70 -26.20 12.75
C ASN B 517 40.50 -27.52 12.59
N THR B 518 39.82 -28.56 12.10
CA THR B 518 40.47 -29.83 11.83
C THR B 518 40.53 -30.06 10.35
N ALA B 519 41.51 -29.43 9.70
CA ALA B 519 41.96 -29.88 8.39
C ALA B 519 42.52 -31.30 8.54
N PRO B 520 42.10 -32.23 7.67
CA PRO B 520 42.88 -33.47 7.53
C PRO B 520 44.31 -33.12 7.13
N ALA B 521 45.26 -33.96 7.54
CA ALA B 521 46.68 -33.65 7.32
C ALA B 521 47.01 -33.64 5.85
N HIS B 522 46.32 -34.47 5.08
CA HIS B 522 46.59 -34.51 3.66
C HIS B 522 46.26 -33.20 2.93
N VAL B 523 45.13 -32.58 3.26
CA VAL B 523 44.76 -31.28 2.73
C VAL B 523 45.80 -30.18 3.11
N TYR B 524 46.08 -30.08 4.41
CA TYR B 524 47.16 -29.22 4.92
C TYR B 524 48.43 -29.34 4.08
N LYS B 525 48.81 -30.58 3.80
CA LYS B 525 50.07 -30.92 3.14
C LYS B 525 50.07 -30.45 1.69
N ARG B 526 49.02 -30.76 0.96
CA ARG B 526 48.87 -30.30 -0.42
C ARG B 526 48.84 -28.78 -0.50
N TRP B 527 48.13 -28.18 0.46
CA TRP B 527 47.98 -26.75 0.51
C TRP B 527 49.28 -26.04 0.84
N CYS B 528 50.18 -26.70 1.58
CA CYS B 528 51.48 -26.08 1.91
C CYS B 528 52.28 -25.81 0.67
N ALA B 529 52.32 -26.83 -0.20
CA ALA B 529 53.03 -26.75 -1.44
C ALA B 529 52.52 -25.58 -2.27
N PHE B 530 51.20 -25.54 -2.42
CA PHE B 530 50.57 -24.42 -3.11
C PHE B 530 50.91 -23.06 -2.42
N GLY B 531 50.70 -22.96 -1.11
CA GLY B 531 50.92 -21.69 -0.42
C GLY B 531 52.36 -21.13 -0.47
N LEU B 532 53.34 -22.01 -0.37
CA LEU B 532 54.76 -21.62 -0.51
C LEU B 532 55.22 -21.46 -1.97
N LEU B 533 54.40 -21.86 -2.93
CA LEU B 533 54.67 -21.50 -4.33
C LEU B 533 53.67 -20.42 -4.79
N SER B 534 53.33 -19.53 -3.88
CA SER B 534 52.52 -18.35 -4.13
C SER B 534 53.37 -17.15 -3.70
N SER B 535 53.04 -15.94 -4.14
CA SER B 535 53.87 -14.78 -3.71
C SER B 535 54.03 -14.76 -2.16
N HIS B 536 52.90 -14.93 -1.45
CA HIS B 536 52.86 -14.77 -0.01
C HIS B 536 52.03 -15.90 0.66
N SER B 537 52.45 -16.23 1.86
CA SER B 537 52.28 -17.56 2.43
C SER B 537 52.10 -17.46 3.96
N ARG B 538 50.95 -17.91 4.49
CA ARG B 538 50.66 -17.83 5.93
C ARG B 538 50.04 -19.12 6.51
N LEU B 539 50.40 -19.44 7.76
CA LEU B 539 49.68 -20.44 8.57
C LEU B 539 48.82 -19.78 9.66
N HIS B 540 47.54 -20.15 9.75
CA HIS B 540 46.64 -19.48 10.69
C HIS B 540 45.36 -20.28 10.82
N GLY B 541 45.09 -20.75 12.05
CA GLY B 541 43.87 -21.49 12.31
C GLY B 541 42.89 -20.78 13.25
N SER B 542 41.94 -21.59 13.67
CA SER B 542 40.79 -21.17 14.45
C SER B 542 41.09 -21.41 15.96
N LYS B 543 41.00 -22.66 16.38
CA LYS B 543 41.06 -22.99 17.81
C LYS B 543 42.44 -23.52 18.25
N SER B 544 43.33 -23.77 17.30
CA SER B 544 44.73 -24.13 17.66
C SER B 544 45.75 -23.58 16.65
N TYR B 545 46.99 -23.49 17.12
CA TYR B 545 48.10 -23.01 16.32
C TYR B 545 48.21 -23.94 15.10
N ARG B 546 48.31 -23.36 13.90
CA ARG B 546 48.36 -24.12 12.62
C ARG B 546 49.76 -24.73 12.34
N VAL B 547 50.44 -25.15 13.39
CA VAL B 547 51.75 -25.77 13.27
C VAL B 547 51.63 -27.18 12.70
N PRO B 548 52.67 -27.62 11.93
CA PRO B 548 52.61 -28.89 11.18
C PRO B 548 52.56 -30.09 12.08
N TRP B 549 53.20 -29.99 13.24
CA TRP B 549 53.22 -31.09 14.21
C TRP B 549 51.90 -31.36 14.91
N ALA B 550 50.91 -30.48 14.72
CA ALA B 550 49.51 -30.82 15.01
C ALA B 550 49.05 -32.10 14.31
N TYR B 551 49.77 -32.51 13.26
CA TYR B 551 49.38 -33.61 12.36
C TYR B 551 50.32 -34.80 12.46
N ASP B 552 51.50 -34.67 11.87
CA ASP B 552 52.49 -35.74 11.84
C ASP B 552 53.89 -35.17 11.55
N ASP B 553 54.89 -36.04 11.62
CA ASP B 553 56.25 -35.67 11.20
C ASP B 553 56.27 -35.32 9.71
N GLU B 554 55.49 -36.04 8.90
CA GLU B 554 55.48 -35.77 7.46
C GLU B 554 55.15 -34.31 7.19
N SER B 555 54.12 -33.82 7.89
CA SER B 555 53.70 -32.44 7.76
C SER B 555 54.83 -31.46 8.03
N CYS B 556 55.65 -31.74 9.04
CA CYS B 556 56.86 -30.91 9.35
C CYS B 556 57.83 -30.94 8.19
N ASP B 557 58.05 -32.14 7.63
CA ASP B 557 58.89 -32.29 6.43
C ASP B 557 58.39 -31.49 5.21
N VAL B 558 57.06 -31.41 5.07
CA VAL B 558 56.46 -30.64 3.96
C VAL B 558 56.74 -29.16 4.16
N VAL B 559 56.40 -28.66 5.34
CA VAL B 559 56.63 -27.25 5.63
C VAL B 559 58.12 -26.90 5.45
N ARG B 560 58.99 -27.79 5.92
CA ARG B 560 60.45 -27.53 5.83
C ARG B 560 60.91 -27.49 4.39
N PHE B 561 60.56 -28.55 3.66
CA PHE B 561 60.91 -28.65 2.25
C PHE B 561 60.55 -27.41 1.48
N PHE B 562 59.27 -27.06 1.52
CA PHE B 562 58.79 -26.00 0.67
C PHE B 562 59.16 -24.62 1.16
N THR B 563 59.47 -24.47 2.45
CA THR B 563 59.94 -23.18 2.96
C THR B 563 61.39 -22.92 2.50
N GLN B 564 62.20 -23.96 2.63
CA GLN B 564 63.55 -23.98 2.10
C GLN B 564 63.60 -23.69 0.62
N LEU B 565 62.79 -24.42 -0.15
CA LEU B 565 62.66 -24.17 -1.59
C LEU B 565 62.39 -22.72 -1.93
N LYS B 566 61.36 -22.14 -1.31
CA LYS B 566 60.93 -20.77 -1.62
C LYS B 566 62.08 -19.82 -1.33
N CYS B 567 62.75 -20.06 -0.20
CA CYS B 567 63.89 -19.19 0.16
C CYS B 567 64.99 -19.26 -0.87
N ARG B 568 65.23 -20.46 -1.38
CA ARG B 568 66.23 -20.65 -2.43
C ARG B 568 65.81 -20.06 -3.79
N MET B 569 64.51 -19.87 -4.02
CA MET B 569 64.02 -19.31 -5.28
C MET B 569 63.95 -17.79 -5.27
N MET B 570 64.26 -17.15 -4.16
CA MET B 570 64.11 -15.70 -4.10
C MET B 570 64.90 -14.84 -5.12
N PRO B 571 66.09 -15.29 -5.54
CA PRO B 571 66.74 -14.48 -6.61
C PRO B 571 65.88 -14.39 -7.88
N TYR B 572 65.20 -15.46 -8.21
CA TYR B 572 64.22 -15.48 -9.28
C TYR B 572 62.93 -14.72 -8.91
N LEU B 573 62.29 -15.20 -7.84
CA LEU B 573 61.03 -14.64 -7.37
C LEU B 573 61.06 -13.12 -7.17
N TYR B 574 62.15 -12.59 -6.57
CA TYR B 574 62.12 -11.17 -6.28
C TYR B 574 62.22 -10.36 -7.57
N ARG B 575 62.88 -10.92 -8.58
CA ARG B 575 62.94 -10.25 -9.90
C ARG B 575 61.56 -10.22 -10.54
N GLU B 576 60.86 -11.35 -10.53
CA GLU B 576 59.43 -11.39 -10.91
C GLU B 576 58.55 -10.43 -10.10
N ALA B 577 58.86 -10.24 -8.83
CA ALA B 577 58.11 -9.30 -7.99
C ALA B 577 58.33 -7.89 -8.55
N ALA B 578 59.56 -7.55 -8.95
CA ALA B 578 59.82 -6.23 -9.55
C ALA B 578 58.99 -5.99 -10.80
N ARG B 579 58.71 -7.07 -11.53
CA ARG B 579 57.87 -7.00 -12.76
C ARG B 579 56.46 -6.50 -12.46
N ALA B 580 55.87 -7.03 -11.38
CA ALA B 580 54.56 -6.62 -10.91
C ALA B 580 54.58 -5.15 -10.57
N ASN B 581 55.62 -4.70 -9.87
CA ASN B 581 55.80 -3.26 -9.62
C ASN B 581 55.97 -2.43 -10.90
N ALA B 582 56.76 -2.91 -11.86
CA ALA B 582 57.09 -2.09 -13.03
C ALA B 582 55.99 -2.07 -14.09
N ARG B 583 55.42 -3.25 -14.36
CA ARG B 583 54.46 -3.46 -15.44
C ARG B 583 53.08 -3.96 -14.99
N GLY B 584 52.88 -4.19 -13.70
CA GLY B 584 51.60 -4.72 -13.20
C GLY B 584 51.36 -6.18 -13.56
N THR B 585 52.42 -6.90 -13.93
CA THR B 585 52.32 -8.33 -14.32
C THR B 585 52.33 -9.08 -13.02
N PRO B 586 51.24 -9.78 -12.68
CA PRO B 586 51.23 -10.47 -11.36
C PRO B 586 52.20 -11.63 -11.23
N MET B 587 52.60 -11.96 -10.00
CA MET B 587 53.52 -13.10 -9.82
C MET B 587 52.83 -14.44 -10.20
N MET B 588 51.61 -14.61 -9.73
CA MET B 588 50.80 -15.78 -10.06
C MET B 588 49.92 -15.48 -11.28
N ARG B 589 50.25 -16.10 -12.42
CA ARG B 589 49.64 -15.79 -13.69
C ARG B 589 48.76 -16.89 -14.21
N ALA B 590 47.52 -16.55 -14.53
CA ALA B 590 46.71 -17.51 -15.30
C ALA B 590 47.48 -17.91 -16.56
N MET B 591 47.30 -19.13 -17.02
CA MET B 591 48.00 -19.60 -18.19
C MET B 591 47.68 -18.76 -19.44
N MET B 592 46.46 -18.28 -19.58
CA MET B 592 46.09 -17.52 -20.75
C MET B 592 46.87 -16.20 -20.82
N MET B 593 47.38 -15.73 -19.69
CA MET B 593 48.12 -14.48 -19.63
C MET B 593 49.58 -14.67 -20.11
N GLU B 594 50.20 -15.79 -19.76
CA GLU B 594 51.55 -16.07 -20.19
C GLU B 594 51.59 -16.63 -21.63
N PHE B 595 50.55 -17.38 -22.02
CA PHE B 595 50.46 -18.07 -23.32
C PHE B 595 49.12 -17.77 -24.05
N PRO B 596 48.87 -16.47 -24.36
CA PRO B 596 47.58 -15.99 -24.86
C PRO B 596 47.28 -16.43 -26.30
N ASP B 597 48.24 -16.94 -27.03
CA ASP B 597 47.90 -17.46 -28.38
C ASP B 597 47.65 -18.97 -28.41
N ASP B 598 47.73 -19.63 -27.25
CA ASP B 598 47.56 -21.09 -27.16
C ASP B 598 46.12 -21.40 -26.74
N PRO B 599 45.32 -21.96 -27.66
CA PRO B 599 43.90 -22.10 -27.34
C PRO B 599 43.57 -23.20 -26.29
N ALA B 600 44.52 -24.08 -25.99
CA ALA B 600 44.42 -25.03 -24.86
C ALA B 600 44.36 -24.36 -23.45
N CYS B 601 44.80 -23.11 -23.37
CA CYS B 601 44.95 -22.35 -22.12
C CYS B 601 43.78 -21.45 -21.66
N ASP B 602 42.77 -21.26 -22.52
CA ASP B 602 41.65 -20.36 -22.23
C ASP B 602 40.93 -20.57 -20.89
N TYR B 603 40.79 -21.84 -20.50
CA TYR B 603 40.00 -22.23 -19.29
C TYR B 603 40.78 -22.86 -18.11
N LEU B 604 42.10 -23.00 -18.27
CA LEU B 604 42.91 -23.63 -17.24
C LEU B 604 42.87 -22.81 -15.96
N ASP B 605 42.32 -23.40 -14.91
CA ASP B 605 42.20 -22.70 -13.58
C ASP B 605 42.76 -23.48 -12.39
N ARG B 606 43.42 -24.60 -12.65
CA ARG B 606 43.97 -25.48 -11.61
C ARG B 606 45.50 -25.47 -11.63
N GLN B 607 46.06 -24.53 -12.39
CA GLN B 607 47.50 -24.43 -12.60
C GLN B 607 47.75 -23.00 -13.00
N TYR B 608 48.98 -22.54 -12.76
CA TYR B 608 49.41 -21.19 -13.02
C TYR B 608 50.88 -21.16 -13.37
N MET B 609 51.33 -20.01 -13.83
CA MET B 609 52.72 -19.72 -13.98
C MET B 609 53.15 -18.86 -12.81
N LEU B 610 54.24 -19.25 -12.15
CA LEU B 610 54.84 -18.46 -11.09
C LEU B 610 56.05 -17.66 -11.67
N GLY B 611 55.81 -16.38 -11.98
CA GLY B 611 56.72 -15.60 -12.85
C GLY B 611 56.75 -16.08 -14.31
N ASP B 612 57.73 -15.59 -15.08
CA ASP B 612 57.82 -15.89 -16.52
C ASP B 612 58.03 -17.39 -16.80
N ASN B 613 58.76 -18.10 -15.94
CA ASN B 613 59.47 -19.34 -16.33
C ASN B 613 59.10 -20.69 -15.70
N VAL B 614 58.23 -20.69 -14.66
CA VAL B 614 57.81 -21.95 -14.05
C VAL B 614 56.31 -22.08 -13.90
N MET B 615 55.86 -23.27 -14.28
CA MET B 615 54.45 -23.66 -14.15
C MET B 615 54.30 -24.52 -12.92
N VAL B 616 53.36 -24.17 -12.02
CA VAL B 616 53.03 -25.00 -10.88
C VAL B 616 51.60 -25.44 -10.95
N ALA B 617 51.39 -26.71 -10.73
CA ALA B 617 50.06 -27.33 -10.68
C ALA B 617 49.85 -27.96 -9.31
N PRO B 618 49.09 -27.29 -8.43
CA PRO B 618 48.83 -27.88 -7.14
C PRO B 618 48.15 -29.25 -7.28
N VAL B 619 48.40 -30.12 -6.31
CA VAL B 619 47.75 -31.44 -6.28
C VAL B 619 46.56 -31.30 -5.36
N PHE B 620 45.38 -31.63 -5.90
CA PHE B 620 44.07 -31.45 -5.25
C PHE B 620 43.44 -32.80 -4.91
N THR B 621 44.28 -33.82 -4.75
CA THR B 621 43.82 -35.14 -4.28
C THR B 621 44.75 -35.63 -3.17
N GLU B 622 44.21 -36.48 -2.30
CA GLU B 622 45.01 -37.10 -1.26
C GLU B 622 45.99 -38.07 -1.92
N ALA B 623 45.44 -38.91 -2.79
CA ALA B 623 46.21 -39.93 -3.50
C ALA B 623 47.40 -39.37 -4.32
N GLY B 624 47.27 -38.15 -4.83
CA GLY B 624 48.38 -37.49 -5.50
C GLY B 624 48.23 -37.40 -7.01
N ASP B 625 47.10 -37.90 -7.53
CA ASP B 625 46.74 -37.76 -8.96
C ASP B 625 46.64 -36.28 -9.30
N VAL B 626 47.28 -35.86 -10.39
CA VAL B 626 47.08 -34.49 -10.90
C VAL B 626 47.16 -34.50 -12.43
N GLN B 627 46.30 -33.72 -13.11
CA GLN B 627 46.44 -33.50 -14.55
C GLN B 627 46.69 -32.03 -14.86
N PHE B 628 47.56 -31.80 -15.84
CA PHE B 628 47.96 -30.47 -16.21
C PHE B 628 48.40 -30.47 -17.67
N TYR B 629 48.27 -29.28 -18.28
CA TYR B 629 48.63 -28.95 -19.61
C TYR B 629 49.92 -28.14 -19.64
N LEU B 630 50.77 -28.51 -20.59
CA LEU B 630 52.01 -27.83 -20.82
C LEU B 630 51.95 -27.22 -22.23
N PRO B 631 52.11 -25.89 -22.37
CA PRO B 631 52.39 -25.30 -23.69
C PRO B 631 53.65 -25.80 -24.39
N GLU B 632 53.73 -25.53 -25.68
CA GLU B 632 54.86 -25.93 -26.52
C GLU B 632 56.22 -25.74 -25.83
N GLY B 633 57.05 -26.76 -26.01
CA GLY B 633 58.43 -26.72 -25.57
C GLY B 633 58.76 -27.91 -24.70
N ARG B 634 60.05 -28.06 -24.39
CA ARG B 634 60.45 -29.16 -23.57
C ARG B 634 60.79 -28.68 -22.15
N TRP B 635 59.98 -29.11 -21.20
CA TRP B 635 59.95 -28.55 -19.85
C TRP B 635 60.69 -29.49 -18.94
N THR B 636 61.17 -28.96 -17.82
CA THR B 636 62.01 -29.72 -16.89
C THR B 636 61.51 -29.50 -15.46
N HIS B 637 61.30 -30.58 -14.70
CA HIS B 637 60.92 -30.40 -13.31
C HIS B 637 62.03 -29.70 -12.50
N LEU B 638 61.66 -28.67 -11.78
CA LEU B 638 62.63 -27.81 -11.09
C LEU B 638 63.67 -28.59 -10.28
N TRP B 639 63.25 -29.63 -9.55
CA TRP B 639 64.23 -30.44 -8.77
C TRP B 639 64.31 -31.90 -9.14
N HIS B 640 63.24 -32.51 -9.65
CA HIS B 640 63.30 -33.90 -10.11
C HIS B 640 64.11 -33.98 -11.42
N ASN B 641 64.05 -32.90 -12.22
CA ASN B 641 64.82 -32.86 -13.47
C ASN B 641 64.32 -33.76 -14.60
N ASP B 642 63.16 -34.39 -14.44
CA ASP B 642 62.51 -35.11 -15.54
C ASP B 642 61.93 -34.11 -16.58
N GLU B 643 61.86 -34.57 -17.81
CA GLU B 643 61.57 -33.70 -18.95
C GLU B 643 60.22 -34.10 -19.58
N LEU B 644 59.53 -33.11 -20.12
CA LEU B 644 58.19 -33.33 -20.68
C LEU B 644 58.07 -32.45 -21.87
N ASP B 645 57.43 -32.99 -22.89
CA ASP B 645 57.12 -32.22 -24.07
C ASP B 645 55.76 -31.60 -23.94
N GLY B 646 55.62 -30.37 -24.44
CA GLY B 646 54.38 -29.61 -24.30
C GLY B 646 53.46 -29.75 -25.50
N SER B 647 52.54 -28.78 -25.60
CA SER B 647 51.42 -28.78 -26.52
C SER B 647 50.49 -29.95 -26.19
N ARG B 648 50.48 -30.35 -24.92
CA ARG B 648 49.58 -31.41 -24.48
C ARG B 648 49.41 -31.50 -22.98
N TRP B 649 48.40 -32.27 -22.60
CA TRP B 649 48.14 -32.65 -21.22
C TRP B 649 48.99 -33.81 -20.73
N HIS B 650 49.25 -33.80 -19.44
CA HIS B 650 49.99 -34.82 -18.74
C HIS B 650 49.23 -35.23 -17.49
N LYS B 651 49.46 -36.47 -17.04
CA LYS B 651 48.89 -37.03 -15.82
C LYS B 651 50.05 -37.56 -14.96
N GLN B 652 50.12 -37.14 -13.71
CA GLN B 652 51.19 -37.59 -12.82
C GLN B 652 50.61 -37.98 -11.46
N GLN B 653 51.39 -38.72 -10.66
CA GLN B 653 51.08 -39.01 -9.24
C GLN B 653 52.23 -38.47 -8.41
N HIS B 654 51.94 -37.56 -7.48
CA HIS B 654 52.95 -37.03 -6.56
C HIS B 654 52.64 -37.32 -5.07
N GLY B 655 53.69 -37.63 -4.30
CA GLY B 655 53.60 -37.69 -2.88
C GLY B 655 53.63 -36.27 -2.31
N PHE B 656 53.49 -36.22 -1.00
CA PHE B 656 53.34 -34.96 -0.30
C PHE B 656 54.57 -34.04 -0.37
N LEU B 657 55.72 -34.55 -0.81
CA LEU B 657 56.92 -33.70 -0.93
C LEU B 657 57.10 -33.21 -2.35
N SER B 658 56.07 -33.36 -3.17
CA SER B 658 56.19 -33.07 -4.59
C SER B 658 54.88 -32.54 -5.23
N LEU B 659 55.07 -31.88 -6.37
CA LEU B 659 54.01 -31.48 -7.29
C LEU B 659 54.67 -31.11 -8.60
N PRO B 660 53.88 -30.97 -9.70
CA PRO B 660 54.39 -30.45 -10.94
C PRO B 660 54.85 -29.01 -10.76
N VAL B 661 56.15 -28.81 -10.94
CA VAL B 661 56.76 -27.51 -10.95
C VAL B 661 57.73 -27.61 -12.10
N TYR B 662 57.33 -27.10 -13.26
CA TYR B 662 58.07 -27.29 -14.49
C TYR B 662 58.64 -25.98 -15.03
N VAL B 663 59.90 -26.06 -15.48
CA VAL B 663 60.63 -24.91 -16.00
C VAL B 663 60.66 -24.98 -17.52
N ARG B 664 60.28 -23.86 -18.18
CA ARG B 664 60.30 -23.74 -19.64
C ARG B 664 61.70 -23.92 -20.22
N ASP B 665 61.76 -24.30 -21.51
CA ASP B 665 63.03 -24.33 -22.25
C ASP B 665 63.65 -22.94 -22.46
N ASN B 666 64.89 -22.90 -22.96
CA ASN B 666 65.58 -21.64 -23.16
C ASN B 666 65.46 -20.74 -21.95
N THR B 667 65.61 -21.35 -20.77
CA THR B 667 65.56 -20.62 -19.50
C THR B 667 66.87 -20.75 -18.77
N LEU B 668 67.28 -19.62 -18.21
CA LEU B 668 68.41 -19.46 -17.31
C LEU B 668 67.86 -18.85 -15.99
N LEU B 669 68.01 -19.63 -14.91
CA LEU B 669 67.32 -19.44 -13.68
C LEU B 669 68.32 -19.30 -12.53
N ALA B 670 68.09 -18.33 -11.63
CA ALA B 670 68.94 -18.10 -10.45
C ALA B 670 68.38 -18.68 -9.16
N LEU B 671 69.12 -19.58 -8.54
CA LEU B 671 68.78 -20.12 -7.22
C LEU B 671 69.88 -19.68 -6.28
N GLY B 672 69.48 -19.30 -5.06
CA GLY B 672 70.39 -18.81 -4.03
C GLY B 672 70.94 -19.87 -3.10
N ASN B 673 71.97 -19.48 -2.37
CA ASN B 673 72.65 -20.36 -1.38
C ASN B 673 72.17 -20.22 0.06
N ASN B 674 70.98 -19.62 0.27
CA ASN B 674 70.39 -19.53 1.60
C ASN B 674 68.98 -20.14 1.56
N ASP B 675 68.74 -21.18 2.34
CA ASP B 675 67.44 -21.84 2.40
C ASP B 675 66.69 -21.58 3.70
N GLN B 676 67.11 -20.55 4.45
CA GLN B 676 66.63 -20.26 5.79
C GLN B 676 65.84 -18.97 5.90
N ARG B 677 66.13 -18.01 5.02
CA ARG B 677 65.45 -16.74 5.01
C ARG B 677 65.30 -16.23 3.58
N PRO B 678 64.26 -15.40 3.30
CA PRO B 678 64.10 -14.90 1.93
C PRO B 678 65.04 -13.75 1.59
N ASP B 679 65.45 -12.98 2.60
CA ASP B 679 66.15 -11.70 2.37
C ASP B 679 67.63 -11.91 2.60
N TYR B 680 68.38 -12.08 1.51
CA TYR B 680 69.84 -12.32 1.62
C TYR B 680 70.53 -11.76 0.41
N VAL B 681 71.87 -11.90 0.31
CA VAL B 681 72.60 -11.32 -0.82
C VAL B 681 72.56 -12.32 -1.96
N TRP B 682 71.55 -12.14 -2.80
CA TRP B 682 71.15 -13.12 -3.82
C TRP B 682 72.24 -13.27 -4.88
N HIS B 683 73.03 -12.19 -5.11
CA HIS B 683 74.10 -12.20 -6.11
C HIS B 683 75.44 -12.74 -5.61
N GLU B 684 75.48 -13.31 -4.41
CA GLU B 684 76.67 -13.98 -3.96
C GLU B 684 76.30 -15.44 -3.79
N GLY B 685 77.11 -16.32 -4.38
CA GLY B 685 76.96 -17.78 -4.22
C GLY B 685 75.81 -18.32 -5.06
N THR B 686 75.37 -17.56 -6.03
CA THR B 686 74.22 -17.94 -6.83
C THR B 686 74.48 -19.18 -7.68
N ALA B 687 73.48 -20.04 -7.79
CA ALA B 687 73.53 -21.23 -8.61
C ALA B 687 72.56 -21.06 -9.78
N PHE B 688 73.12 -20.78 -10.97
CA PHE B 688 72.35 -20.55 -12.17
C PHE B 688 72.16 -21.88 -12.84
N HIS B 689 70.98 -22.07 -13.43
CA HIS B 689 70.60 -23.34 -14.08
C HIS B 689 70.03 -23.05 -15.46
N LEU B 690 70.67 -23.65 -16.46
CA LEU B 690 70.32 -23.49 -17.85
C LEU B 690 69.48 -24.68 -18.22
N PHE B 691 68.28 -24.39 -18.70
CA PHE B 691 67.31 -25.43 -19.10
C PHE B 691 67.12 -25.36 -20.60
N ASN B 692 67.53 -26.45 -21.27
CA ASN B 692 67.28 -26.70 -22.70
C ASN B 692 67.37 -25.50 -23.63
N LEU B 693 68.61 -25.01 -23.77
CA LEU B 693 68.91 -23.89 -24.63
C LEU B 693 69.09 -24.39 -26.05
N GLN B 694 68.18 -23.98 -26.92
CA GLN B 694 68.17 -24.41 -28.30
C GLN B 694 69.07 -23.52 -29.17
N ASP B 695 69.56 -24.09 -30.26
CA ASP B 695 70.46 -23.37 -31.17
C ASP B 695 69.69 -22.23 -31.76
N GLY B 696 70.32 -21.06 -31.79
CA GLY B 696 69.65 -19.84 -32.22
C GLY B 696 68.90 -19.10 -31.14
N HIS B 697 69.00 -19.54 -29.89
CA HIS B 697 68.33 -18.85 -28.78
C HIS B 697 69.32 -18.26 -27.78
N GLU B 698 68.81 -17.36 -26.94
CA GLU B 698 69.57 -16.80 -25.83
C GLU B 698 68.67 -16.90 -24.60
N ALA B 699 69.21 -17.32 -23.46
CA ALA B 699 68.54 -17.20 -22.17
C ALA B 699 69.18 -16.04 -21.39
N VAL B 700 68.32 -15.15 -20.86
CA VAL B 700 68.72 -14.04 -19.99
C VAL B 700 68.23 -14.24 -18.55
N CYS B 701 69.12 -14.04 -17.59
CA CYS B 701 68.79 -14.09 -16.16
C CYS B 701 69.22 -12.78 -15.50
N GLU B 702 68.26 -12.09 -14.88
CA GLU B 702 68.53 -10.86 -14.18
C GLU B 702 68.41 -11.03 -12.66
N VAL B 703 69.55 -10.93 -11.94
CA VAL B 703 69.53 -11.02 -10.48
C VAL B 703 69.27 -9.65 -9.91
N PRO B 704 68.28 -9.57 -9.00
CA PRO B 704 67.90 -8.28 -8.43
C PRO B 704 68.70 -7.83 -7.19
N ALA B 705 68.80 -6.52 -7.01
CA ALA B 705 69.29 -5.91 -5.79
C ALA B 705 68.12 -5.88 -4.79
N ALA B 706 68.38 -5.52 -3.51
CA ALA B 706 67.26 -5.53 -2.52
C ALA B 706 66.09 -4.59 -2.89
N ASP B 707 66.37 -3.59 -3.74
CA ASP B 707 65.39 -2.62 -4.13
C ASP B 707 64.68 -3.07 -5.41
N GLY B 708 65.07 -4.21 -5.98
CA GLY B 708 64.43 -4.70 -7.20
C GLY B 708 65.14 -4.38 -8.52
N SER B 709 65.91 -3.28 -8.59
CA SER B 709 66.74 -3.03 -9.75
C SER B 709 67.62 -4.25 -10.07
N VAL B 710 68.13 -4.31 -11.30
CA VAL B 710 68.97 -5.41 -11.74
C VAL B 710 70.43 -5.07 -11.35
N ILE B 711 71.01 -5.93 -10.53
CA ILE B 711 72.41 -5.86 -10.10
C ILE B 711 73.40 -6.70 -10.94
N PHE B 712 72.92 -7.84 -11.44
CA PHE B 712 73.70 -8.71 -12.29
C PHE B 712 72.83 -9.34 -13.40
N THR B 713 73.38 -9.44 -14.63
CA THR B 713 72.74 -10.13 -15.77
C THR B 713 73.69 -11.18 -16.37
N LEU B 714 73.20 -12.41 -16.47
CA LEU B 714 73.91 -13.51 -17.11
C LEU B 714 73.12 -13.84 -18.37
N LYS B 715 73.80 -13.97 -19.50
CA LYS B 715 73.17 -14.44 -20.74
C LYS B 715 73.90 -15.70 -21.24
N ALA B 716 73.14 -16.67 -21.72
CA ALA B 716 73.68 -17.85 -22.41
C ALA B 716 73.09 -17.85 -23.80
N ALA B 717 73.95 -17.83 -24.82
CA ALA B 717 73.48 -17.70 -26.19
C ALA B 717 74.04 -18.85 -26.96
N ARG B 718 73.19 -19.51 -27.73
CA ARG B 718 73.61 -20.64 -28.52
C ARG B 718 73.59 -20.38 -30.02
N THR B 719 74.71 -20.78 -30.61
CA THR B 719 75.00 -20.66 -32.01
C THR B 719 75.71 -21.99 -32.38
N GLY B 720 75.02 -22.81 -33.16
CA GLY B 720 75.50 -24.17 -33.44
C GLY B 720 75.57 -25.02 -32.18
N ASN B 721 76.78 -25.43 -31.80
CA ASN B 721 76.98 -26.19 -30.55
C ASN B 721 77.81 -25.38 -29.54
N THR B 722 78.01 -24.11 -29.86
CA THR B 722 78.70 -23.20 -28.97
C THR B 722 77.68 -22.36 -28.18
N ILE B 723 77.73 -22.46 -26.86
CA ILE B 723 77.08 -21.47 -26.00
C ILE B 723 78.08 -20.48 -25.35
N THR B 724 77.83 -19.21 -25.66
CA THR B 724 78.60 -18.09 -25.15
C THR B 724 77.83 -17.55 -23.92
N VAL B 725 78.54 -17.47 -22.78
CA VAL B 725 77.96 -17.01 -21.53
C VAL B 725 78.63 -15.69 -21.19
N THR B 726 77.85 -14.64 -20.95
CA THR B 726 78.45 -13.37 -20.59
C THR B 726 77.76 -12.75 -19.37
N GLY B 727 78.56 -12.39 -18.36
CA GLY B 727 78.09 -11.69 -17.18
C GLY B 727 78.33 -10.21 -17.28
N ALA B 728 77.48 -9.43 -16.58
CA ALA B 728 77.65 -8.00 -16.46
C ALA B 728 77.00 -7.51 -15.15
N GLY B 729 77.76 -6.76 -14.36
CA GLY B 729 77.30 -6.22 -13.10
C GLY B 729 78.05 -6.88 -11.96
N GLU B 730 77.38 -6.97 -10.82
CA GLU B 730 77.98 -7.31 -9.54
C GLU B 730 77.51 -8.72 -9.12
N ALA B 731 78.43 -9.67 -9.05
CA ALA B 731 78.17 -10.98 -8.48
C ALA B 731 79.46 -11.60 -7.98
N LYS B 732 79.34 -12.66 -7.18
CA LYS B 732 80.49 -13.31 -6.56
C LYS B 732 80.19 -14.79 -6.37
N ASN B 733 81.22 -15.62 -6.49
CA ASN B 733 81.16 -17.05 -6.21
C ASN B 733 79.95 -17.78 -6.82
N TRP B 734 79.60 -17.43 -8.05
CA TRP B 734 78.50 -18.08 -8.74
C TRP B 734 78.93 -19.21 -9.64
N THR B 735 77.95 -20.03 -10.01
CA THR B 735 78.14 -21.26 -10.72
C THR B 735 77.01 -21.50 -11.77
N LEU B 736 77.24 -22.37 -12.75
CA LEU B 736 76.32 -22.56 -13.87
C LEU B 736 76.11 -24.02 -14.16
N CYS B 737 74.90 -24.51 -13.93
CA CYS B 737 74.61 -25.90 -14.08
C CYS B 737 73.93 -26.07 -15.40
N LEU B 738 74.50 -26.94 -16.23
CA LEU B 738 73.93 -27.29 -17.51
C LEU B 738 72.99 -28.44 -17.25
N ARG B 739 71.72 -28.08 -17.17
CA ARG B 739 70.70 -29.03 -16.79
C ARG B 739 70.56 -30.18 -17.82
N ASN B 740 70.59 -31.41 -17.31
CA ASN B 740 70.47 -32.64 -18.12
C ASN B 740 71.59 -32.78 -19.13
N VAL B 741 72.71 -32.13 -18.87
CA VAL B 741 73.91 -32.23 -19.71
C VAL B 741 75.03 -32.88 -18.92
N VAL B 742 75.32 -34.15 -19.25
CA VAL B 742 76.32 -34.96 -18.49
C VAL B 742 77.79 -34.65 -18.90
N LYS B 743 78.02 -34.56 -20.20
CA LYS B 743 79.34 -34.41 -20.78
C LYS B 743 79.30 -33.34 -21.84
N VAL B 744 80.44 -32.67 -21.97
CA VAL B 744 80.60 -31.54 -22.86
C VAL B 744 81.88 -31.76 -23.69
N ASN B 745 81.88 -31.24 -24.91
CA ASN B 745 83.07 -31.34 -25.75
C ASN B 745 84.21 -30.46 -25.19
N GLY B 746 83.92 -29.18 -24.96
CA GLY B 746 84.93 -28.26 -24.44
C GLY B 746 84.40 -27.14 -23.59
N LEU B 747 85.30 -26.46 -22.90
CA LEU B 747 84.99 -25.39 -21.96
C LEU B 747 86.12 -24.38 -22.02
N GLN B 748 85.80 -23.12 -22.31
CA GLN B 748 86.79 -22.03 -22.29
C GLN B 748 86.50 -21.02 -21.18
N ASP B 749 87.46 -20.87 -20.27
CA ASP B 749 87.43 -19.89 -19.17
C ASP B 749 86.59 -20.34 -17.98
N GLY B 750 86.66 -21.62 -17.68
CA GLY B 750 85.89 -22.17 -16.59
C GLY B 750 86.35 -23.56 -16.28
N SER B 751 86.07 -24.01 -15.08
CA SER B 751 86.29 -25.40 -14.69
C SER B 751 84.94 -26.14 -14.68
N GLN B 752 84.98 -27.46 -14.64
CA GLN B 752 83.77 -28.28 -14.60
C GLN B 752 83.84 -29.41 -13.58
N ALA B 753 82.65 -29.84 -13.16
CA ALA B 753 82.49 -30.92 -12.19
C ALA B 753 81.11 -31.57 -12.40
N GLU B 754 81.00 -32.85 -12.03
CA GLU B 754 79.71 -33.59 -12.08
C GLU B 754 78.72 -33.17 -10.97
N SER B 755 77.43 -33.36 -11.28
CA SER B 755 76.36 -33.28 -10.30
C SER B 755 75.23 -34.09 -10.93
N GLU B 756 74.32 -34.65 -10.15
CA GLU B 756 73.26 -35.43 -10.79
C GLU B 756 72.20 -34.60 -11.53
N GLN B 757 72.28 -33.27 -11.45
CA GLN B 757 71.40 -32.40 -12.23
C GLN B 757 72.01 -31.96 -13.54
N GLY B 758 73.30 -32.23 -13.70
CA GLY B 758 74.02 -31.85 -14.89
C GLY B 758 75.36 -31.24 -14.56
N LEU B 759 76.10 -30.92 -15.59
CA LEU B 759 77.46 -30.46 -15.41
C LEU B 759 77.46 -29.06 -14.79
N VAL B 760 78.20 -28.89 -13.70
CA VAL B 760 78.37 -27.57 -13.05
C VAL B 760 79.67 -26.90 -13.49
N VAL B 761 79.57 -25.71 -14.07
CA VAL B 761 80.71 -24.95 -14.52
C VAL B 761 81.05 -23.78 -13.58
N LYS B 762 82.32 -23.66 -13.20
CA LYS B 762 82.78 -22.59 -12.30
C LYS B 762 83.56 -21.61 -13.16
N PRO B 763 83.06 -20.38 -13.33
CA PRO B 763 83.63 -19.38 -14.26
C PRO B 763 84.96 -18.80 -13.78
N GLN B 764 85.72 -18.27 -14.74
CA GLN B 764 87.03 -17.63 -14.48
C GLN B 764 87.61 -17.07 -15.76
N GLY B 765 87.76 -15.74 -15.81
CA GLY B 765 88.15 -15.05 -17.05
C GLY B 765 86.97 -14.92 -17.98
N ASN B 766 86.04 -14.02 -17.66
CA ASN B 766 84.73 -13.91 -18.34
C ASN B 766 84.81 -13.98 -19.89
N ALA B 767 83.85 -14.70 -20.46
CA ALA B 767 83.89 -15.16 -21.85
C ALA B 767 83.13 -16.46 -21.85
N LEU B 768 83.50 -17.30 -20.88
CA LEU B 768 82.97 -18.62 -20.69
C LEU B 768 82.28 -19.12 -21.97
N THR B 769 82.96 -20.01 -22.66
CA THR B 769 82.41 -20.63 -23.82
C THR B 769 82.34 -22.11 -23.51
N ILE B 770 81.18 -22.68 -23.77
CA ILE B 770 80.98 -24.11 -23.67
C ILE B 770 80.66 -24.58 -25.04
N THR B 771 81.35 -25.63 -25.46
CA THR B 771 81.08 -26.26 -26.73
C THR B 771 80.53 -27.66 -26.45
N LEU B 772 79.29 -27.86 -26.89
CA LEU B 772 78.57 -29.10 -26.65
C LEU B 772 79.09 -30.22 -27.54
N HIS B 773 78.84 -31.48 -27.17
CA HIS B 773 79.20 -32.59 -28.05
C HIS B 773 78.11 -32.84 -29.11
N MET C 1 17.43 -19.11 -7.59
CA MET C 1 16.86 -18.24 -6.53
C MET C 1 17.84 -18.11 -5.39
N LYS C 2 18.10 -16.87 -5.04
CA LYS C 2 19.09 -16.60 -4.01
C LYS C 2 18.52 -16.99 -2.65
N ILE C 3 19.24 -17.86 -1.95
CA ILE C 3 18.79 -18.30 -0.65
C ILE C 3 19.73 -17.79 0.43
N SER C 4 21.01 -18.11 0.28
CA SER C 4 22.04 -17.55 1.20
C SER C 4 22.38 -16.11 0.79
N ASP C 5 22.97 -15.36 1.70
CA ASP C 5 23.56 -14.06 1.38
C ASP C 5 25.00 -14.27 1.79
N GLY C 6 25.83 -14.73 0.87
CA GLY C 6 27.15 -15.20 1.20
C GLY C 6 27.20 -16.40 2.16
N ASN C 7 28.42 -16.70 2.63
CA ASN C 7 28.61 -17.82 3.54
C ASN C 7 27.90 -17.67 4.87
N TRP C 8 27.87 -16.46 5.36
CA TRP C 8 27.59 -16.19 6.74
C TRP C 8 26.14 -15.85 7.04
N LEU C 9 25.37 -15.43 6.03
CA LEU C 9 24.05 -14.87 6.20
C LEU C 9 23.02 -15.56 5.33
N ILE C 10 21.76 -15.24 5.58
CA ILE C 10 20.66 -15.68 4.76
C ILE C 10 19.97 -14.44 4.18
N GLN C 11 19.43 -14.56 2.97
CA GLN C 11 18.62 -13.49 2.39
C GLN C 11 17.55 -13.04 3.38
N PRO C 12 17.27 -11.72 3.40
CA PRO C 12 16.32 -11.14 4.35
C PRO C 12 14.94 -11.67 4.14
N GLY C 13 14.28 -12.00 5.27
CA GLY C 13 12.88 -12.42 5.26
C GLY C 13 12.68 -13.89 4.90
N LEU C 14 13.75 -14.65 4.66
CA LEU C 14 13.60 -16.08 4.44
C LEU C 14 13.95 -16.80 5.72
N ASN C 15 13.11 -17.77 6.07
CA ASN C 15 13.37 -18.68 7.19
C ASN C 15 13.61 -20.06 6.62
N LEU C 16 14.73 -20.65 7.02
CA LEU C 16 15.13 -21.94 6.50
C LEU C 16 15.02 -23.02 7.58
N ILE C 17 14.54 -24.21 7.21
CA ILE C 17 14.70 -25.41 8.04
C ILE C 17 15.30 -26.53 7.17
N HIS C 18 16.09 -27.41 7.79
CA HIS C 18 16.86 -28.43 7.11
C HIS C 18 16.76 -29.76 7.84
N PRO C 19 16.72 -30.87 7.10
CA PRO C 19 16.97 -32.18 7.74
C PRO C 19 18.41 -32.27 8.31
N LEU C 20 18.52 -32.34 9.63
CA LEU C 20 19.79 -32.32 10.35
C LEU C 20 20.05 -33.60 11.17
N GLN C 21 19.00 -34.40 11.41
CA GLN C 21 19.17 -35.62 12.17
C GLN C 21 18.21 -36.72 11.77
N VAL C 22 18.75 -37.91 11.51
CA VAL C 22 17.91 -39.07 11.29
C VAL C 22 17.20 -39.41 12.59
N PHE C 23 15.86 -39.47 12.55
CA PHE C 23 15.07 -39.85 13.71
C PHE C 23 14.63 -41.31 13.57
N GLU C 24 14.20 -41.72 12.39
CA GLU C 24 13.70 -43.09 12.15
C GLU C 24 13.82 -43.44 10.67
N VAL C 25 14.06 -44.71 10.41
CA VAL C 25 14.17 -45.26 9.06
C VAL C 25 13.19 -46.41 8.98
N GLU C 26 12.39 -46.44 7.93
CA GLU C 26 11.43 -47.50 7.74
C GLU C 26 11.56 -48.03 6.34
N GLN C 27 11.74 -49.34 6.20
CA GLN C 27 11.61 -49.98 4.89
C GLN C 27 10.13 -50.14 4.60
N GLN C 28 9.70 -49.79 3.40
CA GLN C 28 8.36 -50.11 2.89
C GLN C 28 8.50 -50.86 1.53
N ASP C 29 8.48 -52.18 1.60
CA ASP C 29 8.69 -53.02 0.44
C ASP C 29 10.03 -52.66 -0.18
N ASN C 30 9.95 -51.95 -1.30
CA ASN C 30 11.08 -51.68 -2.16
C ASN C 30 11.49 -50.19 -2.07
N GLU C 31 10.99 -49.50 -1.05
CA GLU C 31 11.32 -48.08 -0.82
C GLU C 31 11.80 -47.87 0.62
N MET C 32 12.74 -46.94 0.81
CA MET C 32 13.28 -46.60 2.10
C MET C 32 12.82 -45.16 2.48
N VAL C 33 12.30 -45.02 3.69
CA VAL C 33 11.76 -43.76 4.17
C VAL C 33 12.60 -43.40 5.36
N VAL C 34 13.17 -42.19 5.31
CA VAL C 34 13.90 -41.62 6.37
C VAL C 34 13.15 -40.36 6.93
N TYR C 35 12.91 -40.36 8.23
CA TYR C 35 12.33 -39.19 8.90
C TYR C 35 13.44 -38.45 9.57
N ALA C 36 13.56 -37.16 9.25
CA ALA C 36 14.73 -36.37 9.63
C ALA C 36 14.26 -35.06 10.27
N ALA C 37 14.70 -34.83 11.49
CA ALA C 37 14.32 -33.63 12.22
C ALA C 37 15.30 -32.51 11.93
N PRO C 38 14.84 -31.26 12.09
CA PRO C 38 15.65 -30.06 11.91
C PRO C 38 16.48 -29.63 13.11
N ARG C 39 16.56 -30.49 14.12
CA ARG C 39 17.31 -30.30 15.30
C ARG C 39 17.46 -31.64 16.00
N ASP C 40 18.20 -31.61 17.10
CA ASP C 40 18.41 -32.78 17.94
C ASP C 40 17.16 -33.18 18.67
N VAL C 41 16.70 -34.38 18.37
CA VAL C 41 15.47 -34.93 18.93
C VAL C 41 15.73 -36.30 19.54
N ARG C 42 16.94 -36.51 20.04
CA ARG C 42 17.26 -37.73 20.75
C ARG C 42 16.42 -37.91 22.01
N GLU C 43 16.07 -36.79 22.65
CA GLU C 43 15.32 -36.77 23.91
C GLU C 43 13.88 -36.45 23.62
N ARG C 44 13.00 -37.10 24.37
CA ARG C 44 11.54 -36.98 24.17
C ARG C 44 11.04 -35.57 24.39
N THR C 45 11.68 -34.82 25.26
CA THR C 45 11.36 -33.40 25.46
C THR C 45 11.41 -32.56 24.15
N TRP C 46 12.23 -32.96 23.19
CA TRP C 46 12.36 -32.29 21.88
C TRP C 46 11.55 -32.93 20.72
N GLN C 47 10.84 -34.04 21.02
CA GLN C 47 10.05 -34.82 20.04
C GLN C 47 8.64 -34.26 19.82
N LEU C 48 8.58 -32.94 19.84
CA LEU C 48 7.34 -32.20 19.61
C LEU C 48 7.67 -30.73 19.40
N ASP C 49 6.72 -29.95 18.87
CA ASP C 49 6.97 -28.55 18.49
C ASP C 49 8.19 -28.43 17.53
N THR C 50 8.18 -29.28 16.52
CA THR C 50 9.21 -29.23 15.49
C THR C 50 8.64 -29.66 14.15
N PRO C 51 9.13 -29.05 13.07
CA PRO C 51 8.98 -29.68 11.79
C PRO C 51 9.72 -31.03 11.67
N LEU C 52 9.27 -31.86 10.73
CA LEU C 52 9.89 -33.14 10.39
C LEU C 52 9.89 -33.34 8.88
N PHE C 53 11.04 -33.71 8.34
CA PHE C 53 11.15 -33.99 6.91
C PHE C 53 10.95 -35.46 6.70
N THR C 54 10.20 -35.75 5.66
CA THR C 54 10.03 -37.10 5.20
C THR C 54 10.71 -37.26 3.83
N LEU C 55 11.71 -38.16 3.78
CA LEU C 55 12.48 -38.44 2.57
C LEU C 55 12.16 -39.86 2.16
N ARG C 56 11.76 -40.07 0.89
CA ARG C 56 11.50 -41.39 0.36
C ARG C 56 12.48 -41.66 -0.77
N PHE C 57 13.17 -42.79 -0.68
CA PHE C 57 14.09 -43.25 -1.72
C PHE C 57 13.46 -44.44 -2.47
N PHE C 58 13.54 -44.38 -3.81
CA PHE C 58 12.90 -45.39 -4.66
C PHE C 58 13.60 -45.52 -5.99
N SER C 59 13.35 -46.60 -6.72
CA SER C 59 13.99 -46.78 -8.06
C SER C 59 12.98 -47.09 -9.17
N PRO C 60 12.84 -46.18 -10.14
CA PRO C 60 11.96 -46.33 -11.31
C PRO C 60 12.55 -47.18 -12.39
N GLN C 61 13.87 -47.25 -12.39
CA GLN C 61 14.63 -47.96 -13.41
C GLN C 61 16.00 -48.26 -12.77
N GLU C 62 16.62 -49.35 -13.20
CA GLU C 62 17.94 -49.72 -12.71
C GLU C 62 18.99 -48.62 -12.86
N GLY C 63 19.81 -48.36 -11.84
CA GLY C 63 20.80 -47.29 -11.88
C GLY C 63 20.24 -45.87 -11.76
N ILE C 64 18.94 -45.75 -11.47
CA ILE C 64 18.33 -44.48 -11.09
C ILE C 64 17.75 -44.49 -9.66
N VAL C 65 18.23 -43.57 -8.82
CA VAL C 65 17.61 -43.38 -7.49
C VAL C 65 16.77 -42.11 -7.43
N GLY C 66 15.48 -42.29 -7.10
CA GLY C 66 14.58 -41.19 -6.82
C GLY C 66 14.63 -40.78 -5.36
N VAL C 67 14.60 -39.45 -5.16
CA VAL C 67 14.57 -38.84 -3.84
C VAL C 67 13.42 -37.86 -3.76
N ARG C 68 12.51 -38.11 -2.80
CA ARG C 68 11.40 -37.22 -2.53
C ARG C 68 11.52 -36.71 -1.09
N ILE C 69 11.74 -35.40 -0.98
CA ILE C 69 11.86 -34.70 0.29
C ILE C 69 10.63 -33.89 0.51
N GLU C 70 9.85 -34.26 1.52
CA GLU C 70 8.56 -33.60 1.71
C GLU C 70 8.45 -32.87 3.02
N HIS C 71 7.78 -31.74 2.94
CA HIS C 71 7.29 -31.03 4.13
C HIS C 71 5.80 -31.42 4.33
N PHE C 72 4.85 -30.62 3.85
CA PHE C 72 3.44 -30.94 3.99
C PHE C 72 2.94 -31.76 2.83
N GLN C 73 2.29 -32.87 3.16
CA GLN C 73 1.59 -33.70 2.18
C GLN C 73 0.17 -33.24 1.86
N GLY C 74 -0.39 -32.29 2.61
CA GLY C 74 -1.77 -31.88 2.35
C GLY C 74 -2.01 -30.87 1.23
N ALA C 75 -0.98 -30.51 0.50
CA ALA C 75 -1.10 -29.57 -0.65
C ALA C 75 -1.88 -30.25 -1.77
N LEU C 76 -2.58 -29.48 -2.62
CA LEU C 76 -3.35 -30.08 -3.74
C LEU C 76 -2.48 -30.91 -4.68
N ASN C 77 -1.28 -30.45 -5.00
CA ASN C 77 -0.36 -31.14 -5.97
C ASN C 77 -1.08 -31.73 -7.24
N ASN C 78 -1.83 -30.91 -7.97
CA ASN C 78 -2.40 -31.31 -9.25
C ASN C 78 -1.38 -31.49 -10.38
N GLY C 79 -1.79 -32.21 -11.43
CA GLY C 79 -0.97 -32.40 -12.62
C GLY C 79 -0.94 -31.15 -13.49
N PRO C 80 -0.33 -31.23 -14.68
CA PRO C 80 0.29 -32.44 -15.23
C PRO C 80 1.66 -32.82 -14.62
N HIS C 81 2.04 -34.06 -14.86
CA HIS C 81 3.32 -34.51 -14.43
C HIS C 81 4.07 -35.04 -15.66
N TYR C 82 5.39 -35.15 -15.54
CA TYR C 82 6.22 -35.56 -16.66
C TYR C 82 5.92 -37.00 -17.04
N PRO C 83 6.08 -37.36 -18.34
CA PRO C 83 5.73 -38.70 -18.83
C PRO C 83 6.82 -39.74 -18.51
N LEU C 84 7.01 -39.99 -17.23
CA LEU C 84 8.07 -40.87 -16.76
C LEU C 84 7.64 -42.32 -16.96
N ASN C 85 8.62 -43.13 -17.31
CA ASN C 85 8.49 -44.58 -17.36
C ASN C 85 8.94 -45.18 -16.04
N ILE C 86 7.97 -45.56 -15.22
CA ILE C 86 8.27 -45.95 -13.86
C ILE C 86 7.91 -47.40 -13.70
N LEU C 87 8.94 -48.22 -13.51
CA LEU C 87 8.74 -49.64 -13.18
C LEU C 87 8.50 -49.80 -11.68
N GLN C 88 7.73 -50.83 -11.32
CA GLN C 88 7.44 -51.12 -9.90
C GLN C 88 8.32 -52.26 -9.33
N ASP C 89 8.89 -53.09 -10.20
CA ASP C 89 9.62 -54.32 -9.80
C ASP C 89 11.14 -54.27 -10.04
N VAL C 90 11.71 -53.08 -9.98
CA VAL C 90 13.16 -52.91 -10.08
C VAL C 90 13.82 -53.54 -8.85
N LYS C 91 14.89 -54.29 -9.10
CA LYS C 91 15.69 -54.92 -8.07
C LYS C 91 16.52 -53.92 -7.27
N VAL C 92 16.17 -53.82 -5.98
CA VAL C 92 16.83 -52.93 -5.05
C VAL C 92 17.19 -53.66 -3.78
N THR C 93 18.08 -53.02 -3.05
CA THR C 93 18.61 -53.47 -1.78
C THR C 93 18.45 -52.29 -0.81
N ILE C 94 17.80 -52.55 0.32
CA ILE C 94 17.74 -51.58 1.44
C ILE C 94 18.48 -52.16 2.64
N GLU C 95 19.42 -51.38 3.17
CA GLU C 95 20.13 -51.82 4.35
C GLU C 95 20.20 -50.73 5.43
N ASN C 96 19.49 -51.02 6.51
CA ASN C 96 19.26 -50.12 7.63
C ASN C 96 20.09 -50.56 8.84
N THR C 97 21.20 -49.87 9.09
CA THR C 97 22.14 -50.20 10.15
C THR C 97 22.22 -49.09 11.22
N GLU C 98 23.04 -49.30 12.24
CA GLU C 98 23.16 -48.36 13.34
C GLU C 98 23.81 -47.07 12.78
N ARG C 99 24.64 -47.22 11.77
CA ARG C 99 25.45 -46.12 11.22
C ARG C 99 24.82 -45.40 9.96
N TYR C 100 24.16 -46.19 9.12
CA TYR C 100 23.67 -45.72 7.84
C TYR C 100 22.32 -46.26 7.54
N ALA C 101 21.61 -45.54 6.67
CA ALA C 101 20.54 -46.11 5.88
C ALA C 101 20.90 -45.99 4.41
N GLU C 102 20.84 -47.10 3.68
CA GLU C 102 21.29 -47.12 2.30
C GLU C 102 20.34 -47.90 1.40
N PHE C 103 19.94 -47.21 0.34
CA PHE C 103 19.11 -47.69 -0.70
C PHE C 103 19.99 -47.82 -1.97
N LYS C 104 19.97 -49.00 -2.60
CA LYS C 104 20.78 -49.28 -3.81
C LYS C 104 19.98 -49.83 -4.99
N SER C 105 20.20 -49.23 -6.17
CA SER C 105 19.64 -49.77 -7.44
C SER C 105 20.75 -49.90 -8.43
N GLY C 106 21.11 -51.12 -8.80
CA GLY C 106 22.28 -51.35 -9.65
C GLY C 106 23.57 -50.99 -8.91
N ASN C 107 24.42 -50.17 -9.53
CA ASN C 107 25.65 -49.70 -8.91
C ASN C 107 25.50 -48.39 -8.13
N LEU C 108 24.31 -47.79 -8.21
CA LEU C 108 24.06 -46.51 -7.58
C LEU C 108 23.31 -46.66 -6.28
N SER C 109 23.77 -45.98 -5.27
CA SER C 109 23.06 -45.96 -4.01
C SER C 109 22.99 -44.56 -3.46
N ALA C 110 22.00 -44.36 -2.60
CA ALA C 110 21.88 -43.20 -1.74
C ALA C 110 22.05 -43.65 -0.28
N ARG C 111 22.98 -42.99 0.43
CA ARG C 111 23.28 -43.32 1.81
C ARG C 111 23.16 -42.08 2.75
N VAL C 112 22.32 -42.22 3.77
CA VAL C 112 22.13 -41.23 4.83
C VAL C 112 22.84 -41.65 6.14
N SER C 113 23.66 -40.73 6.69
CA SER C 113 24.39 -40.94 7.93
C SER C 113 23.50 -40.63 9.12
N LYS C 114 23.35 -41.64 9.99
CA LYS C 114 22.61 -41.50 11.23
C LYS C 114 23.53 -40.77 12.22
N GLY C 115 22.95 -40.30 13.32
CA GLY C 115 23.70 -39.67 14.38
C GLY C 115 23.97 -38.21 14.21
N GLU C 116 24.98 -37.74 14.92
CA GLU C 116 25.31 -36.32 15.01
C GLU C 116 25.65 -35.62 13.69
N PHE C 117 26.22 -36.36 12.72
CA PHE C 117 26.70 -35.76 11.47
C PHE C 117 25.90 -36.26 10.26
N TRP C 118 24.80 -35.56 10.00
CA TRP C 118 23.97 -35.79 8.82
C TRP C 118 24.78 -35.65 7.56
N SER C 119 24.48 -36.53 6.61
CA SER C 119 25.08 -36.54 5.30
C SER C 119 24.15 -37.31 4.39
N LEU C 120 23.89 -36.78 3.19
CA LEU C 120 23.28 -37.57 2.10
C LEU C 120 24.30 -37.74 0.99
N ASP C 121 24.67 -38.96 0.69
CA ASP C 121 25.75 -39.25 -0.24
C ASP C 121 25.19 -40.14 -1.31
N PHE C 122 25.61 -39.89 -2.56
CA PHE C 122 25.33 -40.78 -3.66
C PHE C 122 26.63 -41.47 -4.06
N LEU C 123 26.57 -42.80 -4.11
CA LEU C 123 27.78 -43.64 -4.28
C LEU C 123 27.63 -44.53 -5.51
N ARG C 124 28.73 -44.72 -6.21
CA ARG C 124 28.77 -45.65 -7.31
C ARG C 124 29.72 -46.76 -6.88
N ASN C 125 29.15 -47.96 -6.73
CA ASN C 125 29.84 -49.06 -6.07
C ASN C 125 30.65 -48.56 -4.87
N GLY C 126 29.99 -47.81 -3.99
CA GLY C 126 30.55 -47.37 -2.74
C GLY C 126 31.54 -46.23 -2.81
N GLU C 127 31.74 -45.62 -3.96
CA GLU C 127 32.53 -44.40 -3.97
C GLU C 127 31.68 -43.20 -4.35
N ARG C 128 31.82 -42.13 -3.57
CA ARG C 128 30.91 -40.98 -3.60
C ARG C 128 31.09 -40.18 -4.90
N ILE C 129 30.00 -40.06 -5.64
CA ILE C 129 30.03 -39.30 -6.91
C ILE C 129 29.48 -37.89 -6.73
N THR C 130 28.58 -37.71 -5.77
CA THR C 130 28.08 -36.39 -5.37
C THR C 130 27.29 -36.56 -4.10
N GLY C 131 26.81 -35.48 -3.55
CA GLY C 131 25.94 -35.61 -2.40
C GLY C 131 25.40 -34.31 -1.93
N SER C 132 24.65 -34.37 -0.84
CA SER C 132 24.15 -33.19 -0.20
C SER C 132 24.72 -33.03 1.22
N GLN C 133 25.40 -31.91 1.47
CA GLN C 133 25.94 -31.68 2.83
C GLN C 133 24.91 -31.07 3.72
N VAL C 134 25.03 -31.34 5.02
CA VAL C 134 24.07 -30.79 6.00
C VAL C 134 23.76 -29.28 5.85
N LYS C 135 22.48 -28.94 5.96
CA LYS C 135 21.92 -27.58 5.70
C LYS C 135 21.95 -27.09 4.25
N ASN C 136 22.22 -28.00 3.28
CA ASN C 136 22.14 -27.65 1.87
C ASN C 136 20.89 -28.16 1.18
N ASN C 137 19.92 -28.59 1.98
CA ASN C 137 18.57 -28.86 1.50
C ASN C 137 17.53 -28.52 2.56
N GLY C 138 16.24 -28.54 2.17
CA GLY C 138 15.16 -28.21 3.06
C GLY C 138 14.15 -27.25 2.47
N TYR C 139 13.49 -26.50 3.36
CA TYR C 139 12.29 -25.72 3.10
C TYR C 139 12.63 -24.25 3.34
N VAL C 140 12.14 -23.42 2.45
CA VAL C 140 12.33 -21.97 2.49
C VAL C 140 10.97 -21.34 2.68
N GLN C 141 10.80 -20.63 3.78
CA GLN C 141 9.61 -19.82 4.03
C GLN C 141 9.99 -18.37 3.69
N ASP C 142 9.49 -17.89 2.58
CA ASP C 142 9.75 -16.55 2.16
C ASP C 142 8.62 -15.68 2.72
N THR C 143 9.04 -14.91 3.69
CA THR C 143 8.21 -14.10 4.55
C THR C 143 7.94 -12.74 3.83
N ASN C 144 8.62 -12.49 2.70
CA ASN C 144 8.39 -11.28 1.93
C ASN C 144 7.19 -11.46 1.01
N ASN C 145 7.09 -12.60 0.34
CA ASN C 145 6.07 -12.79 -0.67
C ASN C 145 5.11 -13.89 -0.33
N GLN C 146 5.25 -14.48 0.88
CA GLN C 146 4.36 -15.53 1.36
C GLN C 146 4.47 -16.78 0.49
N ARG C 147 5.58 -16.99 -0.19
CA ARG C 147 5.75 -18.20 -0.97
C ARG C 147 6.70 -19.09 -0.22
N ASN C 148 6.54 -20.40 -0.48
CA ASN C 148 7.30 -21.48 0.16
C ASN C 148 7.99 -22.37 -0.88
N TYR C 149 9.25 -22.71 -0.65
CA TYR C 149 10.09 -23.48 -1.60
C TYR C 149 10.77 -24.68 -0.93
N MET C 150 11.14 -25.64 -1.74
CA MET C 150 12.03 -26.72 -1.33
C MET C 150 13.25 -26.64 -2.19
N PHE C 151 14.38 -27.03 -1.63
CA PHE C 151 15.65 -26.88 -2.27
C PHE C 151 16.67 -27.94 -1.90
N GLU C 152 17.65 -28.09 -2.77
CA GLU C 152 18.78 -29.01 -2.63
C GLU C 152 19.99 -28.35 -3.25
N ARG C 153 21.17 -28.69 -2.76
CA ARG C 153 22.40 -28.38 -3.43
C ARG C 153 23.28 -29.62 -3.53
N LEU C 154 23.50 -30.08 -4.76
CA LEU C 154 24.38 -31.23 -4.99
C LEU C 154 25.83 -30.86 -5.31
N ASP C 155 26.72 -31.48 -4.57
CA ASP C 155 28.12 -31.15 -4.60
C ASP C 155 28.76 -31.33 -5.98
N LEU C 156 29.70 -30.45 -6.26
CA LEU C 156 30.58 -30.57 -7.40
C LEU C 156 32.00 -30.73 -6.91
N GLY C 157 32.71 -31.69 -7.50
CA GLY C 157 34.12 -31.95 -7.21
C GLY C 157 35.10 -31.01 -7.91
N VAL C 158 36.38 -31.12 -7.59
CA VAL C 158 37.40 -30.27 -8.29
C VAL C 158 37.43 -30.55 -9.77
N GLY C 159 37.29 -29.51 -10.60
CA GLY C 159 37.23 -29.65 -12.05
C GLY C 159 35.95 -30.27 -12.60
N GLU C 160 34.91 -30.41 -11.78
CA GLU C 160 33.63 -30.95 -12.24
C GLU C 160 32.76 -29.88 -12.95
N THR C 161 32.36 -30.21 -14.16
CA THR C 161 31.67 -29.28 -15.07
C THR C 161 30.28 -29.83 -15.39
N VAL C 162 29.37 -28.91 -15.72
CA VAL C 162 27.98 -29.21 -15.82
C VAL C 162 27.50 -28.76 -17.20
N TYR C 163 26.51 -29.52 -17.73
CA TYR C 163 26.06 -29.51 -19.10
C TYR C 163 24.58 -29.80 -19.11
N GLY C 164 23.93 -29.34 -20.20
CA GLY C 164 22.51 -29.60 -20.49
C GLY C 164 21.57 -28.48 -20.05
N LEU C 165 20.46 -28.86 -19.44
CA LEU C 165 19.43 -27.94 -18.96
C LEU C 165 18.60 -27.40 -20.14
N GLY C 166 18.72 -28.09 -21.27
CA GLY C 166 17.88 -27.86 -22.44
C GLY C 166 18.68 -27.32 -23.57
N GLU C 167 17.99 -26.79 -24.55
CA GLU C 167 18.64 -26.09 -25.63
C GLU C 167 18.90 -24.63 -25.22
N ARG C 168 20.14 -24.35 -24.84
CA ARG C 168 20.46 -23.03 -24.34
C ARG C 168 21.67 -22.56 -25.14
N PHE C 169 21.77 -21.23 -25.24
CA PHE C 169 22.66 -20.51 -26.14
C PHE C 169 23.78 -19.78 -25.41
N THR C 170 23.74 -19.84 -24.08
CA THR C 170 24.81 -19.40 -23.21
C THR C 170 26.05 -20.34 -23.39
N ALA C 171 27.11 -20.01 -22.67
CA ALA C 171 28.29 -20.83 -22.57
C ALA C 171 27.92 -22.26 -22.27
N LEU C 172 28.53 -23.15 -23.02
CA LEU C 172 28.26 -24.57 -22.96
C LEU C 172 28.37 -25.19 -21.56
N VAL C 173 29.52 -24.96 -20.92
CA VAL C 173 29.69 -25.42 -19.55
C VAL C 173 28.92 -24.44 -18.66
N ARG C 174 27.98 -24.97 -17.91
CA ARG C 174 27.00 -24.19 -17.13
C ARG C 174 27.51 -23.55 -15.80
N ASN C 175 28.69 -23.96 -15.32
CA ASN C 175 29.20 -23.49 -14.07
C ASN C 175 29.28 -21.98 -14.09
N GLY C 176 28.64 -21.35 -13.11
CA GLY C 176 28.56 -19.90 -12.98
C GLY C 176 27.23 -19.29 -13.42
N GLN C 177 26.35 -20.10 -14.00
CA GLN C 177 25.04 -19.64 -14.53
C GLN C 177 23.84 -19.93 -13.62
N THR C 178 22.91 -18.98 -13.59
CA THR C 178 21.59 -19.33 -13.16
C THR C 178 20.76 -19.71 -14.37
N VAL C 179 19.98 -20.80 -14.23
CA VAL C 179 19.04 -21.12 -15.27
C VAL C 179 17.68 -21.46 -14.70
N GLU C 180 16.65 -20.87 -15.32
CA GLU C 180 15.26 -21.09 -14.94
C GLU C 180 14.62 -21.94 -16.02
N THR C 181 14.02 -23.06 -15.67
CA THR C 181 13.49 -23.93 -16.70
C THR C 181 12.06 -23.50 -17.01
N TRP C 182 11.98 -22.55 -17.95
CA TRP C 182 10.71 -21.88 -18.28
C TRP C 182 10.76 -21.48 -19.76
N ASN C 183 9.89 -22.11 -20.54
CA ASN C 183 9.88 -21.90 -21.97
C ASN C 183 9.55 -20.46 -22.29
N ARG C 184 10.24 -19.92 -23.29
CA ARG C 184 10.05 -18.54 -23.70
C ARG C 184 10.40 -18.44 -25.17
N ASP C 185 9.92 -17.35 -25.79
CA ASP C 185 10.24 -16.98 -27.14
C ASP C 185 11.20 -15.80 -27.00
N GLY C 186 12.48 -16.11 -26.90
CA GLY C 186 13.55 -15.11 -26.65
C GLY C 186 14.56 -15.05 -27.76
N GLY C 187 14.31 -15.74 -28.85
CA GLY C 187 15.36 -15.97 -29.88
C GLY C 187 16.44 -16.92 -29.40
N THR C 188 17.65 -16.79 -30.00
CA THR C 188 18.75 -17.72 -29.81
C THR C 188 20.07 -17.03 -29.34
N SER C 189 19.91 -15.84 -28.75
CA SER C 189 21.00 -14.98 -28.44
C SER C 189 20.94 -14.51 -27.02
N THR C 190 20.04 -15.07 -26.19
CA THR C 190 19.90 -14.62 -24.79
C THR C 190 20.00 -15.85 -23.88
N GLU C 191 19.66 -15.63 -22.61
CA GLU C 191 19.68 -16.68 -21.57
C GLU C 191 18.43 -17.52 -21.65
N GLN C 192 17.48 -17.09 -22.49
CA GLN C 192 16.21 -17.74 -22.63
C GLN C 192 16.28 -18.91 -23.59
N ALA C 193 15.28 -19.77 -23.52
CA ALA C 193 15.26 -21.00 -24.29
C ALA C 193 13.83 -21.33 -24.56
N TYR C 194 13.62 -21.85 -25.76
CA TYR C 194 12.33 -22.40 -26.20
C TYR C 194 12.17 -23.80 -25.66
N LYS C 195 13.29 -24.47 -25.40
CA LYS C 195 13.32 -25.87 -25.05
C LYS C 195 14.02 -26.08 -23.69
N ASN C 196 13.25 -26.00 -22.60
CA ASN C 196 13.83 -26.06 -21.26
C ASN C 196 13.65 -27.46 -20.75
N ILE C 197 14.68 -27.96 -20.10
CA ILE C 197 14.70 -29.30 -19.50
C ILE C 197 15.46 -29.28 -18.18
N PRO C 198 14.76 -29.58 -17.04
CA PRO C 198 15.43 -29.62 -15.75
C PRO C 198 16.33 -30.87 -15.50
N PHE C 199 17.20 -31.20 -16.47
CA PHE C 199 18.13 -32.33 -16.37
C PHE C 199 19.50 -31.79 -16.69
N TYR C 200 20.47 -32.05 -15.81
CA TYR C 200 21.85 -31.74 -16.12
C TYR C 200 22.68 -33.01 -16.02
N MET C 201 23.84 -32.99 -16.64
CA MET C 201 24.81 -34.01 -16.45
C MET C 201 26.19 -33.38 -16.25
N THR C 202 27.14 -34.16 -15.72
CA THR C 202 28.46 -33.60 -15.37
C THR C 202 29.58 -34.46 -15.98
N ASN C 203 30.83 -33.97 -16.03
CA ASN C 203 31.96 -34.78 -16.51
C ASN C 203 32.40 -35.90 -15.56
N ARG C 204 31.66 -36.15 -14.49
CA ARG C 204 31.96 -37.23 -13.56
C ARG C 204 30.99 -38.39 -13.79
N GLY C 205 30.20 -38.30 -14.84
CA GLY C 205 29.48 -39.50 -15.30
C GLY C 205 28.19 -39.85 -14.58
N TYR C 206 27.50 -38.83 -14.09
CA TYR C 206 26.11 -38.97 -13.65
C TYR C 206 25.28 -37.83 -14.21
N GLY C 207 23.98 -38.02 -14.17
CA GLY C 207 23.03 -36.93 -14.42
C GLY C 207 21.98 -36.79 -13.32
N VAL C 208 21.27 -35.66 -13.35
CA VAL C 208 20.13 -35.47 -12.47
C VAL C 208 18.94 -34.78 -13.13
N LEU C 209 17.80 -35.42 -13.01
CA LEU C 209 16.52 -34.89 -13.44
C LEU C 209 15.81 -34.36 -12.16
N VAL C 210 15.45 -33.08 -12.16
CA VAL C 210 14.60 -32.48 -11.14
C VAL C 210 13.18 -32.62 -11.64
N ASN C 211 12.40 -33.45 -10.95
CA ASN C 211 11.10 -33.88 -11.49
C ASN C 211 9.97 -32.89 -11.21
N HIS C 212 10.13 -31.67 -11.73
CA HIS C 212 9.10 -30.62 -11.62
C HIS C 212 8.83 -29.84 -12.93
N PRO C 213 7.60 -29.98 -13.48
CA PRO C 213 7.32 -29.26 -14.70
C PRO C 213 7.12 -27.74 -14.61
N GLN C 214 6.80 -27.19 -13.43
CA GLN C 214 6.87 -25.73 -13.18
C GLN C 214 8.30 -25.28 -13.32
N CYS C 215 8.52 -23.98 -13.16
CA CYS C 215 9.88 -23.42 -13.21
C CYS C 215 10.71 -24.07 -12.14
N VAL C 216 11.86 -24.59 -12.52
CA VAL C 216 12.89 -24.88 -11.54
C VAL C 216 13.98 -23.81 -11.66
N SER C 217 14.46 -23.31 -10.53
CA SER C 217 15.51 -22.30 -10.53
C SER C 217 16.85 -22.96 -10.09
N PHE C 218 17.79 -23.01 -11.02
CA PHE C 218 19.09 -23.60 -10.80
C PHE C 218 20.08 -22.51 -10.61
N GLU C 219 20.88 -22.67 -9.58
CA GLU C 219 22.10 -21.85 -9.44
C GLU C 219 23.25 -22.84 -9.58
N VAL C 220 23.86 -22.85 -10.77
CA VAL C 220 24.81 -23.88 -11.15
C VAL C 220 26.15 -23.29 -10.82
N GLY C 221 26.59 -23.53 -9.61
CA GLY C 221 27.83 -22.89 -9.13
C GLY C 221 27.74 -21.38 -9.12
N SER C 222 26.53 -20.85 -9.14
CA SER C 222 26.30 -19.40 -9.19
C SER C 222 25.97 -18.79 -7.80
N GLU C 223 25.62 -19.61 -6.80
CA GLU C 223 25.38 -19.10 -5.45
C GLU C 223 26.49 -19.67 -4.58
N LYS C 224 26.45 -20.98 -4.39
CA LYS C 224 27.56 -21.78 -3.88
C LYS C 224 28.34 -22.31 -5.07
N VAL C 225 29.58 -21.88 -5.16
CA VAL C 225 30.39 -22.06 -6.35
C VAL C 225 30.68 -23.52 -6.67
N SER C 226 30.72 -24.39 -5.67
CA SER C 226 31.08 -25.79 -5.91
C SER C 226 29.87 -26.69 -5.66
N LYS C 227 28.67 -26.15 -5.92
CA LYS C 227 27.42 -26.91 -5.81
C LYS C 227 26.42 -26.49 -6.90
N VAL C 228 25.56 -27.42 -7.29
CA VAL C 228 24.42 -27.13 -8.15
C VAL C 228 23.20 -27.06 -7.25
N GLN C 229 22.73 -25.84 -7.01
CA GLN C 229 21.52 -25.56 -6.24
C GLN C 229 20.28 -25.57 -7.14
N PHE C 230 19.22 -26.22 -6.69
CA PHE C 230 17.97 -26.11 -7.39
C PHE C 230 16.86 -25.97 -6.41
N SER C 231 15.90 -25.07 -6.70
CA SER C 231 14.75 -24.82 -5.86
C SER C 231 13.43 -24.72 -6.66
N VAL C 232 12.32 -24.92 -5.99
CA VAL C 232 11.05 -25.01 -6.67
C VAL C 232 10.00 -24.62 -5.66
N GLU C 233 8.99 -23.84 -6.08
CA GLU C 233 7.89 -23.49 -5.22
C GLU C 233 6.96 -24.69 -5.04
N SER C 234 7.13 -25.45 -3.95
CA SER C 234 6.44 -26.72 -3.75
C SER C 234 6.58 -27.08 -2.28
N GLU C 235 5.70 -27.96 -1.79
CA GLU C 235 5.82 -28.53 -0.46
C GLU C 235 6.68 -29.78 -0.44
N TYR C 236 7.11 -30.22 -1.62
CA TYR C 236 8.11 -31.31 -1.77
C TYR C 236 9.05 -31.04 -2.93
N LEU C 237 10.22 -31.66 -2.82
CA LEU C 237 11.19 -31.71 -3.89
C LEU C 237 11.44 -33.18 -4.26
N GLU C 238 11.46 -33.48 -5.56
CA GLU C 238 11.75 -34.82 -6.08
C GLU C 238 12.74 -34.68 -7.20
N TYR C 239 13.85 -35.37 -7.05
CA TYR C 239 14.82 -35.46 -8.10
C TYR C 239 15.30 -36.88 -8.27
N PHE C 240 15.90 -37.17 -9.44
CA PHE C 240 16.43 -38.51 -9.75
C PHE C 240 17.92 -38.45 -10.13
N VAL C 241 18.77 -39.15 -9.38
CA VAL C 241 20.20 -39.20 -9.71
C VAL C 241 20.35 -40.38 -10.66
N ILE C 242 21.00 -40.17 -11.79
CA ILE C 242 21.08 -41.17 -12.87
C ILE C 242 22.52 -41.57 -13.15
N ASP C 243 22.84 -42.84 -12.91
CA ASP C 243 24.21 -43.29 -13.03
C ASP C 243 24.61 -43.42 -14.50
N GLY C 244 25.90 -43.33 -14.72
CA GLY C 244 26.49 -43.58 -16.02
C GLY C 244 27.17 -44.93 -16.10
N PRO C 245 28.50 -44.97 -15.96
CA PRO C 245 29.45 -43.96 -15.55
C PRO C 245 29.99 -43.02 -16.63
N THR C 246 29.53 -43.17 -17.87
CA THR C 246 29.90 -42.32 -18.97
C THR C 246 28.70 -41.45 -19.35
N PRO C 247 28.95 -40.27 -19.97
CA PRO C 247 27.88 -39.46 -20.54
C PRO C 247 26.88 -40.23 -21.40
N LYS C 248 27.34 -41.12 -22.26
CA LYS C 248 26.44 -41.86 -23.12
C LYS C 248 25.54 -42.80 -22.33
N ALA C 249 26.10 -43.38 -21.26
CA ALA C 249 25.40 -44.29 -20.39
C ALA C 249 24.34 -43.54 -19.59
N VAL C 250 24.70 -42.33 -19.11
CA VAL C 250 23.71 -41.44 -18.47
C VAL C 250 22.50 -41.15 -19.42
N LEU C 251 22.81 -40.76 -20.67
CA LEU C 251 21.77 -40.47 -21.65
C LEU C 251 20.92 -41.68 -22.04
N ASP C 252 21.53 -42.86 -21.98
CA ASP C 252 20.82 -44.12 -22.25
C ASP C 252 19.72 -44.33 -21.19
N ARG C 253 20.11 -44.36 -19.92
CA ARG C 253 19.15 -44.39 -18.80
C ARG C 253 18.11 -43.25 -18.86
N TYR C 254 18.56 -42.04 -19.18
CA TYR C 254 17.65 -40.85 -19.13
C TYR C 254 16.55 -40.97 -20.20
N THR C 255 16.94 -41.39 -21.41
CA THR C 255 15.99 -41.56 -22.51
C THR C 255 15.14 -42.83 -22.32
N ARG C 256 15.68 -43.89 -21.73
CA ARG C 256 14.81 -44.98 -21.32
C ARG C 256 13.72 -44.51 -20.32
N PHE C 257 14.16 -43.69 -19.37
CA PHE C 257 13.30 -43.20 -18.31
C PHE C 257 12.26 -42.17 -18.83
N THR C 258 12.66 -41.26 -19.71
CA THR C 258 11.79 -40.12 -20.07
C THR C 258 11.29 -40.16 -21.50
N GLY C 259 11.94 -40.98 -22.34
CA GLY C 259 11.49 -41.23 -23.73
C GLY C 259 12.65 -41.32 -24.69
N ARG C 260 12.61 -42.33 -25.55
CA ARG C 260 13.63 -42.52 -26.63
C ARG C 260 13.31 -41.62 -27.85
N PRO C 261 14.32 -40.92 -28.37
CA PRO C 261 14.17 -40.29 -29.69
C PRO C 261 13.67 -41.30 -30.68
N ALA C 262 12.69 -40.91 -31.47
CA ALA C 262 12.18 -41.72 -32.56
C ALA C 262 13.18 -41.73 -33.70
N LEU C 263 13.13 -42.76 -34.52
CA LEU C 263 13.92 -42.82 -35.79
C LEU C 263 13.16 -42.08 -36.95
N PRO C 264 13.69 -40.91 -37.36
CA PRO C 264 12.96 -40.24 -38.44
C PRO C 264 13.21 -40.93 -39.79
N PRO C 265 12.29 -40.76 -40.76
CA PRO C 265 12.47 -41.38 -42.07
C PRO C 265 13.72 -40.83 -42.76
N ALA C 266 14.40 -41.69 -43.54
CA ALA C 266 15.63 -41.26 -44.21
C ALA C 266 15.44 -40.07 -45.14
N TRP C 267 14.28 -39.93 -45.75
CA TRP C 267 14.06 -38.77 -46.62
C TRP C 267 14.20 -37.42 -45.90
N SER C 268 13.91 -37.40 -44.60
CA SER C 268 14.03 -36.18 -43.81
C SER C 268 15.50 -35.71 -43.67
N PHE C 269 16.46 -36.59 -43.94
CA PHE C 269 17.89 -36.22 -43.86
C PHE C 269 18.42 -35.42 -45.08
N GLY C 270 17.54 -35.17 -46.03
CA GLY C 270 17.93 -34.40 -47.20
C GLY C 270 17.80 -32.90 -46.98
N LEU C 271 17.85 -32.14 -48.06
CA LEU C 271 17.83 -30.70 -47.96
C LEU C 271 16.37 -30.21 -48.01
N TRP C 272 16.05 -29.36 -47.05
CA TRP C 272 14.76 -28.68 -46.95
C TRP C 272 14.94 -27.27 -47.46
N LEU C 273 13.97 -26.79 -48.21
CA LEU C 273 13.94 -25.40 -48.68
C LEU C 273 12.59 -24.86 -48.35
N THR C 274 12.52 -23.57 -48.00
CA THR C 274 11.22 -22.94 -47.73
C THR C 274 10.88 -21.80 -48.67
N THR C 275 9.58 -21.47 -48.67
CA THR C 275 9.04 -20.24 -49.24
C THR C 275 9.68 -18.94 -48.70
N SER C 276 10.42 -19.05 -47.60
CA SER C 276 10.77 -17.93 -46.72
C SER C 276 9.51 -17.39 -46.05
N PHE C 277 9.69 -16.38 -45.21
CA PHE C 277 8.62 -15.93 -44.34
C PHE C 277 7.70 -14.90 -45.01
N THR C 278 8.22 -13.68 -45.19
CA THR C 278 7.42 -12.53 -45.60
C THR C 278 7.59 -12.18 -47.10
N THR C 279 8.19 -13.12 -47.86
CA THR C 279 8.19 -13.09 -49.33
C THR C 279 6.74 -13.26 -49.78
N ASN C 280 6.55 -13.64 -51.05
CA ASN C 280 5.25 -13.82 -51.63
C ASN C 280 5.18 -15.18 -52.25
N TYR C 281 4.19 -15.96 -51.84
CA TYR C 281 4.13 -17.31 -52.28
C TYR C 281 2.95 -17.41 -53.16
N ASP C 282 3.11 -18.21 -54.20
CA ASP C 282 2.09 -18.66 -55.09
C ASP C 282 2.80 -19.70 -55.94
N GLU C 283 2.01 -20.48 -56.67
CA GLU C 283 2.53 -21.58 -57.41
C GLU C 283 3.73 -21.17 -58.27
N ALA C 284 3.65 -20.06 -58.99
CA ALA C 284 4.73 -19.72 -59.94
C ALA C 284 6.04 -19.42 -59.26
N THR C 285 5.99 -18.57 -58.24
CA THR C 285 7.18 -18.14 -57.47
C THR C 285 7.86 -19.34 -56.83
N VAL C 286 7.04 -20.18 -56.24
CA VAL C 286 7.49 -21.40 -55.61
C VAL C 286 8.20 -22.30 -56.61
N ASN C 287 7.50 -22.65 -57.68
CA ASN C 287 8.05 -23.51 -58.74
C ASN C 287 9.26 -22.92 -59.40
N SER C 288 9.29 -21.60 -59.48
CA SER C 288 10.47 -20.92 -60.03
C SER C 288 11.74 -21.20 -59.23
N PHE C 289 11.65 -21.13 -57.91
CA PHE C 289 12.85 -21.38 -57.09
C PHE C 289 13.18 -22.90 -57.03
N ILE C 290 12.13 -23.73 -57.06
CA ILE C 290 12.32 -25.18 -57.13
C ILE C 290 12.98 -25.58 -58.43
N ASP C 291 12.55 -25.00 -59.54
CA ASP C 291 13.13 -25.39 -60.81
C ASP C 291 14.53 -24.82 -60.94
N GLY C 292 14.77 -23.66 -60.33
CA GLY C 292 16.10 -23.02 -60.31
C GLY C 292 17.15 -23.89 -59.61
N MET C 293 16.74 -24.57 -58.54
CA MET C 293 17.59 -25.57 -57.87
C MET C 293 17.87 -26.72 -58.83
N ALA C 294 16.82 -27.25 -59.47
CA ALA C 294 17.00 -28.37 -60.39
C ALA C 294 17.92 -28.00 -61.57
N GLU C 295 17.68 -26.84 -62.18
CA GLU C 295 18.55 -26.30 -63.24
C GLU C 295 19.98 -26.28 -62.85
N ARG C 296 20.23 -25.86 -61.62
CA ARG C 296 21.60 -25.78 -61.17
C ARG C 296 22.13 -27.11 -60.66
N ASN C 297 21.39 -28.21 -60.85
CA ASN C 297 21.83 -29.50 -60.28
C ASN C 297 22.10 -29.41 -58.75
N LEU C 298 21.14 -28.78 -58.05
CA LEU C 298 21.09 -28.67 -56.59
C LEU C 298 19.96 -29.58 -56.07
N PRO C 299 20.31 -30.80 -55.59
CA PRO C 299 19.28 -31.74 -55.11
C PRO C 299 18.47 -31.17 -53.94
N LEU C 300 17.16 -31.38 -54.01
CA LEU C 300 16.23 -30.82 -53.07
C LEU C 300 15.17 -31.86 -52.78
N HIS C 301 14.91 -32.07 -51.50
CA HIS C 301 14.14 -33.22 -51.02
C HIS C 301 12.86 -32.85 -50.27
N VAL C 302 12.91 -31.74 -49.54
CA VAL C 302 11.70 -31.28 -48.82
C VAL C 302 11.41 -29.82 -49.09
N PHE C 303 10.14 -29.53 -49.32
CA PHE C 303 9.71 -28.16 -49.50
C PHE C 303 8.66 -27.78 -48.43
N HIS C 304 8.85 -26.61 -47.79
CA HIS C 304 8.09 -26.13 -46.64
C HIS C 304 7.31 -24.89 -47.00
N PHE C 305 6.00 -24.88 -46.75
CA PHE C 305 5.20 -23.67 -46.84
C PHE C 305 5.14 -22.95 -45.48
N ASP C 306 5.62 -21.72 -45.44
CA ASP C 306 5.59 -20.98 -44.17
C ASP C 306 4.25 -20.25 -43.96
N CYS C 307 4.19 -19.36 -42.97
CA CYS C 307 2.94 -18.88 -42.35
C CYS C 307 1.88 -18.40 -43.36
N PHE C 308 2.34 -17.75 -44.41
CA PHE C 308 1.43 -17.07 -45.32
C PHE C 308 0.78 -18.01 -46.30
N TRP C 309 0.89 -19.32 -46.07
CA TRP C 309 -0.05 -20.23 -46.74
C TRP C 309 -1.51 -20.01 -46.31
N MET C 310 -1.66 -19.42 -45.12
CA MET C 310 -2.95 -18.97 -44.60
C MET C 310 -3.07 -17.43 -44.67
N LYS C 311 -4.29 -16.92 -44.59
CA LYS C 311 -4.50 -15.46 -44.64
C LYS C 311 -3.87 -14.74 -43.42
N ALA C 312 -3.38 -13.52 -43.64
CA ALA C 312 -2.74 -12.76 -42.59
C ALA C 312 -3.71 -12.54 -41.46
N PHE C 313 -3.21 -12.56 -40.22
CA PHE C 313 -4.05 -12.28 -39.03
C PHE C 313 -5.00 -13.43 -38.64
N GLN C 314 -4.96 -14.51 -39.42
CA GLN C 314 -5.82 -15.67 -39.21
C GLN C 314 -5.05 -16.94 -38.85
N TRP C 315 -3.76 -16.81 -38.56
CA TRP C 315 -2.91 -17.94 -38.19
C TRP C 315 -3.24 -18.35 -36.75
N CYS C 316 -3.48 -19.64 -36.44
CA CYS C 316 -3.42 -20.80 -37.35
C CYS C 316 -4.80 -21.41 -37.45
N ASP C 317 -5.51 -21.06 -38.52
CA ASP C 317 -6.87 -21.55 -38.74
C ASP C 317 -7.00 -22.66 -39.82
N PHE C 318 -5.86 -23.08 -40.38
CA PHE C 318 -5.71 -24.17 -41.34
C PHE C 318 -6.37 -23.93 -42.68
N GLU C 319 -6.70 -22.67 -43.04
CA GLU C 319 -7.37 -22.42 -44.33
C GLU C 319 -6.41 -21.84 -45.28
N TRP C 320 -6.25 -22.54 -46.39
CA TRP C 320 -5.43 -22.07 -47.48
C TRP C 320 -5.93 -20.72 -48.00
N ASP C 321 -5.02 -19.76 -48.15
CA ASP C 321 -5.32 -18.51 -48.83
C ASP C 321 -5.84 -18.78 -50.26
N PRO C 322 -7.13 -18.53 -50.51
CA PRO C 322 -7.75 -18.93 -51.78
C PRO C 322 -7.31 -18.11 -52.99
N LEU C 323 -6.78 -16.92 -52.75
CA LEU C 323 -6.25 -16.09 -53.81
C LEU C 323 -4.87 -16.54 -54.21
N THR C 324 -4.01 -16.86 -53.24
CA THR C 324 -2.71 -17.41 -53.54
C THR C 324 -2.74 -18.90 -53.91
N PHE C 325 -3.60 -19.66 -53.25
CA PHE C 325 -3.62 -21.12 -53.35
C PHE C 325 -5.02 -21.62 -53.65
N PRO C 326 -5.53 -21.35 -54.86
CA PRO C 326 -6.83 -21.82 -55.34
C PRO C 326 -7.01 -23.32 -55.46
N ASP C 327 -5.94 -24.06 -55.66
CA ASP C 327 -6.03 -25.53 -55.73
C ASP C 327 -4.86 -26.13 -54.94
N PRO C 328 -5.00 -26.15 -53.60
CA PRO C 328 -3.93 -26.72 -52.80
C PRO C 328 -3.57 -28.15 -53.14
N GLU C 329 -4.59 -29.01 -53.32
CA GLU C 329 -4.36 -30.47 -53.59
C GLU C 329 -3.60 -30.67 -54.94
N GLY C 330 -4.02 -29.94 -55.97
CA GLY C 330 -3.29 -29.88 -57.26
C GLY C 330 -1.82 -29.41 -57.20
N MET C 331 -1.56 -28.32 -56.51
CA MET C 331 -0.19 -27.85 -56.39
C MET C 331 0.70 -28.88 -55.68
N ILE C 332 0.17 -29.49 -54.63
CA ILE C 332 0.95 -30.43 -53.84
C ILE C 332 1.26 -31.68 -54.68
N ARG C 333 0.26 -32.21 -55.41
CA ARG C 333 0.50 -33.35 -56.33
C ARG C 333 1.65 -33.03 -57.31
N ARG C 334 1.61 -31.86 -57.92
CA ARG C 334 2.69 -31.47 -58.79
C ARG C 334 4.04 -31.43 -58.13
N LEU C 335 4.11 -30.93 -56.90
CA LEU C 335 5.39 -30.88 -56.22
C LEU C 335 5.91 -32.28 -55.92
N LYS C 336 5.01 -33.18 -55.50
CA LYS C 336 5.35 -34.57 -55.28
C LYS C 336 5.91 -35.21 -56.54
N ALA C 337 5.34 -34.82 -57.70
CA ALA C 337 5.76 -35.39 -58.97
C ALA C 337 7.15 -34.89 -59.34
N LYS C 338 7.60 -33.79 -58.75
CA LYS C 338 9.02 -33.42 -58.83
C LYS C 338 9.92 -34.14 -57.81
N GLY C 339 9.38 -35.11 -57.07
CA GLY C 339 10.14 -35.83 -56.08
C GLY C 339 10.29 -35.20 -54.68
N LEU C 340 9.41 -34.26 -54.36
CA LEU C 340 9.47 -33.55 -53.09
C LEU C 340 8.54 -34.13 -52.03
N LYS C 341 9.02 -34.18 -50.79
CA LYS C 341 8.13 -34.22 -49.62
C LYS C 341 7.71 -32.78 -49.27
N ILE C 342 6.51 -32.63 -48.69
CA ILE C 342 5.93 -31.31 -48.32
C ILE C 342 5.62 -31.16 -46.81
N CYS C 343 6.07 -30.02 -46.30
CA CYS C 343 5.89 -29.61 -44.95
C CYS C 343 5.11 -28.31 -44.98
N VAL C 344 4.27 -28.09 -43.96
CA VAL C 344 3.67 -26.79 -43.76
C VAL C 344 3.84 -26.32 -42.30
N TRP C 345 3.77 -25.01 -42.16
CA TRP C 345 3.90 -24.37 -40.87
C TRP C 345 2.58 -24.52 -40.16
N ILE C 346 2.61 -24.83 -38.87
CA ILE C 346 1.43 -24.67 -37.99
C ILE C 346 1.91 -24.10 -36.66
N ASN C 347 0.95 -23.69 -35.86
CA ASN C 347 1.18 -23.33 -34.47
C ASN C 347 -0.10 -23.54 -33.70
N PRO C 348 -0.03 -23.43 -32.35
CA PRO C 348 -1.16 -23.70 -31.47
C PRO C 348 -1.97 -22.48 -31.07
N TYR C 349 -1.91 -21.44 -31.87
CA TYR C 349 -2.62 -20.23 -31.54
C TYR C 349 -3.54 -19.88 -32.72
N ILE C 350 -4.51 -19.02 -32.46
CA ILE C 350 -5.38 -18.52 -33.53
C ILE C 350 -5.78 -17.06 -33.37
N GLY C 351 -5.61 -16.30 -34.45
CA GLY C 351 -6.06 -14.89 -34.54
C GLY C 351 -7.58 -14.70 -34.68
N GLN C 352 -8.09 -13.66 -34.04
CA GLN C 352 -9.50 -13.35 -34.00
C GLN C 352 -10.12 -13.08 -35.40
N LYS C 353 -9.30 -12.64 -36.37
CA LYS C 353 -9.83 -12.36 -37.69
C LYS C 353 -10.35 -13.65 -38.37
N SER C 354 -9.81 -14.81 -38.03
CA SER C 354 -10.30 -16.04 -38.62
C SER C 354 -11.82 -16.23 -38.46
N PRO C 355 -12.52 -16.53 -39.57
CA PRO C 355 -13.90 -17.00 -39.47
C PRO C 355 -14.09 -18.17 -38.51
N VAL C 356 -13.05 -18.97 -38.36
CA VAL C 356 -13.03 -20.15 -37.48
C VAL C 356 -13.04 -19.80 -35.97
N PHE C 357 -12.53 -18.63 -35.61
CA PHE C 357 -12.37 -18.19 -34.21
C PHE C 357 -13.69 -18.28 -33.45
N LYS C 358 -14.73 -17.74 -34.06
CA LYS C 358 -16.06 -17.68 -33.45
C LYS C 358 -16.60 -19.10 -33.19
N GLU C 359 -16.37 -20.00 -34.15
CA GLU C 359 -16.73 -21.40 -34.02
C GLU C 359 -16.09 -21.94 -32.74
N LEU C 360 -14.79 -21.72 -32.60
CA LEU C 360 -14.04 -22.24 -31.49
C LEU C 360 -14.48 -21.60 -30.17
N GLN C 361 -14.83 -20.33 -30.23
CA GLN C 361 -15.26 -19.60 -29.05
C GLN C 361 -16.58 -20.20 -28.54
N GLU C 362 -17.54 -20.37 -29.43
CA GLU C 362 -18.84 -20.99 -29.08
C GLU C 362 -18.72 -22.42 -28.54
N LYS C 363 -17.82 -23.21 -29.13
CA LYS C 363 -17.57 -24.59 -28.69
C LYS C 363 -16.78 -24.74 -27.38
N GLY C 364 -16.05 -23.69 -26.96
CA GLY C 364 -15.34 -23.71 -25.70
C GLY C 364 -13.96 -24.31 -25.82
N TYR C 365 -13.36 -24.23 -27.02
CA TYR C 365 -12.11 -24.94 -27.33
C TYR C 365 -10.86 -24.14 -27.09
N LEU C 366 -11.05 -22.90 -26.68
CA LEU C 366 -9.93 -21.95 -26.46
C LEU C 366 -9.69 -21.67 -25.01
N LEU C 367 -8.43 -21.47 -24.65
CA LEU C 367 -8.04 -21.23 -23.28
C LEU C 367 -8.83 -20.05 -22.67
N LYS C 368 -9.42 -20.28 -21.51
CA LYS C 368 -10.22 -19.25 -20.89
C LYS C 368 -9.55 -18.72 -19.66
N ARG C 369 -9.93 -17.49 -19.34
CA ARG C 369 -9.62 -16.91 -18.02
C ARG C 369 -10.55 -17.52 -16.97
N PRO C 370 -10.18 -17.40 -15.70
CA PRO C 370 -10.97 -17.91 -14.57
C PRO C 370 -12.38 -17.39 -14.55
N ASP C 371 -12.59 -16.16 -15.03
CA ASP C 371 -13.97 -15.61 -15.15
C ASP C 371 -14.82 -16.17 -16.28
N GLY C 372 -14.24 -17.02 -17.14
CA GLY C 372 -14.95 -17.60 -18.27
C GLY C 372 -14.71 -16.94 -19.64
N SER C 373 -14.17 -15.73 -19.64
CA SER C 373 -13.86 -15.03 -20.86
C SER C 373 -12.60 -15.65 -21.52
N LEU C 374 -12.39 -15.38 -22.80
CA LEU C 374 -11.17 -15.83 -23.49
C LEU C 374 -9.96 -15.08 -23.03
N TRP C 375 -8.88 -15.81 -22.82
CA TRP C 375 -7.52 -15.25 -22.71
C TRP C 375 -7.13 -14.80 -24.12
N GLN C 376 -6.82 -13.50 -24.27
CA GLN C 376 -6.37 -13.00 -25.54
C GLN C 376 -5.29 -11.98 -25.28
N TRP C 377 -4.35 -11.85 -26.22
CA TRP C 377 -3.51 -10.66 -26.31
C TRP C 377 -3.26 -10.28 -27.81
N ASP C 378 -2.42 -9.28 -28.08
CA ASP C 378 -2.13 -8.86 -29.48
C ASP C 378 -0.72 -9.19 -29.94
N LYS C 379 0.02 -10.01 -29.17
CA LYS C 379 1.32 -10.45 -29.67
C LYS C 379 1.12 -11.57 -30.71
N TRP C 380 1.98 -11.58 -31.73
CA TRP C 380 1.93 -12.51 -32.88
C TRP C 380 0.74 -12.28 -33.81
N GLN C 381 -0.47 -12.45 -33.33
CA GLN C 381 -1.64 -12.19 -34.15
C GLN C 381 -2.61 -11.39 -33.34
N PRO C 382 -3.42 -10.53 -34.01
CA PRO C 382 -4.41 -9.73 -33.31
C PRO C 382 -5.48 -10.58 -32.64
N GLY C 383 -5.83 -10.23 -31.41
CA GLY C 383 -6.83 -10.99 -30.64
C GLY C 383 -6.52 -12.47 -30.49
N LEU C 384 -5.23 -12.81 -30.41
CA LEU C 384 -4.79 -14.18 -30.42
C LEU C 384 -5.31 -14.92 -29.20
N ALA C 385 -5.80 -16.14 -29.44
CA ALA C 385 -6.14 -17.08 -28.41
C ALA C 385 -5.35 -18.38 -28.58
N ILE C 386 -5.49 -19.28 -27.60
CA ILE C 386 -4.71 -20.49 -27.51
C ILE C 386 -5.66 -21.67 -27.52
N TYR C 387 -5.37 -22.66 -28.35
CA TYR C 387 -6.11 -23.93 -28.35
C TYR C 387 -5.88 -24.67 -27.05
N ASP C 388 -6.96 -25.04 -26.39
CA ASP C 388 -6.89 -25.68 -25.10
C ASP C 388 -6.78 -27.21 -25.31
N PHE C 389 -5.55 -27.69 -25.33
CA PHE C 389 -5.25 -29.10 -25.54
C PHE C 389 -5.56 -29.96 -24.33
N THR C 390 -6.10 -29.41 -23.25
CA THR C 390 -6.61 -30.24 -22.16
C THR C 390 -8.07 -30.59 -22.35
N ASN C 391 -8.66 -29.99 -23.36
CA ASN C 391 -10.05 -30.22 -23.75
C ASN C 391 -10.03 -31.28 -24.84
N PRO C 392 -10.55 -32.46 -24.54
CA PRO C 392 -10.48 -33.53 -25.54
C PRO C 392 -11.16 -33.21 -26.85
N ASP C 393 -12.30 -32.52 -26.80
CA ASP C 393 -12.96 -32.07 -28.03
C ASP C 393 -12.13 -31.08 -28.86
N ALA C 394 -11.37 -30.21 -28.20
CA ALA C 394 -10.48 -29.28 -28.91
C ALA C 394 -9.32 -29.99 -29.58
N CYS C 395 -8.78 -31.01 -28.92
CA CYS C 395 -7.72 -31.83 -29.46
C CYS C 395 -8.17 -32.49 -30.75
N LYS C 396 -9.33 -33.13 -30.70
CA LYS C 396 -9.90 -33.76 -31.89
C LYS C 396 -10.17 -32.79 -33.09
N TRP C 397 -10.73 -31.62 -32.83
CA TRP C 397 -10.95 -30.65 -33.86
C TRP C 397 -9.60 -30.25 -34.54
N TYR C 398 -8.57 -30.03 -33.75
CA TYR C 398 -7.21 -29.68 -34.27
C TYR C 398 -6.59 -30.87 -35.01
N ALA C 399 -6.65 -32.05 -34.38
CA ALA C 399 -6.24 -33.28 -35.07
C ALA C 399 -6.97 -33.47 -36.42
N ASP C 400 -8.27 -33.30 -36.45
CA ASP C 400 -9.02 -33.54 -37.68
C ASP C 400 -8.58 -32.53 -38.81
N LYS C 401 -8.26 -31.27 -38.46
CA LYS C 401 -7.74 -30.37 -39.45
C LYS C 401 -6.44 -30.88 -39.99
N LEU C 402 -5.57 -31.36 -39.10
CA LEU C 402 -4.26 -31.84 -39.52
C LEU C 402 -4.42 -33.02 -40.47
N LYS C 403 -5.35 -33.90 -40.12
CA LYS C 403 -5.67 -35.08 -40.93
C LYS C 403 -6.13 -34.71 -42.33
N GLY C 404 -6.89 -33.61 -42.42
CA GLY C 404 -7.28 -33.04 -43.70
C GLY C 404 -6.09 -32.62 -44.54
N LEU C 405 -5.10 -31.99 -43.89
CA LEU C 405 -3.90 -31.58 -44.62
C LEU C 405 -3.07 -32.78 -45.11
N VAL C 406 -2.92 -33.80 -44.27
CA VAL C 406 -2.24 -35.03 -44.72
C VAL C 406 -2.99 -35.66 -45.91
N ALA C 407 -4.31 -35.70 -45.85
CA ALA C 407 -5.14 -36.27 -46.95
C ALA C 407 -5.01 -35.51 -48.24
N MET C 408 -4.45 -34.32 -48.14
CA MET C 408 -4.23 -33.42 -49.23
C MET C 408 -2.80 -33.57 -49.79
N GLY C 409 -1.96 -34.38 -49.14
CA GLY C 409 -0.57 -34.54 -49.57
C GLY C 409 0.54 -33.95 -48.71
N VAL C 410 0.14 -33.30 -47.61
CA VAL C 410 1.09 -32.81 -46.65
C VAL C 410 1.76 -34.01 -45.94
N ASP C 411 3.10 -33.99 -45.83
CA ASP C 411 3.84 -35.14 -45.29
C ASP C 411 4.28 -34.93 -43.85
N CYS C 412 4.32 -33.67 -43.41
CA CYS C 412 4.95 -33.33 -42.15
C CYS C 412 4.67 -31.86 -41.81
N PHE C 413 4.93 -31.50 -40.56
CA PHE C 413 4.60 -30.18 -40.03
C PHE C 413 5.76 -29.56 -39.28
N LYS C 414 5.86 -28.24 -39.39
CA LYS C 414 6.64 -27.44 -38.46
C LYS C 414 5.77 -27.02 -37.31
N THR C 415 5.93 -27.70 -36.17
CA THR C 415 5.26 -27.37 -34.89
C THR C 415 5.89 -26.14 -34.26
N ASP C 416 5.47 -25.01 -34.77
CA ASP C 416 6.06 -23.75 -34.36
C ASP C 416 5.40 -23.27 -33.08
N PHE C 417 6.11 -22.34 -32.41
CA PHE C 417 5.71 -21.67 -31.19
C PHE C 417 5.44 -22.68 -30.07
N GLY C 418 4.50 -22.36 -29.20
CA GLY C 418 4.15 -23.15 -28.03
C GLY C 418 4.74 -22.70 -26.72
N GLU C 419 5.54 -21.62 -26.72
CA GLU C 419 6.27 -21.22 -25.53
C GLU C 419 5.50 -20.33 -24.57
N ARG C 420 4.90 -19.27 -25.10
CA ARG C 420 4.32 -18.19 -24.29
C ARG C 420 2.94 -18.60 -23.80
N ILE C 421 2.93 -19.61 -22.93
CA ILE C 421 1.70 -20.08 -22.34
C ILE C 421 1.38 -19.34 -21.01
N PRO C 422 0.25 -18.61 -20.97
CA PRO C 422 -0.04 -17.84 -19.75
C PRO C 422 -0.43 -18.69 -18.54
N THR C 423 -0.36 -18.10 -17.35
CA THR C 423 -0.71 -18.81 -16.10
C THR C 423 -1.96 -18.26 -15.46
N ASP C 424 -2.37 -17.06 -15.86
CA ASP C 424 -3.60 -16.48 -15.32
C ASP C 424 -4.82 -17.00 -16.03
N VAL C 425 -5.02 -18.34 -15.98
CA VAL C 425 -6.04 -18.99 -16.77
C VAL C 425 -6.64 -20.21 -16.03
N GLN C 426 -7.69 -20.77 -16.60
CA GLN C 426 -8.25 -21.99 -16.11
C GLN C 426 -8.41 -22.98 -17.25
N TRP C 427 -7.62 -24.03 -17.21
CA TRP C 427 -7.59 -25.10 -18.19
C TRP C 427 -8.84 -25.94 -18.02
N PHE C 428 -9.38 -26.36 -19.16
CA PHE C 428 -10.45 -27.31 -19.20
C PHE C 428 -10.33 -28.38 -18.14
N ASP C 429 -9.15 -29.00 -18.01
CA ASP C 429 -8.98 -30.17 -17.10
C ASP C 429 -8.69 -29.80 -15.65
N GLY C 430 -8.61 -28.52 -15.30
CA GLY C 430 -8.29 -28.07 -13.92
C GLY C 430 -6.83 -28.23 -13.49
N SER C 431 -5.94 -28.47 -14.46
CA SER C 431 -4.50 -28.54 -14.29
C SER C 431 -3.84 -27.33 -13.60
N ASP C 432 -2.70 -27.54 -12.92
CA ASP C 432 -1.88 -26.44 -12.37
C ASP C 432 -1.33 -25.61 -13.53
N PRO C 433 -1.75 -24.34 -13.64
CA PRO C 433 -1.21 -23.56 -14.75
C PRO C 433 0.32 -23.41 -14.70
N GLN C 434 0.91 -23.58 -13.53
CA GLN C 434 2.38 -23.42 -13.37
C GLN C 434 3.12 -24.56 -14.05
N LYS C 435 2.52 -25.74 -14.03
CA LYS C 435 3.06 -26.94 -14.65
C LYS C 435 2.68 -27.03 -16.15
N MET C 436 1.52 -26.48 -16.52
CA MET C 436 1.08 -26.52 -17.91
C MET C 436 1.93 -25.66 -18.82
N HIS C 437 2.52 -24.57 -18.30
CA HIS C 437 3.28 -23.67 -19.17
C HIS C 437 4.33 -24.40 -20.04
N ASN C 438 5.20 -25.19 -19.38
CA ASN C 438 6.19 -26.02 -20.05
C ASN C 438 5.55 -27.30 -20.67
N HIS C 439 4.66 -27.93 -19.92
CA HIS C 439 4.09 -29.19 -20.40
C HIS C 439 3.19 -29.06 -21.63
N TYR C 440 2.70 -27.87 -21.92
CA TYR C 440 1.89 -27.63 -23.13
C TYR C 440 2.59 -28.05 -24.40
N ALA C 441 3.89 -27.79 -24.45
CA ALA C 441 4.69 -28.08 -25.60
C ALA C 441 4.76 -29.58 -25.87
N TYR C 442 4.84 -30.37 -24.80
CA TYR C 442 4.86 -31.81 -24.97
C TYR C 442 3.50 -32.25 -25.57
N ILE C 443 2.41 -31.75 -25.01
CA ILE C 443 1.05 -32.18 -25.41
C ILE C 443 0.63 -31.81 -26.81
N TYR C 444 0.97 -30.59 -27.18
CA TYR C 444 0.92 -30.09 -28.53
C TYR C 444 1.69 -30.97 -29.56
N ASN C 445 2.99 -31.15 -29.36
CA ASN C 445 3.80 -31.98 -30.22
C ASN C 445 3.39 -33.44 -30.27
N GLU C 446 2.97 -33.99 -29.12
CA GLU C 446 2.43 -35.35 -29.05
C GLU C 446 1.15 -35.49 -29.88
N LEU C 447 0.27 -34.50 -29.77
CA LEU C 447 -0.96 -34.54 -30.55
C LEU C 447 -0.65 -34.59 -32.07
N VAL C 448 0.26 -33.74 -32.50
CA VAL C 448 0.61 -33.68 -33.94
C VAL C 448 1.35 -34.93 -34.38
N TRP C 449 2.27 -35.40 -33.56
CA TRP C 449 2.95 -36.63 -33.82
C TRP C 449 1.97 -37.77 -34.00
N ASN C 450 0.98 -37.89 -33.13
CA ASN C 450 0.02 -38.97 -33.25
C ASN C 450 -0.80 -38.92 -34.50
N VAL C 451 -1.15 -37.73 -34.97
CA VAL C 451 -1.85 -37.60 -36.25
C VAL C 451 -1.03 -38.22 -37.38
N LEU C 452 0.27 -37.93 -37.37
CA LEU C 452 1.20 -38.48 -38.36
C LEU C 452 1.22 -40.01 -38.26
N LYS C 453 1.42 -40.51 -37.05
CA LYS C 453 1.43 -41.94 -36.72
C LYS C 453 0.18 -42.60 -37.26
N ASP C 454 -0.97 -41.97 -37.02
CA ASP C 454 -2.25 -42.50 -37.44
C ASP C 454 -2.54 -42.38 -38.96
N THR C 455 -1.72 -41.66 -39.72
CA THR C 455 -2.04 -41.39 -41.13
C THR C 455 -0.87 -41.86 -42.02
N VAL C 456 0.22 -41.12 -42.06
CA VAL C 456 1.37 -41.55 -42.86
C VAL C 456 2.07 -42.82 -42.33
N GLY C 457 1.86 -43.12 -41.05
CA GLY C 457 2.51 -44.25 -40.36
C GLY C 457 3.67 -43.81 -39.51
N GLU C 458 3.90 -44.53 -38.40
CA GLU C 458 4.95 -44.19 -37.45
C GLU C 458 6.36 -44.03 -38.06
N GLU C 459 6.71 -44.88 -39.05
CA GLU C 459 8.03 -44.81 -39.76
C GLU C 459 8.23 -43.52 -40.53
N GLU C 460 7.13 -42.95 -41.00
CA GLU C 460 7.14 -41.73 -41.80
C GLU C 460 7.04 -40.40 -41.03
N ALA C 461 6.86 -40.47 -39.71
CA ALA C 461 6.58 -39.29 -38.87
C ALA C 461 7.81 -38.44 -38.66
N VAL C 462 7.62 -37.12 -38.81
CA VAL C 462 8.71 -36.21 -38.56
C VAL C 462 8.13 -34.82 -38.43
N LEU C 463 8.78 -34.02 -37.60
CA LEU C 463 8.38 -32.64 -37.37
C LEU C 463 9.63 -31.78 -37.44
N PHE C 464 9.40 -30.48 -37.48
CA PHE C 464 10.44 -29.49 -37.14
C PHE C 464 9.77 -28.76 -36.00
N ALA C 465 10.28 -28.98 -34.78
CA ALA C 465 9.62 -28.49 -33.58
C ALA C 465 10.42 -27.40 -32.85
N ARG C 466 9.75 -26.29 -32.59
CA ARG C 466 10.41 -25.15 -31.93
C ARG C 466 10.49 -25.23 -30.39
N SER C 467 9.42 -25.67 -29.75
CA SER C 467 9.49 -25.83 -28.29
C SER C 467 9.44 -27.30 -27.89
N ALA C 468 9.78 -27.48 -26.64
CA ALA C 468 9.90 -28.78 -26.03
C ALA C 468 9.86 -28.71 -24.50
N SER C 469 9.71 -29.90 -23.91
CA SER C 469 9.68 -30.15 -22.45
C SER C 469 10.03 -31.65 -22.34
N VAL C 470 10.22 -32.15 -21.12
CA VAL C 470 10.73 -33.51 -20.82
C VAL C 470 9.83 -34.52 -21.52
N GLY C 471 10.44 -35.39 -22.33
CA GLY C 471 9.69 -36.44 -23.04
C GLY C 471 9.41 -36.15 -24.50
N ALA C 472 9.46 -34.86 -24.86
CA ALA C 472 9.17 -34.41 -26.20
C ALA C 472 10.27 -34.84 -27.19
N GLN C 473 11.41 -35.33 -26.70
CA GLN C 473 12.41 -35.93 -27.64
C GLN C 473 11.91 -37.12 -28.47
N LYS C 474 10.77 -37.66 -28.04
CA LYS C 474 10.09 -38.73 -28.72
C LYS C 474 9.44 -38.26 -30.01
N PHE C 475 9.37 -36.96 -30.23
CA PHE C 475 8.75 -36.42 -31.45
C PHE C 475 9.73 -35.54 -32.26
N PRO C 476 10.77 -36.15 -32.85
CA PRO C 476 11.80 -35.42 -33.55
C PRO C 476 11.24 -34.80 -34.84
N VAL C 477 11.86 -33.76 -35.40
CA VAL C 477 13.17 -33.22 -35.09
C VAL C 477 13.01 -31.88 -34.41
N HIS C 478 14.01 -31.47 -33.66
CA HIS C 478 13.92 -30.19 -32.94
C HIS C 478 14.74 -29.15 -33.66
N TRP C 479 14.09 -28.01 -33.92
CA TRP C 479 14.58 -26.95 -34.74
C TRP C 479 15.06 -25.76 -33.85
N GLY C 480 16.28 -25.33 -34.13
CA GLY C 480 17.04 -24.43 -33.29
C GLY C 480 16.62 -22.97 -33.19
N GLY C 481 15.59 -22.54 -33.91
CA GLY C 481 15.09 -21.16 -33.83
C GLY C 481 15.67 -20.11 -34.78
N ASP C 482 15.33 -18.85 -34.51
CA ASP C 482 15.70 -17.71 -35.32
C ASP C 482 17.07 -17.11 -34.99
N CYS C 483 17.94 -17.05 -36.00
CA CYS C 483 19.31 -16.58 -35.87
C CYS C 483 19.63 -15.41 -36.79
N TYR C 484 20.41 -14.45 -36.30
CA TYR C 484 21.07 -13.46 -37.14
C TYR C 484 22.21 -14.11 -37.93
N ALA C 485 22.57 -13.45 -39.01
CA ALA C 485 23.44 -14.02 -40.03
C ALA C 485 24.82 -13.50 -39.82
N ASN C 486 25.44 -14.02 -38.76
CA ASN C 486 26.83 -13.74 -38.48
C ASN C 486 27.48 -14.87 -37.73
N TYR C 487 28.82 -14.78 -37.59
CA TYR C 487 29.61 -15.88 -37.07
C TYR C 487 29.41 -16.12 -35.58
N GLU C 488 29.25 -15.04 -34.82
CA GLU C 488 28.97 -15.17 -33.39
C GLU C 488 27.63 -15.92 -33.23
N SER C 489 26.66 -15.54 -34.04
CA SER C 489 25.36 -16.16 -34.00
C SER C 489 25.42 -17.65 -34.41
N MET C 490 26.22 -17.98 -35.42
CA MET C 490 26.37 -19.38 -35.86
C MET C 490 26.92 -20.23 -34.70
N ALA C 491 27.86 -19.67 -33.96
CA ALA C 491 28.51 -20.33 -32.80
C ALA C 491 27.58 -20.53 -31.59
N GLU C 492 26.77 -19.51 -31.29
CA GLU C 492 25.63 -19.63 -30.36
C GLU C 492 24.72 -20.79 -30.65
N SER C 493 24.24 -20.86 -31.88
CA SER C 493 23.36 -21.95 -32.30
C SER C 493 24.00 -23.33 -32.08
N LEU C 494 25.30 -23.43 -32.32
CA LEU C 494 26.02 -24.70 -32.18
C LEU C 494 26.04 -25.16 -30.71
N ARG C 495 26.28 -24.23 -29.81
CA ARG C 495 26.17 -24.47 -28.35
C ARG C 495 24.79 -24.97 -28.01
N GLY C 496 23.81 -24.32 -28.61
CA GLY C 496 22.43 -24.78 -28.56
C GLY C 496 22.22 -26.22 -28.97
N GLY C 497 22.63 -26.58 -30.18
CA GLY C 497 22.48 -27.98 -30.61
C GLY C 497 23.30 -28.99 -29.84
N LEU C 498 24.51 -28.61 -29.44
CA LEU C 498 25.28 -29.46 -28.57
C LEU C 498 24.50 -29.72 -27.28
N SER C 499 23.97 -28.64 -26.70
CA SER C 499 23.25 -28.65 -25.45
C SER C 499 21.99 -29.50 -25.48
N ILE C 500 21.25 -29.48 -26.59
CA ILE C 500 20.01 -30.23 -26.63
C ILE C 500 20.28 -31.73 -26.68
N GLY C 501 21.42 -32.14 -27.25
CA GLY C 501 21.80 -33.57 -27.26
C GLY C 501 22.31 -34.05 -25.93
N LEU C 502 22.83 -33.12 -25.14
CA LEU C 502 23.18 -33.32 -23.74
C LEU C 502 21.96 -33.30 -22.80
N SER C 503 20.75 -33.12 -23.37
CA SER C 503 19.47 -33.09 -22.67
C SER C 503 18.45 -34.11 -23.14
N GLY C 504 18.92 -35.13 -23.89
CA GLY C 504 18.08 -36.23 -24.31
C GLY C 504 17.49 -36.20 -25.73
N PHE C 505 17.86 -35.19 -26.51
CA PHE C 505 17.32 -35.04 -27.85
C PHE C 505 18.35 -35.50 -28.89
N GLY C 506 17.93 -36.47 -29.70
CA GLY C 506 18.85 -37.16 -30.64
C GLY C 506 19.14 -36.47 -31.99
N PHE C 507 18.23 -35.56 -32.35
CA PHE C 507 18.26 -34.87 -33.64
C PHE C 507 18.00 -33.37 -33.46
N TRP C 508 18.66 -32.58 -34.29
CA TRP C 508 18.60 -31.13 -34.21
C TRP C 508 18.80 -30.56 -35.60
N SER C 509 17.80 -29.82 -36.04
CA SER C 509 17.93 -29.00 -37.28
C SER C 509 18.11 -27.53 -36.99
N HIS C 510 18.53 -26.84 -38.04
CA HIS C 510 18.72 -25.41 -38.01
C HIS C 510 18.78 -24.91 -39.43
N ASP C 511 18.76 -23.59 -39.57
CA ASP C 511 18.66 -22.94 -40.87
C ASP C 511 19.97 -22.31 -41.31
N ILE C 512 20.34 -22.66 -42.52
CA ILE C 512 21.59 -22.20 -43.11
C ILE C 512 21.55 -20.71 -43.35
N GLY C 513 22.51 -20.03 -42.76
CA GLY C 513 22.65 -18.58 -42.86
C GLY C 513 21.77 -17.84 -41.89
N GLY C 514 21.01 -18.60 -41.09
CA GLY C 514 20.00 -17.97 -40.25
C GLY C 514 18.86 -17.32 -41.04
N PHE C 515 18.22 -16.37 -40.38
CA PHE C 515 16.91 -15.81 -40.74
C PHE C 515 17.01 -14.36 -41.23
N GLU C 516 18.07 -13.66 -40.82
CA GLU C 516 18.26 -12.25 -41.11
C GLU C 516 18.24 -12.05 -42.62
N ASN C 517 17.39 -11.14 -43.11
CA ASN C 517 17.16 -10.98 -44.56
C ASN C 517 18.42 -11.10 -45.41
N THR C 518 19.42 -10.24 -45.11
CA THR C 518 20.71 -10.23 -45.81
C THR C 518 21.83 -10.96 -45.05
N ALA C 519 22.20 -12.16 -45.50
CA ALA C 519 23.41 -12.81 -45.05
C ALA C 519 24.56 -12.38 -45.98
N PRO C 520 25.71 -12.05 -45.41
CA PRO C 520 26.93 -11.97 -46.23
C PRO C 520 27.28 -13.33 -46.83
N ALA C 521 27.70 -13.35 -48.09
CA ALA C 521 27.84 -14.63 -48.82
C ALA C 521 28.79 -15.60 -48.08
N HIS C 522 29.91 -15.05 -47.60
CA HIS C 522 30.85 -15.81 -46.82
C HIS C 522 30.21 -16.48 -45.59
N VAL C 523 29.33 -15.76 -44.89
CA VAL C 523 28.67 -16.35 -43.74
C VAL C 523 27.82 -17.55 -44.18
N TYR C 524 26.94 -17.30 -45.16
CA TYR C 524 26.09 -18.29 -45.75
C TYR C 524 26.89 -19.55 -46.13
N LYS C 525 28.05 -19.33 -46.73
CA LYS C 525 28.85 -20.43 -47.24
C LYS C 525 29.43 -21.30 -46.09
N ARG C 526 29.94 -20.65 -45.05
CA ARG C 526 30.48 -21.37 -43.90
C ARG C 526 29.35 -22.11 -43.14
N TRP C 527 28.21 -21.45 -43.03
CA TRP C 527 27.01 -22.03 -42.38
C TRP C 527 26.42 -23.24 -43.14
N CYS C 528 26.54 -23.18 -44.46
CA CYS C 528 26.12 -24.27 -45.31
C CYS C 528 26.83 -25.60 -45.00
N ALA C 529 28.16 -25.57 -44.87
CA ALA C 529 28.93 -26.76 -44.53
C ALA C 529 28.47 -27.34 -43.19
N PHE C 530 28.38 -26.47 -42.18
CA PHE C 530 27.86 -26.77 -40.83
C PHE C 530 26.50 -27.44 -40.93
N GLY C 531 25.53 -26.77 -41.53
CA GLY C 531 24.17 -27.31 -41.59
C GLY C 531 24.02 -28.66 -42.28
N LEU C 532 24.77 -28.86 -43.36
CA LEU C 532 24.71 -30.15 -44.08
C LEU C 532 25.47 -31.27 -43.33
N LEU C 533 26.28 -30.88 -42.36
CA LEU C 533 27.01 -31.82 -41.52
C LEU C 533 26.32 -31.85 -40.11
N SER C 534 25.01 -31.72 -40.13
CA SER C 534 24.18 -31.81 -38.95
C SER C 534 23.15 -32.83 -39.32
N SER C 535 22.33 -33.28 -38.38
CA SER C 535 21.35 -34.35 -38.69
C SER C 535 20.33 -33.93 -39.73
N HIS C 536 19.89 -32.68 -39.59
CA HIS C 536 18.83 -32.14 -40.39
C HIS C 536 19.16 -30.71 -40.77
N SER C 537 18.78 -30.36 -42.01
CA SER C 537 19.38 -29.25 -42.75
C SER C 537 18.27 -28.46 -43.52
N ARG C 538 18.12 -27.15 -43.27
CA ARG C 538 17.12 -26.34 -43.97
C ARG C 538 17.66 -24.99 -44.45
N LEU C 539 17.14 -24.52 -45.58
CA LEU C 539 17.34 -23.13 -46.08
C LEU C 539 16.00 -22.38 -45.93
N HIS C 540 16.01 -21.27 -45.17
CA HIS C 540 14.79 -20.48 -44.82
C HIS C 540 15.13 -19.06 -44.40
N GLY C 541 14.63 -18.11 -45.16
CA GLY C 541 14.91 -16.72 -44.94
C GLY C 541 13.67 -15.95 -44.54
N SER C 542 13.87 -14.64 -44.38
CA SER C 542 12.85 -13.72 -43.91
C SER C 542 12.11 -13.07 -45.08
N LYS C 543 12.73 -12.04 -45.66
CA LYS C 543 12.07 -11.30 -46.75
C LYS C 543 12.51 -11.78 -48.12
N SER C 544 13.39 -12.78 -48.18
CA SER C 544 13.93 -13.33 -49.45
C SER C 544 14.27 -14.82 -49.35
N TYR C 545 14.11 -15.53 -50.47
CA TYR C 545 14.46 -16.96 -50.59
C TYR C 545 15.93 -17.21 -50.20
N ARG C 546 16.21 -18.28 -49.44
CA ARG C 546 17.59 -18.57 -49.01
C ARG C 546 18.41 -19.40 -50.04
N VAL C 547 18.22 -19.05 -51.32
CA VAL C 547 18.85 -19.72 -52.46
C VAL C 547 20.28 -19.23 -52.74
N PRO C 548 21.18 -20.18 -53.07
CA PRO C 548 22.60 -19.88 -53.16
C PRO C 548 22.95 -18.89 -54.25
N TRP C 549 22.29 -18.97 -55.39
CA TRP C 549 22.59 -18.03 -56.50
C TRP C 549 22.28 -16.56 -56.16
N ALA C 550 21.49 -16.32 -55.11
CA ALA C 550 21.32 -14.96 -54.60
C ALA C 550 22.64 -14.37 -54.08
N TYR C 551 23.62 -15.23 -53.85
CA TYR C 551 24.89 -14.80 -53.28
C TYR C 551 25.96 -14.79 -54.37
N ASP C 552 26.37 -15.96 -54.87
CA ASP C 552 27.31 -16.03 -56.02
C ASP C 552 27.29 -17.43 -56.60
N ASP C 553 28.14 -17.70 -57.61
CA ASP C 553 28.19 -19.05 -58.20
C ASP C 553 28.86 -19.98 -57.23
N GLU C 554 29.89 -19.50 -56.52
CA GLU C 554 30.55 -20.29 -55.50
C GLU C 554 29.53 -20.81 -54.49
N SER C 555 28.60 -19.97 -54.07
CA SER C 555 27.59 -20.40 -53.10
C SER C 555 26.80 -21.62 -53.59
N CYS C 556 26.44 -21.64 -54.88
CA CYS C 556 25.77 -22.78 -55.50
C CYS C 556 26.66 -24.02 -55.43
N ASP C 557 27.96 -23.84 -55.61
CA ASP C 557 28.91 -24.97 -55.61
C ASP C 557 29.06 -25.53 -54.18
N VAL C 558 29.11 -24.61 -53.21
CA VAL C 558 29.14 -25.01 -51.78
C VAL C 558 27.87 -25.85 -51.42
N VAL C 559 26.69 -25.38 -51.77
CA VAL C 559 25.46 -26.15 -51.49
C VAL C 559 25.50 -27.51 -52.13
N ARG C 560 25.97 -27.56 -53.37
CA ARG C 560 25.95 -28.80 -54.16
C ARG C 560 26.91 -29.79 -53.54
N PHE C 561 28.09 -29.32 -53.29
CA PHE C 561 29.12 -30.17 -52.71
C PHE C 561 28.67 -30.82 -51.42
N PHE C 562 28.10 -30.01 -50.52
CA PHE C 562 27.81 -30.50 -49.20
C PHE C 562 26.51 -31.28 -49.17
N THR C 563 25.59 -31.00 -50.08
CA THR C 563 24.39 -31.84 -50.19
C THR C 563 24.73 -33.24 -50.73
N GLN C 564 25.61 -33.26 -51.74
CA GLN C 564 26.11 -34.50 -52.33
C GLN C 564 26.84 -35.31 -51.27
N LEU C 565 27.71 -34.63 -50.52
CA LEU C 565 28.45 -35.30 -49.45
C LEU C 565 27.52 -35.93 -48.43
N LYS C 566 26.56 -35.19 -47.89
CA LYS C 566 25.64 -35.76 -46.90
C LYS C 566 24.95 -36.98 -47.47
N CYS C 567 24.52 -36.89 -48.72
CA CYS C 567 23.78 -37.99 -49.35
C CYS C 567 24.69 -39.21 -49.46
N ARG C 568 25.94 -38.99 -49.82
CA ARG C 568 26.91 -40.09 -49.85
C ARG C 568 27.15 -40.65 -48.45
N MET C 569 26.96 -39.82 -47.43
CA MET C 569 27.33 -40.20 -46.08
C MET C 569 26.21 -40.99 -45.40
N MET C 570 25.06 -41.11 -46.04
CA MET C 570 23.90 -41.66 -45.36
C MET C 570 23.96 -43.09 -44.83
N PRO C 571 24.79 -43.95 -45.41
CA PRO C 571 24.92 -45.33 -44.85
C PRO C 571 25.48 -45.32 -43.46
N TYR C 572 26.46 -44.43 -43.23
CA TYR C 572 27.02 -44.10 -41.91
C TYR C 572 26.01 -43.33 -41.06
N LEU C 573 25.57 -42.18 -41.57
CA LEU C 573 24.60 -41.33 -40.83
C LEU C 573 23.37 -42.08 -40.31
N TYR C 574 22.74 -42.88 -41.16
CA TYR C 574 21.51 -43.52 -40.73
C TYR C 574 21.74 -44.55 -39.63
N ARG C 575 22.89 -45.22 -39.65
CA ARG C 575 23.24 -46.12 -38.55
C ARG C 575 23.41 -45.37 -37.21
N GLU C 576 24.01 -44.19 -37.30
CA GLU C 576 24.21 -43.34 -36.17
C GLU C 576 22.87 -42.79 -35.67
N ALA C 577 21.99 -42.48 -36.59
CA ALA C 577 20.61 -42.14 -36.25
C ALA C 577 19.90 -43.25 -35.45
N ALA C 578 20.14 -44.51 -35.82
CA ALA C 578 19.50 -45.62 -35.12
C ALA C 578 19.98 -45.69 -33.66
N ARG C 579 21.24 -45.31 -33.44
CA ARG C 579 21.84 -45.19 -32.14
C ARG C 579 21.14 -44.17 -31.24
N ALA C 580 20.72 -43.07 -31.83
CA ALA C 580 19.96 -42.09 -31.11
C ALA C 580 18.61 -42.64 -30.67
N ASN C 581 17.99 -43.48 -31.51
CA ASN C 581 16.72 -44.10 -31.19
C ASN C 581 16.90 -45.19 -30.13
N ALA C 582 18.00 -45.92 -30.17
CA ALA C 582 18.21 -47.09 -29.32
C ALA C 582 18.81 -46.76 -27.98
N ARG C 583 19.78 -45.85 -27.95
CA ARG C 583 20.41 -45.50 -26.69
C ARG C 583 20.33 -44.02 -26.30
N GLY C 584 19.57 -43.22 -27.04
CA GLY C 584 19.61 -41.79 -26.84
C GLY C 584 20.92 -41.07 -27.07
N THR C 585 21.83 -41.65 -27.86
CA THR C 585 23.06 -40.94 -28.21
C THR C 585 22.78 -39.96 -29.36
N PRO C 586 22.93 -38.63 -29.13
CA PRO C 586 22.59 -37.69 -30.19
C PRO C 586 23.61 -37.82 -31.34
N MET C 587 23.22 -37.40 -32.53
CA MET C 587 24.09 -37.53 -33.70
C MET C 587 25.20 -36.52 -33.60
N MET C 588 24.84 -35.32 -33.15
CA MET C 588 25.80 -34.27 -32.94
C MET C 588 26.17 -34.30 -31.47
N ARG C 589 27.44 -34.58 -31.22
CA ARG C 589 27.90 -34.90 -29.91
C ARG C 589 29.02 -34.00 -29.48
N ALA C 590 28.89 -33.47 -28.26
CA ALA C 590 29.95 -32.71 -27.63
C ALA C 590 31.17 -33.59 -27.49
N MET C 591 32.35 -33.01 -27.69
CA MET C 591 33.59 -33.76 -27.59
C MET C 591 33.67 -34.50 -26.25
N MET C 592 33.19 -33.85 -25.19
CA MET C 592 33.21 -34.40 -23.83
C MET C 592 32.39 -35.64 -23.74
N MET C 593 31.30 -35.72 -24.47
CA MET C 593 30.47 -36.91 -24.50
C MET C 593 31.19 -38.12 -25.16
N GLU C 594 31.89 -37.85 -26.25
CA GLU C 594 32.57 -38.91 -26.95
C GLU C 594 33.95 -39.27 -26.35
N PHE C 595 34.63 -38.28 -25.78
CA PHE C 595 35.92 -38.49 -25.10
C PHE C 595 35.86 -37.94 -23.67
N PRO C 596 35.13 -38.65 -22.78
CA PRO C 596 34.89 -38.17 -21.40
C PRO C 596 36.13 -38.22 -20.52
N ASP C 597 37.14 -38.98 -20.92
CA ASP C 597 38.37 -39.05 -20.16
C ASP C 597 39.45 -38.04 -20.64
N ASP C 598 39.12 -37.21 -21.61
CA ASP C 598 40.12 -36.33 -22.18
C ASP C 598 40.00 -34.92 -21.57
N PRO C 599 40.92 -34.59 -20.66
CA PRO C 599 40.79 -33.33 -19.98
C PRO C 599 40.82 -32.13 -20.92
N ALA C 600 41.31 -32.28 -22.15
CA ALA C 600 41.32 -31.17 -23.14
C ALA C 600 39.95 -30.90 -23.76
N CYS C 601 38.99 -31.78 -23.48
CA CYS C 601 37.67 -31.77 -24.07
C CYS C 601 36.54 -31.10 -23.24
N ASP C 602 36.79 -30.85 -21.95
CA ASP C 602 35.73 -30.31 -21.03
C ASP C 602 34.93 -29.10 -21.59
N TYR C 603 35.62 -28.15 -22.19
CA TYR C 603 35.02 -26.89 -22.66
C TYR C 603 34.82 -26.70 -24.21
N LEU C 604 35.18 -27.71 -25.02
CA LEU C 604 35.11 -27.62 -26.49
C LEU C 604 33.67 -27.46 -26.94
N ASP C 605 33.41 -26.31 -27.58
CA ASP C 605 32.09 -26.00 -28.13
C ASP C 605 32.03 -25.48 -29.56
N ARG C 606 33.14 -25.41 -30.26
CA ARG C 606 33.16 -24.95 -31.67
C ARG C 606 33.43 -26.09 -32.63
N GLN C 607 33.28 -27.29 -32.11
CA GLN C 607 33.49 -28.48 -32.90
C GLN C 607 32.68 -29.60 -32.24
N TYR C 608 32.48 -30.69 -32.98
CA TYR C 608 31.70 -31.81 -32.46
C TYR C 608 32.01 -33.14 -33.14
N MET C 609 31.54 -34.23 -32.53
CA MET C 609 31.54 -35.50 -33.22
C MET C 609 30.19 -35.65 -33.92
N LEU C 610 30.22 -36.06 -35.19
CA LEU C 610 29.01 -36.36 -35.94
C LEU C 610 28.99 -37.86 -36.04
N GLY C 611 28.19 -38.48 -35.17
CA GLY C 611 28.27 -39.92 -34.96
C GLY C 611 29.53 -40.34 -34.23
N ASP C 612 29.68 -41.66 -34.05
CA ASP C 612 30.86 -42.24 -33.42
C ASP C 612 32.18 -41.72 -33.97
N ASN C 613 32.27 -41.60 -35.31
CA ASN C 613 33.57 -41.59 -35.99
C ASN C 613 34.12 -40.35 -36.66
N VAL C 614 33.32 -39.29 -36.80
CA VAL C 614 33.80 -38.12 -37.55
C VAL C 614 33.66 -36.85 -36.72
N MET C 615 34.78 -36.12 -36.66
CA MET C 615 34.87 -34.83 -36.01
C MET C 615 34.69 -33.76 -37.05
N VAL C 616 33.73 -32.87 -36.84
CA VAL C 616 33.58 -31.70 -37.65
C VAL C 616 33.80 -30.43 -36.85
N ALA C 617 34.57 -29.55 -37.43
CA ALA C 617 34.81 -28.25 -36.85
C ALA C 617 34.43 -27.16 -37.86
N PRO C 618 33.21 -26.59 -37.75
CA PRO C 618 32.86 -25.48 -38.60
C PRO C 618 33.88 -24.34 -38.58
N VAL C 619 33.95 -23.60 -39.68
CA VAL C 619 34.84 -22.45 -39.84
C VAL C 619 34.06 -21.16 -39.58
N PHE C 620 34.49 -20.39 -38.59
CA PHE C 620 33.77 -19.22 -38.10
C PHE C 620 34.44 -17.95 -38.57
N THR C 621 35.22 -18.03 -39.67
CA THR C 621 35.94 -16.87 -40.23
C THR C 621 35.82 -16.80 -41.74
N GLU C 622 35.84 -15.58 -42.30
CA GLU C 622 35.77 -15.41 -43.77
C GLU C 622 37.04 -15.87 -44.46
N ALA C 623 38.20 -15.56 -43.88
CA ALA C 623 39.46 -16.00 -44.43
C ALA C 623 39.71 -17.53 -44.32
N GLY C 624 38.93 -18.25 -43.53
CA GLY C 624 39.04 -19.71 -43.46
C GLY C 624 39.94 -20.24 -42.36
N ASP C 625 40.45 -19.37 -41.53
CA ASP C 625 41.31 -19.76 -40.43
C ASP C 625 40.44 -20.47 -39.43
N VAL C 626 40.90 -21.63 -38.93
CA VAL C 626 40.19 -22.40 -37.89
C VAL C 626 41.15 -23.21 -36.98
N GLN C 627 40.83 -23.27 -35.69
CA GLN C 627 41.62 -24.03 -34.72
C GLN C 627 40.75 -25.09 -34.07
N PHE C 628 41.29 -26.28 -33.91
CA PHE C 628 40.52 -27.38 -33.34
C PHE C 628 41.42 -28.39 -32.63
N TYR C 629 40.81 -29.12 -31.71
CA TYR C 629 41.49 -30.14 -30.94
C TYR C 629 41.14 -31.51 -31.47
N LEU C 630 42.16 -32.37 -31.53
CA LEU C 630 41.99 -33.77 -31.85
C LEU C 630 42.38 -34.61 -30.66
N PRO C 631 41.46 -35.46 -30.18
CA PRO C 631 41.83 -36.49 -29.25
C PRO C 631 42.85 -37.45 -29.79
N GLU C 632 43.30 -38.34 -28.92
CA GLU C 632 44.38 -39.25 -29.25
C GLU C 632 44.07 -40.12 -30.47
N GLY C 633 45.11 -40.31 -31.30
CA GLY C 633 45.04 -41.18 -32.46
C GLY C 633 45.47 -40.46 -33.72
N ARG C 634 45.51 -41.22 -34.84
CA ARG C 634 45.87 -40.62 -36.12
C ARG C 634 44.62 -40.44 -36.96
N TRP C 635 44.22 -39.20 -37.14
CA TRP C 635 42.98 -38.88 -37.83
C TRP C 635 43.27 -38.60 -39.28
N THR C 636 42.27 -38.88 -40.13
CA THR C 636 42.35 -38.66 -41.57
C THR C 636 41.18 -37.79 -42.07
N HIS C 637 41.48 -36.78 -42.90
CA HIS C 637 40.41 -35.99 -43.49
C HIS C 637 39.56 -36.83 -44.39
N LEU C 638 38.25 -36.72 -44.23
CA LEU C 638 37.32 -37.59 -44.96
C LEU C 638 37.51 -37.48 -46.44
N TRP C 639 37.76 -36.30 -47.03
CA TRP C 639 38.02 -36.31 -48.48
C TRP C 639 39.41 -35.79 -48.92
N HIS C 640 40.07 -34.96 -48.12
CA HIS C 640 41.40 -34.56 -48.47
C HIS C 640 42.40 -35.70 -48.22
N ASN C 641 42.03 -36.64 -47.35
CA ASN C 641 42.86 -37.80 -47.03
C ASN C 641 44.18 -37.45 -46.29
N ASP C 642 44.33 -36.20 -45.83
CA ASP C 642 45.54 -35.83 -45.09
C ASP C 642 45.37 -36.33 -43.67
N GLU C 643 46.49 -36.63 -43.01
CA GLU C 643 46.50 -37.23 -41.69
C GLU C 643 47.04 -36.25 -40.62
N LEU C 644 46.52 -36.37 -39.39
CA LEU C 644 46.96 -35.52 -38.28
C LEU C 644 47.05 -36.35 -36.98
N ASP C 645 48.11 -36.11 -36.21
CA ASP C 645 48.26 -36.77 -34.92
C ASP C 645 47.42 -36.05 -33.88
N GLY C 646 46.88 -36.86 -32.96
CA GLY C 646 46.00 -36.37 -31.91
C GLY C 646 46.64 -35.98 -30.58
N SER C 647 45.76 -35.73 -29.62
CA SER C 647 46.06 -35.19 -28.31
C SER C 647 46.69 -33.80 -28.40
N ARG C 648 46.25 -33.03 -29.39
CA ARG C 648 46.73 -31.67 -29.55
C ARG C 648 45.81 -30.81 -30.41
N TRP C 649 46.03 -29.52 -30.31
CA TRP C 649 45.33 -28.53 -31.10
C TRP C 649 45.97 -28.40 -32.46
N HIS C 650 45.18 -28.04 -33.46
CA HIS C 650 45.67 -27.84 -34.81
C HIS C 650 45.14 -26.51 -35.32
N LYS C 651 45.89 -25.85 -36.20
CA LYS C 651 45.41 -24.64 -36.91
C LYS C 651 45.50 -24.82 -38.44
N GLN C 652 44.40 -24.58 -39.15
CA GLN C 652 44.37 -24.73 -40.62
C GLN C 652 43.65 -23.55 -41.28
N GLN C 653 43.70 -23.52 -42.61
CA GLN C 653 42.98 -22.56 -43.43
C GLN C 653 42.28 -23.30 -44.53
N HIS C 654 40.99 -23.05 -44.67
CA HIS C 654 40.13 -23.77 -45.60
C HIS C 654 39.32 -22.79 -46.42
N GLY C 655 39.17 -23.04 -47.72
CA GLY C 655 38.29 -22.23 -48.54
C GLY C 655 36.88 -22.76 -48.37
N PHE C 656 35.97 -22.22 -49.14
CA PHE C 656 34.55 -22.47 -48.93
C PHE C 656 34.08 -23.87 -49.25
N LEU C 657 34.86 -24.64 -49.99
CA LEU C 657 34.47 -26.03 -50.25
C LEU C 657 35.03 -27.01 -49.19
N SER C 658 35.55 -26.48 -48.08
CA SER C 658 36.33 -27.23 -47.12
C SER C 658 36.12 -26.79 -45.67
N LEU C 659 36.33 -27.76 -44.77
CA LEU C 659 36.41 -27.57 -43.35
C LEU C 659 37.09 -28.76 -42.76
N PRO C 660 37.55 -28.66 -41.49
CA PRO C 660 38.03 -29.87 -40.81
C PRO C 660 36.94 -30.89 -40.60
N VAL C 661 37.01 -31.99 -41.34
CA VAL C 661 36.16 -33.15 -41.17
C VAL C 661 37.06 -34.39 -41.08
N TYR C 662 37.36 -34.84 -39.87
CA TYR C 662 38.41 -35.85 -39.65
C TYR C 662 37.84 -37.15 -39.10
N VAL C 663 38.32 -38.26 -39.61
CA VAL C 663 37.81 -39.57 -39.23
C VAL C 663 38.82 -40.21 -38.29
N ARG C 664 38.30 -40.87 -37.27
CA ARG C 664 39.14 -41.51 -36.24
C ARG C 664 39.90 -42.67 -36.81
N ASP C 665 41.06 -42.98 -36.23
CA ASP C 665 41.74 -44.24 -36.56
C ASP C 665 40.93 -45.46 -36.14
N ASN C 666 41.30 -46.63 -36.71
CA ASN C 666 40.61 -47.91 -36.49
C ASN C 666 39.14 -47.88 -36.87
N THR C 667 38.84 -47.22 -37.99
CA THR C 667 37.47 -47.01 -38.40
C THR C 667 37.22 -47.63 -39.75
N LEU C 668 36.08 -48.28 -39.88
CA LEU C 668 35.59 -48.76 -41.16
C LEU C 668 34.28 -48.05 -41.43
N LEU C 669 34.26 -47.25 -42.50
CA LEU C 669 33.14 -46.36 -42.79
C LEU C 669 32.39 -46.65 -44.13
N ALA C 670 31.06 -46.62 -44.11
CA ALA C 670 30.27 -46.90 -45.30
C ALA C 670 29.80 -45.63 -46.03
N LEU C 671 30.24 -45.48 -47.28
CA LEU C 671 29.82 -44.38 -48.16
C LEU C 671 28.93 -44.96 -49.26
N GLY C 672 27.92 -44.20 -49.71
CA GLY C 672 26.90 -44.77 -50.61
C GLY C 672 27.16 -44.36 -52.06
N ASN C 673 26.48 -45.02 -52.99
CA ASN C 673 26.71 -44.76 -54.39
C ASN C 673 25.69 -43.82 -55.03
N ASN C 674 24.94 -43.07 -54.21
CA ASN C 674 23.96 -42.09 -54.70
C ASN C 674 24.23 -40.77 -53.99
N ASP C 675 24.38 -39.70 -54.76
CA ASP C 675 24.71 -38.39 -54.20
C ASP C 675 23.62 -37.36 -54.52
N GLN C 676 22.46 -37.87 -54.96
CA GLN C 676 21.30 -37.04 -55.32
C GLN C 676 20.16 -37.08 -54.27
N ARG C 677 20.20 -38.06 -53.38
CA ARG C 677 19.15 -38.23 -52.42
C ARG C 677 19.69 -39.05 -51.22
N PRO C 678 19.11 -38.85 -50.03
CA PRO C 678 19.51 -39.57 -48.80
C PRO C 678 18.90 -40.97 -48.70
N ASP C 679 17.73 -41.15 -49.28
CA ASP C 679 17.00 -42.42 -49.19
C ASP C 679 17.21 -43.29 -50.44
N TYR C 680 18.05 -44.31 -50.28
CA TYR C 680 18.34 -45.22 -51.38
C TYR C 680 18.86 -46.53 -50.81
N VAL C 681 19.20 -47.48 -51.67
CA VAL C 681 19.63 -48.78 -51.14
C VAL C 681 21.13 -48.75 -50.85
N TRP C 682 21.39 -48.39 -49.59
CA TRP C 682 22.72 -48.14 -49.04
C TRP C 682 23.62 -49.34 -49.15
N HIS C 683 23.01 -50.53 -49.09
CA HIS C 683 23.77 -51.81 -49.02
C HIS C 683 24.14 -52.37 -50.39
N GLU C 684 23.90 -51.58 -51.44
CA GLU C 684 24.29 -51.90 -52.82
C GLU C 684 25.15 -50.77 -53.40
N GLY C 685 26.25 -51.15 -54.04
CA GLY C 685 27.25 -50.21 -54.50
C GLY C 685 28.04 -49.59 -53.38
N THR C 686 27.95 -50.17 -52.18
CA THR C 686 28.54 -49.57 -51.00
C THR C 686 30.04 -49.42 -51.19
N ALA C 687 30.57 -48.26 -50.85
CA ALA C 687 32.01 -48.04 -50.82
C ALA C 687 32.49 -47.98 -49.35
N PHE C 688 33.11 -49.06 -48.87
CA PHE C 688 33.66 -49.12 -47.54
C PHE C 688 35.04 -48.45 -47.52
N HIS C 689 35.36 -47.73 -46.46
CA HIS C 689 36.68 -47.11 -46.34
C HIS C 689 37.32 -47.43 -44.99
N LEU C 690 38.56 -47.92 -45.00
CA LEU C 690 39.21 -48.37 -43.78
C LEU C 690 40.32 -47.42 -43.41
N PHE C 691 40.31 -46.94 -42.15
CA PHE C 691 41.19 -45.86 -41.78
C PHE C 691 42.12 -46.30 -40.66
N ASN C 692 43.42 -46.24 -40.90
CA ASN C 692 44.41 -46.44 -39.86
C ASN C 692 44.14 -47.58 -38.87
N LEU C 693 44.00 -48.79 -39.38
CA LEU C 693 43.71 -49.93 -38.54
C LEU C 693 45.02 -50.38 -37.93
N GLN C 694 45.08 -50.41 -36.61
CA GLN C 694 46.31 -50.79 -35.94
C GLN C 694 46.33 -52.27 -35.67
N ASP C 695 47.55 -52.80 -35.52
CA ASP C 695 47.75 -54.20 -35.15
C ASP C 695 47.09 -54.42 -33.80
N GLY C 696 46.28 -55.47 -33.69
CA GLY C 696 45.57 -55.77 -32.44
C GLY C 696 44.13 -55.29 -32.38
N HIS C 697 43.70 -54.57 -33.42
CA HIS C 697 42.41 -53.94 -33.48
C HIS C 697 41.53 -54.52 -34.54
N GLU C 698 40.23 -54.35 -34.31
CA GLU C 698 39.19 -54.72 -35.24
C GLU C 698 38.35 -53.44 -35.48
N ALA C 699 37.94 -53.24 -36.74
CA ALA C 699 37.01 -52.16 -37.11
C ALA C 699 35.73 -52.80 -37.64
N VAL C 700 34.60 -52.31 -37.14
CA VAL C 700 33.28 -52.82 -37.49
C VAL C 700 32.47 -51.71 -38.17
N CYS C 701 31.70 -52.10 -39.18
CA CYS C 701 30.81 -51.21 -39.89
C CYS C 701 29.45 -51.91 -40.06
N GLU C 702 28.39 -51.27 -39.57
CA GLU C 702 27.05 -51.80 -39.73
C GLU C 702 26.18 -50.97 -40.67
N VAL C 703 25.87 -51.56 -41.82
CA VAL C 703 25.01 -50.92 -42.82
C VAL C 703 23.55 -51.15 -42.44
N PRO C 704 22.75 -50.05 -42.37
CA PRO C 704 21.37 -50.15 -41.96
C PRO C 704 20.49 -50.38 -43.13
N ALA C 705 19.34 -50.97 -42.85
CA ALA C 705 18.18 -50.95 -43.73
C ALA C 705 17.37 -49.67 -43.49
N ALA C 706 16.32 -49.48 -44.27
CA ALA C 706 15.48 -48.30 -44.19
C ALA C 706 14.82 -48.14 -42.83
N ASP C 707 14.61 -49.28 -42.17
CA ASP C 707 14.04 -49.26 -40.82
C ASP C 707 15.07 -49.07 -39.72
N GLY C 708 16.36 -49.01 -40.06
CA GLY C 708 17.38 -48.70 -39.07
C GLY C 708 18.00 -49.94 -38.46
N SER C 709 17.45 -51.11 -38.74
CA SER C 709 18.08 -52.37 -38.35
C SER C 709 19.32 -52.58 -39.22
N VAL C 710 20.23 -53.41 -38.73
CA VAL C 710 21.51 -53.67 -39.39
C VAL C 710 21.28 -54.75 -40.43
N ILE C 711 21.43 -54.45 -41.72
CA ILE C 711 21.24 -55.46 -42.79
C ILE C 711 22.58 -56.14 -43.18
N PHE C 712 23.68 -55.43 -43.02
CA PHE C 712 25.00 -55.98 -43.37
C PHE C 712 26.02 -55.46 -42.40
N THR C 713 26.94 -56.35 -42.00
CA THR C 713 28.05 -56.06 -41.10
C THR C 713 29.37 -56.51 -41.74
N LEU C 714 30.27 -55.55 -41.95
CA LEU C 714 31.64 -55.80 -42.42
C LEU C 714 32.63 -55.58 -41.27
N LYS C 715 33.57 -56.51 -41.07
CA LYS C 715 34.58 -56.36 -40.04
C LYS C 715 35.97 -56.51 -40.66
N ALA C 716 36.90 -55.69 -40.20
CA ALA C 716 38.27 -55.79 -40.62
C ALA C 716 39.14 -55.87 -39.38
N ALA C 717 39.91 -56.96 -39.25
CA ALA C 717 40.75 -57.18 -38.05
C ALA C 717 42.20 -57.43 -38.38
N ARG C 718 43.08 -56.71 -37.72
CA ARG C 718 44.51 -56.82 -37.98
C ARG C 718 45.28 -57.60 -36.89
N THR C 719 46.09 -58.54 -37.36
CA THR C 719 47.06 -59.24 -36.52
C THR C 719 48.32 -59.49 -37.34
N GLY C 720 49.42 -58.93 -36.85
CA GLY C 720 50.65 -58.83 -37.61
C GLY C 720 50.39 -57.89 -38.77
N ASN C 721 50.80 -58.28 -39.97
CA ASN C 721 50.54 -57.46 -41.12
C ASN C 721 49.45 -58.04 -42.01
N THR C 722 48.47 -58.65 -41.38
CA THR C 722 47.41 -59.34 -42.08
C THR C 722 46.07 -58.85 -41.58
N ILE C 723 45.30 -58.25 -42.49
CA ILE C 723 43.96 -57.86 -42.13
C ILE C 723 43.01 -58.89 -42.74
N THR C 724 42.07 -59.34 -41.94
CA THR C 724 41.10 -60.36 -42.32
C THR C 724 39.76 -59.69 -42.33
N VAL C 725 39.09 -59.77 -43.47
CA VAL C 725 37.87 -59.02 -43.68
C VAL C 725 36.76 -60.02 -43.78
N THR C 726 35.71 -59.83 -42.97
CA THR C 726 34.59 -60.77 -42.99
C THR C 726 33.26 -60.03 -42.94
N GLY C 727 32.38 -60.42 -43.84
CA GLY C 727 31.06 -59.85 -43.96
C GLY C 727 30.00 -60.84 -43.53
N ALA C 728 28.89 -60.32 -43.02
CA ALA C 728 27.70 -61.10 -42.76
C ALA C 728 26.50 -60.21 -42.99
N GLY C 729 25.49 -60.78 -43.64
CA GLY C 729 24.26 -60.10 -44.02
C GLY C 729 24.14 -59.90 -45.53
N GLU C 730 23.23 -59.03 -45.96
CA GLU C 730 22.98 -58.76 -47.39
C GLU C 730 23.60 -57.46 -47.89
N ALA C 731 24.58 -57.61 -48.79
CA ALA C 731 25.19 -56.50 -49.52
C ALA C 731 25.65 -57.00 -50.89
N LYS C 732 25.71 -56.09 -51.85
CA LYS C 732 25.96 -56.41 -53.26
C LYS C 732 26.83 -55.31 -53.85
N ASN C 733 27.84 -55.70 -54.65
CA ASN C 733 28.56 -54.76 -55.50
C ASN C 733 29.37 -53.73 -54.68
N TRP C 734 30.02 -54.20 -53.62
CA TRP C 734 30.77 -53.31 -52.73
C TRP C 734 32.27 -53.45 -52.84
N THR C 735 32.97 -52.40 -52.39
CA THR C 735 34.40 -52.32 -52.42
C THR C 735 34.95 -51.83 -51.07
N LEU C 736 36.23 -52.11 -50.86
CA LEU C 736 36.90 -51.73 -49.67
C LEU C 736 38.12 -50.92 -50.02
N CYS C 737 38.09 -49.65 -49.67
CA CYS C 737 39.24 -48.82 -49.90
C CYS C 737 40.15 -48.77 -48.66
N LEU C 738 41.41 -49.15 -48.86
CA LEU C 738 42.42 -49.04 -47.81
C LEU C 738 43.00 -47.62 -47.85
N ARG C 739 42.44 -46.71 -47.03
CA ARG C 739 42.85 -45.31 -47.10
C ARG C 739 44.36 -45.17 -46.87
N ASN C 740 45.00 -44.34 -47.71
CA ASN C 740 46.46 -44.07 -47.65
C ASN C 740 47.43 -45.28 -47.76
N VAL C 741 46.93 -46.39 -48.30
CA VAL C 741 47.76 -47.56 -48.61
C VAL C 741 47.84 -47.69 -50.15
N VAL C 742 49.02 -47.41 -50.70
CA VAL C 742 49.28 -47.48 -52.15
C VAL C 742 49.68 -48.88 -52.64
N LYS C 743 50.36 -49.63 -51.79
CA LYS C 743 50.79 -50.97 -52.17
C LYS C 743 50.56 -51.94 -51.03
N VAL C 744 50.27 -53.17 -51.42
CA VAL C 744 50.05 -54.25 -50.52
C VAL C 744 51.04 -55.37 -50.93
N ASN C 745 51.36 -56.27 -50.01
CA ASN C 745 52.20 -57.42 -50.32
C ASN C 745 51.39 -58.50 -51.06
N GLY C 746 50.17 -58.74 -50.61
CA GLY C 746 49.33 -59.76 -51.19
C GLY C 746 47.88 -59.69 -50.77
N LEU C 747 47.10 -60.57 -51.36
CA LEU C 747 45.68 -60.43 -51.33
C LEU C 747 45.06 -61.75 -51.75
N GLN C 748 44.13 -62.24 -50.94
CA GLN C 748 43.43 -63.49 -51.22
C GLN C 748 41.95 -63.19 -51.26
N ASP C 749 41.28 -63.81 -52.21
CA ASP C 749 39.83 -63.69 -52.40
C ASP C 749 39.37 -62.29 -52.81
N GLY C 750 40.23 -61.60 -53.57
CA GLY C 750 39.86 -60.33 -54.21
C GLY C 750 40.85 -59.78 -55.23
N SER C 751 40.47 -58.69 -55.88
CA SER C 751 41.31 -57.96 -56.83
C SER C 751 41.50 -56.55 -56.35
N GLN C 752 42.55 -55.91 -56.82
CA GLN C 752 42.86 -54.54 -56.41
C GLN C 752 42.89 -53.58 -57.59
N ALA C 753 42.74 -52.28 -57.27
CA ALA C 753 42.76 -51.19 -58.22
C ALA C 753 43.23 -49.93 -57.50
N GLU C 754 43.88 -49.06 -58.23
CA GLU C 754 44.31 -47.80 -57.69
C GLU C 754 43.10 -46.86 -57.48
N SER C 755 43.25 -45.97 -56.50
CA SER C 755 42.51 -44.71 -56.48
C SER C 755 43.41 -43.71 -55.78
N GLU C 756 43.01 -42.45 -55.83
CA GLU C 756 43.76 -41.38 -55.18
C GLU C 756 43.66 -41.46 -53.63
N GLN C 757 42.61 -42.10 -53.11
CA GLN C 757 42.44 -42.22 -51.65
C GLN C 757 43.16 -43.43 -51.05
N GLY C 758 43.53 -44.36 -51.93
CA GLY C 758 44.27 -45.54 -51.57
C GLY C 758 43.80 -46.72 -52.38
N LEU C 759 44.44 -47.85 -52.17
CA LEU C 759 44.10 -49.07 -52.91
C LEU C 759 42.65 -49.43 -52.67
N VAL C 760 41.94 -49.84 -53.72
CA VAL C 760 40.55 -50.29 -53.62
C VAL C 760 40.45 -51.79 -53.93
N VAL C 761 39.86 -52.55 -53.01
CA VAL C 761 39.74 -53.99 -53.17
C VAL C 761 38.31 -54.42 -53.47
N LYS C 762 38.14 -55.27 -54.48
CA LYS C 762 36.85 -55.84 -54.83
C LYS C 762 36.87 -57.30 -54.40
N PRO C 763 35.92 -57.71 -53.53
CA PRO C 763 35.88 -59.09 -53.07
C PRO C 763 35.52 -60.04 -54.18
N GLN C 764 36.31 -61.10 -54.31
CA GLN C 764 36.00 -62.23 -55.21
C GLN C 764 35.23 -63.22 -54.34
N GLY C 765 35.92 -64.24 -53.82
CA GLY C 765 35.29 -65.19 -52.87
C GLY C 765 35.00 -64.53 -51.51
N ASN C 766 34.60 -65.31 -50.51
CA ASN C 766 34.49 -64.72 -49.14
C ASN C 766 35.35 -65.42 -48.06
N ALA C 767 36.66 -65.26 -48.27
CA ALA C 767 37.69 -65.34 -47.23
C ALA C 767 38.67 -64.23 -47.56
N LEU C 768 38.16 -62.99 -47.67
CA LEU C 768 39.01 -61.86 -48.03
C LEU C 768 40.08 -61.65 -46.98
N THR C 769 41.32 -61.73 -47.43
CA THR C 769 42.46 -61.55 -46.58
C THR C 769 43.46 -60.66 -47.28
N ILE C 770 43.94 -59.62 -46.60
CA ILE C 770 44.92 -58.74 -47.22
C ILE C 770 46.22 -58.74 -46.39
N THR C 771 47.36 -58.74 -47.06
CA THR C 771 48.66 -58.73 -46.40
C THR C 771 49.42 -57.43 -46.72
N LEU C 772 49.58 -56.60 -45.70
CA LEU C 772 50.31 -55.36 -45.85
C LEU C 772 51.77 -55.66 -46.05
N HIS C 773 52.45 -54.75 -46.73
CA HIS C 773 53.89 -54.87 -46.83
C HIS C 773 54.50 -54.47 -45.45
N MET D 1 -14.54 11.48 -19.71
CA MET D 1 -13.33 10.95 -19.10
C MET D 1 -12.19 11.58 -19.85
N LYS D 2 -11.22 12.08 -19.14
CA LYS D 2 -10.14 12.70 -19.87
C LYS D 2 -9.22 11.65 -20.51
N ILE D 3 -8.94 11.83 -21.80
CA ILE D 3 -8.04 10.92 -22.55
C ILE D 3 -6.78 11.70 -22.97
N SER D 4 -6.97 12.81 -23.69
CA SER D 4 -5.82 13.69 -24.01
C SER D 4 -5.45 14.59 -22.84
N ASP D 5 -4.25 15.17 -22.92
CA ASP D 5 -3.74 16.20 -22.00
C ASP D 5 -3.35 17.36 -22.96
N GLY D 6 -4.33 18.17 -23.31
CA GLY D 6 -4.17 19.16 -24.36
C GLY D 6 -4.00 18.54 -25.72
N ASN D 7 -3.65 19.36 -26.72
CA ASN D 7 -3.42 18.87 -28.06
C ASN D 7 -2.27 17.91 -28.16
N TRP D 8 -1.23 18.13 -27.38
CA TRP D 8 0.05 17.53 -27.65
C TRP D 8 0.34 16.28 -26.89
N LEU D 9 -0.34 16.06 -25.77
CA LEU D 9 -0.01 14.98 -24.87
C LEU D 9 -1.24 14.11 -24.53
N ILE D 10 -0.95 13.02 -23.83
CA ILE D 10 -1.93 12.01 -23.40
C ILE D 10 -1.91 12.01 -21.90
N GLN D 11 -3.02 11.69 -21.27
CA GLN D 11 -3.04 11.59 -19.80
C GLN D 11 -2.01 10.53 -19.32
N PRO D 12 -1.32 10.82 -18.20
CA PRO D 12 -0.30 9.89 -17.71
C PRO D 12 -0.91 8.49 -17.47
N GLY D 13 -0.20 7.45 -17.87
CA GLY D 13 -0.66 6.07 -17.68
C GLY D 13 -1.62 5.48 -18.69
N LEU D 14 -2.08 6.26 -19.67
CA LEU D 14 -2.98 5.76 -20.71
C LEU D 14 -2.19 5.42 -21.95
N ASN D 15 -2.40 4.22 -22.46
CA ASN D 15 -1.85 3.81 -23.76
C ASN D 15 -2.95 3.78 -24.80
N LEU D 16 -2.84 4.60 -25.86
CA LEU D 16 -3.86 4.65 -26.93
C LEU D 16 -3.51 3.90 -28.21
N ILE D 17 -4.49 3.20 -28.81
CA ILE D 17 -4.31 2.67 -30.17
C ILE D 17 -5.55 3.05 -30.99
N HIS D 18 -5.34 3.34 -32.26
CA HIS D 18 -6.37 3.89 -33.14
C HIS D 18 -6.43 3.08 -34.39
N PRO D 19 -7.63 2.95 -34.99
CA PRO D 19 -7.69 2.54 -36.38
C PRO D 19 -7.14 3.66 -37.33
N LEU D 20 -6.11 3.31 -38.13
CA LEU D 20 -5.34 4.27 -38.91
C LEU D 20 -5.22 3.88 -40.39
N GLN D 21 -5.59 2.66 -40.74
CA GLN D 21 -5.38 2.15 -42.11
C GLN D 21 -6.25 0.94 -42.35
N VAL D 22 -7.04 1.03 -43.40
CA VAL D 22 -7.79 -0.09 -43.89
C VAL D 22 -6.87 -1.18 -44.42
N PHE D 23 -7.04 -2.36 -43.86
CA PHE D 23 -6.39 -3.55 -44.32
C PHE D 23 -7.31 -4.39 -45.25
N GLU D 24 -8.59 -4.44 -44.96
CA GLU D 24 -9.48 -5.26 -45.77
C GLU D 24 -10.89 -4.90 -45.44
N VAL D 25 -11.74 -4.98 -46.46
CA VAL D 25 -13.16 -4.73 -46.40
C VAL D 25 -13.88 -5.96 -46.87
N GLU D 26 -14.96 -6.30 -46.18
CA GLU D 26 -15.73 -7.49 -46.49
C GLU D 26 -17.22 -7.14 -46.36
N GLN D 27 -18.01 -7.46 -47.41
CA GLN D 27 -19.46 -7.36 -47.32
C GLN D 27 -19.98 -8.69 -46.82
N GLN D 28 -20.82 -8.66 -45.78
CA GLN D 28 -21.46 -9.85 -45.22
C GLN D 28 -22.94 -9.61 -45.32
N ASP D 29 -23.52 -10.00 -46.46
CA ASP D 29 -24.92 -9.79 -46.70
C ASP D 29 -25.22 -8.29 -46.66
N ASN D 30 -26.04 -7.87 -45.70
CA ASN D 30 -26.46 -6.48 -45.63
C ASN D 30 -25.55 -5.63 -44.68
N GLU D 31 -24.35 -6.13 -44.40
CA GLU D 31 -23.43 -5.49 -43.45
C GLU D 31 -22.02 -5.32 -44.04
N MET D 32 -21.38 -4.20 -43.75
CA MET D 32 -20.02 -3.96 -44.21
C MET D 32 -19.03 -4.10 -43.05
N VAL D 33 -18.04 -4.98 -43.18
CA VAL D 33 -16.96 -5.10 -42.19
C VAL D 33 -15.66 -4.47 -42.68
N VAL D 34 -15.09 -3.60 -41.88
CA VAL D 34 -13.77 -3.05 -42.14
C VAL D 34 -12.72 -3.52 -41.11
N TYR D 35 -11.60 -4.08 -41.60
CA TYR D 35 -10.47 -4.41 -40.74
C TYR D 35 -9.44 -3.27 -40.85
N ALA D 36 -9.05 -2.69 -39.71
CA ALA D 36 -8.29 -1.44 -39.64
C ALA D 36 -7.13 -1.63 -38.68
N ALA D 37 -5.93 -1.45 -39.18
CA ALA D 37 -4.73 -1.61 -38.39
C ALA D 37 -4.39 -0.28 -37.75
N PRO D 38 -3.68 -0.34 -36.63
CA PRO D 38 -3.23 0.86 -35.95
C PRO D 38 -1.87 1.35 -36.43
N ARG D 39 -1.32 0.72 -37.47
CA ARG D 39 -0.04 1.13 -38.00
C ARG D 39 -0.06 0.79 -39.48
N ASP D 40 0.99 1.16 -40.21
CA ASP D 40 1.13 0.78 -41.62
C ASP D 40 1.37 -0.74 -41.69
N VAL D 41 0.54 -1.44 -42.43
CA VAL D 41 0.60 -2.92 -42.60
C VAL D 41 0.55 -3.31 -44.09
N ARG D 42 1.01 -2.39 -44.94
CA ARG D 42 1.12 -2.67 -46.40
C ARG D 42 2.13 -3.80 -46.71
N GLU D 43 3.26 -3.81 -46.00
CA GLU D 43 4.27 -4.89 -46.13
C GLU D 43 3.94 -6.05 -45.16
N ARG D 44 4.19 -7.28 -45.60
CA ARG D 44 3.87 -8.49 -44.84
C ARG D 44 4.69 -8.67 -43.57
N THR D 45 5.88 -8.11 -43.57
CA THR D 45 6.71 -8.05 -42.36
C THR D 45 6.01 -7.33 -41.15
N TRP D 46 5.01 -6.49 -41.43
CA TRP D 46 4.26 -5.73 -40.40
C TRP D 46 2.85 -6.27 -40.16
N GLN D 47 2.50 -7.36 -40.85
CA GLN D 47 1.21 -8.01 -40.70
C GLN D 47 1.20 -9.05 -39.55
N LEU D 48 1.86 -8.71 -38.46
CA LEU D 48 1.90 -9.53 -37.24
C LEU D 48 2.45 -8.66 -36.10
N ASP D 49 2.32 -9.11 -34.86
CA ASP D 49 2.69 -8.25 -33.69
C ASP D 49 2.02 -6.88 -33.74
N THR D 50 0.72 -6.89 -34.03
CA THR D 50 -0.07 -5.69 -34.06
C THR D 50 -1.53 -5.95 -33.62
N PRO D 51 -2.12 -4.98 -32.89
CA PRO D 51 -3.57 -5.09 -32.75
C PRO D 51 -4.29 -4.86 -34.10
N LEU D 52 -5.58 -5.20 -34.19
CA LEU D 52 -6.39 -5.00 -35.35
C LEU D 52 -7.77 -4.64 -34.84
N PHE D 53 -8.35 -3.57 -35.37
CA PHE D 53 -9.73 -3.24 -35.09
C PHE D 53 -10.64 -3.85 -36.14
N THR D 54 -11.85 -4.20 -35.67
CA THR D 54 -12.92 -4.74 -36.49
C THR D 54 -14.11 -3.79 -36.43
N LEU D 55 -14.43 -3.14 -37.54
CA LEU D 55 -15.56 -2.20 -37.59
C LEU D 55 -16.64 -2.80 -38.44
N ARG D 56 -17.87 -2.81 -37.91
CA ARG D 56 -19.02 -3.33 -38.59
C ARG D 56 -20.06 -2.25 -38.79
N PHE D 57 -20.51 -2.08 -40.02
CA PHE D 57 -21.56 -1.11 -40.34
C PHE D 57 -22.87 -1.83 -40.74
N PHE D 58 -23.97 -1.38 -40.20
CA PHE D 58 -25.25 -2.04 -40.41
C PHE D 58 -26.37 -1.06 -40.16
N SER D 59 -27.61 -1.41 -40.53
CA SER D 59 -28.74 -0.49 -40.46
C SER D 59 -29.94 -1.20 -39.83
N PRO D 60 -30.37 -0.75 -38.65
CA PRO D 60 -31.53 -1.30 -37.99
C PRO D 60 -32.85 -0.73 -38.52
N GLN D 61 -32.80 0.48 -39.07
CA GLN D 61 -33.96 1.17 -39.62
C GLN D 61 -33.43 2.08 -40.72
N GLU D 62 -34.28 2.44 -41.68
CA GLU D 62 -33.93 3.39 -42.74
C GLU D 62 -33.40 4.69 -42.14
N GLY D 63 -32.27 5.22 -42.64
CA GLY D 63 -31.75 6.48 -42.11
C GLY D 63 -30.95 6.43 -40.81
N ILE D 64 -30.70 5.23 -40.28
CA ILE D 64 -29.83 5.03 -39.12
C ILE D 64 -28.69 4.10 -39.52
N VAL D 65 -27.47 4.57 -39.31
CA VAL D 65 -26.28 3.74 -39.52
C VAL D 65 -25.65 3.41 -38.17
N GLY D 66 -25.59 2.11 -37.88
CA GLY D 66 -24.85 1.55 -36.76
C GLY D 66 -23.42 1.32 -37.05
N VAL D 67 -22.58 1.60 -36.04
CA VAL D 67 -21.12 1.51 -36.17
C VAL D 67 -20.63 0.75 -34.94
N ARG D 68 -20.15 -0.47 -35.16
CA ARG D 68 -19.61 -1.29 -34.08
C ARG D 68 -18.11 -1.33 -34.25
N ILE D 69 -17.39 -0.78 -33.28
CA ILE D 69 -15.94 -0.93 -33.28
C ILE D 69 -15.34 -1.75 -32.15
N GLU D 70 -14.62 -2.82 -32.53
CA GLU D 70 -14.24 -3.85 -31.62
C GLU D 70 -12.77 -4.03 -31.50
N HIS D 71 -12.33 -4.26 -30.25
CA HIS D 71 -10.96 -4.79 -30.01
C HIS D 71 -11.08 -6.32 -29.80
N PHE D 72 -11.14 -6.81 -28.55
CA PHE D 72 -11.30 -8.25 -28.29
C PHE D 72 -12.74 -8.74 -28.25
N GLN D 73 -13.03 -9.78 -28.99
CA GLN D 73 -14.35 -10.41 -28.99
C GLN D 73 -14.56 -11.44 -27.86
N GLY D 74 -13.48 -11.79 -27.17
CA GLY D 74 -13.54 -12.87 -26.20
C GLY D 74 -14.11 -12.46 -24.85
N ALA D 75 -14.48 -11.19 -24.69
CA ALA D 75 -15.02 -10.67 -23.40
C ALA D 75 -16.40 -11.29 -23.16
N LEU D 76 -16.86 -11.32 -21.92
CA LEU D 76 -18.17 -11.88 -21.61
C LEU D 76 -19.36 -11.18 -22.25
N ASN D 77 -19.39 -9.87 -22.15
CA ASN D 77 -20.50 -9.10 -22.75
C ASN D 77 -21.94 -9.63 -22.41
N ASN D 78 -22.22 -9.79 -21.13
CA ASN D 78 -23.61 -10.06 -20.63
C ASN D 78 -24.56 -8.85 -20.76
N GLY D 79 -25.87 -9.15 -20.81
CA GLY D 79 -26.90 -8.12 -20.79
C GLY D 79 -27.06 -7.43 -19.44
N PRO D 80 -28.13 -6.62 -19.26
CA PRO D 80 -29.13 -6.32 -20.27
C PRO D 80 -28.63 -5.47 -21.43
N HIS D 81 -29.42 -5.50 -22.50
CA HIS D 81 -29.25 -4.66 -23.66
C HIS D 81 -30.50 -3.76 -23.80
N TYR D 82 -30.33 -2.61 -24.43
CA TYR D 82 -31.45 -1.68 -24.68
C TYR D 82 -32.52 -2.29 -25.60
N PRO D 83 -33.79 -1.85 -25.47
CA PRO D 83 -34.96 -2.41 -26.16
C PRO D 83 -35.17 -1.84 -27.57
N LEU D 84 -34.15 -2.04 -28.39
CA LEU D 84 -34.03 -1.49 -29.71
C LEU D 84 -34.85 -2.29 -30.68
N ASN D 85 -35.55 -1.58 -31.54
CA ASN D 85 -36.28 -2.22 -32.64
C ASN D 85 -35.36 -2.41 -33.84
N ILE D 86 -34.94 -3.66 -34.08
CA ILE D 86 -33.94 -3.90 -35.11
C ILE D 86 -34.56 -4.68 -36.24
N LEU D 87 -34.66 -4.04 -37.41
CA LEU D 87 -35.04 -4.76 -38.65
C LEU D 87 -33.82 -5.39 -39.31
N GLN D 88 -34.06 -6.51 -39.99
CA GLN D 88 -32.98 -7.26 -40.69
C GLN D 88 -32.93 -7.09 -42.24
N ASP D 89 -33.97 -6.43 -42.80
CA ASP D 89 -34.19 -6.29 -44.23
C ASP D 89 -34.29 -4.82 -44.69
N VAL D 90 -33.55 -3.93 -44.01
CA VAL D 90 -33.52 -2.55 -44.44
C VAL D 90 -32.73 -2.55 -45.73
N LYS D 91 -33.24 -1.83 -46.71
CA LYS D 91 -32.58 -1.65 -48.00
C LYS D 91 -31.30 -0.80 -47.79
N VAL D 92 -30.17 -1.39 -48.08
CA VAL D 92 -28.89 -0.70 -47.93
C VAL D 92 -28.08 -0.85 -49.20
N THR D 93 -27.05 -0.04 -49.32
CA THR D 93 -26.19 -0.06 -50.45
C THR D 93 -24.78 -0.17 -49.83
N ILE D 94 -23.99 -1.09 -50.34
CA ILE D 94 -22.61 -1.24 -49.93
C ILE D 94 -21.68 -1.13 -51.14
N GLU D 95 -20.72 -0.22 -51.04
CA GLU D 95 -19.76 -0.01 -52.07
C GLU D 95 -18.31 -0.09 -51.61
N ASN D 96 -17.53 -0.93 -52.26
CA ASN D 96 -16.17 -1.13 -51.88
C ASN D 96 -15.27 -0.83 -53.08
N THR D 97 -14.58 0.30 -53.04
CA THR D 97 -13.69 0.71 -54.11
C THR D 97 -12.24 0.77 -53.66
N GLU D 98 -11.35 1.08 -54.62
CA GLU D 98 -9.91 1.27 -54.36
C GLU D 98 -9.68 2.38 -53.33
N ARG D 99 -10.54 3.40 -53.40
CA ARG D 99 -10.45 4.65 -52.63
C ARG D 99 -11.27 4.72 -51.29
N TYR D 100 -12.43 4.08 -51.25
CA TYR D 100 -13.41 4.20 -50.17
C TYR D 100 -14.15 2.91 -50.03
N ALA D 101 -14.66 2.70 -48.82
CA ALA D 101 -15.75 1.75 -48.57
C ALA D 101 -16.88 2.59 -47.99
N GLU D 102 -18.08 2.39 -48.48
CA GLU D 102 -19.20 3.22 -48.10
C GLU D 102 -20.44 2.38 -47.86
N PHE D 103 -21.07 2.59 -46.71
CA PHE D 103 -22.29 1.89 -46.31
C PHE D 103 -23.45 2.91 -46.27
N LYS D 104 -24.55 2.69 -47.01
CA LYS D 104 -25.66 3.67 -47.09
C LYS D 104 -27.04 3.14 -46.76
N SER D 105 -27.77 3.88 -45.91
CA SER D 105 -29.15 3.58 -45.55
C SER D 105 -29.97 4.84 -45.64
N GLY D 106 -30.95 4.87 -46.55
CA GLY D 106 -31.65 6.11 -46.86
C GLY D 106 -30.73 7.15 -47.46
N ASN D 107 -30.72 8.36 -46.91
CA ASN D 107 -29.80 9.40 -47.38
C ASN D 107 -28.49 9.44 -46.61
N LEU D 108 -28.32 8.54 -45.65
CA LEU D 108 -27.23 8.57 -44.73
C LEU D 108 -26.23 7.48 -45.02
N SER D 109 -24.96 7.86 -45.05
CA SER D 109 -23.91 6.91 -45.27
C SER D 109 -22.70 7.12 -44.37
N ALA D 110 -22.00 6.02 -44.14
CA ALA D 110 -20.69 6.03 -43.53
C ALA D 110 -19.68 5.66 -44.60
N ARG D 111 -18.67 6.49 -44.77
CA ARG D 111 -17.62 6.23 -45.74
C ARG D 111 -16.26 6.23 -45.03
N VAL D 112 -15.49 5.18 -45.31
CA VAL D 112 -14.17 5.03 -44.77
C VAL D 112 -13.16 5.14 -45.89
N SER D 113 -12.19 6.03 -45.70
CA SER D 113 -11.16 6.29 -46.69
C SER D 113 -10.05 5.29 -46.54
N LYS D 114 -9.69 4.67 -47.67
CA LYS D 114 -8.53 3.79 -47.75
C LYS D 114 -7.23 4.56 -48.00
N GLY D 115 -6.15 3.83 -47.86
CA GLY D 115 -4.83 4.37 -48.01
C GLY D 115 -4.35 5.15 -46.83
N GLU D 116 -3.49 6.12 -47.14
CA GLU D 116 -2.66 6.76 -46.16
C GLU D 116 -3.48 7.64 -45.21
N PHE D 117 -4.56 8.21 -45.73
CA PHE D 117 -5.33 9.20 -44.99
C PHE D 117 -6.65 8.58 -44.57
N TRP D 118 -6.62 7.90 -43.42
CA TRP D 118 -7.84 7.37 -42.78
C TRP D 118 -8.77 8.54 -42.45
N SER D 119 -10.06 8.29 -42.67
CA SER D 119 -11.13 9.15 -42.26
C SER D 119 -12.37 8.29 -42.15
N LEU D 120 -13.27 8.63 -41.22
CA LEU D 120 -14.61 8.02 -41.14
C LEU D 120 -15.61 9.13 -41.21
N ASP D 121 -16.43 9.14 -42.26
CA ASP D 121 -17.30 10.30 -42.54
C ASP D 121 -18.73 9.87 -42.59
N PHE D 122 -19.63 10.65 -41.97
CA PHE D 122 -21.08 10.46 -42.14
C PHE D 122 -21.62 11.54 -43.08
N LEU D 123 -22.18 11.07 -44.18
CA LEU D 123 -22.63 11.88 -45.29
C LEU D 123 -24.13 11.84 -45.42
N ARG D 124 -24.76 12.97 -45.67
CA ARG D 124 -26.18 13.00 -46.04
C ARG D 124 -26.25 13.44 -47.50
N ASN D 125 -26.73 12.53 -48.34
CA ASN D 125 -26.77 12.70 -49.77
C ASN D 125 -25.43 13.19 -50.24
N GLY D 126 -24.40 12.53 -49.76
CA GLY D 126 -23.03 12.82 -50.13
C GLY D 126 -22.35 13.99 -49.47
N GLU D 127 -23.04 14.79 -48.66
CA GLU D 127 -22.43 15.92 -47.94
C GLU D 127 -22.17 15.60 -46.46
N ARG D 128 -20.93 15.78 -46.02
CA ARG D 128 -20.52 15.38 -44.70
C ARG D 128 -21.24 16.20 -43.60
N ILE D 129 -21.89 15.51 -42.67
CA ILE D 129 -22.59 16.16 -41.55
C ILE D 129 -21.83 16.02 -40.25
N THR D 130 -21.01 14.96 -40.12
CA THR D 130 -20.12 14.73 -38.98
C THR D 130 -19.10 13.66 -39.37
N GLY D 131 -18.19 13.33 -38.46
CA GLY D 131 -17.22 12.33 -38.74
C GLY D 131 -16.26 12.19 -37.61
N SER D 132 -15.38 11.20 -37.77
CA SER D 132 -14.32 10.91 -36.87
C SER D 132 -13.06 11.05 -37.67
N GLN D 133 -12.14 11.89 -37.19
CA GLN D 133 -10.84 12.08 -37.82
C GLN D 133 -9.85 11.06 -37.25
N VAL D 134 -8.88 10.69 -38.03
CA VAL D 134 -7.87 9.72 -37.59
C VAL D 134 -7.36 10.03 -36.19
N LYS D 135 -7.21 8.99 -35.35
CA LYS D 135 -6.78 9.11 -33.95
C LYS D 135 -7.81 9.66 -32.93
N ASN D 136 -9.06 9.80 -33.34
CA ASN D 136 -10.12 10.26 -32.50
C ASN D 136 -11.08 9.13 -32.13
N ASN D 137 -10.66 7.90 -32.42
CA ASN D 137 -11.30 6.73 -31.83
C ASN D 137 -10.31 5.63 -31.59
N GLY D 138 -10.75 4.56 -30.95
CA GLY D 138 -9.81 3.56 -30.53
C GLY D 138 -10.00 3.05 -29.12
N TYR D 139 -8.92 2.45 -28.63
CA TYR D 139 -8.88 1.71 -27.40
C TYR D 139 -7.95 2.39 -26.45
N VAL D 140 -8.41 2.54 -25.22
CA VAL D 140 -7.64 3.12 -24.12
C VAL D 140 -7.34 2.04 -23.09
N GLN D 141 -6.05 1.77 -22.92
CA GLN D 141 -5.54 0.87 -21.89
C GLN D 141 -5.10 1.78 -20.74
N ASP D 142 -5.93 1.87 -19.69
CA ASP D 142 -5.59 2.59 -18.48
C ASP D 142 -4.74 1.72 -17.54
N THR D 143 -3.49 2.10 -17.53
CA THR D 143 -2.43 1.37 -16.89
C THR D 143 -2.37 1.75 -15.37
N ASN D 144 -3.16 2.74 -14.97
CA ASN D 144 -3.25 3.13 -13.55
C ASN D 144 -4.23 2.30 -12.77
N ASN D 145 -5.34 1.96 -13.40
CA ASN D 145 -6.37 1.18 -12.75
C ASN D 145 -6.73 -0.14 -13.41
N GLN D 146 -5.98 -0.52 -14.45
CA GLN D 146 -6.14 -1.75 -15.27
C GLN D 146 -7.55 -1.93 -15.92
N ARG D 147 -8.23 -0.82 -16.16
CA ARG D 147 -9.44 -0.76 -16.90
C ARG D 147 -9.15 -0.41 -18.36
N ASN D 148 -9.95 -0.97 -19.26
CA ASN D 148 -9.83 -0.68 -20.67
C ASN D 148 -11.07 -0.08 -21.21
N TYR D 149 -10.89 0.85 -22.13
CA TYR D 149 -12.01 1.55 -22.71
C TYR D 149 -11.93 1.65 -24.22
N MET D 150 -13.10 1.92 -24.80
CA MET D 150 -13.22 2.30 -26.18
C MET D 150 -13.76 3.74 -26.23
N PHE D 151 -13.33 4.48 -27.24
CA PHE D 151 -13.81 5.85 -27.41
C PHE D 151 -13.97 6.29 -28.86
N GLU D 152 -14.83 7.29 -29.05
CA GLU D 152 -15.03 7.97 -30.33
C GLU D 152 -15.13 9.48 -30.07
N ARG D 153 -14.81 10.29 -31.08
CA ARG D 153 -15.05 11.77 -31.03
C ARG D 153 -15.63 12.16 -32.37
N LEU D 154 -16.90 12.54 -32.37
CA LEU D 154 -17.61 12.99 -33.56
C LEU D 154 -17.63 14.52 -33.69
N ASP D 155 -17.14 15.00 -34.83
CA ASP D 155 -16.95 16.44 -35.08
C ASP D 155 -18.23 17.29 -34.98
N LEU D 156 -18.03 18.51 -34.46
CA LEU D 156 -18.99 19.57 -34.49
C LEU D 156 -18.52 20.66 -35.45
N GLY D 157 -19.45 21.27 -36.16
CA GLY D 157 -19.07 22.36 -37.06
C GLY D 157 -19.18 23.72 -36.42
N VAL D 158 -18.89 24.76 -37.20
CA VAL D 158 -19.04 26.15 -36.76
C VAL D 158 -20.51 26.39 -36.34
N GLY D 159 -20.72 26.84 -35.11
CA GLY D 159 -22.02 27.15 -34.53
C GLY D 159 -22.91 25.95 -34.29
N GLU D 160 -22.32 24.75 -34.35
CA GLU D 160 -23.11 23.55 -34.07
C GLU D 160 -23.26 23.34 -32.58
N THR D 161 -24.53 23.26 -32.16
CA THR D 161 -24.91 23.11 -30.78
C THR D 161 -25.52 21.75 -30.48
N VAL D 162 -25.28 21.30 -29.25
CA VAL D 162 -25.66 19.94 -28.81
C VAL D 162 -26.72 19.97 -27.72
N TYR D 163 -27.66 19.03 -27.82
CA TYR D 163 -28.84 18.99 -26.98
C TYR D 163 -29.14 17.58 -26.52
N GLY D 164 -29.86 17.50 -25.42
CA GLY D 164 -30.40 16.21 -24.98
C GLY D 164 -29.63 15.52 -23.88
N LEU D 165 -29.35 14.23 -24.06
CA LEU D 165 -28.62 13.42 -23.00
C LEU D 165 -29.44 13.14 -21.70
N GLY D 166 -30.77 13.18 -21.84
CA GLY D 166 -31.71 12.86 -20.78
C GLY D 166 -32.35 14.14 -20.25
N GLU D 167 -33.02 14.02 -19.12
CA GLU D 167 -33.52 15.18 -18.34
C GLU D 167 -32.39 15.73 -17.45
N ARG D 168 -31.78 16.84 -17.86
CA ARG D 168 -30.69 17.44 -17.12
C ARG D 168 -31.02 18.91 -16.86
N PHE D 169 -30.38 19.45 -15.84
CA PHE D 169 -30.69 20.73 -15.28
C PHE D 169 -29.55 21.74 -15.46
N THR D 170 -28.48 21.35 -16.16
CA THR D 170 -27.42 22.29 -16.50
C THR D 170 -27.94 23.17 -17.65
N ALA D 171 -27.08 24.05 -18.15
CA ALA D 171 -27.40 24.86 -19.33
C ALA D 171 -27.93 23.95 -20.44
N LEU D 172 -28.92 24.44 -21.16
CA LEU D 172 -29.57 23.64 -22.19
C LEU D 172 -28.67 23.11 -23.35
N VAL D 173 -27.82 23.97 -23.87
CA VAL D 173 -26.88 23.63 -24.91
C VAL D 173 -25.71 23.02 -24.17
N ARG D 174 -25.31 21.83 -24.62
CA ARG D 174 -24.46 20.95 -23.82
C ARG D 174 -22.97 21.23 -24.08
N ASN D 175 -22.64 21.96 -25.15
CA ASN D 175 -21.22 22.32 -25.47
C ASN D 175 -20.55 22.90 -24.23
N GLY D 176 -19.38 22.33 -23.86
CA GLY D 176 -18.65 22.73 -22.64
C GLY D 176 -18.83 21.82 -21.46
N GLN D 177 -19.75 20.84 -21.55
CA GLN D 177 -20.12 20.01 -20.43
C GLN D 177 -19.58 18.60 -20.51
N THR D 178 -19.15 18.06 -19.39
CA THR D 178 -19.05 16.63 -19.27
C THR D 178 -20.37 16.11 -18.80
N VAL D 179 -20.76 14.99 -19.39
CA VAL D 179 -21.90 14.31 -18.85
C VAL D 179 -21.72 12.80 -18.74
N GLU D 180 -22.11 12.27 -17.59
CA GLU D 180 -22.05 10.84 -17.32
C GLU D 180 -23.46 10.29 -17.30
N THR D 181 -23.75 9.28 -18.12
CA THR D 181 -25.12 8.75 -18.16
C THR D 181 -25.28 7.64 -17.10
N TRP D 182 -25.67 8.09 -15.91
CA TRP D 182 -25.74 7.29 -14.68
C TRP D 182 -26.81 7.86 -13.74
N ASN D 183 -27.92 7.13 -13.63
CA ASN D 183 -29.06 7.58 -12.91
C ASN D 183 -28.70 7.79 -11.46
N ARG D 184 -29.10 8.93 -10.96
CA ARG D 184 -28.85 9.32 -9.60
C ARG D 184 -30.04 10.02 -8.97
N ASP D 185 -30.11 9.95 -7.65
CA ASP D 185 -31.05 10.80 -6.90
C ASP D 185 -30.30 12.04 -6.38
N GLY D 186 -30.18 13.08 -7.20
CA GLY D 186 -29.35 14.25 -6.88
C GLY D 186 -30.17 15.52 -6.81
N GLY D 187 -31.49 15.37 -6.77
CA GLY D 187 -32.36 16.56 -6.89
C GLY D 187 -32.41 17.11 -8.30
N THR D 188 -32.86 18.35 -8.43
CA THR D 188 -33.10 19.02 -9.72
C THR D 188 -32.23 20.30 -9.87
N SER D 189 -31.13 20.36 -9.11
CA SER D 189 -30.34 21.58 -9.00
C SER D 189 -28.88 21.35 -9.31
N THR D 190 -28.56 20.14 -9.78
CA THR D 190 -27.16 19.76 -9.98
C THR D 190 -26.92 19.18 -11.33
N GLU D 191 -25.69 18.70 -11.54
CA GLU D 191 -25.32 18.08 -12.79
C GLU D 191 -25.84 16.64 -12.87
N GLN D 192 -26.36 16.11 -11.75
CA GLN D 192 -26.89 14.76 -11.72
C GLN D 192 -28.30 14.67 -12.33
N ALA D 193 -28.68 13.49 -12.79
CA ALA D 193 -29.96 13.29 -13.42
C ALA D 193 -30.63 11.97 -12.99
N TYR D 194 -31.92 11.97 -12.74
CA TYR D 194 -32.69 10.73 -12.46
C TYR D 194 -32.89 9.97 -13.74
N LYS D 195 -32.90 10.70 -14.85
CA LYS D 195 -33.32 10.21 -16.16
C LYS D 195 -32.20 10.46 -17.20
N ASN D 196 -31.28 9.52 -17.27
CA ASN D 196 -30.13 9.61 -18.15
C ASN D 196 -30.37 8.84 -19.42
N ILE D 197 -29.95 9.40 -20.54
CA ILE D 197 -30.09 8.80 -21.88
C ILE D 197 -28.88 9.13 -22.76
N PRO D 198 -28.11 8.11 -23.26
CA PRO D 198 -26.91 8.40 -24.07
C PRO D 198 -27.17 8.71 -25.56
N PHE D 199 -28.08 9.65 -25.79
CA PHE D 199 -28.48 10.13 -27.07
C PHE D 199 -28.43 11.65 -27.02
N TYR D 200 -27.84 12.20 -28.07
CA TYR D 200 -27.81 13.63 -28.28
C TYR D 200 -28.16 13.92 -29.70
N MET D 201 -28.57 15.16 -29.92
CA MET D 201 -28.86 15.67 -31.25
C MET D 201 -28.40 17.10 -31.32
N THR D 202 -28.24 17.60 -32.56
CA THR D 202 -27.59 18.87 -32.76
C THR D 202 -28.47 19.75 -33.62
N ASN D 203 -28.09 21.02 -33.74
CA ASN D 203 -28.80 21.93 -34.66
C ASN D 203 -28.39 21.74 -36.14
N ARG D 204 -27.78 20.61 -36.45
CA ARG D 204 -27.44 20.24 -37.84
C ARG D 204 -28.30 19.08 -38.32
N GLY D 205 -29.30 18.71 -37.53
CA GLY D 205 -30.28 17.80 -38.03
C GLY D 205 -29.93 16.34 -38.02
N TYR D 206 -28.97 15.95 -37.17
CA TYR D 206 -28.78 14.52 -36.88
C TYR D 206 -28.71 14.23 -35.38
N GLY D 207 -28.68 12.95 -35.03
CA GLY D 207 -28.61 12.54 -33.63
C GLY D 207 -27.75 11.32 -33.50
N VAL D 208 -27.26 11.04 -32.30
CA VAL D 208 -26.56 9.80 -32.06
C VAL D 208 -26.88 9.14 -30.72
N LEU D 209 -27.22 7.86 -30.82
CA LEU D 209 -27.40 6.95 -29.70
C LEU D 209 -26.12 6.17 -29.47
N VAL D 210 -25.54 6.33 -28.29
CA VAL D 210 -24.48 5.44 -27.85
C VAL D 210 -25.12 4.23 -27.14
N ASN D 211 -24.91 3.05 -27.74
CA ASN D 211 -25.69 1.88 -27.38
C ASN D 211 -25.03 1.05 -26.27
N HIS D 212 -24.99 1.69 -25.12
CA HIS D 212 -24.42 1.13 -23.93
C HIS D 212 -25.21 1.56 -22.70
N PRO D 213 -25.86 0.60 -22.05
CA PRO D 213 -26.57 0.86 -20.80
C PRO D 213 -25.74 1.14 -19.55
N GLN D 214 -24.47 0.70 -19.50
CA GLN D 214 -23.48 1.16 -18.51
C GLN D 214 -23.36 2.67 -18.57
N CYS D 215 -22.56 3.21 -17.65
CA CYS D 215 -22.18 4.63 -17.69
C CYS D 215 -21.42 4.96 -18.95
N VAL D 216 -21.91 5.95 -19.70
CA VAL D 216 -21.20 6.44 -20.83
C VAL D 216 -20.71 7.82 -20.45
N SER D 217 -19.43 8.03 -20.64
CA SER D 217 -18.82 9.34 -20.34
C SER D 217 -18.64 10.23 -21.57
N PHE D 218 -19.48 11.27 -21.62
CA PHE D 218 -19.51 12.27 -22.69
C PHE D 218 -18.70 13.51 -22.32
N GLU D 219 -17.75 13.88 -23.16
CA GLU D 219 -17.09 15.20 -23.03
C GLU D 219 -17.60 16.02 -24.21
N VAL D 220 -18.62 16.84 -23.97
CA VAL D 220 -19.37 17.49 -25.04
C VAL D 220 -18.70 18.84 -25.28
N GLY D 221 -17.75 18.86 -26.20
CA GLY D 221 -16.92 20.02 -26.40
C GLY D 221 -16.12 20.43 -25.19
N SER D 222 -15.86 19.50 -24.26
CA SER D 222 -15.20 19.80 -22.98
C SER D 222 -13.80 19.28 -22.90
N GLU D 223 -13.38 18.46 -23.87
CA GLU D 223 -11.97 18.01 -23.99
C GLU D 223 -11.43 18.51 -25.31
N LYS D 224 -12.00 18.05 -26.44
CA LYS D 224 -11.80 18.68 -27.73
C LYS D 224 -13.03 19.56 -27.97
N VAL D 225 -12.80 20.86 -28.01
CA VAL D 225 -13.91 21.82 -27.93
C VAL D 225 -14.85 21.77 -29.13
N SER D 226 -14.39 21.28 -30.29
CA SER D 226 -15.34 21.08 -31.40
C SER D 226 -15.62 19.58 -31.75
N LYS D 227 -15.66 18.71 -30.75
CA LYS D 227 -16.09 17.36 -30.89
C LYS D 227 -16.88 16.95 -29.69
N VAL D 228 -17.83 16.02 -29.96
CA VAL D 228 -18.44 15.20 -28.95
C VAL D 228 -17.70 13.89 -28.82
N GLN D 229 -16.97 13.78 -27.73
CA GLN D 229 -16.26 12.62 -27.29
C GLN D 229 -17.12 11.77 -26.37
N PHE D 230 -17.13 10.46 -26.61
CA PHE D 230 -17.72 9.54 -25.68
C PHE D 230 -16.86 8.29 -25.46
N SER D 231 -16.79 7.86 -24.22
CA SER D 231 -16.14 6.60 -23.88
C SER D 231 -16.96 5.72 -22.95
N VAL D 232 -16.62 4.44 -23.00
CA VAL D 232 -17.23 3.39 -22.22
C VAL D 232 -16.18 2.32 -21.94
N GLU D 233 -16.29 1.74 -20.74
CA GLU D 233 -15.36 0.70 -20.30
C GLU D 233 -15.88 -0.59 -20.93
N SER D 234 -15.26 -1.00 -22.03
CA SER D 234 -15.80 -2.06 -22.88
C SER D 234 -14.73 -2.47 -23.87
N GLU D 235 -14.81 -3.69 -24.41
CA GLU D 235 -13.89 -4.14 -25.53
C GLU D 235 -14.43 -3.76 -26.96
N TYR D 236 -15.64 -3.22 -26.98
CA TYR D 236 -16.22 -2.67 -28.14
C TYR D 236 -17.02 -1.40 -27.83
N LEU D 237 -17.19 -0.61 -28.87
CA LEU D 237 -18.07 0.55 -28.88
C LEU D 237 -19.05 0.48 -30.04
N GLU D 238 -20.32 0.66 -29.77
CA GLU D 238 -21.34 0.66 -30.78
C GLU D 238 -22.21 1.93 -30.64
N TYR D 239 -22.40 2.60 -31.75
CA TYR D 239 -23.26 3.76 -31.78
C TYR D 239 -24.05 3.83 -33.07
N PHE D 240 -25.11 4.64 -33.05
CA PHE D 240 -25.99 4.83 -34.17
C PHE D 240 -26.13 6.30 -34.47
N VAL D 241 -25.80 6.64 -35.71
CA VAL D 241 -26.05 7.99 -36.28
C VAL D 241 -27.44 7.93 -36.95
N ILE D 242 -28.26 8.90 -36.60
CA ILE D 242 -29.67 8.96 -36.93
C ILE D 242 -29.90 10.21 -37.72
N ASP D 243 -30.31 10.10 -38.97
CA ASP D 243 -30.49 11.29 -39.79
C ASP D 243 -31.79 12.01 -39.46
N GLY D 244 -31.83 13.29 -39.80
CA GLY D 244 -33.03 14.08 -39.76
C GLY D 244 -33.68 14.26 -41.14
N PRO D 245 -33.43 15.40 -41.79
CA PRO D 245 -32.49 16.50 -41.54
C PRO D 245 -32.94 17.58 -40.59
N THR D 246 -34.08 17.35 -39.96
CA THR D 246 -34.71 18.29 -39.08
C THR D 246 -34.75 17.63 -37.68
N PRO D 247 -34.64 18.45 -36.61
CA PRO D 247 -34.82 17.90 -35.27
C PRO D 247 -36.03 17.01 -35.07
N LYS D 248 -37.17 17.38 -35.61
CA LYS D 248 -38.34 16.53 -35.44
C LYS D 248 -38.18 15.18 -36.14
N ALA D 249 -37.50 15.20 -37.27
CA ALA D 249 -37.27 14.00 -38.10
C ALA D 249 -36.31 13.02 -37.40
N VAL D 250 -35.24 13.56 -36.80
CA VAL D 250 -34.38 12.78 -35.94
C VAL D 250 -35.16 12.11 -34.80
N LEU D 251 -36.04 12.86 -34.10
CA LEU D 251 -36.76 12.26 -32.98
C LEU D 251 -37.79 11.23 -33.45
N ASP D 252 -38.35 11.46 -34.63
CA ASP D 252 -39.18 10.45 -35.29
C ASP D 252 -38.43 9.12 -35.47
N ARG D 253 -37.26 9.17 -36.06
CA ARG D 253 -36.49 7.96 -36.28
C ARG D 253 -36.02 7.37 -34.95
N TYR D 254 -35.59 8.24 -34.03
CA TYR D 254 -35.15 7.82 -32.70
C TYR D 254 -36.24 7.05 -31.95
N THR D 255 -37.47 7.56 -31.98
CA THR D 255 -38.55 6.97 -31.19
C THR D 255 -39.11 5.71 -31.93
N ARG D 256 -39.10 5.70 -33.24
CA ARG D 256 -39.35 4.43 -33.95
C ARG D 256 -38.30 3.40 -33.52
N PHE D 257 -37.04 3.81 -33.45
CA PHE D 257 -35.94 2.87 -33.13
C PHE D 257 -35.97 2.31 -31.68
N THR D 258 -36.24 3.18 -30.70
CA THR D 258 -36.11 2.84 -29.28
C THR D 258 -37.44 2.83 -28.51
N GLY D 259 -38.47 3.39 -29.16
CA GLY D 259 -39.82 3.33 -28.62
C GLY D 259 -40.62 4.60 -28.72
N ARG D 260 -41.90 4.46 -29.08
CA ARG D 260 -42.78 5.61 -29.20
C ARG D 260 -43.44 5.91 -27.90
N PRO D 261 -43.51 7.19 -27.57
CA PRO D 261 -44.38 7.59 -26.48
C PRO D 261 -45.80 7.03 -26.67
N ALA D 262 -46.36 6.55 -25.59
CA ALA D 262 -47.75 6.13 -25.57
C ALA D 262 -48.60 7.37 -25.44
N LEU D 263 -49.87 7.23 -25.83
CA LEU D 263 -50.82 8.30 -25.77
C LEU D 263 -51.54 8.19 -24.44
N PRO D 264 -51.32 9.15 -23.55
CA PRO D 264 -51.94 9.00 -22.26
C PRO D 264 -53.42 9.31 -22.42
N PRO D 265 -54.25 8.86 -21.48
CA PRO D 265 -55.70 9.17 -21.55
C PRO D 265 -55.98 10.64 -21.31
N ALA D 266 -57.01 11.18 -21.91
CA ALA D 266 -57.33 12.60 -21.75
C ALA D 266 -57.56 13.06 -20.30
N TRP D 267 -58.14 12.23 -19.45
CA TRP D 267 -58.30 12.64 -18.04
C TRP D 267 -56.97 13.01 -17.39
N SER D 268 -55.91 12.34 -17.81
CA SER D 268 -54.57 12.53 -17.20
C SER D 268 -54.07 13.95 -17.37
N PHE D 269 -54.66 14.69 -18.33
CA PHE D 269 -54.27 16.09 -18.64
C PHE D 269 -54.93 17.09 -17.74
N GLY D 270 -55.76 16.60 -16.82
CA GLY D 270 -56.36 17.46 -15.81
C GLY D 270 -55.39 17.84 -14.70
N LEU D 271 -55.94 18.46 -13.66
CA LEU D 271 -55.21 18.88 -12.47
C LEU D 271 -55.14 17.75 -11.45
N TRP D 272 -53.89 17.35 -11.15
CA TRP D 272 -53.57 16.40 -10.11
C TRP D 272 -53.31 17.17 -8.82
N LEU D 273 -53.80 16.64 -7.70
CA LEU D 273 -53.57 17.17 -6.33
C LEU D 273 -53.09 16.01 -5.47
N THR D 274 -52.14 16.25 -4.56
CA THR D 274 -51.72 15.18 -3.61
C THR D 274 -52.04 15.44 -2.14
N THR D 275 -52.04 14.36 -1.35
CA THR D 275 -52.03 14.44 0.10
C THR D 275 -50.96 15.44 0.64
N SER D 276 -49.88 15.67 -0.10
CA SER D 276 -48.61 16.20 0.42
C SER D 276 -47.84 15.05 1.13
N PHE D 277 -46.59 15.32 1.53
CA PHE D 277 -45.70 14.25 2.00
C PHE D 277 -46.02 13.82 3.44
N THR D 278 -45.89 14.74 4.42
CA THR D 278 -46.00 14.39 5.87
C THR D 278 -47.30 14.85 6.59
N THR D 279 -48.29 15.23 5.80
CA THR D 279 -49.62 15.43 6.34
C THR D 279 -50.14 14.12 6.93
N ASN D 280 -51.00 14.23 7.94
CA ASN D 280 -51.64 13.05 8.55
C ASN D 280 -52.95 12.74 7.82
N TYR D 281 -52.86 11.83 6.85
CA TYR D 281 -53.99 11.59 5.95
C TYR D 281 -54.96 10.79 6.80
N ASP D 282 -56.21 10.73 6.32
CA ASP D 282 -57.35 9.99 6.89
C ASP D 282 -58.52 10.42 6.01
N GLU D 283 -59.59 9.64 5.98
CA GLU D 283 -60.66 9.90 5.01
C GLU D 283 -61.23 11.28 5.15
N ALA D 284 -61.45 11.72 6.39
CA ALA D 284 -62.06 13.03 6.63
C ALA D 284 -61.15 14.16 6.18
N THR D 285 -59.91 14.13 6.63
CA THR D 285 -58.90 15.10 6.20
C THR D 285 -58.81 15.20 4.67
N VAL D 286 -58.72 14.06 4.00
CA VAL D 286 -58.60 14.02 2.54
C VAL D 286 -59.81 14.65 1.88
N ASN D 287 -61.00 14.26 2.33
CA ASN D 287 -62.22 14.83 1.78
C ASN D 287 -62.42 16.30 2.03
N SER D 288 -61.90 16.80 3.15
CA SER D 288 -62.06 18.20 3.43
C SER D 288 -61.25 19.00 2.43
N PHE D 289 -60.06 18.49 2.05
CA PHE D 289 -59.26 19.21 1.06
C PHE D 289 -59.83 19.09 -0.36
N ILE D 290 -60.34 17.91 -0.71
CA ILE D 290 -61.05 17.79 -1.98
C ILE D 290 -62.33 18.65 -2.01
N ASP D 291 -63.06 18.70 -0.90
CA ASP D 291 -64.24 19.57 -0.83
C ASP D 291 -63.88 21.04 -0.93
N GLY D 292 -62.77 21.44 -0.32
CA GLY D 292 -62.31 22.83 -0.41
C GLY D 292 -62.08 23.28 -1.83
N MET D 293 -61.67 22.36 -2.69
CA MET D 293 -61.43 22.67 -4.07
C MET D 293 -62.76 22.94 -4.76
N ALA D 294 -63.69 22.00 -4.57
CA ALA D 294 -64.97 22.09 -5.21
C ALA D 294 -65.74 23.33 -4.74
N GLU D 295 -65.65 23.63 -3.45
CA GLU D 295 -66.31 24.80 -2.89
C GLU D 295 -65.82 26.07 -3.51
N ARG D 296 -64.56 26.12 -3.96
CA ARG D 296 -64.02 27.35 -4.59
C ARG D 296 -64.05 27.31 -6.12
N ASN D 297 -64.78 26.35 -6.67
CA ASN D 297 -64.89 26.11 -8.12
C ASN D 297 -63.54 25.93 -8.80
N LEU D 298 -62.65 25.17 -8.14
CA LEU D 298 -61.34 24.79 -8.65
C LEU D 298 -61.49 23.37 -9.14
N PRO D 299 -61.63 23.19 -10.47
CA PRO D 299 -61.73 21.85 -11.04
C PRO D 299 -60.57 20.97 -10.63
N LEU D 300 -60.86 19.68 -10.42
CA LEU D 300 -59.89 18.75 -9.92
C LEU D 300 -60.19 17.32 -10.43
N HIS D 301 -59.16 16.66 -10.95
CA HIS D 301 -59.39 15.48 -11.75
C HIS D 301 -58.72 14.20 -11.25
N VAL D 302 -57.58 14.39 -10.61
CA VAL D 302 -56.82 13.26 -10.12
C VAL D 302 -56.35 13.59 -8.72
N PHE D 303 -56.55 12.63 -7.81
CA PHE D 303 -56.02 12.71 -6.48
C PHE D 303 -55.02 11.58 -6.20
N HIS D 304 -53.90 11.98 -5.60
CA HIS D 304 -52.77 11.11 -5.36
C HIS D 304 -52.54 10.95 -3.86
N PHE D 305 -52.44 9.69 -3.44
CA PHE D 305 -51.99 9.29 -2.08
C PHE D 305 -50.49 9.09 -2.05
N ASP D 306 -49.81 9.89 -1.24
CA ASP D 306 -48.36 9.82 -1.18
C ASP D 306 -47.91 8.75 -0.17
N CYS D 307 -46.65 8.74 0.21
CA CYS D 307 -45.94 7.64 0.95
C CYS D 307 -46.71 7.11 2.16
N PHE D 308 -47.37 8.01 2.88
CA PHE D 308 -47.95 7.67 4.16
C PHE D 308 -49.30 6.95 4.06
N TRP D 309 -49.71 6.48 2.88
CA TRP D 309 -50.78 5.48 2.85
C TRP D 309 -50.37 4.15 3.48
N MET D 310 -49.05 3.93 3.45
CA MET D 310 -48.37 2.79 4.11
C MET D 310 -47.76 3.27 5.43
N LYS D 311 -47.34 2.31 6.25
CA LYS D 311 -46.83 2.56 7.59
C LYS D 311 -45.38 3.02 7.48
N ALA D 312 -45.03 3.94 8.36
CA ALA D 312 -43.68 4.45 8.40
C ALA D 312 -42.61 3.36 8.51
N PHE D 313 -41.53 3.51 7.75
CA PHE D 313 -40.39 2.57 7.74
C PHE D 313 -40.70 1.18 7.08
N GLN D 314 -41.92 1.02 6.58
CA GLN D 314 -42.29 -0.21 5.87
C GLN D 314 -42.52 -0.01 4.34
N TRP D 315 -42.23 1.18 3.84
CA TRP D 315 -42.33 1.47 2.39
C TRP D 315 -41.32 0.66 1.60
N CYS D 316 -41.66 0.01 0.46
CA CYS D 316 -43.00 -0.10 -0.13
C CYS D 316 -43.54 -1.53 -0.02
N ASP D 317 -44.37 -1.78 0.99
CA ASP D 317 -44.86 -3.15 1.29
C ASP D 317 -46.31 -3.40 0.86
N PHE D 318 -46.93 -2.36 0.32
CA PHE D 318 -48.30 -2.40 -0.19
C PHE D 318 -49.42 -2.59 0.87
N GLU D 319 -49.10 -2.47 2.16
CA GLU D 319 -50.15 -2.56 3.19
C GLU D 319 -50.65 -1.18 3.65
N TRP D 320 -51.94 -0.95 3.46
CA TRP D 320 -52.62 0.26 3.93
C TRP D 320 -52.44 0.36 5.43
N ASP D 321 -52.03 1.53 5.90
CA ASP D 321 -51.99 1.79 7.34
C ASP D 321 -53.42 1.57 7.94
N PRO D 322 -53.61 0.54 8.80
CA PRO D 322 -54.96 0.16 9.27
C PRO D 322 -55.54 1.19 10.24
N LEU D 323 -54.70 1.92 10.94
CA LEU D 323 -55.19 2.94 11.87
C LEU D 323 -55.70 4.16 11.11
N THR D 324 -54.93 4.61 10.13
CA THR D 324 -55.37 5.69 9.23
C THR D 324 -56.45 5.25 8.21
N PHE D 325 -56.29 4.04 7.66
CA PHE D 325 -57.11 3.58 6.54
C PHE D 325 -57.82 2.27 6.84
N PRO D 326 -58.81 2.32 7.73
CA PRO D 326 -59.56 1.11 8.13
C PRO D 326 -60.31 0.40 7.01
N ASP D 327 -60.72 1.17 6.00
CA ASP D 327 -61.48 0.67 4.83
C ASP D 327 -60.94 1.25 3.52
N PRO D 328 -59.79 0.74 3.06
CA PRO D 328 -59.22 1.42 1.86
C PRO D 328 -60.16 1.48 0.65
N GLU D 329 -60.75 0.35 0.24
CA GLU D 329 -61.58 0.36 -0.97
C GLU D 329 -62.84 1.25 -0.81
N GLY D 330 -63.45 1.20 0.36
CA GLY D 330 -64.61 2.03 0.63
C GLY D 330 -64.28 3.48 0.45
N MET D 331 -63.12 3.88 0.97
CA MET D 331 -62.66 5.24 0.84
C MET D 331 -62.44 5.58 -0.62
N ILE D 332 -61.64 4.77 -1.31
CA ILE D 332 -61.27 5.18 -2.65
C ILE D 332 -62.55 5.23 -3.51
N ARG D 333 -63.47 4.29 -3.35
CA ARG D 333 -64.68 4.33 -4.17
C ARG D 333 -65.56 5.53 -3.87
N ARG D 334 -65.63 5.97 -2.63
CA ARG D 334 -66.28 7.24 -2.29
C ARG D 334 -65.59 8.43 -2.97
N LEU D 335 -64.28 8.45 -2.98
CA LEU D 335 -63.56 9.52 -3.68
C LEU D 335 -63.84 9.54 -5.17
N LYS D 336 -63.86 8.36 -5.79
CA LYS D 336 -64.13 8.25 -7.21
C LYS D 336 -65.53 8.74 -7.58
N ALA D 337 -66.52 8.43 -6.75
CA ALA D 337 -67.89 8.89 -6.96
C ALA D 337 -67.94 10.41 -7.18
N LYS D 338 -67.01 11.15 -6.58
CA LYS D 338 -66.94 12.61 -6.75
C LYS D 338 -66.31 13.01 -8.08
N GLY D 339 -66.02 12.04 -8.95
CA GLY D 339 -65.49 12.32 -10.28
C GLY D 339 -63.97 12.51 -10.30
N LEU D 340 -63.27 11.61 -9.62
CA LEU D 340 -61.83 11.66 -9.49
C LEU D 340 -61.25 10.34 -9.93
N LYS D 341 -60.06 10.44 -10.52
CA LYS D 341 -59.18 9.30 -10.70
C LYS D 341 -58.19 9.26 -9.54
N ILE D 342 -57.74 8.05 -9.23
CA ILE D 342 -56.91 7.82 -8.05
C ILE D 342 -55.54 7.30 -8.45
N CYS D 343 -54.52 8.00 -7.94
CA CYS D 343 -53.12 7.56 -8.02
C CYS D 343 -52.59 7.21 -6.61
N VAL D 344 -51.70 6.22 -6.51
CA VAL D 344 -51.00 6.01 -5.27
C VAL D 344 -49.48 5.97 -5.47
N TRP D 345 -48.76 6.43 -4.46
CA TRP D 345 -47.33 6.31 -4.47
C TRP D 345 -46.82 4.85 -4.40
N ILE D 346 -45.81 4.51 -5.20
CA ILE D 346 -45.07 3.30 -5.03
C ILE D 346 -43.56 3.54 -5.27
N ASN D 347 -42.76 2.59 -4.83
CA ASN D 347 -41.34 2.51 -5.19
C ASN D 347 -40.86 1.03 -5.17
N PRO D 348 -39.62 0.79 -5.63
CA PRO D 348 -39.05 -0.55 -5.81
C PRO D 348 -38.12 -1.00 -4.68
N TYR D 349 -38.22 -0.34 -3.54
CA TYR D 349 -37.53 -0.68 -2.31
C TYR D 349 -38.50 -1.10 -1.20
N ILE D 350 -37.94 -1.74 -0.16
CA ILE D 350 -38.73 -2.10 1.05
C ILE D 350 -37.93 -2.08 2.36
N GLY D 351 -38.49 -1.39 3.36
CA GLY D 351 -37.92 -1.33 4.68
C GLY D 351 -38.02 -2.63 5.48
N GLN D 352 -36.95 -2.89 6.23
CA GLN D 352 -36.84 -4.05 7.09
C GLN D 352 -37.99 -4.17 8.15
N LYS D 353 -38.51 -3.04 8.62
CA LYS D 353 -39.61 -3.08 9.59
C LYS D 353 -40.82 -3.79 9.05
N SER D 354 -41.01 -3.80 7.74
CA SER D 354 -42.25 -4.39 7.19
C SER D 354 -42.30 -5.88 7.48
N PRO D 355 -43.47 -6.38 7.94
CA PRO D 355 -43.71 -7.82 8.08
C PRO D 355 -43.36 -8.56 6.80
N VAL D 356 -43.52 -7.90 5.66
CA VAL D 356 -43.41 -8.55 4.38
C VAL D 356 -41.92 -8.80 4.04
N PHE D 357 -41.04 -8.01 4.67
CA PHE D 357 -39.61 -8.10 4.42
C PHE D 357 -39.06 -9.54 4.61
N LYS D 358 -39.37 -10.17 5.75
CA LYS D 358 -38.96 -11.54 6.00
C LYS D 358 -39.55 -12.52 4.95
N GLU D 359 -40.78 -12.29 4.50
CA GLU D 359 -41.42 -13.13 3.46
C GLU D 359 -40.58 -13.17 2.20
N LEU D 360 -40.19 -11.96 1.77
CA LEU D 360 -39.42 -11.72 0.56
C LEU D 360 -38.00 -12.23 0.72
N GLN D 361 -37.41 -12.03 1.88
CA GLN D 361 -36.09 -12.53 2.12
C GLN D 361 -36.13 -14.03 1.99
N GLU D 362 -37.10 -14.67 2.62
CA GLU D 362 -37.19 -16.12 2.59
C GLU D 362 -37.53 -16.65 1.20
N LYS D 363 -38.31 -15.92 0.42
CA LYS D 363 -38.62 -16.34 -0.95
C LYS D 363 -37.47 -16.06 -1.92
N GLY D 364 -36.48 -15.27 -1.50
CA GLY D 364 -35.34 -14.88 -2.37
C GLY D 364 -35.69 -13.76 -3.38
N TYR D 365 -36.68 -12.93 -3.06
CA TYR D 365 -37.18 -11.97 -4.01
C TYR D 365 -36.44 -10.64 -3.92
N LEU D 366 -35.44 -10.58 -3.06
CA LEU D 366 -34.64 -9.33 -2.86
C LEU D 366 -33.21 -9.43 -3.36
N LEU D 367 -32.68 -8.28 -3.78
CA LEU D 367 -31.35 -8.21 -4.38
C LEU D 367 -30.30 -8.63 -3.34
N LYS D 368 -29.42 -9.53 -3.77
CA LYS D 368 -28.40 -10.07 -2.93
C LYS D 368 -27.02 -9.55 -3.30
N ARG D 369 -26.14 -9.52 -2.31
CA ARG D 369 -24.72 -9.41 -2.51
C ARG D 369 -24.21 -10.78 -2.98
N PRO D 370 -23.00 -10.81 -3.55
CA PRO D 370 -22.44 -12.05 -4.12
C PRO D 370 -22.32 -13.16 -3.08
N ASP D 371 -22.28 -12.85 -1.78
CA ASP D 371 -22.15 -13.89 -0.76
C ASP D 371 -23.49 -14.50 -0.34
N GLY D 372 -24.58 -14.06 -1.00
CA GLY D 372 -25.93 -14.49 -0.68
C GLY D 372 -26.67 -13.66 0.37
N SER D 373 -25.99 -12.75 1.05
CA SER D 373 -26.67 -11.95 2.04
C SER D 373 -27.47 -10.92 1.26
N LEU D 374 -28.44 -10.26 1.89
CA LEU D 374 -29.16 -9.20 1.23
C LEU D 374 -28.28 -7.99 1.17
N TRP D 375 -28.39 -7.25 0.06
CA TRP D 375 -27.92 -5.87 -0.02
C TRP D 375 -28.88 -4.97 0.78
N GLN D 376 -28.31 -4.18 1.70
CA GLN D 376 -29.11 -3.26 2.51
C GLN D 376 -28.34 -2.00 2.82
N TRP D 377 -29.07 -0.88 2.95
CA TRP D 377 -28.58 0.29 3.72
C TRP D 377 -29.72 1.01 4.44
N ASP D 378 -29.40 2.15 5.04
CA ASP D 378 -30.35 2.95 5.81
C ASP D 378 -30.68 4.27 5.12
N LYS D 379 -30.22 4.48 3.90
CA LYS D 379 -30.78 5.58 3.12
C LYS D 379 -32.25 5.29 2.73
N TRP D 380 -33.08 6.33 2.91
CA TRP D 380 -34.50 6.36 2.60
C TRP D 380 -35.31 5.60 3.66
N GLN D 381 -35.09 4.29 3.76
CA GLN D 381 -35.73 3.47 4.79
C GLN D 381 -34.71 2.63 5.57
N PRO D 382 -35.00 2.41 6.86
CA PRO D 382 -34.04 1.60 7.61
C PRO D 382 -33.96 0.15 7.11
N GLY D 383 -32.71 -0.29 6.98
CA GLY D 383 -32.32 -1.53 6.35
C GLY D 383 -33.05 -1.84 5.09
N LEU D 384 -33.14 -0.83 4.23
CA LEU D 384 -33.76 -0.93 2.92
C LEU D 384 -33.14 -1.98 1.98
N ALA D 385 -34.00 -2.85 1.46
CA ALA D 385 -33.65 -3.75 0.40
C ALA D 385 -34.38 -3.39 -0.94
N ILE D 386 -33.95 -4.06 -2.01
CA ILE D 386 -34.44 -3.80 -3.38
C ILE D 386 -35.10 -5.03 -3.98
N TYR D 387 -36.28 -4.85 -4.57
CA TYR D 387 -36.94 -5.94 -5.29
C TYR D 387 -36.11 -6.32 -6.53
N ASP D 388 -35.70 -7.58 -6.58
CA ASP D 388 -34.93 -8.07 -7.69
C ASP D 388 -35.82 -8.43 -8.88
N PHE D 389 -36.01 -7.45 -9.76
CA PHE D 389 -36.93 -7.59 -10.89
C PHE D 389 -36.32 -8.42 -12.02
N THR D 390 -35.10 -8.94 -11.88
CA THR D 390 -34.62 -9.96 -12.81
C THR D 390 -35.12 -11.35 -12.41
N ASN D 391 -35.69 -11.48 -11.21
CA ASN D 391 -36.34 -12.68 -10.70
C ASN D 391 -37.82 -12.73 -11.08
N PRO D 392 -38.19 -13.64 -12.02
CA PRO D 392 -39.57 -13.63 -12.52
C PRO D 392 -40.65 -13.83 -11.46
N ASP D 393 -40.35 -14.61 -10.41
CA ASP D 393 -41.30 -14.73 -9.30
C ASP D 393 -41.43 -13.46 -8.42
N ALA D 394 -40.33 -12.72 -8.30
CA ALA D 394 -40.34 -11.44 -7.60
C ALA D 394 -41.20 -10.42 -8.37
N CYS D 395 -41.08 -10.42 -9.71
CA CYS D 395 -41.87 -9.55 -10.59
C CYS D 395 -43.35 -9.88 -10.48
N LYS D 396 -43.67 -11.19 -10.48
CA LYS D 396 -45.05 -11.63 -10.31
C LYS D 396 -45.62 -11.21 -8.96
N TRP D 397 -44.87 -11.42 -7.89
CA TRP D 397 -45.30 -11.00 -6.56
C TRP D 397 -45.72 -9.53 -6.52
N TYR D 398 -44.91 -8.71 -7.17
CA TYR D 398 -45.02 -7.22 -7.11
C TYR D 398 -46.19 -6.76 -7.99
N ALA D 399 -46.26 -7.34 -9.18
CA ALA D 399 -47.36 -7.07 -10.08
C ALA D 399 -48.71 -7.50 -9.45
N ASP D 400 -48.70 -8.58 -8.69
CA ASP D 400 -49.94 -9.05 -8.09
C ASP D 400 -50.35 -8.04 -7.02
N LYS D 401 -49.39 -7.49 -6.31
CA LYS D 401 -49.71 -6.47 -5.30
C LYS D 401 -50.31 -5.25 -5.99
N LEU D 402 -49.75 -4.89 -7.16
CA LEU D 402 -50.33 -3.77 -7.96
C LEU D 402 -51.72 -4.10 -8.48
N LYS D 403 -51.93 -5.35 -8.90
CA LYS D 403 -53.25 -5.76 -9.37
C LYS D 403 -54.31 -5.65 -8.27
N GLY D 404 -53.94 -6.04 -7.04
CA GLY D 404 -54.75 -5.81 -5.84
C GLY D 404 -55.22 -4.39 -5.59
N LEU D 405 -54.35 -3.42 -5.86
CA LEU D 405 -54.72 -2.02 -5.66
C LEU D 405 -55.66 -1.54 -6.76
N VAL D 406 -55.38 -1.93 -8.00
CA VAL D 406 -56.26 -1.58 -9.14
C VAL D 406 -57.69 -2.18 -8.95
N ALA D 407 -57.72 -3.39 -8.42
CA ALA D 407 -58.99 -4.09 -8.11
C ALA D 407 -59.84 -3.35 -7.09
N MET D 408 -59.18 -2.51 -6.33
CA MET D 408 -59.75 -1.69 -5.28
C MET D 408 -60.18 -0.33 -5.80
N GLY D 409 -59.86 -0.03 -7.04
CA GLY D 409 -60.17 1.28 -7.62
C GLY D 409 -58.99 2.21 -7.92
N VAL D 410 -57.76 1.80 -7.65
CA VAL D 410 -56.62 2.63 -8.05
C VAL D 410 -56.50 2.69 -9.60
N ASP D 411 -56.33 3.89 -10.14
CA ASP D 411 -56.22 4.07 -11.59
C ASP D 411 -54.81 4.10 -12.15
N CYS D 412 -53.88 4.55 -11.34
CA CYS D 412 -52.51 4.80 -11.83
C CYS D 412 -51.56 4.87 -10.66
N PHE D 413 -50.27 5.06 -10.95
CA PHE D 413 -49.24 4.97 -9.92
C PHE D 413 -48.22 6.02 -10.15
N LYS D 414 -47.60 6.52 -9.05
CA LYS D 414 -46.38 7.29 -9.16
C LYS D 414 -45.25 6.34 -8.92
N THR D 415 -44.52 5.99 -9.99
CA THR D 415 -43.33 5.16 -9.90
C THR D 415 -42.11 6.00 -9.48
N ASP D 416 -41.94 6.10 -8.17
CA ASP D 416 -40.93 6.96 -7.60
C ASP D 416 -39.64 6.15 -7.47
N PHE D 417 -38.53 6.85 -7.36
CA PHE D 417 -37.23 6.24 -7.12
C PHE D 417 -36.83 5.34 -8.29
N GLY D 418 -35.94 4.37 -8.08
CA GLY D 418 -35.36 3.53 -9.17
C GLY D 418 -33.94 3.85 -9.59
N GLU D 419 -33.35 4.90 -8.99
CA GLU D 419 -32.03 5.42 -9.41
C GLU D 419 -30.81 4.78 -8.72
N ARG D 420 -30.86 4.69 -7.39
CA ARG D 420 -29.66 4.29 -6.62
C ARG D 420 -29.47 2.74 -6.57
N ILE D 421 -29.25 2.17 -7.74
CA ILE D 421 -29.11 0.73 -7.89
C ILE D 421 -27.64 0.36 -7.72
N PRO D 422 -27.30 -0.40 -6.67
CA PRO D 422 -25.89 -0.68 -6.45
C PRO D 422 -25.34 -1.61 -7.52
N THR D 423 -24.03 -1.67 -7.60
CA THR D 423 -23.37 -2.63 -8.51
C THR D 423 -22.64 -3.76 -7.79
N ASP D 424 -22.49 -3.66 -6.48
CA ASP D 424 -21.82 -4.70 -5.64
C ASP D 424 -22.81 -5.85 -5.23
N VAL D 425 -23.42 -6.44 -6.25
CA VAL D 425 -24.53 -7.31 -6.10
C VAL D 425 -24.49 -8.40 -7.15
N GLN D 426 -25.30 -9.43 -6.93
CA GLN D 426 -25.51 -10.51 -7.90
C GLN D 426 -26.98 -10.60 -8.20
N TRP D 427 -27.34 -10.26 -9.45
CA TRP D 427 -28.74 -10.26 -9.91
C TRP D 427 -29.23 -11.70 -10.11
N PHE D 428 -30.52 -11.97 -9.89
CA PHE D 428 -31.06 -13.32 -10.04
C PHE D 428 -30.66 -13.94 -11.39
N ASP D 429 -30.81 -13.15 -12.47
CA ASP D 429 -30.52 -13.61 -13.85
C ASP D 429 -29.06 -13.47 -14.25
N GLY D 430 -28.21 -13.03 -13.33
CA GLY D 430 -26.76 -12.91 -13.58
C GLY D 430 -26.30 -11.79 -14.53
N SER D 431 -27.16 -10.82 -14.79
CA SER D 431 -26.85 -9.63 -15.61
C SER D 431 -25.61 -8.89 -15.12
N ASP D 432 -25.05 -8.07 -16.02
CA ASP D 432 -23.97 -7.19 -15.70
C ASP D 432 -24.51 -6.12 -14.79
N PRO D 433 -24.02 -6.08 -13.52
CA PRO D 433 -24.48 -5.03 -12.61
C PRO D 433 -24.26 -3.62 -13.12
N GLN D 434 -23.20 -3.42 -13.91
CA GLN D 434 -22.94 -2.09 -14.47
C GLN D 434 -23.97 -1.65 -15.46
N LYS D 435 -24.58 -2.61 -16.16
CA LYS D 435 -25.64 -2.28 -17.14
C LYS D 435 -27.00 -2.21 -16.47
N MET D 436 -27.20 -2.98 -15.39
CA MET D 436 -28.48 -3.01 -14.69
C MET D 436 -28.74 -1.73 -13.92
N HIS D 437 -27.70 -0.95 -13.60
CA HIS D 437 -27.89 0.25 -12.81
C HIS D 437 -28.92 1.18 -13.44
N ASN D 438 -28.72 1.53 -14.71
CA ASN D 438 -29.67 2.34 -15.46
C ASN D 438 -30.91 1.54 -15.95
N HIS D 439 -30.67 0.36 -16.48
CA HIS D 439 -31.74 -0.41 -17.10
C HIS D 439 -32.85 -0.81 -16.12
N TYR D 440 -32.50 -0.99 -14.84
CA TYR D 440 -33.53 -1.15 -13.79
C TYR D 440 -34.69 -0.17 -13.90
N ALA D 441 -34.41 1.12 -14.12
CA ALA D 441 -35.50 2.09 -14.34
C ALA D 441 -36.49 1.61 -15.38
N TYR D 442 -35.98 1.01 -16.47
CA TYR D 442 -36.83 0.49 -17.53
C TYR D 442 -37.70 -0.72 -17.12
N ILE D 443 -37.08 -1.72 -16.53
CA ILE D 443 -37.74 -2.95 -16.12
C ILE D 443 -38.85 -2.66 -15.10
N TYR D 444 -38.49 -1.84 -14.12
CA TYR D 444 -39.42 -1.36 -13.06
C TYR D 444 -40.67 -0.75 -13.65
N ASN D 445 -40.50 0.33 -14.39
CA ASN D 445 -41.60 0.94 -15.10
C ASN D 445 -42.34 0.06 -16.13
N GLU D 446 -41.61 -0.75 -16.89
CA GLU D 446 -42.25 -1.66 -17.82
C GLU D 446 -43.22 -2.57 -17.10
N LEU D 447 -42.79 -3.11 -15.97
CA LEU D 447 -43.63 -4.04 -15.20
C LEU D 447 -44.91 -3.36 -14.74
N VAL D 448 -44.76 -2.16 -14.15
CA VAL D 448 -45.92 -1.38 -13.69
C VAL D 448 -46.86 -1.02 -14.84
N TRP D 449 -46.30 -0.58 -15.95
CA TRP D 449 -47.07 -0.26 -17.14
C TRP D 449 -47.96 -1.44 -17.59
N ASN D 450 -47.33 -2.61 -17.63
CA ASN D 450 -48.03 -3.83 -18.09
C ASN D 450 -49.14 -4.29 -17.13
N VAL D 451 -48.98 -3.97 -15.85
CA VAL D 451 -50.05 -4.23 -14.89
C VAL D 451 -51.29 -3.44 -15.28
N LEU D 452 -51.04 -2.17 -15.62
CA LEU D 452 -52.06 -1.25 -16.12
C LEU D 452 -52.66 -1.69 -17.48
N LYS D 453 -51.80 -2.03 -18.44
CA LYS D 453 -52.25 -2.55 -19.71
C LYS D 453 -53.18 -3.73 -19.48
N ASP D 454 -52.77 -4.62 -18.59
CA ASP D 454 -53.47 -5.86 -18.28
C ASP D 454 -54.71 -5.73 -17.39
N THR D 455 -54.95 -4.58 -16.79
CA THR D 455 -56.08 -4.38 -15.92
C THR D 455 -57.04 -3.40 -16.55
N VAL D 456 -56.66 -2.14 -16.49
CA VAL D 456 -57.51 -1.04 -16.91
C VAL D 456 -57.50 -0.87 -18.44
N GLY D 457 -56.56 -1.57 -19.10
CA GLY D 457 -56.41 -1.49 -20.55
C GLY D 457 -55.37 -0.47 -21.01
N GLU D 458 -54.68 -0.79 -22.10
CA GLU D 458 -53.63 0.09 -22.66
C GLU D 458 -54.02 1.57 -22.79
N GLU D 459 -55.24 1.85 -23.27
CA GLU D 459 -55.67 3.26 -23.48
C GLU D 459 -55.76 4.06 -22.17
N GLU D 460 -55.84 3.35 -21.06
CA GLU D 460 -56.06 4.00 -19.74
C GLU D 460 -54.78 4.08 -18.88
N ALA D 461 -53.67 3.61 -19.44
CA ALA D 461 -52.43 3.45 -18.70
C ALA D 461 -51.72 4.80 -18.59
N VAL D 462 -51.32 5.21 -17.40
CA VAL D 462 -50.48 6.39 -17.22
C VAL D 462 -49.72 6.31 -15.88
N LEU D 463 -48.54 6.94 -15.84
CA LEU D 463 -47.71 6.98 -14.66
C LEU D 463 -47.26 8.42 -14.38
N PHE D 464 -46.75 8.67 -13.18
CA PHE D 464 -45.79 9.78 -12.94
C PHE D 464 -44.50 9.03 -12.60
N ALA D 465 -43.52 9.03 -13.52
CA ALA D 465 -42.26 8.30 -13.33
C ALA D 465 -41.09 9.23 -13.01
N ARG D 466 -40.29 8.90 -11.99
CA ARG D 466 -39.17 9.79 -11.60
C ARG D 466 -37.87 9.41 -12.29
N SER D 467 -37.67 8.13 -12.58
CA SER D 467 -36.50 7.73 -13.34
C SER D 467 -36.83 7.15 -14.67
N ALA D 468 -35.78 7.03 -15.49
CA ALA D 468 -35.89 6.56 -16.88
C ALA D 468 -34.56 6.06 -17.41
N SER D 469 -34.64 5.22 -18.43
CA SER D 469 -33.50 4.83 -19.26
C SER D 469 -34.08 4.66 -20.70
N VAL D 470 -33.25 4.37 -21.71
CA VAL D 470 -33.68 4.26 -23.12
C VAL D 470 -34.83 3.28 -23.29
N GLY D 471 -35.87 3.69 -24.00
CA GLY D 471 -37.07 2.85 -24.14
C GLY D 471 -38.22 3.24 -23.24
N ALA D 472 -37.90 3.81 -22.08
CA ALA D 472 -38.89 4.02 -21.06
C ALA D 472 -39.85 5.14 -21.41
N GLN D 473 -39.54 5.96 -22.43
CA GLN D 473 -40.54 6.90 -23.01
C GLN D 473 -41.87 6.23 -23.47
N LYS D 474 -41.83 4.91 -23.67
CA LYS D 474 -43.05 4.13 -23.92
C LYS D 474 -44.08 4.15 -22.77
N PHE D 475 -43.66 4.62 -21.59
CA PHE D 475 -44.40 4.44 -20.32
C PHE D 475 -44.58 5.80 -19.65
N PRO D 476 -45.27 6.72 -20.36
CA PRO D 476 -45.45 8.08 -19.87
C PRO D 476 -46.34 8.15 -18.61
N VAL D 477 -46.34 9.24 -17.84
CA VAL D 477 -45.64 10.51 -18.09
C VAL D 477 -44.44 10.61 -17.12
N HIS D 478 -43.42 11.33 -17.54
CA HIS D 478 -42.18 11.45 -16.74
C HIS D 478 -42.20 12.75 -15.99
N TRP D 479 -41.83 12.66 -14.72
CA TRP D 479 -42.13 13.67 -13.72
C TRP D 479 -40.81 14.26 -13.24
N GLY D 480 -40.71 15.58 -13.32
CA GLY D 480 -39.42 16.22 -13.11
C GLY D 480 -38.73 16.36 -11.76
N GLY D 481 -39.31 15.82 -10.70
CA GLY D 481 -38.56 15.64 -9.46
C GLY D 481 -38.78 16.71 -8.41
N ASP D 482 -37.89 16.73 -7.42
CA ASP D 482 -38.03 17.58 -6.23
C ASP D 482 -37.40 18.94 -6.44
N CYS D 483 -38.19 19.99 -6.36
CA CYS D 483 -37.73 21.35 -6.66
C CYS D 483 -37.89 22.30 -5.52
N TYR D 484 -36.90 23.18 -5.36
CA TYR D 484 -37.01 24.23 -4.39
C TYR D 484 -37.89 25.31 -5.01
N ALA D 485 -38.51 26.08 -4.14
CA ALA D 485 -39.50 27.04 -4.53
C ALA D 485 -38.89 28.45 -4.67
N ASN D 486 -38.26 28.69 -5.82
CA ASN D 486 -37.72 29.99 -6.18
C ASN D 486 -37.61 30.02 -7.72
N TYR D 487 -37.36 31.19 -8.29
CA TYR D 487 -37.47 31.38 -9.76
C TYR D 487 -36.33 30.73 -10.52
N GLU D 488 -35.16 30.70 -9.89
CA GLU D 488 -34.02 30.01 -10.42
C GLU D 488 -34.31 28.50 -10.53
N SER D 489 -34.88 27.93 -9.48
CA SER D 489 -35.25 26.52 -9.47
C SER D 489 -36.27 26.25 -10.57
N MET D 490 -37.21 27.18 -10.69
CA MET D 490 -38.26 27.09 -11.72
C MET D 490 -37.64 27.02 -13.13
N ALA D 491 -36.66 27.88 -13.40
CA ALA D 491 -35.96 27.95 -14.68
C ALA D 491 -35.11 26.68 -14.90
N GLU D 492 -34.48 26.19 -13.84
CA GLU D 492 -33.72 24.93 -13.95
C GLU D 492 -34.64 23.81 -14.41
N SER D 493 -35.84 23.77 -13.81
CA SER D 493 -36.85 22.73 -14.11
C SER D 493 -37.23 22.76 -15.57
N LEU D 494 -37.53 23.96 -16.09
CA LEU D 494 -37.87 24.12 -17.53
C LEU D 494 -36.77 23.58 -18.46
N ARG D 495 -35.50 23.85 -18.15
CA ARG D 495 -34.42 23.29 -18.97
C ARG D 495 -34.48 21.75 -18.98
N GLY D 496 -34.73 21.17 -17.80
CA GLY D 496 -34.88 19.71 -17.66
C GLY D 496 -36.03 19.18 -18.49
N GLY D 497 -37.17 19.87 -18.45
CA GLY D 497 -38.37 19.48 -19.25
C GLY D 497 -38.16 19.57 -20.77
N LEU D 498 -37.50 20.65 -21.21
CA LEU D 498 -37.14 20.84 -22.58
C LEU D 498 -36.17 19.79 -22.98
N SER D 499 -35.18 19.51 -22.13
CA SER D 499 -34.21 18.43 -22.36
C SER D 499 -34.77 17.04 -22.53
N ILE D 500 -35.81 16.69 -21.80
CA ILE D 500 -36.36 15.31 -21.87
C ILE D 500 -37.05 15.08 -23.22
N GLY D 501 -37.64 16.15 -23.74
CA GLY D 501 -38.25 16.18 -25.03
C GLY D 501 -37.27 16.01 -26.16
N LEU D 502 -36.09 16.58 -25.95
CA LEU D 502 -34.96 16.43 -26.82
C LEU D 502 -34.21 15.12 -26.65
N SER D 503 -34.77 14.21 -25.79
CA SER D 503 -34.25 12.89 -25.53
C SER D 503 -35.26 11.74 -25.79
N GLY D 504 -36.37 12.05 -26.48
CA GLY D 504 -37.31 11.03 -26.95
C GLY D 504 -38.56 10.91 -26.08
N PHE D 505 -38.70 11.80 -25.10
CA PHE D 505 -39.87 11.71 -24.17
C PHE D 505 -40.95 12.74 -24.59
N GLY D 506 -42.18 12.26 -24.86
CA GLY D 506 -43.23 13.09 -25.44
C GLY D 506 -44.06 13.92 -24.46
N PHE D 507 -43.98 13.54 -23.19
CA PHE D 507 -44.78 14.18 -22.09
C PHE D 507 -43.95 14.44 -20.85
N TRP D 508 -44.22 15.53 -20.14
CA TRP D 508 -43.44 15.85 -18.95
C TRP D 508 -44.36 16.54 -17.95
N SER D 509 -44.37 16.00 -16.73
CA SER D 509 -45.14 16.59 -15.63
C SER D 509 -44.19 17.19 -14.62
N HIS D 510 -44.70 18.14 -13.87
CA HIS D 510 -43.94 18.72 -12.75
C HIS D 510 -44.91 19.34 -11.74
N ASP D 511 -44.41 19.59 -10.54
CA ASP D 511 -45.22 20.10 -9.42
C ASP D 511 -45.22 21.63 -9.34
N ILE D 512 -46.40 22.20 -9.22
CA ILE D 512 -46.55 23.64 -9.13
C ILE D 512 -46.05 24.15 -7.77
N GLY D 513 -45.13 25.10 -7.86
CA GLY D 513 -44.45 25.68 -6.69
C GLY D 513 -43.36 24.82 -6.06
N GLY D 514 -43.07 23.67 -6.66
CA GLY D 514 -42.16 22.70 -6.07
C GLY D 514 -42.65 21.98 -4.80
N PHE D 515 -41.67 21.58 -4.02
CA PHE D 515 -41.79 20.61 -2.93
C PHE D 515 -41.61 21.31 -1.56
N GLU D 516 -40.49 22.02 -1.40
CA GLU D 516 -40.24 22.87 -0.20
C GLU D 516 -41.49 23.62 0.34
N ASN D 517 -41.75 23.46 1.65
CA ASN D 517 -43.05 23.88 2.28
C ASN D 517 -43.50 25.40 2.12
N THR D 518 -42.56 26.35 2.26
CA THR D 518 -42.87 27.78 2.13
C THR D 518 -42.17 28.49 0.95
N ALA D 519 -42.84 28.41 -0.19
CA ALA D 519 -42.62 29.34 -1.30
C ALA D 519 -43.40 30.64 -1.02
N PRO D 520 -42.85 31.81 -1.41
CA PRO D 520 -43.72 32.96 -1.46
C PRO D 520 -44.87 32.71 -2.42
N ALA D 521 -45.98 33.37 -2.19
CA ALA D 521 -47.18 33.30 -3.04
C ALA D 521 -46.88 33.68 -4.48
N HIS D 522 -46.03 34.69 -4.70
CA HIS D 522 -45.74 35.15 -6.05
C HIS D 522 -45.14 34.08 -6.94
N VAL D 523 -44.19 33.32 -6.40
CA VAL D 523 -43.60 32.17 -7.04
C VAL D 523 -44.60 31.06 -7.34
N TYR D 524 -45.49 30.77 -6.41
CA TYR D 524 -46.50 29.72 -6.57
C TYR D 524 -47.34 30.13 -7.73
N LYS D 525 -47.74 31.39 -7.76
CA LYS D 525 -48.63 31.88 -8.82
C LYS D 525 -47.96 31.83 -10.19
N ARG D 526 -46.71 32.29 -10.30
CA ARG D 526 -45.98 32.18 -11.55
C ARG D 526 -45.87 30.75 -12.02
N TRP D 527 -45.59 29.85 -11.08
CA TRP D 527 -45.32 28.50 -11.41
C TRP D 527 -46.61 27.80 -11.79
N CYS D 528 -47.72 28.28 -11.24
CA CYS D 528 -49.03 27.73 -11.58
C CYS D 528 -49.35 27.87 -13.09
N ALA D 529 -49.06 29.02 -13.65
CA ALA D 529 -49.29 29.27 -15.05
C ALA D 529 -48.44 28.37 -15.91
N PHE D 530 -47.15 28.28 -15.57
CA PHE D 530 -46.24 27.37 -16.21
C PHE D 530 -46.71 25.89 -16.13
N GLY D 531 -47.05 25.40 -14.95
CA GLY D 531 -47.51 24.01 -14.73
C GLY D 531 -48.70 23.60 -15.58
N LEU D 532 -49.68 24.49 -15.65
CA LEU D 532 -50.91 24.22 -16.41
C LEU D 532 -50.79 24.39 -17.92
N LEU D 533 -49.74 25.10 -18.35
CA LEU D 533 -49.33 25.19 -19.76
C LEU D 533 -48.16 24.18 -20.05
N SER D 534 -48.27 22.98 -19.47
CA SER D 534 -47.36 21.87 -19.68
C SER D 534 -48.24 20.67 -19.96
N SER D 535 -47.68 19.57 -20.43
CA SER D 535 -48.53 18.45 -20.80
C SER D 535 -49.31 18.01 -19.58
N HIS D 536 -48.56 17.83 -18.48
CA HIS D 536 -49.03 17.32 -17.23
C HIS D 536 -48.63 18.19 -16.03
N SER D 537 -49.57 18.23 -15.07
CA SER D 537 -49.71 19.33 -14.15
C SER D 537 -50.17 18.82 -12.76
N ARG D 538 -49.35 19.04 -11.73
CA ARG D 538 -49.68 18.65 -10.35
C ARG D 538 -49.41 19.68 -9.20
N LEU D 539 -50.27 19.66 -8.19
CA LEU D 539 -50.05 20.40 -6.89
C LEU D 539 -49.61 19.44 -5.73
N HIS D 540 -48.34 19.54 -5.24
CA HIS D 540 -47.76 18.66 -4.17
C HIS D 540 -46.73 19.29 -3.24
N GLY D 541 -47.02 19.29 -1.95
CA GLY D 541 -46.12 19.87 -0.94
C GLY D 541 -45.35 18.89 -0.05
N SER D 542 -44.50 19.44 0.81
CA SER D 542 -43.66 18.64 1.71
C SER D 542 -44.35 18.44 3.06
N LYS D 543 -44.36 19.52 3.84
CA LYS D 543 -45.05 19.57 5.12
C LYS D 543 -46.39 20.26 4.88
N SER D 544 -46.32 21.30 4.04
CA SER D 544 -47.45 22.16 3.67
C SER D 544 -48.49 21.48 2.74
N TYR D 545 -49.75 21.86 2.94
CA TYR D 545 -50.79 21.66 1.91
C TYR D 545 -50.58 22.62 0.75
N ARG D 546 -50.65 22.07 -0.48
CA ARG D 546 -50.41 22.84 -1.70
C ARG D 546 -51.69 23.47 -2.29
N VAL D 547 -52.77 23.50 -1.49
CA VAL D 547 -53.97 24.30 -1.78
C VAL D 547 -53.77 25.84 -1.76
N PRO D 548 -54.26 26.52 -2.79
CA PRO D 548 -53.91 27.92 -2.98
C PRO D 548 -54.41 28.87 -1.91
N TRP D 549 -55.50 28.52 -1.23
CA TRP D 549 -56.09 29.41 -0.19
C TRP D 549 -55.20 29.56 1.04
N ALA D 550 -54.17 28.72 1.15
CA ALA D 550 -53.09 28.95 2.11
C ALA D 550 -52.47 30.34 1.96
N TYR D 551 -52.32 30.75 0.70
CA TYR D 551 -51.62 31.97 0.33
C TYR D 551 -52.54 33.18 0.39
N ASP D 552 -53.41 33.26 -0.59
CA ASP D 552 -54.30 34.40 -0.73
C ASP D 552 -55.40 34.01 -1.68
N ASP D 553 -56.39 34.85 -1.79
CA ASP D 553 -57.49 34.62 -2.69
C ASP D 553 -57.01 34.59 -4.15
N GLU D 554 -56.05 35.44 -4.44
CA GLU D 554 -55.52 35.53 -5.79
C GLU D 554 -54.88 34.22 -6.24
N SER D 555 -54.24 33.51 -5.32
CA SER D 555 -53.70 32.18 -5.67
C SER D 555 -54.82 31.25 -6.16
N CYS D 556 -56.01 31.32 -5.56
CA CYS D 556 -57.16 30.55 -6.03
C CYS D 556 -57.62 30.98 -7.41
N ASP D 557 -57.65 32.29 -7.65
CA ASP D 557 -58.01 32.81 -8.98
C ASP D 557 -57.04 32.32 -10.07
N VAL D 558 -55.75 32.27 -9.74
CA VAL D 558 -54.75 31.88 -10.71
C VAL D 558 -54.90 30.42 -11.11
N VAL D 559 -55.05 29.58 -10.09
CA VAL D 559 -55.31 28.17 -10.28
C VAL D 559 -56.53 27.93 -11.15
N ARG D 560 -57.63 28.62 -10.80
CA ARG D 560 -58.91 28.46 -11.51
C ARG D 560 -58.77 28.84 -12.98
N PHE D 561 -58.19 30.00 -13.22
CA PHE D 561 -58.03 30.54 -14.56
C PHE D 561 -57.25 29.61 -15.47
N PHE D 562 -56.06 29.24 -15.04
CA PHE D 562 -55.20 28.37 -15.83
C PHE D 562 -55.72 26.96 -15.92
N THR D 563 -56.47 26.47 -14.94
CA THR D 563 -57.11 25.12 -15.10
C THR D 563 -58.26 25.13 -16.12
N GLN D 564 -59.12 26.14 -16.04
CA GLN D 564 -60.13 26.39 -17.07
C GLN D 564 -59.51 26.49 -18.47
N LEU D 565 -58.50 27.36 -18.63
CA LEU D 565 -57.76 27.48 -19.90
C LEU D 565 -57.28 26.13 -20.46
N LYS D 566 -56.54 25.37 -19.68
CA LYS D 566 -56.01 24.11 -20.16
C LYS D 566 -57.15 23.23 -20.64
N CYS D 567 -58.28 23.25 -19.94
CA CYS D 567 -59.38 22.34 -20.29
C CYS D 567 -59.96 22.77 -21.64
N ARG D 568 -60.16 24.07 -21.81
CA ARG D 568 -60.65 24.65 -23.07
C ARG D 568 -59.68 24.40 -24.24
N MET D 569 -58.39 24.26 -23.90
CA MET D 569 -57.40 24.02 -24.92
C MET D 569 -57.28 22.55 -25.33
N MET D 570 -58.01 21.65 -24.70
CA MET D 570 -57.78 20.22 -24.96
C MET D 570 -57.94 19.71 -26.42
N PRO D 571 -58.88 20.30 -27.19
CA PRO D 571 -59.01 19.90 -28.58
C PRO D 571 -57.72 20.09 -29.35
N TYR D 572 -57.09 21.23 -29.15
CA TYR D 572 -55.70 21.48 -29.60
C TYR D 572 -54.68 20.54 -28.95
N LEU D 573 -54.67 20.49 -27.62
CA LEU D 573 -53.65 19.77 -26.89
C LEU D 573 -53.61 18.29 -27.15
N TYR D 574 -54.77 17.66 -27.19
CA TYR D 574 -54.80 16.24 -27.40
C TYR D 574 -54.35 15.88 -28.84
N ARG D 575 -54.58 16.77 -29.82
CA ARG D 575 -54.10 16.49 -31.19
C ARG D 575 -52.55 16.53 -31.19
N GLU D 576 -52.00 17.49 -30.46
CA GLU D 576 -50.53 17.59 -30.29
C GLU D 576 -50.00 16.43 -29.48
N ALA D 577 -50.78 15.93 -28.50
CA ALA D 577 -50.41 14.69 -27.78
C ALA D 577 -50.26 13.50 -28.71
N ALA D 578 -51.19 13.31 -29.64
CA ALA D 578 -51.07 12.26 -30.67
C ALA D 578 -49.83 12.36 -31.54
N ARG D 579 -49.36 13.57 -31.88
CA ARG D 579 -48.06 13.76 -32.52
C ARG D 579 -46.91 13.18 -31.75
N ALA D 580 -46.97 13.31 -30.42
CA ALA D 580 -45.93 12.68 -29.60
C ALA D 580 -45.95 11.15 -29.72
N ASN D 581 -47.13 10.60 -29.80
CA ASN D 581 -47.27 9.16 -29.96
C ASN D 581 -46.91 8.64 -31.37
N ALA D 582 -47.28 9.40 -32.39
CA ALA D 582 -47.06 9.02 -33.76
C ALA D 582 -45.65 9.30 -34.21
N ARG D 583 -45.07 10.43 -33.81
CA ARG D 583 -43.76 10.84 -34.30
C ARG D 583 -42.67 11.12 -33.26
N GLY D 584 -43.02 11.09 -31.96
CA GLY D 584 -42.08 11.40 -30.91
C GLY D 584 -41.81 12.88 -30.80
N THR D 585 -42.72 13.67 -31.35
CA THR D 585 -42.62 15.10 -31.19
C THR D 585 -43.18 15.49 -29.82
N PRO D 586 -42.32 16.03 -28.91
CA PRO D 586 -42.84 16.29 -27.58
C PRO D 586 -43.84 17.45 -27.57
N MET D 587 -44.69 17.49 -26.55
CA MET D 587 -45.66 18.57 -26.47
C MET D 587 -44.94 19.90 -26.17
N MET D 588 -44.04 19.87 -25.19
CA MET D 588 -43.18 21.02 -24.85
C MET D 588 -41.88 20.90 -25.66
N ARG D 589 -41.77 21.84 -26.61
CA ARG D 589 -40.65 21.92 -27.55
C ARG D 589 -39.71 23.09 -27.29
N ALA D 590 -38.43 22.80 -27.28
CA ALA D 590 -37.42 23.82 -27.35
C ALA D 590 -37.67 24.62 -28.62
N MET D 591 -37.42 25.91 -28.56
CA MET D 591 -37.66 26.77 -29.73
C MET D 591 -36.85 26.28 -30.99
N MET D 592 -35.67 25.72 -30.77
CA MET D 592 -34.80 25.32 -31.86
C MET D 592 -35.39 24.12 -32.56
N MET D 593 -36.22 23.36 -31.87
CA MET D 593 -36.81 22.19 -32.47
C MET D 593 -37.89 22.59 -33.45
N GLU D 594 -38.64 23.63 -33.10
CA GLU D 594 -39.79 24.08 -33.94
C GLU D 594 -39.32 25.02 -35.05
N PHE D 595 -38.27 25.79 -34.79
CA PHE D 595 -37.66 26.77 -35.69
C PHE D 595 -36.17 26.54 -35.86
N PRO D 596 -35.80 25.39 -36.49
CA PRO D 596 -34.42 24.96 -36.62
C PRO D 596 -33.54 25.84 -37.52
N ASP D 597 -34.13 26.59 -38.44
CA ASP D 597 -33.37 27.43 -39.36
C ASP D 597 -33.29 28.88 -38.88
N ASP D 598 -33.91 29.18 -37.72
CA ASP D 598 -33.75 30.49 -37.08
C ASP D 598 -32.59 30.49 -36.04
N PRO D 599 -31.54 31.25 -36.34
CA PRO D 599 -30.39 31.24 -35.46
C PRO D 599 -30.63 31.98 -34.14
N ALA D 600 -31.65 32.82 -34.08
CA ALA D 600 -32.11 33.42 -32.78
C ALA D 600 -32.53 32.38 -31.72
N CYS D 601 -32.87 31.17 -32.15
CA CYS D 601 -33.47 30.16 -31.25
C CYS D 601 -32.50 29.15 -30.65
N ASP D 602 -31.25 29.21 -31.03
CA ASP D 602 -30.26 28.17 -30.66
C ASP D 602 -30.14 27.94 -29.14
N TYR D 603 -30.06 29.02 -28.37
CA TYR D 603 -29.91 28.96 -26.92
C TYR D 603 -31.13 29.29 -26.09
N LEU D 604 -32.26 29.50 -26.74
CA LEU D 604 -33.46 29.84 -25.99
C LEU D 604 -33.94 28.75 -25.03
N ASP D 605 -34.02 29.07 -23.73
CA ASP D 605 -34.36 28.08 -22.72
C ASP D 605 -35.37 28.53 -21.67
N ARG D 606 -35.90 29.73 -21.80
CA ARG D 606 -36.84 30.30 -20.82
C ARG D 606 -38.21 30.42 -21.44
N GLN D 607 -38.36 29.86 -22.64
CA GLN D 607 -39.60 29.84 -23.33
C GLN D 607 -39.65 28.58 -24.15
N TYR D 608 -40.86 28.24 -24.61
CA TYR D 608 -41.06 27.04 -25.39
C TYR D 608 -42.31 27.12 -26.22
N MET D 609 -42.41 26.19 -27.16
CA MET D 609 -43.62 25.94 -27.92
C MET D 609 -44.40 24.82 -27.30
N LEU D 610 -45.70 25.04 -27.17
CA LEU D 610 -46.62 24.06 -26.62
C LEU D 610 -47.48 23.58 -27.78
N GLY D 611 -47.08 22.44 -28.36
CA GLY D 611 -47.47 22.06 -29.68
C GLY D 611 -46.96 22.94 -30.81
N ASP D 612 -47.52 22.71 -31.99
CA ASP D 612 -47.10 23.41 -33.22
C ASP D 612 -47.25 24.95 -33.18
N ASN D 613 -48.33 25.44 -32.57
CA ASN D 613 -48.81 26.79 -32.85
C ASN D 613 -48.75 27.79 -31.73
N VAL D 614 -48.41 27.39 -30.50
CA VAL D 614 -48.35 28.38 -29.39
C VAL D 614 -47.02 28.44 -28.60
N MET D 615 -46.52 29.67 -28.48
CA MET D 615 -45.33 29.96 -27.72
C MET D 615 -45.75 30.38 -26.29
N VAL D 616 -45.24 29.69 -25.27
CA VAL D 616 -45.34 30.18 -23.88
C VAL D 616 -44.00 30.55 -23.31
N ALA D 617 -43.97 31.73 -22.68
CA ALA D 617 -42.83 32.20 -21.92
C ALA D 617 -43.25 32.42 -20.46
N PRO D 618 -42.95 31.47 -19.55
CA PRO D 618 -43.21 31.74 -18.14
C PRO D 618 -42.53 33.01 -17.64
N VAL D 619 -43.13 33.61 -16.62
CA VAL D 619 -42.65 34.82 -15.98
C VAL D 619 -41.89 34.40 -14.69
N PHE D 620 -40.60 34.76 -14.67
CA PHE D 620 -39.65 34.41 -13.60
C PHE D 620 -39.27 35.59 -12.73
N THR D 621 -40.19 36.52 -12.52
CA THR D 621 -40.01 37.67 -11.66
C THR D 621 -41.31 37.93 -10.89
N GLU D 622 -41.21 38.44 -9.66
CA GLU D 622 -42.44 38.86 -8.91
C GLU D 622 -43.17 40.01 -9.59
N ALA D 623 -42.42 41.04 -9.97
CA ALA D 623 -42.94 42.24 -10.64
C ALA D 623 -43.66 41.96 -11.97
N GLY D 624 -43.26 40.92 -12.66
CA GLY D 624 -43.98 40.51 -13.86
C GLY D 624 -43.26 40.81 -15.15
N ASP D 625 -42.02 41.27 -15.06
CA ASP D 625 -41.19 41.52 -16.22
C ASP D 625 -40.78 40.23 -16.89
N VAL D 626 -40.83 40.22 -18.21
CA VAL D 626 -40.45 39.03 -18.98
C VAL D 626 -39.99 39.49 -20.38
N GLN D 627 -38.88 38.91 -20.82
CA GLN D 627 -38.34 39.10 -22.18
C GLN D 627 -38.38 37.81 -22.92
N PHE D 628 -38.90 37.83 -24.16
CA PHE D 628 -39.03 36.67 -25.01
C PHE D 628 -38.74 36.99 -26.48
N TYR D 629 -38.33 35.97 -27.21
CA TYR D 629 -38.09 36.03 -28.62
C TYR D 629 -39.28 35.44 -29.36
N LEU D 630 -39.70 36.10 -30.44
CA LEU D 630 -40.70 35.56 -31.37
C LEU D 630 -40.07 35.36 -32.76
N PRO D 631 -40.15 34.14 -33.32
CA PRO D 631 -39.88 33.90 -34.73
C PRO D 631 -40.71 34.71 -35.71
N GLU D 632 -40.32 34.62 -36.98
CA GLU D 632 -40.89 35.44 -38.05
C GLU D 632 -42.41 35.28 -38.06
N GLY D 633 -43.12 36.39 -38.26
CA GLY D 633 -44.59 36.33 -38.36
C GLY D 633 -45.28 37.32 -37.43
N ARG D 634 -46.59 37.46 -37.62
CA ARG D 634 -47.40 38.30 -36.74
C ARG D 634 -48.19 37.42 -35.76
N TRP D 635 -47.75 37.47 -34.50
CA TRP D 635 -48.22 36.58 -33.45
C TRP D 635 -49.30 37.29 -32.68
N THR D 636 -50.26 36.52 -32.19
CA THR D 636 -51.44 37.02 -31.46
C THR D 636 -51.59 36.36 -30.08
N HIS D 637 -51.75 37.20 -29.06
CA HIS D 637 -51.98 36.66 -27.73
C HIS D 637 -53.27 35.85 -27.68
N LEU D 638 -53.19 34.70 -27.09
CA LEU D 638 -54.25 33.74 -27.18
C LEU D 638 -55.60 34.26 -26.57
N TRP D 639 -55.55 35.09 -25.52
CA TRP D 639 -56.81 35.67 -24.98
C TRP D 639 -56.77 37.22 -24.87
N HIS D 640 -55.59 37.84 -24.81
CA HIS D 640 -55.52 39.31 -24.84
C HIS D 640 -55.70 39.85 -26.25
N ASN D 641 -55.46 39.01 -27.25
CA ASN D 641 -55.64 39.35 -28.66
C ASN D 641 -54.72 40.42 -29.22
N ASP D 642 -53.76 40.92 -28.43
CA ASP D 642 -52.78 41.88 -28.92
C ASP D 642 -51.82 41.16 -29.86
N GLU D 643 -51.31 41.90 -30.85
CA GLU D 643 -50.46 41.34 -31.88
C GLU D 643 -49.04 41.84 -31.78
N LEU D 644 -48.10 40.98 -32.21
CA LEU D 644 -46.69 41.29 -32.20
C LEU D 644 -46.04 40.75 -33.45
N ASP D 645 -45.11 41.54 -33.98
CA ASP D 645 -44.30 41.18 -35.13
C ASP D 645 -43.03 40.46 -34.69
N GLY D 646 -42.67 39.44 -35.44
CA GLY D 646 -41.65 38.52 -35.01
C GLY D 646 -40.26 38.82 -35.52
N SER D 647 -39.41 37.80 -35.46
CA SER D 647 -38.01 37.89 -35.78
C SER D 647 -37.31 38.88 -34.83
N ARG D 648 -37.83 39.04 -33.61
CA ARG D 648 -37.23 39.96 -32.67
C ARG D 648 -37.64 39.60 -31.23
N TRP D 649 -36.86 40.06 -30.29
CA TRP D 649 -37.20 40.10 -28.87
C TRP D 649 -38.23 41.18 -28.46
N HIS D 650 -38.97 40.85 -27.41
CA HIS D 650 -39.97 41.74 -26.81
C HIS D 650 -39.85 41.75 -25.32
N LYS D 651 -40.25 42.86 -24.73
CA LYS D 651 -40.26 42.98 -23.30
C LYS D 651 -41.65 43.39 -22.86
N GLN D 652 -42.22 42.62 -21.92
CA GLN D 652 -43.55 42.91 -21.38
C GLN D 652 -43.62 42.84 -19.85
N GLN D 653 -44.74 43.30 -19.29
CA GLN D 653 -45.00 43.11 -17.88
C GLN D 653 -46.37 42.48 -17.71
N HIS D 654 -46.44 41.38 -16.95
CA HIS D 654 -47.70 40.64 -16.75
C HIS D 654 -48.08 40.49 -15.27
N GLY D 655 -49.35 40.67 -14.97
CA GLY D 655 -49.90 40.31 -13.67
C GLY D 655 -50.04 38.80 -13.56
N PHE D 656 -50.48 38.34 -12.37
CA PHE D 656 -50.49 36.90 -12.03
C PHE D 656 -51.50 36.07 -12.84
N LEU D 657 -52.42 36.75 -13.53
CA LEU D 657 -53.40 36.07 -14.36
C LEU D 657 -52.89 35.96 -15.82
N SER D 658 -51.66 36.43 -16.07
CA SER D 658 -51.11 36.51 -17.42
C SER D 658 -49.64 36.07 -17.56
N LEU D 659 -49.34 35.68 -18.79
CA LEU D 659 -47.98 35.53 -19.30
C LEU D 659 -48.06 35.59 -20.83
N PRO D 660 -46.90 35.74 -21.49
CA PRO D 660 -46.84 35.61 -22.95
C PRO D 660 -47.30 34.23 -23.40
N VAL D 661 -48.45 34.17 -24.09
CA VAL D 661 -48.96 32.96 -24.71
C VAL D 661 -49.45 33.45 -26.06
N TYR D 662 -48.60 33.24 -27.07
CA TYR D 662 -48.75 33.82 -28.42
C TYR D 662 -49.02 32.75 -29.44
N VAL D 663 -50.02 33.03 -30.25
CA VAL D 663 -50.37 32.18 -31.36
C VAL D 663 -49.79 32.73 -32.67
N ARG D 664 -49.19 31.79 -33.34
CA ARG D 664 -48.56 31.91 -34.62
C ARG D 664 -49.55 32.37 -35.72
N ASP D 665 -49.08 33.13 -36.71
CA ASP D 665 -49.90 33.49 -37.87
C ASP D 665 -50.27 32.29 -38.71
N ASN D 666 -51.23 32.47 -39.63
CA ASN D 666 -51.74 31.38 -40.46
C ASN D 666 -52.11 30.13 -39.70
N THR D 667 -52.76 30.36 -38.56
CA THR D 667 -53.21 29.31 -37.65
C THR D 667 -54.75 29.25 -37.48
N LEU D 668 -55.25 28.03 -37.57
CA LEU D 668 -56.59 27.71 -37.19
C LEU D 668 -56.54 26.82 -35.92
N LEU D 669 -57.06 27.35 -34.81
CA LEU D 669 -56.97 26.73 -33.48
C LEU D 669 -58.35 26.31 -33.00
N ALA D 670 -58.46 25.09 -32.47
CA ALA D 670 -59.68 24.56 -31.83
C ALA D 670 -59.69 24.69 -30.31
N LEU D 671 -60.65 25.49 -29.84
CA LEU D 671 -61.02 25.62 -28.44
C LEU D 671 -62.34 24.88 -28.16
N GLY D 672 -62.46 24.29 -26.98
CA GLY D 672 -63.61 23.44 -26.65
C GLY D 672 -64.57 24.20 -25.74
N ASN D 673 -65.76 23.64 -25.52
CA ASN D 673 -66.80 24.33 -24.77
C ASN D 673 -66.96 23.86 -23.31
N ASN D 674 -65.92 23.25 -22.78
CA ASN D 674 -65.91 22.78 -21.37
C ASN D 674 -64.65 23.33 -20.70
N ASP D 675 -64.83 24.06 -19.61
CA ASP D 675 -63.69 24.58 -18.86
C ASP D 675 -63.52 23.90 -17.48
N GLN D 676 -64.10 22.71 -17.34
CA GLN D 676 -64.17 21.97 -16.08
C GLN D 676 -63.46 20.63 -16.03
N ARG D 677 -63.24 20.01 -17.20
CA ARG D 677 -62.55 18.76 -17.30
C ARG D 677 -61.91 18.68 -18.67
N PRO D 678 -60.80 17.93 -18.76
CA PRO D 678 -60.10 17.85 -20.03
C PRO D 678 -60.70 16.83 -20.99
N ASP D 679 -61.47 15.89 -20.45
CA ASP D 679 -61.98 14.75 -21.21
C ASP D 679 -63.47 14.93 -21.51
N TYR D 680 -63.74 15.41 -22.71
CA TYR D 680 -65.10 15.63 -23.19
C TYR D 680 -65.13 15.52 -24.72
N VAL D 681 -66.31 15.72 -25.29
CA VAL D 681 -66.49 15.57 -26.74
C VAL D 681 -66.13 16.90 -27.38
N TRP D 682 -64.86 16.97 -27.75
CA TRP D 682 -64.21 18.19 -28.19
C TRP D 682 -64.81 18.67 -29.51
N HIS D 683 -65.31 17.71 -30.31
CA HIS D 683 -65.85 18.02 -31.62
C HIS D 683 -67.31 18.51 -31.65
N GLU D 684 -68.03 18.45 -30.53
CA GLU D 684 -69.30 19.20 -30.41
C GLU D 684 -69.09 20.51 -29.67
N GLY D 685 -69.56 21.61 -30.27
CA GLY D 685 -69.56 22.91 -29.61
C GLY D 685 -68.24 23.64 -29.76
N THR D 686 -67.45 23.18 -30.71
CA THR D 686 -66.11 23.66 -30.89
C THR D 686 -66.04 25.12 -31.34
N ALA D 687 -65.08 25.84 -30.78
CA ALA D 687 -64.86 27.22 -31.12
C ALA D 687 -63.53 27.33 -31.82
N PHE D 688 -63.58 27.45 -33.14
CA PHE D 688 -62.36 27.54 -33.96
C PHE D 688 -61.94 29.00 -33.99
N HIS D 689 -60.65 29.24 -33.87
CA HIS D 689 -60.13 30.58 -33.99
C HIS D 689 -59.06 30.64 -35.08
N LEU D 690 -59.23 31.59 -36.00
CA LEU D 690 -58.36 31.80 -37.13
C LEU D 690 -57.52 33.03 -36.89
N PHE D 691 -56.20 32.87 -36.98
CA PHE D 691 -55.26 33.93 -36.61
C PHE D 691 -54.43 34.37 -37.83
N ASN D 692 -54.55 35.64 -38.23
CA ASN D 692 -53.69 36.21 -39.28
C ASN D 692 -53.35 35.30 -40.48
N LEU D 693 -54.39 34.94 -41.23
CA LEU D 693 -54.25 34.14 -42.44
C LEU D 693 -53.86 35.06 -43.58
N GLN D 694 -52.69 34.84 -44.15
CA GLN D 694 -52.20 35.71 -45.19
C GLN D 694 -52.69 35.25 -46.56
N ASP D 695 -52.74 36.21 -47.47
CA ASP D 695 -53.01 35.95 -48.87
C ASP D 695 -52.06 34.87 -49.35
N GLY D 696 -52.61 33.80 -49.91
CA GLY D 696 -51.81 32.70 -50.46
C GLY D 696 -51.32 31.69 -49.43
N HIS D 697 -52.05 31.57 -48.32
CA HIS D 697 -51.77 30.55 -47.32
C HIS D 697 -53.05 29.81 -46.96
N GLU D 698 -52.87 28.71 -46.26
CA GLU D 698 -53.96 27.88 -45.79
C GLU D 698 -53.66 27.48 -44.33
N ALA D 699 -54.68 27.45 -43.48
CA ALA D 699 -54.56 26.97 -42.10
C ALA D 699 -55.44 25.74 -41.92
N VAL D 700 -54.82 24.67 -41.43
CA VAL D 700 -55.52 23.41 -41.16
C VAL D 700 -55.64 23.16 -39.65
N CYS D 701 -56.81 22.69 -39.23
CA CYS D 701 -57.05 22.34 -37.85
C CYS D 701 -57.67 20.94 -37.79
N GLU D 702 -56.97 20.02 -37.14
CA GLU D 702 -57.47 18.67 -36.96
C GLU D 702 -57.96 18.47 -35.51
N VAL D 703 -59.25 18.14 -35.41
CA VAL D 703 -59.88 17.86 -34.15
C VAL D 703 -59.82 16.36 -33.96
N PRO D 704 -59.23 15.91 -32.81
CA PRO D 704 -59.08 14.48 -32.51
C PRO D 704 -60.31 13.91 -31.80
N ALA D 705 -60.47 12.60 -31.96
CA ALA D 705 -61.33 11.78 -31.10
C ALA D 705 -60.55 11.34 -29.83
N ALA D 706 -61.22 10.66 -28.91
CA ALA D 706 -60.61 10.28 -27.65
C ALA D 706 -59.37 9.36 -27.82
N ASP D 707 -59.25 8.71 -28.98
CA ASP D 707 -58.13 7.80 -29.26
C ASP D 707 -57.03 8.48 -30.02
N GLY D 708 -57.15 9.80 -30.18
CA GLY D 708 -56.11 10.62 -30.81
C GLY D 708 -56.23 10.70 -32.33
N SER D 709 -57.15 9.93 -32.93
CA SER D 709 -57.33 9.97 -34.38
C SER D 709 -58.08 11.24 -34.73
N VAL D 710 -58.01 11.67 -35.99
CA VAL D 710 -58.64 12.92 -36.41
C VAL D 710 -60.08 12.59 -36.76
N ILE D 711 -61.02 13.30 -36.13
CA ILE D 711 -62.47 13.06 -36.36
C ILE D 711 -63.05 14.16 -37.27
N PHE D 712 -62.41 15.33 -37.26
CA PHE D 712 -62.85 16.44 -38.04
C PHE D 712 -61.66 17.27 -38.42
N THR D 713 -61.65 17.76 -39.68
CA THR D 713 -60.64 18.66 -40.19
C THR D 713 -61.34 19.90 -40.75
N LEU D 714 -60.85 21.07 -40.38
CA LEU D 714 -61.30 22.36 -40.91
C LEU D 714 -60.12 23.06 -41.54
N LYS D 715 -60.34 23.59 -42.74
CA LYS D 715 -59.31 24.27 -43.50
C LYS D 715 -59.81 25.65 -43.87
N ALA D 716 -58.96 26.65 -43.80
CA ALA D 716 -59.28 27.96 -44.31
C ALA D 716 -58.15 28.35 -45.25
N ALA D 717 -58.49 28.73 -46.48
CA ALA D 717 -57.53 29.06 -47.53
C ALA D 717 -57.85 30.44 -48.06
N ARG D 718 -56.85 31.28 -48.19
CA ARG D 718 -57.07 32.62 -48.67
C ARG D 718 -56.38 32.85 -49.99
N THR D 719 -57.14 33.38 -50.94
CA THR D 719 -56.54 33.84 -52.19
C THR D 719 -57.23 35.18 -52.58
N GLY D 720 -56.41 36.22 -52.71
CA GLY D 720 -56.92 37.58 -52.78
C GLY D 720 -57.52 37.96 -51.44
N ASN D 721 -58.81 38.30 -51.45
CA ASN D 721 -59.60 38.61 -50.27
C ASN D 721 -60.73 37.63 -50.03
N THR D 722 -60.61 36.43 -50.58
CA THR D 722 -61.62 35.43 -50.36
C THR D 722 -61.00 34.35 -49.46
N ILE D 723 -61.63 34.04 -48.32
CA ILE D 723 -61.19 32.85 -47.59
C ILE D 723 -62.25 31.74 -47.69
N THR D 724 -61.79 30.57 -48.08
CA THR D 724 -62.67 29.45 -48.35
C THR D 724 -62.46 28.44 -47.24
N VAL D 725 -63.57 28.07 -46.58
CA VAL D 725 -63.52 27.20 -45.44
C VAL D 725 -64.09 25.90 -45.84
N THR D 726 -63.40 24.84 -45.44
CA THR D 726 -63.81 23.49 -45.82
C THR D 726 -63.68 22.55 -44.65
N GLY D 727 -64.79 21.89 -44.33
CA GLY D 727 -64.85 20.96 -43.23
C GLY D 727 -65.01 19.56 -43.77
N ALA D 728 -64.36 18.59 -43.11
CA ALA D 728 -64.51 17.19 -43.44
C ALA D 728 -64.47 16.38 -42.17
N GLY D 729 -65.36 15.39 -42.05
CA GLY D 729 -65.50 14.60 -40.84
C GLY D 729 -66.74 14.96 -40.00
N GLU D 730 -66.72 14.62 -38.72
CA GLU D 730 -67.88 14.75 -37.83
C GLU D 730 -67.67 15.85 -36.77
N ALA D 731 -68.38 16.95 -36.91
CA ALA D 731 -68.46 17.95 -35.87
C ALA D 731 -69.90 18.41 -35.78
N LYS D 732 -70.25 19.09 -34.69
CA LYS D 732 -71.61 19.62 -34.50
C LYS D 732 -71.50 20.96 -33.81
N ASN D 733 -72.37 21.89 -34.18
CA ASN D 733 -72.55 23.18 -33.49
C ASN D 733 -71.29 23.98 -33.16
N TRP D 734 -70.44 24.08 -34.18
CA TRP D 734 -69.19 24.82 -34.10
C TRP D 734 -69.23 26.17 -34.75
N THR D 735 -68.19 26.94 -34.49
CA THR D 735 -68.15 28.32 -34.88
C THR D 735 -66.72 28.68 -35.27
N LEU D 736 -66.57 29.75 -36.03
CA LEU D 736 -65.28 30.25 -36.51
C LEU D 736 -65.10 31.71 -36.17
N CYS D 737 -64.05 32.02 -35.43
CA CYS D 737 -63.85 33.40 -35.06
C CYS D 737 -62.72 33.96 -35.90
N LEU D 738 -62.98 35.10 -36.52
CA LEU D 738 -61.99 35.78 -37.31
C LEU D 738 -61.27 36.78 -36.44
N ARG D 739 -60.19 36.34 -35.81
CA ARG D 739 -59.52 37.16 -34.78
C ARG D 739 -59.01 38.49 -35.32
N ASN D 740 -59.21 39.55 -34.55
CA ASN D 740 -58.88 40.88 -34.94
C ASN D 740 -59.51 41.31 -36.31
N VAL D 741 -60.62 40.66 -36.70
CA VAL D 741 -61.41 41.06 -37.89
C VAL D 741 -62.80 41.49 -37.41
N VAL D 742 -63.06 42.80 -37.36
CA VAL D 742 -64.35 43.28 -36.85
C VAL D 742 -65.40 43.26 -37.93
N LYS D 743 -64.98 43.58 -39.15
CA LYS D 743 -65.92 43.76 -40.25
C LYS D 743 -65.45 43.06 -41.52
N VAL D 744 -66.41 42.43 -42.20
CA VAL D 744 -66.15 41.68 -43.42
C VAL D 744 -67.05 42.19 -44.55
N ASN D 745 -66.60 42.06 -45.80
CA ASN D 745 -67.41 42.43 -46.97
C ASN D 745 -68.63 41.52 -47.20
N GLY D 746 -68.42 40.22 -47.09
CA GLY D 746 -69.53 39.30 -47.25
C GLY D 746 -69.20 37.89 -46.87
N LEU D 747 -70.26 37.09 -46.89
CA LEU D 747 -70.31 35.72 -46.40
C LEU D 747 -71.23 34.92 -47.28
N GLN D 748 -70.77 33.83 -47.86
CA GLN D 748 -71.67 32.95 -48.56
C GLN D 748 -71.75 31.71 -47.72
N ASP D 749 -72.97 31.24 -47.47
CA ASP D 749 -73.22 30.01 -46.69
C ASP D 749 -72.80 30.13 -45.21
N GLY D 750 -72.95 31.32 -44.65
CA GLY D 750 -72.76 31.54 -43.21
C GLY D 750 -73.44 32.77 -42.63
N SER D 751 -73.63 32.78 -41.30
CA SER D 751 -74.09 33.99 -40.60
C SER D 751 -72.99 34.52 -39.70
N GLN D 752 -73.04 35.81 -39.41
CA GLN D 752 -72.00 36.48 -38.63
C GLN D 752 -72.56 37.20 -37.42
N ALA D 753 -71.72 37.40 -36.42
CA ALA D 753 -72.08 38.19 -35.24
C ALA D 753 -70.83 38.75 -34.58
N GLU D 754 -70.92 39.98 -34.11
CA GLU D 754 -69.80 40.60 -33.39
C GLU D 754 -69.39 39.83 -32.12
N SER D 755 -68.12 40.02 -31.76
CA SER D 755 -67.53 39.54 -30.54
C SER D 755 -66.24 40.36 -30.32
N GLU D 756 -65.84 40.52 -29.07
CA GLU D 756 -64.73 41.42 -28.71
C GLU D 756 -63.39 40.99 -29.32
N GLN D 757 -63.22 39.67 -29.51
CA GLN D 757 -62.00 39.14 -30.16
C GLN D 757 -62.04 39.18 -31.68
N GLY D 758 -63.22 39.44 -32.27
CA GLY D 758 -63.41 39.37 -33.71
C GLY D 758 -64.71 38.70 -34.12
N LEU D 759 -65.02 38.77 -35.41
CA LEU D 759 -66.25 38.22 -36.00
C LEU D 759 -66.40 36.70 -35.84
N VAL D 760 -67.52 36.27 -35.27
CA VAL D 760 -67.84 34.87 -35.12
C VAL D 760 -68.81 34.48 -36.19
N VAL D 761 -68.45 33.45 -36.95
CA VAL D 761 -69.18 33.04 -38.11
C VAL D 761 -69.72 31.65 -37.87
N LYS D 762 -70.99 31.46 -38.18
CA LYS D 762 -71.62 30.15 -38.07
C LYS D 762 -71.91 29.67 -39.50
N PRO D 763 -71.56 28.43 -39.80
CA PRO D 763 -71.79 27.89 -41.13
C PRO D 763 -73.25 27.51 -41.42
N GLN D 764 -73.59 27.45 -42.70
CA GLN D 764 -74.73 26.66 -43.21
C GLN D 764 -74.55 26.25 -44.68
N GLY D 765 -74.31 24.96 -44.91
CA GLY D 765 -74.16 24.37 -46.27
C GLY D 765 -72.73 23.96 -46.61
N ASN D 766 -71.77 24.68 -46.03
CA ASN D 766 -70.36 24.44 -46.31
C ASN D 766 -70.08 24.44 -47.85
N ALA D 767 -70.54 25.54 -48.44
CA ALA D 767 -69.77 26.25 -49.43
C ALA D 767 -69.46 27.56 -48.73
N LEU D 768 -68.97 27.45 -47.48
CA LEU D 768 -68.74 28.61 -46.63
C LEU D 768 -67.60 29.45 -47.23
N THR D 769 -67.87 30.74 -47.41
CA THR D 769 -66.87 31.66 -47.95
C THR D 769 -67.01 33.02 -47.29
N ILE D 770 -65.86 33.60 -46.98
CA ILE D 770 -65.77 34.92 -46.37
C ILE D 770 -64.97 35.82 -47.32
N THR D 771 -65.48 37.02 -47.59
CA THR D 771 -64.70 37.95 -48.40
C THR D 771 -64.28 39.17 -47.54
N LEU D 772 -62.99 39.41 -47.44
CA LEU D 772 -62.44 40.49 -46.61
C LEU D 772 -62.67 41.86 -47.22
N HIS D 773 -62.69 42.88 -46.37
CA HIS D 773 -62.87 44.25 -46.83
C HIS D 773 -61.51 44.83 -47.28
N MET E 1 -12.85 -4.08 23.37
CA MET E 1 -12.49 -3.22 22.24
C MET E 1 -12.72 -1.77 22.57
N LYS E 2 -11.72 -0.93 22.32
CA LYS E 2 -11.87 0.45 22.65
C LYS E 2 -12.80 1.11 21.66
N ILE E 3 -13.86 1.68 22.20
CA ILE E 3 -14.78 2.42 21.43
C ILE E 3 -14.73 3.92 21.63
N SER E 4 -14.90 4.35 22.86
CA SER E 4 -14.62 5.72 23.24
C SER E 4 -13.14 6.08 23.45
N ASP E 5 -12.90 7.38 23.43
CA ASP E 5 -11.58 7.92 23.73
C ASP E 5 -11.80 8.90 24.89
N GLY E 6 -11.74 8.37 26.12
CA GLY E 6 -12.14 9.11 27.29
C GLY E 6 -13.63 9.45 27.26
N ASN E 7 -14.07 10.26 28.21
CA ASN E 7 -15.46 10.62 28.27
C ASN E 7 -15.89 11.50 27.10
N TRP E 8 -14.96 12.26 26.52
CA TRP E 8 -15.34 13.34 25.58
C TRP E 8 -15.31 13.02 24.08
N LEU E 9 -14.62 11.96 23.70
CA LEU E 9 -14.30 11.70 22.33
C LEU E 9 -14.57 10.26 21.97
N ILE E 10 -14.40 9.98 20.66
CA ILE E 10 -14.52 8.64 20.10
C ILE E 10 -13.26 8.26 19.36
N GLN E 11 -12.90 6.98 19.42
CA GLN E 11 -11.78 6.44 18.65
C GLN E 11 -11.86 6.90 17.19
N PRO E 12 -10.71 7.34 16.64
CA PRO E 12 -10.68 7.79 15.23
C PRO E 12 -11.15 6.72 14.29
N GLY E 13 -11.97 7.10 13.30
CA GLY E 13 -12.50 6.09 12.37
C GLY E 13 -13.78 5.37 12.79
N LEU E 14 -14.23 5.51 14.03
CA LEU E 14 -15.46 4.80 14.40
C LEU E 14 -16.63 5.71 14.22
N ASN E 15 -17.67 5.24 13.54
CA ASN E 15 -18.92 5.99 13.53
C ASN E 15 -19.98 5.24 14.36
N LEU E 16 -20.51 5.87 15.42
CA LEU E 16 -21.48 5.22 16.28
C LEU E 16 -22.92 5.60 16.01
N ILE E 17 -23.84 4.63 16.13
CA ILE E 17 -25.26 4.90 16.08
C ILE E 17 -25.90 4.17 17.24
N HIS E 18 -26.83 4.83 17.91
CA HIS E 18 -27.41 4.31 19.15
C HIS E 18 -28.93 4.40 19.11
N PRO E 19 -29.58 3.48 19.79
CA PRO E 19 -31.02 3.62 20.01
C PRO E 19 -31.25 4.72 21.05
N LEU E 20 -31.85 5.82 20.62
CA LEU E 20 -31.96 7.00 21.49
C LEU E 20 -33.39 7.28 21.86
N GLN E 21 -34.34 6.67 21.15
CA GLN E 21 -35.73 7.03 21.37
C GLN E 21 -36.70 6.00 20.85
N VAL E 22 -37.66 5.66 21.66
CA VAL E 22 -38.65 4.65 21.28
C VAL E 22 -39.59 5.17 20.21
N PHE E 23 -39.72 4.41 19.12
CA PHE E 23 -40.66 4.75 18.06
C PHE E 23 -41.97 3.99 18.23
N GLU E 24 -41.86 2.69 18.54
CA GLU E 24 -43.04 1.85 18.65
C GLU E 24 -42.72 0.59 19.45
N VAL E 25 -43.74 0.08 20.15
CA VAL E 25 -43.68 -1.15 20.94
C VAL E 25 -44.79 -2.05 20.44
N GLU E 26 -44.50 -3.33 20.29
CA GLU E 26 -45.47 -4.27 19.79
C GLU E 26 -45.30 -5.56 20.57
N GLN E 27 -46.40 -6.08 21.07
CA GLN E 27 -46.38 -7.36 21.73
C GLN E 27 -46.66 -8.42 20.69
N GLN E 28 -45.74 -9.36 20.56
CA GLN E 28 -45.91 -10.48 19.62
C GLN E 28 -45.96 -11.74 20.45
N ASP E 29 -47.13 -12.01 20.95
CA ASP E 29 -47.37 -13.17 21.77
C ASP E 29 -46.68 -12.96 23.12
N ASN E 30 -45.76 -13.84 23.52
CA ASN E 30 -45.05 -13.64 24.76
C ASN E 30 -43.63 -12.98 24.60
N GLU E 31 -43.48 -12.18 23.55
CA GLU E 31 -42.27 -11.37 23.33
C GLU E 31 -42.69 -9.92 23.13
N MET E 32 -41.83 -8.99 23.54
CA MET E 32 -42.01 -7.57 23.35
C MET E 32 -40.96 -7.00 22.36
N VAL E 33 -41.43 -6.35 21.31
CA VAL E 33 -40.55 -5.82 20.28
C VAL E 33 -40.59 -4.31 20.43
N VAL E 34 -39.41 -3.71 20.51
CA VAL E 34 -39.31 -2.26 20.59
C VAL E 34 -38.45 -1.74 19.40
N TYR E 35 -39.02 -0.87 18.60
CA TYR E 35 -38.32 -0.16 17.53
C TYR E 35 -37.79 1.16 18.05
N ALA E 36 -36.48 1.38 17.94
CA ALA E 36 -35.86 2.59 18.44
C ALA E 36 -34.94 3.25 17.39
N ALA E 37 -35.13 4.55 17.18
CA ALA E 37 -34.32 5.29 16.25
C ALA E 37 -33.15 6.02 16.94
N PRO E 38 -32.07 6.29 16.17
CA PRO E 38 -30.91 6.98 16.69
C PRO E 38 -31.09 8.47 16.78
N ARG E 39 -32.29 8.94 16.44
CA ARG E 39 -32.64 10.34 16.59
C ARG E 39 -34.08 10.46 17.03
N ASP E 40 -34.55 11.71 17.11
CA ASP E 40 -35.98 12.02 17.27
C ASP E 40 -36.74 11.79 15.98
N VAL E 41 -37.77 10.95 16.03
CA VAL E 41 -38.57 10.62 14.84
C VAL E 41 -40.07 10.72 15.11
N ARG E 42 -40.47 11.56 16.08
CA ARG E 42 -41.89 11.80 16.35
C ARG E 42 -42.54 12.56 15.20
N GLU E 43 -41.80 13.48 14.63
CA GLU E 43 -42.21 14.16 13.39
C GLU E 43 -42.00 13.22 12.20
N ARG E 44 -43.01 13.17 11.31
CA ARG E 44 -43.03 12.32 10.10
C ARG E 44 -41.86 12.69 9.19
N THR E 45 -41.56 13.99 9.20
CA THR E 45 -40.47 14.56 8.39
C THR E 45 -39.08 13.96 8.69
N TRP E 46 -38.92 13.40 9.88
CA TRP E 46 -37.69 12.73 10.23
C TRP E 46 -37.84 11.19 10.18
N GLN E 47 -38.97 10.70 9.66
CA GLN E 47 -39.25 9.25 9.59
C GLN E 47 -38.78 8.61 8.26
N LEU E 48 -37.50 8.82 7.96
CA LEU E 48 -36.85 8.44 6.71
C LEU E 48 -35.42 8.98 6.79
N ASP E 49 -34.54 8.47 5.92
CA ASP E 49 -33.07 8.69 6.02
C ASP E 49 -32.53 8.49 7.45
N THR E 50 -32.85 7.34 8.02
CA THR E 50 -32.44 7.05 9.38
C THR E 50 -32.30 5.56 9.62
N PRO E 51 -31.28 5.15 10.38
CA PRO E 51 -31.26 3.77 10.84
C PRO E 51 -32.38 3.51 11.85
N LEU E 52 -32.60 2.25 12.18
CA LEU E 52 -33.69 1.91 13.10
C LEU E 52 -33.33 0.58 13.72
N PHE E 53 -33.30 0.54 15.05
CA PHE E 53 -32.96 -0.66 15.80
C PHE E 53 -34.19 -1.43 16.18
N THR E 54 -34.07 -2.75 16.19
CA THR E 54 -35.17 -3.60 16.62
C THR E 54 -34.68 -4.35 17.85
N LEU E 55 -35.35 -4.10 18.97
CA LEU E 55 -35.04 -4.74 20.23
C LEU E 55 -36.10 -5.77 20.54
N ARG E 56 -35.70 -7.00 20.82
CA ARG E 56 -36.68 -8.02 21.14
C ARG E 56 -36.35 -8.56 22.51
N PHE E 57 -37.39 -8.58 23.36
CA PHE E 57 -37.34 -9.14 24.69
C PHE E 57 -38.19 -10.41 24.75
N PHE E 58 -37.59 -11.44 25.35
CA PHE E 58 -38.16 -12.78 25.44
C PHE E 58 -37.53 -13.53 26.66
N SER E 59 -38.19 -14.61 27.11
CA SER E 59 -37.72 -15.36 28.29
C SER E 59 -37.62 -16.81 27.90
N PRO E 60 -36.40 -17.35 27.90
CA PRO E 60 -36.19 -18.77 27.63
C PRO E 60 -36.51 -19.70 28.83
N GLN E 61 -36.45 -19.16 30.05
CA GLN E 61 -36.63 -19.88 31.32
C GLN E 61 -37.06 -18.81 32.31
N GLU E 62 -37.74 -19.20 33.40
CA GLU E 62 -38.23 -18.25 34.39
C GLU E 62 -37.07 -17.50 35.03
N GLY E 63 -37.18 -16.19 35.13
CA GLY E 63 -36.17 -15.35 35.75
C GLY E 63 -34.98 -15.02 34.84
N ILE E 64 -35.07 -15.42 33.57
CA ILE E 64 -34.12 -15.02 32.54
C ILE E 64 -34.80 -14.15 31.49
N VAL E 65 -34.22 -12.96 31.25
CA VAL E 65 -34.68 -12.05 30.20
C VAL E 65 -33.62 -11.97 29.08
N GLY E 66 -34.01 -12.43 27.89
CA GLY E 66 -33.20 -12.26 26.69
C GLY E 66 -33.46 -10.92 26.01
N VAL E 67 -32.38 -10.34 25.51
CA VAL E 67 -32.38 -9.04 24.86
C VAL E 67 -31.66 -9.19 23.53
N ARG E 68 -32.35 -8.98 22.42
CA ARG E 68 -31.72 -9.08 21.13
C ARG E 68 -31.82 -7.69 20.51
N ILE E 69 -30.68 -7.06 20.32
CA ILE E 69 -30.73 -5.75 19.68
C ILE E 69 -30.16 -5.85 18.26
N GLU E 70 -30.97 -5.52 17.24
CA GLU E 70 -30.46 -5.63 15.88
C GLU E 70 -30.56 -4.45 14.95
N HIS E 71 -29.51 -4.43 14.11
CA HIS E 71 -29.37 -3.56 12.95
C HIS E 71 -29.90 -4.26 11.68
N PHE E 72 -29.05 -4.81 10.83
CA PHE E 72 -29.53 -5.46 9.62
C PHE E 72 -29.84 -6.95 9.82
N GLN E 73 -31.05 -7.35 9.42
CA GLN E 73 -31.52 -8.77 9.41
C GLN E 73 -31.14 -9.55 8.16
N GLY E 74 -30.60 -8.87 7.14
CA GLY E 74 -30.21 -9.54 5.90
C GLY E 74 -28.87 -10.27 5.90
N ALA E 75 -28.15 -10.22 7.01
CA ALA E 75 -26.85 -10.88 7.14
C ALA E 75 -26.97 -12.41 7.13
N LEU E 76 -25.87 -13.10 6.85
CA LEU E 76 -25.90 -14.59 6.75
C LEU E 76 -26.25 -15.33 8.07
N ASN E 77 -25.61 -14.96 9.18
CA ASN E 77 -25.80 -15.62 10.51
C ASN E 77 -25.95 -17.18 10.52
N ASN E 78 -24.92 -17.88 10.01
CA ASN E 78 -24.77 -19.32 10.11
C ASN E 78 -24.32 -19.72 11.52
N GLY E 79 -24.56 -20.98 11.86
CA GLY E 79 -24.14 -21.56 13.14
C GLY E 79 -22.65 -21.81 13.22
N PRO E 80 -22.18 -22.51 14.29
CA PRO E 80 -22.98 -23.11 15.39
C PRO E 80 -23.52 -22.08 16.38
N HIS E 81 -24.55 -22.47 17.09
CA HIS E 81 -25.07 -21.64 18.15
C HIS E 81 -24.86 -22.42 19.45
N TYR E 82 -24.98 -21.74 20.59
CA TYR E 82 -24.80 -22.41 21.87
C TYR E 82 -25.98 -23.39 22.14
N PRO E 83 -25.73 -24.46 22.92
CA PRO E 83 -26.74 -25.49 23.25
C PRO E 83 -27.69 -25.10 24.40
N LEU E 84 -28.44 -24.04 24.16
CA LEU E 84 -29.31 -23.44 25.16
C LEU E 84 -30.58 -24.23 25.24
N ASN E 85 -31.11 -24.33 26.45
CA ASN E 85 -32.45 -24.92 26.68
C ASN E 85 -33.46 -23.80 26.71
N ILE E 86 -34.15 -23.67 25.57
CA ILE E 86 -35.09 -22.58 25.37
C ILE E 86 -36.51 -23.13 25.40
N LEU E 87 -37.27 -22.69 26.39
CA LEU E 87 -38.69 -22.99 26.44
C LEU E 87 -39.49 -21.90 25.75
N GLN E 88 -40.70 -22.27 25.35
CA GLN E 88 -41.65 -21.40 24.64
C GLN E 88 -42.82 -20.92 25.53
N ASP E 89 -43.12 -21.67 26.59
CA ASP E 89 -44.32 -21.42 27.40
C ASP E 89 -43.96 -20.88 28.78
N VAL E 90 -42.95 -20.02 28.84
CA VAL E 90 -42.61 -19.37 30.08
C VAL E 90 -43.68 -18.31 30.30
N LYS E 91 -44.23 -18.27 31.51
CA LYS E 91 -45.20 -17.25 31.87
C LYS E 91 -44.46 -15.93 31.97
N VAL E 92 -44.94 -14.93 31.23
CA VAL E 92 -44.35 -13.63 31.27
C VAL E 92 -45.47 -12.59 31.32
N THR E 93 -45.07 -11.38 31.65
CA THR E 93 -45.96 -10.25 31.66
C THR E 93 -45.38 -9.18 30.76
N ILE E 94 -46.23 -8.64 29.88
CA ILE E 94 -45.85 -7.54 29.03
C ILE E 94 -46.79 -6.38 29.29
N GLU E 95 -46.24 -5.22 29.56
CA GLU E 95 -47.09 -4.05 29.65
C GLU E 95 -46.54 -2.85 28.92
N ASN E 96 -47.33 -2.39 27.97
CA ASN E 96 -47.05 -1.22 27.21
C ASN E 96 -47.93 -0.08 27.75
N THR E 97 -47.29 0.94 28.33
CA THR E 97 -47.99 2.13 28.78
C THR E 97 -47.43 3.36 28.12
N GLU E 98 -48.00 4.50 28.46
CA GLU E 98 -47.52 5.79 27.97
C GLU E 98 -46.04 6.04 28.26
N ARG E 99 -45.60 5.55 29.41
CA ARG E 99 -44.36 5.93 30.02
C ARG E 99 -43.23 4.93 29.72
N TYR E 100 -43.58 3.66 29.67
CA TYR E 100 -42.62 2.58 29.58
C TYR E 100 -43.16 1.49 28.71
N ALA E 101 -42.26 0.59 28.37
CA ALA E 101 -42.64 -0.74 27.95
C ALA E 101 -41.86 -1.69 28.85
N GLU E 102 -42.53 -2.65 29.48
CA GLU E 102 -41.86 -3.57 30.42
C GLU E 102 -42.21 -5.02 30.13
N PHE E 103 -41.16 -5.80 29.96
CA PHE E 103 -41.25 -7.25 29.87
C PHE E 103 -40.76 -7.92 31.17
N LYS E 104 -41.59 -8.78 31.78
CA LYS E 104 -41.25 -9.45 33.06
C LYS E 104 -41.36 -10.97 33.02
N SER E 105 -40.31 -11.63 33.51
CA SER E 105 -40.27 -13.08 33.68
C SER E 105 -39.82 -13.41 35.11
N GLY E 106 -40.75 -14.01 35.88
CA GLY E 106 -40.53 -14.20 37.31
C GLY E 106 -40.43 -12.85 38.01
N ASN E 107 -39.36 -12.66 38.79
CA ASN E 107 -39.13 -11.38 39.43
C ASN E 107 -38.31 -10.39 38.61
N LEU E 108 -37.77 -10.85 37.47
CA LEU E 108 -36.87 -10.03 36.66
C LEU E 108 -37.61 -9.34 35.52
N SER E 109 -37.48 -8.03 35.42
CA SER E 109 -38.03 -7.37 34.25
C SER E 109 -37.01 -6.48 33.51
N ALA E 110 -37.28 -6.24 32.23
CA ALA E 110 -36.58 -5.23 31.45
C ALA E 110 -37.59 -4.15 31.15
N ARG E 111 -37.25 -2.90 31.46
CA ARG E 111 -38.12 -1.79 31.23
C ARG E 111 -37.46 -0.72 30.36
N VAL E 112 -38.18 -0.27 29.34
CA VAL E 112 -37.65 0.76 28.44
C VAL E 112 -38.49 2.03 28.61
N SER E 113 -37.80 3.13 28.78
CA SER E 113 -38.46 4.42 28.95
C SER E 113 -38.78 5.02 27.61
N LYS E 114 -40.03 5.41 27.41
CA LYS E 114 -40.46 6.08 26.19
C LYS E 114 -40.15 7.55 26.38
N GLY E 115 -40.18 8.33 25.31
CA GLY E 115 -39.91 9.77 25.38
C GLY E 115 -38.46 10.15 25.14
N GLU E 116 -38.13 11.42 25.35
CA GLU E 116 -36.77 11.90 25.10
C GLU E 116 -35.79 11.22 26.05
N PHE E 117 -36.26 10.80 27.24
CA PHE E 117 -35.35 10.18 28.22
C PHE E 117 -35.33 8.64 28.12
N TRP E 118 -34.56 8.16 27.12
CA TRP E 118 -34.33 6.74 26.90
C TRP E 118 -33.54 6.14 28.06
N SER E 119 -33.95 4.92 28.39
CA SER E 119 -33.40 4.17 29.47
C SER E 119 -33.81 2.70 29.32
N LEU E 120 -32.85 1.82 29.50
CA LEU E 120 -33.12 0.41 29.57
C LEU E 120 -32.69 -0.12 30.95
N ASP E 121 -33.67 -0.46 31.78
CA ASP E 121 -33.41 -0.87 33.15
C ASP E 121 -33.80 -2.30 33.36
N PHE E 122 -32.96 -3.02 34.09
CA PHE E 122 -33.29 -4.36 34.56
C PHE E 122 -33.65 -4.32 36.02
N LEU E 123 -34.86 -4.79 36.32
CA LEU E 123 -35.45 -4.63 37.66
C LEU E 123 -35.73 -5.98 38.34
N ARG E 124 -35.46 -6.03 39.64
CA ARG E 124 -35.90 -7.16 40.45
C ARG E 124 -36.91 -6.63 41.45
N ASN E 125 -38.14 -7.17 41.34
CA ASN E 125 -39.30 -6.70 42.08
C ASN E 125 -39.34 -5.18 42.08
N GLY E 126 -39.09 -4.59 40.92
CA GLY E 126 -39.13 -3.13 40.78
C GLY E 126 -37.93 -2.32 41.21
N GLU E 127 -36.88 -2.98 41.71
CA GLU E 127 -35.65 -2.29 42.10
C GLU E 127 -34.59 -2.52 41.02
N ARG E 128 -33.88 -1.47 40.61
CA ARG E 128 -32.95 -1.56 39.48
C ARG E 128 -31.69 -2.26 39.87
N ILE E 129 -31.39 -3.36 39.22
CA ILE E 129 -30.21 -4.10 39.54
C ILE E 129 -29.06 -3.79 38.59
N THR E 130 -29.39 -3.42 37.34
CA THR E 130 -28.41 -2.93 36.35
C THR E 130 -29.19 -2.33 35.22
N GLY E 131 -28.52 -1.99 34.14
CA GLY E 131 -29.16 -1.22 33.11
C GLY E 131 -28.20 -0.66 32.08
N SER E 132 -28.76 -0.17 30.98
CA SER E 132 -28.03 0.49 29.95
C SER E 132 -28.56 1.91 29.83
N GLN E 133 -27.64 2.85 29.96
CA GLN E 133 -27.96 4.25 29.73
C GLN E 133 -27.87 4.66 28.28
N VAL E 134 -28.64 5.69 27.93
CA VAL E 134 -28.66 6.20 26.57
C VAL E 134 -27.23 6.41 26.03
N LYS E 135 -27.00 5.92 24.80
CA LYS E 135 -25.71 6.01 24.10
C LYS E 135 -24.63 5.05 24.60
N ASN E 136 -25.01 4.05 25.39
CA ASN E 136 -24.10 3.00 25.82
C ASN E 136 -24.36 1.66 25.17
N ASN E 137 -25.24 1.65 24.17
CA ASN E 137 -25.33 0.49 23.28
C ASN E 137 -25.54 0.94 21.85
N GLY E 138 -25.51 0.01 20.90
CA GLY E 138 -25.71 0.33 19.49
C GLY E 138 -24.67 -0.31 18.56
N TYR E 139 -24.38 0.40 17.46
CA TYR E 139 -23.62 -0.08 16.29
C TYR E 139 -22.41 0.78 16.04
N VAL E 140 -21.31 0.11 15.73
CA VAL E 140 -19.99 0.69 15.57
C VAL E 140 -19.60 0.28 14.17
N GLN E 141 -19.45 1.27 13.31
CA GLN E 141 -18.96 1.10 11.99
C GLN E 141 -17.49 1.55 12.05
N ASP E 142 -16.60 0.56 11.94
CA ASP E 142 -15.16 0.79 11.99
C ASP E 142 -14.64 0.99 10.56
N THR E 143 -14.38 2.24 10.30
CA THR E 143 -14.07 2.78 8.99
C THR E 143 -12.57 2.55 8.64
N ASN E 144 -11.82 2.12 9.64
CA ASN E 144 -10.41 1.78 9.48
C ASN E 144 -10.27 0.41 8.84
N ASN E 145 -11.10 -0.55 9.26
CA ASN E 145 -10.98 -1.93 8.81
C ASN E 145 -12.26 -2.50 8.14
N GLN E 146 -13.27 -1.64 7.95
CA GLN E 146 -14.59 -2.00 7.41
C GLN E 146 -15.25 -3.15 8.15
N ARG E 147 -15.01 -3.27 9.44
CA ARG E 147 -15.72 -4.24 10.25
C ARG E 147 -16.84 -3.52 11.00
N ASN E 148 -17.95 -4.20 11.23
CA ASN E 148 -19.05 -3.59 12.00
C ASN E 148 -19.33 -4.36 13.27
N TYR E 149 -19.60 -3.63 14.36
CA TYR E 149 -19.84 -4.25 15.66
C TYR E 149 -21.12 -3.79 16.28
N MET E 150 -21.66 -4.64 17.13
CA MET E 150 -22.70 -4.23 18.10
C MET E 150 -22.12 -4.27 19.50
N PHE E 151 -22.61 -3.39 20.36
CA PHE E 151 -22.05 -3.24 21.69
C PHE E 151 -23.11 -2.84 22.71
N GLU E 152 -22.79 -3.13 23.98
CA GLU E 152 -23.62 -2.80 25.14
C GLU E 152 -22.71 -2.50 26.27
N ARG E 153 -23.19 -1.68 27.18
CA ARG E 153 -22.55 -1.46 28.44
C ARG E 153 -23.61 -1.50 29.56
N LEU E 154 -23.48 -2.50 30.43
CA LEU E 154 -24.36 -2.65 31.59
C LEU E 154 -23.69 -2.08 32.85
N ASP E 155 -24.41 -1.17 33.49
CA ASP E 155 -23.99 -0.52 34.73
C ASP E 155 -23.57 -1.39 35.94
N LEU E 156 -22.58 -0.91 36.67
CA LEU E 156 -22.09 -1.51 37.93
C LEU E 156 -22.34 -0.48 38.98
N GLY E 157 -22.88 -0.88 40.12
CA GLY E 157 -23.11 0.05 41.21
C GLY E 157 -21.87 0.26 42.06
N VAL E 158 -21.99 1.08 43.09
CA VAL E 158 -20.88 1.34 44.03
C VAL E 158 -20.52 0.02 44.70
N GLY E 159 -19.25 -0.37 44.67
CA GLY E 159 -18.88 -1.60 45.33
C GLY E 159 -19.26 -2.89 44.65
N GLU E 160 -19.85 -2.82 43.43
CA GLU E 160 -20.28 -4.01 42.69
C GLU E 160 -19.09 -4.65 41.99
N THR E 161 -18.90 -5.96 42.14
CA THR E 161 -17.70 -6.63 41.66
C THR E 161 -18.10 -7.72 40.70
N VAL E 162 -17.21 -8.07 39.77
CA VAL E 162 -17.53 -8.94 38.65
C VAL E 162 -16.65 -10.15 38.73
N TYR E 163 -17.24 -11.30 38.39
CA TYR E 163 -16.61 -12.61 38.52
C TYR E 163 -16.98 -13.44 37.32
N GLY E 164 -16.13 -14.41 37.02
CA GLY E 164 -16.47 -15.36 35.97
C GLY E 164 -15.72 -15.18 34.65
N LEU E 165 -16.46 -15.28 33.56
CA LEU E 165 -15.91 -15.23 32.19
C LEU E 165 -14.96 -16.39 31.91
N GLY E 166 -15.16 -17.49 32.63
CA GLY E 166 -14.45 -18.74 32.41
C GLY E 166 -13.37 -19.00 33.42
N GLU E 167 -12.53 -19.99 33.13
CA GLU E 167 -11.33 -20.26 33.90
C GLU E 167 -10.18 -19.30 33.54
N ARG E 168 -10.01 -18.25 34.32
CA ARG E 168 -8.98 -17.28 34.07
C ARG E 168 -8.09 -17.20 35.32
N PHE E 169 -6.86 -16.69 35.11
CA PHE E 169 -5.73 -16.77 36.03
C PHE E 169 -5.26 -15.39 36.47
N THR E 170 -5.96 -14.36 35.98
CA THR E 170 -5.77 -12.97 36.36
C THR E 170 -6.42 -12.79 37.73
N ALA E 171 -6.43 -11.56 38.25
CA ALA E 171 -7.14 -11.28 39.51
C ALA E 171 -8.57 -11.82 39.44
N LEU E 172 -9.03 -12.38 40.53
CA LEU E 172 -10.36 -13.00 40.59
C LEU E 172 -11.49 -12.03 40.26
N VAL E 173 -11.48 -10.87 40.87
CA VAL E 173 -12.49 -9.83 40.59
C VAL E 173 -12.02 -9.17 39.34
N ARG E 174 -12.93 -9.14 38.39
CA ARG E 174 -12.64 -8.87 37.00
C ARG E 174 -12.55 -7.32 36.73
N ASN E 175 -13.02 -6.52 37.68
CA ASN E 175 -12.98 -5.05 37.52
C ASN E 175 -11.58 -4.54 37.20
N GLY E 176 -11.52 -3.79 36.11
CA GLY E 176 -10.29 -3.24 35.57
C GLY E 176 -9.72 -4.05 34.41
N GLN E 177 -10.31 -5.18 34.09
CA GLN E 177 -9.74 -6.07 33.07
C GLN E 177 -10.40 -6.02 31.74
N THR E 178 -9.63 -6.14 30.67
CA THR E 178 -10.27 -6.48 29.43
C THR E 178 -10.20 -8.01 29.24
N VAL E 179 -11.28 -8.61 28.76
CA VAL E 179 -11.24 -10.03 28.50
C VAL E 179 -11.82 -10.38 27.16
N GLU E 180 -11.06 -11.14 26.39
CA GLU E 180 -11.53 -11.63 25.10
C GLU E 180 -11.89 -13.11 25.23
N THR E 181 -13.14 -13.47 24.98
CA THR E 181 -13.49 -14.89 25.11
C THR E 181 -13.10 -15.67 23.83
N TRP E 182 -11.87 -16.17 23.85
CA TRP E 182 -11.30 -16.83 22.70
C TRP E 182 -10.32 -17.83 23.21
N ASN E 183 -10.61 -19.11 22.96
CA ASN E 183 -9.79 -20.16 23.55
C ASN E 183 -8.40 -20.08 22.96
N ARG E 184 -7.40 -20.25 23.83
CA ARG E 184 -5.99 -20.30 23.47
C ARG E 184 -5.25 -21.33 24.34
N ASP E 185 -4.05 -21.71 23.89
CA ASP E 185 -3.13 -22.51 24.66
C ASP E 185 -2.03 -21.54 25.11
N GLY E 186 -2.21 -20.99 26.29
CA GLY E 186 -1.33 -19.97 26.81
C GLY E 186 -0.79 -20.29 28.16
N GLY E 187 -0.92 -21.55 28.60
CA GLY E 187 -0.60 -21.87 29.95
C GLY E 187 -1.58 -21.24 30.94
N THR E 188 -1.15 -21.18 32.19
CA THR E 188 -2.00 -20.76 33.33
C THR E 188 -1.42 -19.49 34.01
N SER E 189 -0.48 -18.82 33.35
CA SER E 189 0.20 -17.71 33.96
C SER E 189 -0.08 -16.39 33.24
N THR E 190 -1.08 -16.35 32.37
CA THR E 190 -1.28 -15.15 31.56
C THR E 190 -2.74 -14.74 31.52
N GLU E 191 -3.07 -13.70 30.74
CA GLU E 191 -4.45 -13.27 30.56
C GLU E 191 -5.25 -14.24 29.69
N GLN E 192 -4.55 -15.17 29.06
CA GLN E 192 -5.16 -16.12 28.15
C GLN E 192 -5.78 -17.25 28.92
N ALA E 193 -6.71 -17.94 28.27
CA ALA E 193 -7.50 -18.98 28.88
C ALA E 193 -7.80 -20.14 27.87
N TYR E 194 -7.81 -21.38 28.38
CA TYR E 194 -8.21 -22.52 27.58
C TYR E 194 -9.71 -22.67 27.53
N LYS E 195 -10.39 -22.13 28.54
CA LYS E 195 -11.81 -22.39 28.75
C LYS E 195 -12.51 -21.05 28.91
N ASN E 196 -12.87 -20.44 27.81
CA ASN E 196 -13.49 -19.13 27.81
C ASN E 196 -15.00 -19.26 27.82
N ILE E 197 -15.66 -18.42 28.62
CA ILE E 197 -17.11 -18.43 28.72
C ILE E 197 -17.63 -17.01 28.83
N PRO E 198 -18.50 -16.55 27.90
CA PRO E 198 -18.97 -15.13 27.96
C PRO E 198 -20.15 -14.92 28.89
N PHE E 199 -19.97 -15.41 30.13
CA PHE E 199 -20.95 -15.26 31.21
C PHE E 199 -20.17 -14.66 32.36
N TYR E 200 -20.72 -13.63 32.98
CA TYR E 200 -20.20 -13.12 34.22
C TYR E 200 -21.33 -12.99 35.21
N MET E 201 -20.98 -12.95 36.48
CA MET E 201 -21.94 -12.61 37.54
C MET E 201 -21.31 -11.60 38.49
N THR E 202 -22.15 -10.91 39.25
CA THR E 202 -21.67 -9.88 40.14
C THR E 202 -22.11 -10.20 41.57
N ASN E 203 -21.55 -9.46 42.52
CA ASN E 203 -21.93 -9.54 43.89
C ASN E 203 -23.27 -8.82 44.15
N ARG E 204 -23.99 -8.44 43.10
CA ARG E 204 -25.33 -7.86 43.28
C ARG E 204 -26.44 -8.89 42.94
N GLY E 205 -26.04 -10.11 42.61
CA GLY E 205 -27.03 -11.21 42.61
C GLY E 205 -27.72 -11.48 41.29
N TYR E 206 -27.03 -11.12 40.22
CA TYR E 206 -27.44 -11.48 38.83
C TYR E 206 -26.24 -11.92 37.97
N GLY E 207 -26.54 -12.61 36.88
CA GLY E 207 -25.55 -12.90 35.84
C GLY E 207 -26.02 -12.43 34.48
N VAL E 208 -25.06 -12.42 33.55
CA VAL E 208 -25.34 -12.17 32.16
C VAL E 208 -24.52 -13.03 31.23
N LEU E 209 -25.23 -13.71 30.32
CA LEU E 209 -24.65 -14.51 29.27
C LEU E 209 -24.77 -13.72 27.96
N VAL E 210 -23.64 -13.50 27.29
CA VAL E 210 -23.64 -12.81 26.01
C VAL E 210 -23.63 -13.94 25.02
N ASN E 211 -24.67 -14.02 24.21
CA ASN E 211 -24.97 -15.23 23.43
C ASN E 211 -24.33 -15.25 22.07
N HIS E 212 -23.01 -15.30 22.07
CA HIS E 212 -22.18 -15.27 20.87
C HIS E 212 -20.95 -16.18 21.03
N PRO E 213 -20.88 -17.27 20.24
CA PRO E 213 -19.73 -18.14 20.30
C PRO E 213 -18.45 -17.59 19.63
N GLN E 214 -18.55 -16.49 18.86
CA GLN E 214 -17.37 -15.87 18.30
C GLN E 214 -16.60 -15.16 19.42
N CYS E 215 -15.49 -14.53 19.10
CA CYS E 215 -14.85 -13.74 20.12
C CYS E 215 -15.83 -12.66 20.62
N VAL E 216 -16.02 -12.59 21.93
CA VAL E 216 -16.65 -11.40 22.54
C VAL E 216 -15.57 -10.61 23.29
N SER E 217 -15.55 -9.29 23.09
CA SER E 217 -14.54 -8.47 23.74
C SER E 217 -15.17 -7.72 24.91
N PHE E 218 -14.77 -8.06 26.14
CA PHE E 218 -15.29 -7.42 27.37
C PHE E 218 -14.30 -6.35 27.84
N GLU E 219 -14.81 -5.17 28.16
CA GLU E 219 -14.06 -4.18 28.92
C GLU E 219 -14.78 -4.06 30.24
N VAL E 220 -14.25 -4.77 31.23
CA VAL E 220 -14.89 -4.92 32.53
C VAL E 220 -14.39 -3.80 33.49
N GLY E 221 -15.13 -2.69 33.52
CA GLY E 221 -14.65 -1.45 34.17
C GLY E 221 -13.27 -0.99 33.66
N SER E 222 -12.94 -1.29 32.41
CA SER E 222 -11.64 -0.99 31.89
C SER E 222 -11.64 0.08 30.79
N GLU E 223 -12.83 0.44 30.31
CA GLU E 223 -13.02 1.61 29.40
C GLU E 223 -13.82 2.59 30.21
N LYS E 224 -15.09 2.26 30.44
CA LYS E 224 -15.95 2.94 31.38
C LYS E 224 -15.91 2.16 32.71
N VAL E 225 -15.39 2.86 33.75
CA VAL E 225 -14.94 2.19 34.95
C VAL E 225 -16.06 1.67 35.82
N SER E 226 -17.28 2.09 35.59
CA SER E 226 -18.40 1.55 36.34
C SER E 226 -19.45 0.90 35.43
N LYS E 227 -18.96 0.28 34.36
CA LYS E 227 -19.75 -0.52 33.47
C LYS E 227 -18.96 -1.71 32.96
N VAL E 228 -19.71 -2.78 32.65
CA VAL E 228 -19.25 -3.91 31.88
C VAL E 228 -19.66 -3.65 30.40
N GLN E 229 -18.68 -3.35 29.57
CA GLN E 229 -18.84 -3.19 28.14
C GLN E 229 -18.59 -4.55 27.49
N PHE E 230 -19.49 -4.91 26.58
CA PHE E 230 -19.23 -6.03 25.71
C PHE E 230 -19.61 -5.69 24.26
N SER E 231 -18.79 -6.20 23.32
CA SER E 231 -18.98 -5.99 21.88
C SER E 231 -18.60 -7.24 21.04
N VAL E 232 -19.24 -7.33 19.88
CA VAL E 232 -19.12 -8.47 18.99
C VAL E 232 -19.21 -8.02 17.54
N GLU E 233 -18.42 -8.62 16.64
CA GLU E 233 -18.53 -8.35 15.20
C GLU E 233 -19.77 -9.05 14.67
N SER E 234 -20.84 -8.27 14.51
CA SER E 234 -22.17 -8.83 14.21
C SER E 234 -23.13 -7.70 13.93
N GLU E 235 -24.23 -8.00 13.24
CA GLU E 235 -25.27 -7.03 12.93
C GLU E 235 -26.37 -7.04 14.03
N TYR E 236 -26.26 -8.01 14.97
CA TYR E 236 -27.16 -8.12 16.12
C TYR E 236 -26.31 -8.46 17.34
N LEU E 237 -26.79 -8.02 18.51
CA LEU E 237 -26.27 -8.47 19.77
C LEU E 237 -27.39 -9.11 20.58
N GLU E 238 -27.10 -10.23 21.25
CA GLU E 238 -28.05 -10.99 22.05
C GLU E 238 -27.42 -11.39 23.40
N TYR E 239 -28.06 -10.94 24.49
CA TYR E 239 -27.63 -11.30 25.83
C TYR E 239 -28.77 -11.65 26.73
N PHE E 240 -28.44 -12.46 27.75
CA PHE E 240 -29.44 -12.88 28.76
C PHE E 240 -29.07 -12.37 30.15
N VAL E 241 -29.98 -11.60 30.75
CA VAL E 241 -29.86 -11.27 32.17
C VAL E 241 -30.58 -12.34 32.97
N ILE E 242 -29.88 -12.84 33.98
CA ILE E 242 -30.20 -14.01 34.79
C ILE E 242 -30.23 -13.66 36.29
N ASP E 243 -31.43 -13.68 36.85
CA ASP E 243 -31.67 -13.32 38.25
C ASP E 243 -31.12 -14.37 39.24
N GLY E 244 -30.88 -13.91 40.44
CA GLY E 244 -30.44 -14.70 41.56
C GLY E 244 -31.58 -14.80 42.55
N PRO E 245 -31.58 -14.00 43.64
CA PRO E 245 -30.74 -12.88 44.00
C PRO E 245 -29.41 -13.20 44.67
N THR E 246 -29.11 -14.49 44.75
CA THR E 246 -27.86 -15.04 45.29
C THR E 246 -26.99 -15.68 44.17
N PRO E 247 -25.63 -15.60 44.27
CA PRO E 247 -24.76 -16.32 43.36
C PRO E 247 -25.20 -17.76 43.12
N LYS E 248 -25.56 -18.49 44.16
CA LYS E 248 -26.00 -19.87 43.96
C LYS E 248 -27.24 -19.96 43.07
N ALA E 249 -28.17 -19.03 43.24
CA ALA E 249 -29.43 -19.00 42.47
C ALA E 249 -29.21 -18.66 40.98
N VAL E 250 -28.24 -17.79 40.73
CA VAL E 250 -27.84 -17.38 39.39
C VAL E 250 -27.25 -18.59 38.67
N LEU E 251 -26.37 -19.29 39.34
CA LEU E 251 -25.79 -20.52 38.78
C LEU E 251 -26.77 -21.66 38.57
N ASP E 252 -27.75 -21.77 39.46
CA ASP E 252 -28.87 -22.70 39.28
C ASP E 252 -29.58 -22.42 37.94
N ARG E 253 -30.04 -21.19 37.77
CA ARG E 253 -30.67 -20.80 36.49
C ARG E 253 -29.74 -20.93 35.27
N TYR E 254 -28.49 -20.52 35.41
CA TYR E 254 -27.58 -20.57 34.30
C TYR E 254 -27.32 -21.99 33.82
N THR E 255 -27.18 -22.92 34.75
CA THR E 255 -26.93 -24.30 34.41
C THR E 255 -28.17 -25.03 33.90
N ARG E 256 -29.35 -24.66 34.38
CA ARG E 256 -30.59 -25.15 33.79
C ARG E 256 -30.67 -24.73 32.33
N PHE E 257 -30.25 -23.52 32.08
CA PHE E 257 -30.32 -22.87 30.77
C PHE E 257 -29.26 -23.39 29.78
N THR E 258 -28.06 -23.67 30.27
CA THR E 258 -26.94 -24.03 29.38
C THR E 258 -26.42 -25.44 29.55
N GLY E 259 -26.80 -26.07 30.68
CA GLY E 259 -26.49 -27.47 30.94
C GLY E 259 -26.05 -27.73 32.37
N ARG E 260 -26.58 -28.78 32.96
CA ARG E 260 -26.18 -29.22 34.30
C ARG E 260 -24.87 -30.02 34.28
N PRO E 261 -23.95 -29.72 35.20
CA PRO E 261 -22.82 -30.62 35.37
C PRO E 261 -23.33 -32.04 35.55
N ALA E 262 -22.70 -33.00 34.90
CA ALA E 262 -22.94 -34.39 35.24
C ALA E 262 -22.31 -34.79 36.58
N LEU E 263 -22.82 -35.88 37.15
CA LEU E 263 -22.33 -36.40 38.41
C LEU E 263 -21.25 -37.40 38.11
N PRO E 264 -20.00 -37.06 38.42
CA PRO E 264 -18.98 -38.08 38.14
C PRO E 264 -19.10 -39.30 39.08
N PRO E 265 -18.62 -40.47 38.62
CA PRO E 265 -18.58 -41.65 39.51
C PRO E 265 -17.59 -41.47 40.69
N ALA E 266 -17.97 -42.00 41.85
CA ALA E 266 -17.21 -41.83 43.10
C ALA E 266 -15.75 -42.21 42.96
N TRP E 267 -15.47 -43.24 42.19
CA TRP E 267 -14.09 -43.70 42.02
C TRP E 267 -13.19 -42.62 41.43
N SER E 268 -13.78 -41.77 40.58
CA SER E 268 -13.06 -40.57 40.02
C SER E 268 -12.53 -39.60 41.07
N PHE E 269 -13.09 -39.64 42.27
CA PHE E 269 -12.67 -38.74 43.35
C PHE E 269 -11.43 -39.25 44.09
N GLY E 270 -10.87 -40.37 43.62
CA GLY E 270 -9.63 -40.91 44.14
C GLY E 270 -8.41 -40.17 43.69
N LEU E 271 -7.24 -40.71 44.04
CA LEU E 271 -5.95 -40.21 43.57
C LEU E 271 -5.63 -40.80 42.18
N TRP E 272 -5.36 -39.88 41.26
CA TRP E 272 -4.91 -40.14 39.88
C TRP E 272 -3.43 -39.97 39.84
N LEU E 273 -2.75 -40.88 39.12
CA LEU E 273 -1.33 -40.83 38.88
C LEU E 273 -1.09 -41.00 37.40
N THR E 274 -0.07 -40.32 36.89
CA THR E 274 0.30 -40.48 35.49
C THR E 274 1.72 -40.95 35.28
N THR E 275 1.97 -41.39 34.06
CA THR E 275 3.30 -41.66 33.57
C THR E 275 4.25 -40.42 33.57
N SER E 276 3.69 -39.22 33.80
CA SER E 276 4.35 -37.97 33.44
C SER E 276 4.50 -37.86 31.86
N PHE E 277 5.10 -36.77 31.36
CA PHE E 277 4.91 -36.33 29.94
C PHE E 277 6.00 -36.81 28.95
N THR E 278 7.21 -36.34 29.17
CA THR E 278 8.36 -36.55 28.30
C THR E 278 9.43 -37.41 28.98
N THR E 279 9.09 -37.94 30.15
CA THR E 279 9.85 -39.01 30.77
C THR E 279 9.81 -40.23 29.86
N ASN E 280 10.67 -41.20 30.15
CA ASN E 280 10.57 -42.50 29.48
C ASN E 280 9.58 -43.39 30.18
N TYR E 281 8.79 -44.14 29.41
CA TYR E 281 7.85 -45.07 29.99
C TYR E 281 7.43 -46.21 29.11
N ASP E 282 7.30 -47.35 29.77
CA ASP E 282 6.85 -48.56 29.16
C ASP E 282 6.05 -49.30 30.21
N GLU E 283 5.69 -50.54 29.91
CA GLU E 283 4.85 -51.38 30.79
C GLU E 283 5.47 -51.60 32.18
N ALA E 284 6.78 -51.76 32.24
CA ALA E 284 7.51 -52.03 33.51
C ALA E 284 7.65 -50.80 34.40
N THR E 285 7.97 -49.65 33.80
CA THR E 285 7.89 -48.36 34.50
C THR E 285 6.52 -48.17 35.17
N VAL E 286 5.46 -48.56 34.46
CA VAL E 286 4.07 -48.44 34.98
C VAL E 286 3.88 -49.37 36.18
N ASN E 287 4.20 -50.65 36.02
CA ASN E 287 4.25 -51.61 37.14
C ASN E 287 5.07 -51.10 38.31
N SER E 288 6.27 -50.68 38.02
CA SER E 288 7.14 -50.13 39.01
C SER E 288 6.42 -49.06 39.84
N PHE E 289 5.77 -48.09 39.20
CA PHE E 289 5.13 -46.99 39.94
C PHE E 289 4.00 -47.47 40.82
N ILE E 290 3.14 -48.27 40.24
CA ILE E 290 1.93 -48.73 40.93
C ILE E 290 2.29 -49.59 42.15
N ASP E 291 3.27 -50.46 41.98
CA ASP E 291 3.79 -51.28 43.08
C ASP E 291 4.53 -50.41 44.08
N GLY E 292 5.23 -49.37 43.60
CA GLY E 292 5.89 -48.40 44.50
C GLY E 292 4.88 -47.74 45.43
N MET E 293 3.73 -47.37 44.89
CA MET E 293 2.66 -46.77 45.67
C MET E 293 2.15 -47.79 46.69
N ALA E 294 2.00 -49.04 46.28
CA ALA E 294 1.44 -50.05 47.16
C ALA E 294 2.40 -50.36 48.30
N GLU E 295 3.70 -50.42 47.98
CA GLU E 295 4.73 -50.75 48.97
C GLU E 295 4.87 -49.63 50.02
N ARG E 296 4.43 -48.40 49.69
CA ARG E 296 4.51 -47.29 50.63
C ARG E 296 3.19 -46.99 51.30
N ASN E 297 2.20 -47.86 51.09
CA ASN E 297 0.86 -47.67 51.63
C ASN E 297 0.23 -46.32 51.22
N LEU E 298 0.46 -45.97 49.95
CA LEU E 298 -0.15 -44.84 49.27
C LEU E 298 -1.31 -45.32 48.38
N PRO E 299 -2.59 -45.12 48.81
CA PRO E 299 -3.71 -45.60 47.97
C PRO E 299 -3.75 -44.85 46.63
N LEU E 300 -4.23 -45.55 45.61
CA LEU E 300 -4.10 -45.11 44.23
C LEU E 300 -5.29 -45.68 43.45
N HIS E 301 -6.02 -44.82 42.73
CA HIS E 301 -7.33 -45.24 42.18
C HIS E 301 -7.50 -45.19 40.68
N VAL E 302 -6.80 -44.23 40.04
CA VAL E 302 -6.76 -44.07 38.59
C VAL E 302 -5.34 -43.93 38.11
N PHE E 303 -5.00 -44.67 37.05
CA PHE E 303 -3.72 -44.49 36.38
C PHE E 303 -3.93 -43.95 34.96
N HIS E 304 -3.15 -42.92 34.65
CA HIS E 304 -3.24 -42.23 33.37
C HIS E 304 -2.01 -42.43 32.53
N PHE E 305 -2.21 -42.90 31.32
CA PHE E 305 -1.16 -42.96 30.28
C PHE E 305 -1.07 -41.66 29.47
N ASP E 306 0.08 -40.99 29.49
CA ASP E 306 0.27 -39.76 28.71
C ASP E 306 0.71 -40.02 27.22
N CYS E 307 1.13 -38.95 26.53
CA CYS E 307 1.22 -38.88 25.07
C CYS E 307 2.02 -40.04 24.49
N PHE E 308 3.11 -40.40 25.16
CA PHE E 308 4.00 -41.39 24.63
C PHE E 308 3.48 -42.82 24.66
N TRP E 309 2.20 -43.02 24.98
CA TRP E 309 1.58 -44.33 24.69
C TRP E 309 1.43 -44.54 23.21
N MET E 310 1.38 -43.42 22.47
CA MET E 310 1.51 -43.42 21.01
C MET E 310 2.94 -43.04 20.57
N LYS E 311 3.27 -43.40 19.33
CA LYS E 311 4.56 -43.10 18.72
C LYS E 311 4.73 -41.57 18.52
N ALA E 312 5.93 -41.10 18.79
CA ALA E 312 6.29 -39.73 18.58
C ALA E 312 5.96 -39.25 17.14
N PHE E 313 5.39 -38.05 17.09
CA PHE E 313 5.09 -37.34 15.84
C PHE E 313 3.84 -37.87 15.15
N GLN E 314 3.23 -38.90 15.71
CA GLN E 314 2.00 -39.51 15.19
C GLN E 314 0.77 -39.23 16.02
N TRP E 315 0.90 -38.37 17.03
CA TRP E 315 -0.20 -38.12 17.96
C TRP E 315 -1.39 -37.48 17.30
N CYS E 316 -2.43 -37.69 18.07
CA CYS E 316 -3.47 -38.66 18.08
C CYS E 316 -3.98 -39.58 16.98
N ASP E 317 -3.28 -40.70 16.78
CA ASP E 317 -3.70 -41.74 15.80
C ASP E 317 -4.21 -43.04 16.43
N PHE E 318 -4.19 -43.04 17.76
CA PHE E 318 -4.67 -44.13 18.61
C PHE E 318 -3.96 -45.48 18.48
N GLU E 319 -2.74 -45.54 17.94
CA GLU E 319 -1.96 -46.78 17.89
C GLU E 319 -0.93 -46.79 19.03
N TRP E 320 -0.94 -47.86 19.83
CA TRP E 320 0.00 -48.03 20.91
C TRP E 320 1.35 -48.21 20.30
N ASP E 321 2.34 -47.54 20.90
CA ASP E 321 3.73 -47.78 20.54
C ASP E 321 4.08 -49.27 20.81
N PRO E 322 4.30 -50.06 19.77
CA PRO E 322 4.54 -51.49 20.01
C PRO E 322 5.85 -51.82 20.72
N LEU E 323 6.82 -50.92 20.66
CA LEU E 323 8.11 -51.17 21.29
C LEU E 323 8.00 -51.09 22.80
N THR E 324 7.17 -50.16 23.23
CA THR E 324 7.14 -49.69 24.58
C THR E 324 5.90 -50.24 25.29
N PHE E 325 4.84 -50.55 24.51
CA PHE E 325 3.63 -51.20 24.97
C PHE E 325 3.21 -52.31 23.98
N PRO E 326 3.94 -53.46 24.00
CA PRO E 326 3.72 -54.63 23.14
C PRO E 326 2.39 -55.33 23.31
N ASP E 327 1.83 -55.26 24.50
CA ASP E 327 0.57 -55.92 24.79
C ASP E 327 -0.27 -54.97 25.66
N PRO E 328 -0.92 -54.00 25.00
CA PRO E 328 -1.81 -53.09 25.65
C PRO E 328 -2.90 -53.83 26.42
N GLU E 329 -3.62 -54.73 25.74
CA GLU E 329 -4.76 -55.34 26.37
C GLU E 329 -4.41 -56.19 27.62
N GLY E 330 -3.32 -56.97 27.52
CA GLY E 330 -2.79 -57.73 28.65
C GLY E 330 -2.41 -56.81 29.81
N MET E 331 -1.61 -55.79 29.50
CA MET E 331 -1.21 -54.79 30.47
C MET E 331 -2.40 -54.19 31.21
N ILE E 332 -3.40 -53.70 30.49
CA ILE E 332 -4.46 -53.02 31.19
C ILE E 332 -5.31 -54.03 32.02
N ARG E 333 -5.58 -55.22 31.47
CA ARG E 333 -6.29 -56.27 32.22
C ARG E 333 -5.62 -56.54 33.57
N ARG E 334 -4.31 -56.77 33.53
CA ARG E 334 -3.48 -56.87 34.74
C ARG E 334 -3.82 -55.78 35.74
N LEU E 335 -3.62 -54.54 35.33
CA LEU E 335 -3.79 -53.37 36.20
C LEU E 335 -5.24 -53.24 36.70
N LYS E 336 -6.17 -53.60 35.84
CA LYS E 336 -7.58 -53.61 36.16
C LYS E 336 -7.93 -54.66 37.21
N ALA E 337 -7.19 -55.78 37.17
CA ALA E 337 -7.39 -56.88 38.11
C ALA E 337 -7.18 -56.43 39.53
N LYS E 338 -6.16 -55.60 39.75
CA LYS E 338 -5.93 -55.01 41.07
C LYS E 338 -6.93 -53.88 41.43
N GLY E 339 -7.98 -53.67 40.64
CA GLY E 339 -8.95 -52.61 40.91
C GLY E 339 -8.61 -51.15 40.54
N LEU E 340 -7.52 -50.89 39.82
CA LEU E 340 -7.31 -49.55 39.23
C LEU E 340 -8.29 -49.24 38.12
N LYS E 341 -8.67 -47.95 38.00
CA LYS E 341 -9.34 -47.47 36.81
C LYS E 341 -8.26 -46.85 35.90
N ILE E 342 -8.55 -46.83 34.61
CA ILE E 342 -7.53 -46.46 33.61
C ILE E 342 -7.96 -45.32 32.67
N CYS E 343 -7.09 -44.33 32.58
CA CYS E 343 -7.28 -43.19 31.68
C CYS E 343 -6.17 -43.16 30.66
N VAL E 344 -6.48 -42.72 29.43
CA VAL E 344 -5.44 -42.38 28.47
C VAL E 344 -5.57 -40.98 27.87
N TRP E 345 -4.43 -40.48 27.43
CA TRP E 345 -4.35 -39.18 26.77
C TRP E 345 -4.89 -39.27 25.35
N ILE E 346 -5.75 -38.31 25.00
CA ILE E 346 -6.16 -38.10 23.61
C ILE E 346 -6.16 -36.64 23.25
N ASN E 347 -6.16 -36.35 21.96
CA ASN E 347 -6.39 -34.95 21.52
C ASN E 347 -7.00 -34.98 20.12
N PRO E 348 -7.42 -33.81 19.62
CA PRO E 348 -8.22 -33.75 18.39
C PRO E 348 -7.44 -33.37 17.10
N TYR E 349 -6.14 -33.60 17.15
CA TYR E 349 -5.22 -33.27 16.09
C TYR E 349 -4.53 -34.55 15.66
N ILE E 350 -3.87 -34.52 14.50
CA ILE E 350 -3.06 -35.65 14.06
C ILE E 350 -1.80 -35.29 13.25
N GLY E 351 -0.68 -35.87 13.65
CA GLY E 351 0.60 -35.66 13.03
C GLY E 351 0.75 -36.40 11.71
N GLN E 352 1.39 -35.74 10.76
CA GLN E 352 1.48 -36.30 9.41
C GLN E 352 2.20 -37.65 9.35
N LYS E 353 3.19 -37.86 10.23
CA LYS E 353 3.95 -39.13 10.27
C LYS E 353 3.07 -40.37 10.47
N SER E 354 1.92 -40.22 11.07
CA SER E 354 1.05 -41.38 11.28
C SER E 354 0.59 -42.04 9.95
N PRO E 355 0.67 -43.38 9.87
CA PRO E 355 0.08 -44.22 8.83
C PRO E 355 -1.36 -43.87 8.49
N VAL E 356 -2.09 -43.44 9.50
CA VAL E 356 -3.50 -43.14 9.41
C VAL E 356 -3.80 -41.80 8.71
N PHE E 357 -2.81 -40.90 8.71
CA PHE E 357 -2.99 -39.57 8.16
C PHE E 357 -3.43 -39.58 6.67
N LYS E 358 -2.72 -40.33 5.85
CA LYS E 358 -3.00 -40.45 4.42
C LYS E 358 -4.42 -40.95 4.20
N GLU E 359 -4.82 -41.99 4.93
CA GLU E 359 -6.23 -42.44 4.94
C GLU E 359 -7.21 -41.30 5.24
N LEU E 360 -6.92 -40.52 6.28
CA LEU E 360 -7.80 -39.45 6.68
C LEU E 360 -7.89 -38.38 5.59
N GLN E 361 -6.74 -38.04 5.01
CA GLN E 361 -6.67 -37.08 3.91
C GLN E 361 -7.52 -37.52 2.74
N GLU E 362 -7.39 -38.78 2.37
CA GLU E 362 -8.10 -39.35 1.24
C GLU E 362 -9.58 -39.38 1.46
N LYS E 363 -10.01 -39.70 2.69
CA LYS E 363 -11.46 -39.76 3.02
C LYS E 363 -12.05 -38.36 3.26
N GLY E 364 -11.17 -37.38 3.42
CA GLY E 364 -11.59 -36.01 3.61
C GLY E 364 -12.06 -35.71 5.02
N TYR E 365 -11.54 -36.42 6.02
CA TYR E 365 -11.95 -36.30 7.41
C TYR E 365 -11.17 -35.19 8.16
N LEU E 366 -10.19 -34.56 7.52
CA LEU E 366 -9.43 -33.47 8.16
C LEU E 366 -9.87 -32.05 7.70
N LEU E 367 -9.78 -31.08 8.59
CA LEU E 367 -10.09 -29.70 8.26
C LEU E 367 -9.27 -29.15 7.08
N LYS E 368 -10.00 -28.70 6.07
CA LYS E 368 -9.43 -28.11 4.85
C LYS E 368 -9.43 -26.57 4.83
N ARG E 369 -8.48 -26.03 4.07
CA ARG E 369 -8.53 -24.66 3.61
C ARG E 369 -9.62 -24.47 2.54
N PRO E 370 -10.02 -23.21 2.30
CA PRO E 370 -11.01 -22.92 1.25
C PRO E 370 -10.69 -23.50 -0.16
N ASP E 371 -9.41 -23.63 -0.47
CA ASP E 371 -9.02 -24.19 -1.75
C ASP E 371 -9.06 -25.71 -1.83
N GLY E 372 -9.42 -26.38 -0.72
CA GLY E 372 -9.50 -27.82 -0.73
C GLY E 372 -8.27 -28.53 -0.22
N SER E 373 -7.18 -27.81 -0.03
CA SER E 373 -5.98 -28.39 0.55
C SER E 373 -6.18 -28.55 2.08
N LEU E 374 -5.40 -29.40 2.70
CA LEU E 374 -5.39 -29.52 4.16
C LEU E 374 -4.79 -28.29 4.85
N TRP E 375 -5.44 -27.86 5.90
CA TRP E 375 -4.87 -26.95 6.87
C TRP E 375 -3.85 -27.74 7.69
N GLN E 376 -2.63 -27.22 7.79
CA GLN E 376 -1.53 -27.87 8.52
C GLN E 376 -0.62 -26.84 9.09
N TRP E 377 -0.02 -27.18 10.22
CA TRP E 377 1.19 -26.47 10.71
C TRP E 377 2.10 -27.39 11.46
N ASP E 378 3.20 -26.82 11.96
CA ASP E 378 4.21 -27.60 12.68
C ASP E 378 4.28 -27.34 14.19
N LYS E 379 3.28 -26.61 14.73
CA LYS E 379 3.12 -26.52 16.18
C LYS E 379 2.52 -27.83 16.68
N TRP E 380 3.04 -28.25 17.83
CA TRP E 380 2.74 -29.51 18.54
C TRP E 380 3.27 -30.79 17.86
N GLN E 381 2.75 -31.12 16.68
CA GLN E 381 3.22 -32.27 15.88
C GLN E 381 3.64 -31.82 14.48
N PRO E 382 4.62 -32.53 13.86
CA PRO E 382 4.95 -32.17 12.49
C PRO E 382 3.80 -32.41 11.51
N GLY E 383 3.47 -31.35 10.77
CA GLY E 383 2.45 -31.41 9.71
C GLY E 383 1.06 -31.70 10.24
N LEU E 384 0.79 -31.12 11.41
CA LEU E 384 -0.37 -31.42 12.15
C LEU E 384 -1.60 -30.98 11.38
N ALA E 385 -2.62 -31.84 11.41
CA ALA E 385 -3.95 -31.54 10.92
C ALA E 385 -5.01 -31.72 12.05
N ILE E 386 -6.22 -31.24 11.78
CA ILE E 386 -7.29 -31.21 12.77
C ILE E 386 -8.45 -32.11 12.32
N TYR E 387 -8.95 -32.99 13.18
CA TYR E 387 -10.13 -33.80 12.81
C TYR E 387 -11.35 -32.88 12.64
N ASP E 388 -12.03 -33.03 11.51
CA ASP E 388 -13.20 -32.25 11.21
C ASP E 388 -14.45 -32.88 11.84
N PHE E 389 -14.71 -32.45 13.08
CA PHE E 389 -15.85 -32.89 13.80
C PHE E 389 -17.19 -32.35 13.29
N THR E 390 -17.22 -31.54 12.24
CA THR E 390 -18.51 -31.16 11.60
C THR E 390 -18.85 -32.14 10.47
N ASN E 391 -17.94 -33.07 10.19
CA ASN E 391 -18.13 -34.14 9.21
C ASN E 391 -18.56 -35.42 9.96
N PRO E 392 -19.80 -35.89 9.76
CA PRO E 392 -20.31 -37.07 10.51
C PRO E 392 -19.48 -38.35 10.34
N ASP E 393 -18.94 -38.58 9.14
CA ASP E 393 -18.07 -39.70 8.94
C ASP E 393 -16.74 -39.57 9.74
N ALA E 394 -16.20 -38.36 9.81
CA ALA E 394 -15.00 -38.12 10.64
C ALA E 394 -15.27 -38.41 12.12
N CYS E 395 -16.45 -38.01 12.57
CA CYS E 395 -16.84 -38.24 13.96
C CYS E 395 -16.89 -39.71 14.23
N LYS E 396 -17.52 -40.44 13.32
CA LYS E 396 -17.68 -41.86 13.55
C LYS E 396 -16.35 -42.59 13.62
N TRP E 397 -15.45 -42.27 12.72
CA TRP E 397 -14.09 -42.82 12.71
C TRP E 397 -13.38 -42.63 14.05
N TYR E 398 -13.50 -41.41 14.59
CA TYR E 398 -12.85 -41.01 15.84
C TYR E 398 -13.48 -41.73 17.03
N ALA E 399 -14.79 -41.67 17.09
CA ALA E 399 -15.58 -42.41 18.07
C ALA E 399 -15.29 -43.93 18.04
N ASP E 400 -15.09 -44.49 16.85
CA ASP E 400 -14.82 -45.95 16.73
C ASP E 400 -13.43 -46.28 17.27
N LYS E 401 -12.48 -45.39 17.02
CA LYS E 401 -11.18 -45.53 17.64
C LYS E 401 -11.28 -45.54 19.17
N LEU E 402 -12.10 -44.64 19.71
CA LEU E 402 -12.26 -44.54 21.16
C LEU E 402 -12.94 -45.78 21.71
N LYS E 403 -13.95 -46.27 20.99
CA LYS E 403 -14.64 -47.52 21.40
C LYS E 403 -13.69 -48.70 21.56
N GLY E 404 -12.73 -48.82 20.65
CA GLY E 404 -11.71 -49.88 20.71
C GLY E 404 -10.84 -49.81 21.96
N LEU E 405 -10.48 -48.60 22.38
CA LEU E 405 -9.81 -48.38 23.64
C LEU E 405 -10.71 -48.76 24.83
N VAL E 406 -11.99 -48.42 24.78
CA VAL E 406 -12.88 -48.83 25.85
C VAL E 406 -12.97 -50.38 25.84
N ALA E 407 -13.15 -50.94 24.64
CA ALA E 407 -13.24 -52.40 24.48
C ALA E 407 -12.04 -53.11 25.13
N MET E 408 -10.86 -52.52 25.13
CA MET E 408 -9.72 -53.16 25.76
C MET E 408 -9.49 -52.71 27.21
N GLY E 409 -10.39 -51.90 27.77
CA GLY E 409 -10.45 -51.67 29.21
C GLY E 409 -10.07 -50.27 29.66
N VAL E 410 -9.92 -49.33 28.72
CA VAL E 410 -9.78 -47.94 29.11
C VAL E 410 -11.11 -47.45 29.67
N ASP E 411 -11.05 -46.71 30.77
CA ASP E 411 -12.27 -46.31 31.49
C ASP E 411 -12.66 -44.88 31.16
N CYS E 412 -11.65 -44.07 30.83
CA CYS E 412 -11.88 -42.66 30.62
C CYS E 412 -10.71 -42.01 29.87
N PHE E 413 -10.93 -40.76 29.48
CA PHE E 413 -9.96 -40.05 28.68
C PHE E 413 -9.65 -38.64 29.21
N LYS E 414 -8.41 -38.23 28.98
CA LYS E 414 -8.02 -36.82 29.06
C LYS E 414 -8.19 -36.25 27.64
N THR E 415 -9.23 -35.45 27.47
CA THR E 415 -9.47 -34.72 26.23
C THR E 415 -8.67 -33.42 26.25
N ASP E 416 -7.42 -33.51 25.81
CA ASP E 416 -6.50 -32.45 25.88
C ASP E 416 -6.63 -31.62 24.61
N PHE E 417 -6.04 -30.44 24.66
CA PHE E 417 -6.05 -29.50 23.55
C PHE E 417 -7.47 -29.14 23.10
N GLY E 418 -7.62 -28.65 21.88
CA GLY E 418 -8.93 -28.26 21.34
C GLY E 418 -9.09 -26.79 21.18
N GLU E 419 -8.04 -26.05 21.51
CA GLU E 419 -8.13 -24.57 21.56
C GLU E 419 -7.59 -23.76 20.37
N ARG E 420 -6.48 -24.17 19.78
CA ARG E 420 -5.90 -23.45 18.66
C ARG E 420 -6.51 -23.80 17.31
N ILE E 421 -7.80 -23.49 17.16
CA ILE E 421 -8.61 -23.84 16.01
C ILE E 421 -8.57 -22.69 15.02
N PRO E 422 -8.08 -22.94 13.79
CA PRO E 422 -7.93 -21.87 12.83
C PRO E 422 -9.26 -21.39 12.26
N THR E 423 -9.24 -20.18 11.70
CA THR E 423 -10.40 -19.56 11.03
C THR E 423 -10.30 -19.43 9.52
N ASP E 424 -9.07 -19.56 8.98
CA ASP E 424 -8.83 -19.45 7.54
C ASP E 424 -9.04 -20.83 6.91
N VAL E 425 -10.30 -21.25 6.93
CA VAL E 425 -10.65 -22.65 6.88
C VAL E 425 -12.10 -22.79 6.39
N GLN E 426 -12.39 -23.92 5.76
CA GLN E 426 -13.75 -24.27 5.39
C GLN E 426 -14.17 -25.60 6.04
N TRP E 427 -15.16 -25.54 6.93
CA TRP E 427 -15.67 -26.69 7.65
C TRP E 427 -16.53 -27.54 6.74
N PHE E 428 -16.49 -28.85 6.95
CA PHE E 428 -17.37 -29.74 6.22
C PHE E 428 -18.83 -29.23 6.12
N ASP E 429 -19.42 -28.87 7.26
CA ASP E 429 -20.82 -28.41 7.32
C ASP E 429 -21.07 -26.94 6.92
N GLY E 430 -20.01 -26.20 6.65
CA GLY E 430 -20.12 -24.83 6.14
C GLY E 430 -20.39 -23.78 7.23
N SER E 431 -20.22 -24.14 8.49
CA SER E 431 -20.49 -23.20 9.60
C SER E 431 -19.47 -22.07 9.65
N ASP E 432 -19.79 -21.07 10.45
CA ASP E 432 -18.98 -19.85 10.59
C ASP E 432 -17.70 -20.24 11.32
N PRO E 433 -16.56 -20.05 10.66
CA PRO E 433 -15.27 -20.32 11.29
C PRO E 433 -15.01 -19.56 12.62
N GLN E 434 -15.55 -18.36 12.72
CA GLN E 434 -15.39 -17.53 13.90
C GLN E 434 -16.12 -18.10 15.10
N LYS E 435 -17.29 -18.70 14.92
CA LYS E 435 -18.04 -19.34 16.03
C LYS E 435 -17.51 -20.77 16.35
N MET E 436 -16.95 -21.40 15.32
CA MET E 436 -16.41 -22.76 15.49
C MET E 436 -15.14 -22.74 16.30
N HIS E 437 -14.40 -21.64 16.31
CA HIS E 437 -13.16 -21.61 17.14
C HIS E 437 -13.36 -22.08 18.61
N ASN E 438 -14.29 -21.43 19.31
CA ASN E 438 -14.68 -21.84 20.66
C ASN E 438 -15.53 -23.10 20.70
N HIS E 439 -16.52 -23.21 19.80
CA HIS E 439 -17.52 -24.26 19.94
C HIS E 439 -16.96 -25.63 19.58
N TYR E 440 -15.86 -25.69 18.84
CA TYR E 440 -15.12 -26.94 18.65
C TYR E 440 -14.82 -27.68 19.96
N ALA E 441 -14.39 -26.98 21.00
CA ALA E 441 -14.16 -27.65 22.31
C ALA E 441 -15.39 -28.42 22.85
N TYR E 442 -16.55 -27.82 22.70
CA TYR E 442 -17.84 -28.42 23.06
C TYR E 442 -18.13 -29.70 22.24
N ILE E 443 -18.10 -29.55 20.92
CA ILE E 443 -18.34 -30.67 19.98
C ILE E 443 -17.35 -31.83 20.22
N TYR E 444 -16.09 -31.50 20.38
CA TYR E 444 -15.06 -32.50 20.67
C TYR E 444 -15.31 -33.25 21.97
N ASN E 445 -15.57 -32.52 23.06
CA ASN E 445 -15.78 -33.15 24.36
C ASN E 445 -17.12 -33.90 24.38
N GLU E 446 -18.12 -33.36 23.69
CA GLU E 446 -19.43 -34.00 23.58
C GLU E 446 -19.32 -35.37 22.93
N LEU E 447 -18.54 -35.43 21.86
CA LEU E 447 -18.36 -36.66 21.10
C LEU E 447 -17.75 -37.72 22.02
N VAL E 448 -16.66 -37.35 22.70
CA VAL E 448 -15.96 -38.29 23.58
C VAL E 448 -16.92 -38.77 24.68
N TRP E 449 -17.63 -37.83 25.30
CA TRP E 449 -18.63 -38.14 26.33
C TRP E 449 -19.68 -39.14 25.87
N ASN E 450 -20.19 -38.97 24.64
CA ASN E 450 -21.19 -39.92 24.13
C ASN E 450 -20.62 -41.30 23.90
N VAL E 451 -19.33 -41.38 23.63
CA VAL E 451 -18.67 -42.70 23.55
C VAL E 451 -18.67 -43.41 24.89
N LEU E 452 -18.24 -42.70 25.91
CA LEU E 452 -18.33 -43.23 27.28
C LEU E 452 -19.78 -43.63 27.63
N LYS E 453 -20.70 -42.73 27.36
CA LYS E 453 -22.14 -43.00 27.60
C LYS E 453 -22.65 -44.26 26.91
N ASP E 454 -22.17 -44.52 25.71
CA ASP E 454 -22.67 -45.67 24.95
C ASP E 454 -21.94 -46.98 25.25
N THR E 455 -20.82 -46.91 25.95
CA THR E 455 -20.06 -48.09 26.29
C THR E 455 -20.11 -48.36 27.80
N VAL E 456 -19.41 -47.57 28.61
CA VAL E 456 -19.35 -47.84 30.07
C VAL E 456 -20.65 -47.46 30.80
N GLY E 457 -21.46 -46.61 30.16
CA GLY E 457 -22.70 -46.11 30.77
C GLY E 457 -22.55 -44.69 31.28
N GLU E 458 -23.63 -43.92 31.16
CA GLU E 458 -23.66 -42.49 31.60
C GLU E 458 -23.14 -42.23 33.02
N GLU E 459 -23.50 -43.11 33.95
CA GLU E 459 -23.07 -43.05 35.36
C GLU E 459 -21.57 -43.24 35.54
N GLU E 460 -20.92 -43.92 34.60
CA GLU E 460 -19.48 -44.20 34.69
C GLU E 460 -18.63 -43.23 33.89
N ALA E 461 -19.25 -42.29 33.19
CA ALA E 461 -18.54 -41.40 32.27
C ALA E 461 -17.83 -40.26 33.00
N VAL E 462 -16.59 -40.02 32.62
CA VAL E 462 -15.77 -38.94 33.19
C VAL E 462 -14.58 -38.67 32.28
N LEU E 463 -14.17 -37.39 32.24
CA LEU E 463 -13.07 -36.89 31.46
C LEU E 463 -12.15 -36.05 32.37
N PHE E 464 -10.92 -35.85 31.94
CA PHE E 464 -10.11 -34.66 32.31
C PHE E 464 -9.98 -33.79 31.03
N ALA E 465 -10.69 -32.66 30.98
CA ALA E 465 -10.79 -31.83 29.75
C ALA E 465 -10.04 -30.47 29.86
N ARG E 466 -9.17 -30.12 28.89
CA ARG E 466 -8.37 -28.87 29.00
C ARG E 466 -9.13 -27.69 28.48
N SER E 467 -10.00 -27.91 27.48
CA SER E 467 -10.82 -26.79 26.93
C SER E 467 -12.29 -26.98 27.16
N ALA E 468 -13.02 -25.89 26.93
CA ALA E 468 -14.42 -25.79 27.16
C ALA E 468 -15.01 -24.59 26.42
N SER E 469 -16.33 -24.62 26.29
CA SER E 469 -17.12 -23.53 25.78
C SER E 469 -18.51 -23.67 26.45
N VAL E 470 -19.42 -22.72 26.24
CA VAL E 470 -20.69 -22.78 26.94
C VAL E 470 -21.32 -24.16 26.72
N GLY E 471 -21.80 -24.77 27.80
CA GLY E 471 -22.49 -26.05 27.73
C GLY E 471 -21.59 -27.23 28.01
N ALA E 472 -20.27 -27.01 27.96
CA ALA E 472 -19.30 -28.10 28.16
C ALA E 472 -19.18 -28.55 29.61
N GLN E 473 -19.81 -27.81 30.51
CA GLN E 473 -19.92 -28.22 31.89
C GLN E 473 -20.70 -29.54 32.08
N LYS E 474 -21.50 -29.93 31.10
CA LYS E 474 -22.12 -31.24 31.09
C LYS E 474 -21.15 -32.43 31.04
N PHE E 475 -19.88 -32.22 30.73
CA PHE E 475 -18.93 -33.31 30.49
C PHE E 475 -17.74 -33.12 31.42
N PRO E 476 -18.00 -33.35 32.71
CA PRO E 476 -17.01 -33.09 33.69
C PRO E 476 -15.80 -33.96 33.69
N VAL E 477 -15.14 -33.59 34.75
CA VAL E 477 -13.91 -32.88 35.05
C VAL E 477 -13.06 -32.07 34.12
N HIS E 478 -13.09 -30.76 34.38
CA HIS E 478 -12.21 -29.85 33.70
C HIS E 478 -10.96 -29.69 34.48
N TRP E 479 -9.87 -29.66 33.72
CA TRP E 479 -8.55 -29.77 34.27
C TRP E 479 -7.80 -28.46 34.00
N GLY E 480 -7.26 -27.89 35.06
CA GLY E 480 -6.66 -26.55 35.09
C GLY E 480 -5.39 -26.22 34.31
N GLY E 481 -4.77 -27.20 33.63
CA GLY E 481 -3.69 -26.91 32.72
C GLY E 481 -2.29 -26.96 33.32
N ASP E 482 -1.35 -26.38 32.61
CA ASP E 482 0.08 -26.54 32.91
C ASP E 482 0.57 -25.44 33.84
N CYS E 483 1.15 -25.83 34.96
CA CYS E 483 1.61 -24.86 35.95
C CYS E 483 3.07 -24.97 36.22
N TYR E 484 3.72 -23.85 36.53
CA TYR E 484 5.04 -23.89 37.09
C TYR E 484 4.95 -24.29 38.57
N ALA E 485 6.09 -24.79 39.09
CA ALA E 485 6.16 -25.38 40.42
C ALA E 485 6.58 -24.35 41.43
N ASN E 486 5.71 -23.39 41.71
CA ASN E 486 6.00 -22.36 42.71
C ASN E 486 4.72 -21.83 43.34
N TYR E 487 4.86 -21.13 44.44
CA TYR E 487 3.67 -20.75 45.24
C TYR E 487 2.81 -19.75 44.49
N GLU E 488 3.44 -18.88 43.73
CA GLU E 488 2.67 -17.91 42.94
C GLU E 488 1.76 -18.60 41.88
N SER E 489 2.35 -19.61 41.21
CA SER E 489 1.62 -20.44 40.25
C SER E 489 0.47 -21.18 40.91
N MET E 490 0.72 -21.72 42.09
CA MET E 490 -0.31 -22.47 42.84
C MET E 490 -1.51 -21.55 43.15
N ALA E 491 -1.18 -20.32 43.53
CA ALA E 491 -2.20 -19.30 43.81
C ALA E 491 -3.00 -18.92 42.55
N GLU E 492 -2.28 -18.73 41.43
CA GLU E 492 -2.98 -18.36 40.20
C GLU E 492 -3.84 -19.53 39.72
N SER E 493 -3.42 -20.79 39.97
CA SER E 493 -4.32 -21.93 39.66
C SER E 493 -5.59 -21.89 40.47
N LEU E 494 -5.48 -21.58 41.77
CA LEU E 494 -6.68 -21.53 42.62
C LEU E 494 -7.69 -20.53 42.07
N ARG E 495 -7.22 -19.37 41.63
CA ARG E 495 -8.14 -18.34 41.05
C ARG E 495 -8.86 -18.87 39.84
N GLY E 496 -8.11 -19.59 38.98
CA GLY E 496 -8.67 -20.28 37.84
C GLY E 496 -9.79 -21.23 38.26
N GLY E 497 -9.50 -22.08 39.24
CA GLY E 497 -10.53 -22.99 39.77
C GLY E 497 -11.75 -22.37 40.40
N LEU E 498 -11.56 -21.38 41.26
CA LEU E 498 -12.70 -20.55 41.72
C LEU E 498 -13.50 -19.97 40.54
N SER E 499 -12.80 -19.49 39.51
CA SER E 499 -13.43 -18.75 38.40
C SER E 499 -14.28 -19.68 37.56
N ILE E 500 -13.79 -20.90 37.33
CA ILE E 500 -14.55 -21.85 36.58
C ILE E 500 -15.86 -22.23 37.27
N GLY E 501 -15.82 -22.27 38.60
CA GLY E 501 -17.00 -22.54 39.38
C GLY E 501 -18.03 -21.44 39.30
N LEU E 502 -17.52 -20.23 39.23
CA LEU E 502 -18.32 -19.03 38.99
C LEU E 502 -18.77 -18.91 37.55
N SER E 503 -18.39 -19.86 36.69
CA SER E 503 -18.74 -19.83 35.27
C SER E 503 -19.50 -21.06 34.90
N GLY E 504 -20.08 -21.73 35.90
CA GLY E 504 -21.03 -22.88 35.66
C GLY E 504 -20.49 -24.30 35.66
N PHE E 505 -19.21 -24.45 35.98
CA PHE E 505 -18.52 -25.75 36.06
C PHE E 505 -18.44 -26.35 37.48
N GLY E 506 -19.01 -27.54 37.65
CA GLY E 506 -19.23 -28.12 38.97
C GLY E 506 -18.04 -28.77 39.64
N PHE E 507 -17.07 -29.20 38.83
CA PHE E 507 -15.92 -30.01 39.23
C PHE E 507 -14.64 -29.48 38.58
N TRP E 508 -13.52 -29.63 39.25
CA TRP E 508 -12.32 -29.04 38.76
C TRP E 508 -11.13 -29.79 39.29
N SER E 509 -10.26 -30.14 38.37
CA SER E 509 -9.10 -30.94 38.66
C SER E 509 -7.86 -30.13 38.43
N HIS E 510 -6.76 -30.53 39.04
CA HIS E 510 -5.45 -29.86 38.79
C HIS E 510 -4.33 -30.76 39.25
N ASP E 511 -3.10 -30.40 38.90
CA ASP E 511 -1.96 -31.26 39.14
C ASP E 511 -1.15 -30.76 40.29
N ILE E 512 -0.94 -31.69 41.20
CA ILE E 512 -0.20 -31.43 42.39
C ILE E 512 1.29 -31.13 42.09
N GLY E 513 1.76 -29.99 42.55
CA GLY E 513 3.15 -29.59 42.33
C GLY E 513 3.40 -29.10 40.92
N GLY E 514 2.35 -29.01 40.12
CA GLY E 514 2.41 -28.49 38.77
C GLY E 514 3.17 -29.40 37.81
N PHE E 515 3.80 -28.77 36.81
CA PHE E 515 4.28 -29.47 35.63
C PHE E 515 5.80 -29.39 35.52
N GLU E 516 6.34 -28.17 35.59
CA GLU E 516 7.81 -27.90 35.61
C GLU E 516 8.64 -28.97 36.34
N ASN E 517 9.66 -29.54 35.69
CA ASN E 517 10.17 -30.85 36.12
C ASN E 517 10.78 -30.89 37.53
N THR E 518 11.47 -29.82 37.94
CA THR E 518 11.94 -29.75 39.32
C THR E 518 10.99 -28.85 40.12
N ALA E 519 10.22 -29.48 41.03
CA ALA E 519 9.49 -28.78 42.09
C ALA E 519 10.28 -28.87 43.42
N PRO E 520 10.43 -27.74 44.16
CA PRO E 520 10.97 -27.92 45.51
C PRO E 520 9.97 -28.73 46.32
N ALA E 521 10.50 -29.55 47.22
CA ALA E 521 9.70 -30.52 47.97
C ALA E 521 8.65 -29.79 48.82
N HIS E 522 9.00 -28.60 49.30
CA HIS E 522 8.11 -27.84 50.16
C HIS E 522 6.90 -27.36 49.39
N VAL E 523 7.11 -27.00 48.12
CA VAL E 523 5.97 -26.59 47.27
C VAL E 523 5.06 -27.77 46.99
N TYR E 524 5.65 -28.88 46.59
CA TYR E 524 4.89 -30.10 46.35
C TYR E 524 3.98 -30.48 47.51
N LYS E 525 4.56 -30.46 48.71
CA LYS E 525 3.86 -30.79 49.95
C LYS E 525 2.66 -29.89 50.19
N ARG E 526 2.86 -28.58 50.07
CA ARG E 526 1.76 -27.63 50.22
C ARG E 526 0.66 -27.89 49.23
N TRP E 527 1.06 -28.23 48.00
CA TRP E 527 0.16 -28.44 46.87
C TRP E 527 -0.61 -29.74 47.03
N CYS E 528 -0.02 -30.80 47.64
CA CYS E 528 -0.78 -32.05 47.85
C CYS E 528 -2.04 -31.83 48.66
N ALA E 529 -1.90 -31.12 49.77
CA ALA E 529 -3.05 -30.78 50.62
C ALA E 529 -4.20 -30.09 49.86
N PHE E 530 -3.87 -29.05 49.10
CA PHE E 530 -4.80 -28.32 48.22
C PHE E 530 -5.41 -29.23 47.17
N GLY E 531 -4.56 -30.00 46.50
CA GLY E 531 -5.04 -30.90 45.48
C GLY E 531 -6.01 -31.94 45.98
N LEU E 532 -5.67 -32.54 47.14
CA LEU E 532 -6.55 -33.53 47.76
C LEU E 532 -7.80 -32.94 48.42
N LEU E 533 -7.75 -31.68 48.77
CA LEU E 533 -8.95 -30.96 49.20
C LEU E 533 -9.64 -30.13 48.05
N SER E 534 -9.64 -30.71 46.84
CA SER E 534 -10.37 -30.22 45.69
C SER E 534 -11.23 -31.36 45.22
N SER E 535 -12.13 -31.14 44.27
CA SER E 535 -13.01 -32.20 43.86
C SER E 535 -12.19 -33.39 43.29
N HIS E 536 -11.22 -33.08 42.43
CA HIS E 536 -10.49 -34.07 41.67
C HIS E 536 -9.03 -33.75 41.70
N SER E 537 -8.22 -34.78 41.79
CA SER E 537 -6.85 -34.65 42.30
C SER E 537 -5.94 -35.52 41.45
N ARG E 538 -4.81 -34.98 41.00
CA ARG E 538 -3.89 -35.76 40.18
C ARG E 538 -2.40 -35.41 40.40
N LEU E 539 -1.56 -36.42 40.21
CA LEU E 539 -0.06 -36.31 40.18
C LEU E 539 0.54 -36.50 38.77
N HIS E 540 1.12 -35.44 38.18
CA HIS E 540 1.59 -35.48 36.76
C HIS E 540 2.71 -34.47 36.46
N GLY E 541 3.90 -34.97 36.18
CA GLY E 541 5.05 -34.13 35.92
C GLY E 541 5.39 -34.05 34.46
N SER E 542 6.46 -33.32 34.16
CA SER E 542 6.86 -33.01 32.80
C SER E 542 8.07 -33.86 32.37
N LYS E 543 9.29 -33.36 32.62
CA LYS E 543 10.49 -34.12 32.30
C LYS E 543 10.75 -35.09 33.45
N SER E 544 10.06 -34.90 34.57
CA SER E 544 10.26 -35.69 35.82
C SER E 544 8.95 -36.33 36.37
N TYR E 545 9.13 -37.36 37.21
CA TYR E 545 8.00 -38.08 37.82
C TYR E 545 7.40 -37.31 39.01
N ARG E 546 6.13 -37.59 39.31
CA ARG E 546 5.43 -36.94 40.42
C ARG E 546 5.10 -37.88 41.60
N VAL E 547 5.74 -39.05 41.62
CA VAL E 547 5.69 -39.94 42.80
C VAL E 547 6.35 -39.23 43.99
N PRO E 548 5.71 -39.29 45.17
CA PRO E 548 6.21 -38.51 46.31
C PRO E 548 7.64 -38.89 46.70
N TRP E 549 8.02 -40.13 46.43
CA TRP E 549 9.36 -40.59 46.80
C TRP E 549 10.44 -39.99 45.91
N ALA E 550 10.03 -39.34 44.82
CA ALA E 550 10.94 -38.53 43.98
C ALA E 550 11.49 -37.34 44.77
N TYR E 551 10.75 -36.97 45.81
CA TYR E 551 11.05 -35.80 46.65
C TYR E 551 11.65 -36.25 48.00
N ASP E 552 10.80 -36.53 48.98
CA ASP E 552 11.33 -36.96 50.25
C ASP E 552 10.37 -37.87 51.02
N ASP E 553 10.89 -38.35 52.14
CA ASP E 553 10.13 -39.26 52.96
C ASP E 553 8.89 -38.56 53.45
N GLU E 554 9.07 -37.34 53.97
CA GLU E 554 7.91 -36.53 54.39
C GLU E 554 6.84 -36.34 53.31
N SER E 555 7.25 -36.31 52.04
CA SER E 555 6.29 -36.08 50.92
C SER E 555 5.32 -37.25 50.74
N CYS E 556 5.82 -38.47 50.92
CA CYS E 556 4.98 -39.68 50.99
C CYS E 556 3.99 -39.62 52.16
N ASP E 557 4.51 -39.26 53.32
CA ASP E 557 3.68 -39.03 54.51
C ASP E 557 2.54 -38.05 54.20
N VAL E 558 2.85 -36.98 53.48
CA VAL E 558 1.83 -35.93 53.20
C VAL E 558 0.79 -36.49 52.21
N VAL E 559 1.27 -37.16 51.16
CA VAL E 559 0.35 -37.76 50.19
C VAL E 559 -0.59 -38.74 50.89
N ARG E 560 -0.02 -39.61 51.73
CA ARG E 560 -0.80 -40.62 52.48
C ARG E 560 -1.84 -39.98 53.41
N PHE E 561 -1.37 -39.07 54.23
CA PHE E 561 -2.23 -38.34 55.13
C PHE E 561 -3.46 -37.79 54.39
N PHE E 562 -3.22 -37.00 53.32
CA PHE E 562 -4.33 -36.30 52.66
C PHE E 562 -5.22 -37.14 51.77
N THR E 563 -4.66 -38.23 51.21
CA THR E 563 -5.47 -39.16 50.40
C THR E 563 -6.41 -39.95 51.30
N GLN E 564 -5.86 -40.40 52.44
CA GLN E 564 -6.65 -41.06 53.51
C GLN E 564 -7.76 -40.16 54.02
N LEU E 565 -7.43 -38.88 54.28
CA LEU E 565 -8.46 -37.92 54.62
C LEU E 565 -9.56 -37.78 53.56
N LYS E 566 -9.22 -37.63 52.27
CA LYS E 566 -10.27 -37.43 51.23
C LYS E 566 -11.24 -38.61 51.16
N CYS E 567 -10.70 -39.82 51.27
CA CYS E 567 -11.51 -41.04 51.25
C CYS E 567 -12.43 -41.06 52.44
N ARG E 568 -11.94 -40.68 53.61
CA ARG E 568 -12.79 -40.57 54.80
C ARG E 568 -13.84 -39.47 54.70
N MET E 569 -13.59 -38.41 53.93
CA MET E 569 -14.60 -37.35 53.78
C MET E 569 -15.66 -37.65 52.73
N MET E 570 -15.53 -38.76 52.03
CA MET E 570 -16.42 -38.99 50.90
C MET E 570 -17.89 -38.97 51.17
N PRO E 571 -18.37 -39.47 52.32
CA PRO E 571 -19.85 -39.34 52.48
C PRO E 571 -20.34 -37.89 52.44
N TYR E 572 -19.51 -36.98 52.96
CA TYR E 572 -19.80 -35.55 52.85
C TYR E 572 -19.64 -35.10 51.38
N LEU E 573 -18.47 -35.39 50.84
CA LEU E 573 -18.03 -34.86 49.54
C LEU E 573 -18.94 -35.29 48.43
N TYR E 574 -19.32 -36.57 48.38
CA TYR E 574 -20.19 -37.00 47.30
C TYR E 574 -21.59 -36.42 47.38
N ARG E 575 -22.04 -36.05 48.58
CA ARG E 575 -23.33 -35.38 48.70
C ARG E 575 -23.30 -33.99 48.02
N GLU E 576 -22.21 -33.30 48.30
CA GLU E 576 -21.93 -31.99 47.71
C GLU E 576 -21.74 -32.06 46.22
N ALA E 577 -21.10 -33.13 45.71
CA ALA E 577 -21.00 -33.37 44.26
C ALA E 577 -22.37 -33.39 43.59
N ALA E 578 -23.35 -33.98 44.26
CA ALA E 578 -24.72 -34.11 43.73
C ALA E 578 -25.40 -32.76 43.64
N ARG E 579 -25.02 -31.88 44.57
CA ARG E 579 -25.39 -30.49 44.54
C ARG E 579 -25.00 -29.78 43.22
N ALA E 580 -23.75 -30.02 42.79
CA ALA E 580 -23.28 -29.53 41.48
C ALA E 580 -24.17 -29.96 40.38
N ASN E 581 -24.53 -31.24 40.40
CA ASN E 581 -25.40 -31.83 39.40
C ASN E 581 -26.82 -31.30 39.43
N ALA E 582 -27.37 -31.10 40.62
CA ALA E 582 -28.77 -30.74 40.77
C ALA E 582 -28.96 -29.28 40.60
N ARG E 583 -28.08 -28.45 41.14
CA ARG E 583 -28.27 -27.01 41.11
C ARG E 583 -27.13 -26.24 40.47
N GLY E 584 -26.12 -26.89 39.92
CA GLY E 584 -24.94 -26.17 39.40
C GLY E 584 -24.10 -25.48 40.45
N THR E 585 -24.18 -25.92 41.70
CA THR E 585 -23.37 -25.37 42.77
C THR E 585 -22.02 -26.11 42.81
N PRO E 586 -20.92 -25.41 42.51
CA PRO E 586 -19.62 -26.09 42.40
C PRO E 586 -19.07 -26.59 43.76
N MET E 587 -18.32 -27.67 43.73
CA MET E 587 -17.76 -28.20 44.99
C MET E 587 -16.79 -27.19 45.61
N MET E 588 -15.94 -26.58 44.78
CA MET E 588 -15.03 -25.51 45.25
C MET E 588 -15.62 -24.10 44.98
N ARG E 589 -16.00 -23.44 46.09
CA ARG E 589 -16.78 -22.24 46.06
C ARG E 589 -16.01 -21.06 46.58
N ALA E 590 -16.02 -20.02 45.79
CA ALA E 590 -15.43 -18.77 46.22
C ALA E 590 -16.26 -18.31 47.45
N MET E 591 -15.56 -17.75 48.41
CA MET E 591 -16.16 -17.30 49.64
C MET E 591 -17.40 -16.44 49.43
N MET E 592 -17.38 -15.59 48.39
CA MET E 592 -18.52 -14.69 48.08
C MET E 592 -19.73 -15.46 47.60
N MET E 593 -19.51 -16.65 47.05
CA MET E 593 -20.64 -17.48 46.62
C MET E 593 -21.38 -18.04 47.82
N GLU E 594 -20.63 -18.53 48.81
CA GLU E 594 -21.22 -19.18 50.00
C GLU E 594 -21.71 -18.15 51.02
N PHE E 595 -21.05 -16.97 51.10
CA PHE E 595 -21.39 -15.89 52.03
C PHE E 595 -21.55 -14.52 51.29
N PRO E 596 -22.59 -14.40 50.46
CA PRO E 596 -22.74 -13.24 49.59
C PRO E 596 -23.12 -11.94 50.26
N ASP E 597 -23.59 -11.98 51.50
CA ASP E 597 -23.90 -10.76 52.21
C ASP E 597 -22.82 -10.33 53.19
N ASP E 598 -21.65 -10.96 53.12
CA ASP E 598 -20.54 -10.63 53.96
C ASP E 598 -19.52 -9.86 53.14
N PRO E 599 -19.42 -8.54 53.38
CA PRO E 599 -18.51 -7.66 52.63
C PRO E 599 -17.04 -8.01 52.73
N ALA E 600 -16.64 -8.77 53.75
CA ALA E 600 -15.27 -9.17 53.85
C ALA E 600 -14.91 -10.27 52.80
N CYS E 601 -15.91 -10.90 52.22
CA CYS E 601 -15.64 -11.98 51.27
C CYS E 601 -15.49 -11.61 49.81
N ASP E 602 -15.56 -10.32 49.45
CA ASP E 602 -15.75 -9.89 48.05
C ASP E 602 -14.56 -10.31 47.16
N TYR E 603 -13.35 -10.21 47.72
CA TYR E 603 -12.10 -10.38 47.03
C TYR E 603 -11.25 -11.57 47.52
N LEU E 604 -11.81 -12.43 48.36
CA LEU E 604 -11.03 -13.58 48.89
C LEU E 604 -10.81 -14.59 47.78
N ASP E 605 -9.53 -14.81 47.52
CA ASP E 605 -9.07 -15.63 46.41
C ASP E 605 -8.03 -16.69 46.80
N ARG E 606 -7.61 -16.72 48.08
CA ARG E 606 -6.59 -17.67 48.56
C ARG E 606 -7.16 -18.70 49.50
N GLN E 607 -8.50 -18.75 49.55
CA GLN E 607 -9.25 -19.71 50.36
C GLN E 607 -10.60 -20.02 49.68
N TYR E 608 -11.23 -21.12 50.07
CA TYR E 608 -12.52 -21.50 49.50
C TYR E 608 -13.35 -22.36 50.43
N MET E 609 -14.61 -22.55 50.07
CA MET E 609 -15.48 -23.52 50.71
C MET E 609 -15.55 -24.77 49.83
N LEU E 610 -15.45 -25.93 50.48
CA LEU E 610 -15.48 -27.21 49.81
C LEU E 610 -16.79 -27.81 50.24
N GLY E 611 -17.80 -27.66 49.41
CA GLY E 611 -19.17 -27.87 49.79
C GLY E 611 -19.65 -26.83 50.77
N ASP E 612 -20.83 -27.06 51.30
CA ASP E 612 -21.50 -26.07 52.11
C ASP E 612 -20.74 -25.70 53.38
N ASN E 613 -20.02 -26.68 53.97
CA ASN E 613 -19.65 -26.52 55.38
C ASN E 613 -18.21 -26.45 55.78
N VAL E 614 -17.30 -26.67 54.85
CA VAL E 614 -15.90 -26.58 55.21
C VAL E 614 -15.08 -25.57 54.44
N MET E 615 -14.29 -24.81 55.17
CA MET E 615 -13.47 -23.80 54.61
C MET E 615 -12.08 -24.33 54.58
N VAL E 616 -11.47 -24.33 53.40
CA VAL E 616 -10.02 -24.53 53.31
C VAL E 616 -9.20 -23.35 52.84
N ALA E 617 -8.05 -23.18 53.49
CA ALA E 617 -7.08 -22.15 53.16
C ALA E 617 -5.73 -22.79 52.88
N PRO E 618 -5.43 -23.09 51.61
CA PRO E 618 -4.12 -23.71 51.41
C PRO E 618 -3.02 -22.87 51.95
N VAL E 619 -1.86 -23.50 52.14
CA VAL E 619 -0.71 -22.78 52.68
C VAL E 619 0.30 -22.50 51.59
N PHE E 620 0.58 -21.21 51.36
CA PHE E 620 1.42 -20.76 50.23
C PHE E 620 2.78 -20.28 50.71
N THR E 621 3.30 -20.91 51.76
CA THR E 621 4.62 -20.58 52.30
C THR E 621 5.28 -21.85 52.78
N GLU E 622 6.61 -21.91 52.59
CA GLU E 622 7.46 -22.94 53.14
C GLU E 622 7.34 -22.98 54.65
N ALA E 623 7.56 -21.84 55.29
CA ALA E 623 7.48 -21.77 56.76
C ALA E 623 6.13 -22.21 57.34
N GLY E 624 5.02 -22.03 56.61
CA GLY E 624 3.69 -22.50 57.05
C GLY E 624 2.76 -21.38 57.53
N ASP E 625 3.26 -20.15 57.50
CA ASP E 625 2.43 -18.97 57.78
C ASP E 625 1.29 -18.86 56.78
N VAL E 626 0.08 -18.62 57.27
CA VAL E 626 -1.14 -18.51 56.44
C VAL E 626 -2.10 -17.55 57.18
N GLN E 627 -2.77 -16.68 56.44
CA GLN E 627 -3.80 -15.85 57.00
C GLN E 627 -5.07 -16.09 56.24
N PHE E 628 -6.21 -16.04 56.92
CA PHE E 628 -7.51 -16.36 56.33
C PHE E 628 -8.71 -15.78 57.09
N TYR E 629 -9.80 -15.60 56.37
CA TYR E 629 -10.98 -15.00 56.89
C TYR E 629 -12.04 -16.07 57.20
N LEU E 630 -12.67 -15.87 58.34
CA LEU E 630 -13.75 -16.71 58.79
C LEU E 630 -15.00 -15.88 58.92
N PRO E 631 -16.03 -16.20 58.14
CA PRO E 631 -17.33 -15.59 58.41
C PRO E 631 -17.91 -15.90 59.78
N GLU E 632 -18.95 -15.14 60.13
CA GLU E 632 -19.63 -15.27 61.42
C GLU E 632 -19.87 -16.68 61.83
N GLY E 633 -19.46 -16.95 63.06
CA GLY E 633 -19.84 -18.20 63.76
C GLY E 633 -18.64 -18.76 64.46
N ARG E 634 -18.84 -19.87 65.15
CA ARG E 634 -17.75 -20.50 65.82
C ARG E 634 -17.34 -21.72 65.04
N TRP E 635 -16.13 -21.69 64.49
CA TRP E 635 -15.64 -22.76 63.61
C TRP E 635 -14.71 -23.73 64.33
N THR E 636 -14.69 -24.97 63.85
CA THR E 636 -13.90 -25.99 64.47
C THR E 636 -13.00 -26.65 63.43
N HIS E 637 -11.69 -26.75 63.71
CA HIS E 637 -10.81 -27.47 62.80
C HIS E 637 -11.31 -28.93 62.66
N LEU E 638 -11.20 -29.47 61.44
CA LEU E 638 -11.74 -30.76 61.13
C LEU E 638 -11.07 -31.85 62.00
N TRP E 639 -9.77 -31.83 62.16
CA TRP E 639 -9.09 -32.88 62.95
C TRP E 639 -8.26 -32.35 64.10
N HIS E 640 -7.92 -31.06 64.12
CA HIS E 640 -7.27 -30.49 65.29
C HIS E 640 -8.30 -30.17 66.38
N ASN E 641 -9.56 -29.92 65.98
CA ASN E 641 -10.63 -29.68 66.93
C ASN E 641 -10.52 -28.33 67.71
N ASP E 642 -9.55 -27.48 67.39
CA ASP E 642 -9.49 -26.14 67.96
C ASP E 642 -10.63 -25.26 67.35
N GLU E 643 -11.08 -24.27 68.11
CA GLU E 643 -12.20 -23.45 67.73
C GLU E 643 -11.74 -22.01 67.53
N LEU E 644 -12.36 -21.33 66.57
CA LEU E 644 -12.09 -19.90 66.26
C LEU E 644 -13.40 -19.19 66.08
N ASP E 645 -13.48 -17.97 66.58
CA ASP E 645 -14.64 -17.09 66.31
C ASP E 645 -14.46 -16.40 64.98
N GLY E 646 -15.58 -16.11 64.35
CA GLY E 646 -15.57 -15.57 63.02
C GLY E 646 -15.85 -14.10 62.90
N SER E 647 -16.22 -13.70 61.68
CA SER E 647 -16.25 -12.27 61.31
C SER E 647 -14.89 -11.60 61.41
N ARG E 648 -13.82 -12.38 61.30
CA ARG E 648 -12.52 -11.80 61.37
C ARG E 648 -11.52 -12.65 60.65
N TRP E 649 -10.35 -12.05 60.46
CA TRP E 649 -9.19 -12.76 59.98
C TRP E 649 -8.40 -13.41 61.12
N HIS E 650 -7.67 -14.45 60.73
CA HIS E 650 -6.83 -15.26 61.64
C HIS E 650 -5.49 -15.50 60.94
N LYS E 651 -4.44 -15.61 61.73
CA LYS E 651 -3.13 -15.96 61.26
C LYS E 651 -2.63 -17.18 62.04
N GLN E 652 -2.10 -18.19 61.33
CA GLN E 652 -1.69 -19.44 61.95
C GLN E 652 -0.43 -19.90 61.29
N GLN E 653 0.16 -20.95 61.86
CA GLN E 653 1.29 -21.56 61.27
C GLN E 653 1.16 -23.07 61.30
N HIS E 654 1.35 -23.68 60.15
CA HIS E 654 1.07 -25.10 59.95
C HIS E 654 2.22 -25.81 59.32
N GLY E 655 2.55 -26.99 59.85
CA GLY E 655 3.46 -27.91 59.19
C GLY E 655 2.85 -28.64 58.01
N PHE E 656 3.62 -29.55 57.41
CA PHE E 656 3.28 -30.07 56.08
C PHE E 656 2.14 -31.08 56.15
N LEU E 657 1.83 -31.53 57.35
CA LEU E 657 0.66 -32.41 57.58
C LEU E 657 -0.61 -31.62 57.94
N SER E 658 -0.58 -30.31 57.78
CA SER E 658 -1.73 -29.52 58.21
C SER E 658 -1.97 -28.28 57.34
N LEU E 659 -3.23 -27.82 57.35
CA LEU E 659 -3.62 -26.46 56.85
C LEU E 659 -4.94 -26.09 57.52
N PRO E 660 -5.38 -24.82 57.46
CA PRO E 660 -6.74 -24.49 57.89
C PRO E 660 -7.85 -25.20 57.12
N VAL E 661 -8.53 -26.10 57.82
CA VAL E 661 -9.70 -26.79 57.34
C VAL E 661 -10.69 -26.66 58.48
N TYR E 662 -11.55 -25.65 58.40
CA TYR E 662 -12.43 -25.28 59.48
C TYR E 662 -13.88 -25.55 59.14
N VAL E 663 -14.62 -26.11 60.08
CA VAL E 663 -15.99 -26.54 59.87
C VAL E 663 -16.92 -25.57 60.55
N ARG E 664 -17.90 -25.16 59.79
CA ARG E 664 -18.99 -24.29 60.22
C ARG E 664 -19.76 -24.80 61.43
N ASP E 665 -20.31 -23.87 62.22
CA ASP E 665 -21.24 -24.21 63.32
C ASP E 665 -22.61 -24.70 62.83
N ASN E 666 -23.36 -25.28 63.74
CA ASN E 666 -24.65 -25.88 63.40
C ASN E 666 -24.53 -26.86 62.25
N THR E 667 -23.46 -27.65 62.30
CA THR E 667 -23.16 -28.64 61.25
C THR E 667 -23.11 -30.09 61.80
N LEU E 668 -23.71 -30.99 61.04
CA LEU E 668 -23.58 -32.41 61.21
C LEU E 668 -22.94 -32.99 59.96
N LEU E 669 -21.71 -33.45 60.11
CA LEU E 669 -20.87 -33.95 59.05
C LEU E 669 -20.66 -35.49 59.14
N ALA E 670 -20.82 -36.19 58.03
CA ALA E 670 -20.54 -37.63 57.99
C ALA E 670 -19.13 -37.95 57.50
N LEU E 671 -18.37 -38.65 58.33
CA LEU E 671 -17.09 -39.18 57.94
C LEU E 671 -17.28 -40.71 57.82
N GLY E 672 -16.53 -41.35 56.92
CA GLY E 672 -16.69 -42.79 56.64
C GLY E 672 -15.57 -43.63 57.23
N ASN E 673 -15.79 -44.94 57.24
CA ASN E 673 -14.88 -45.88 57.89
C ASN E 673 -13.97 -46.57 56.88
N ASN E 674 -13.68 -45.89 55.76
CA ASN E 674 -12.71 -46.42 54.78
C ASN E 674 -11.77 -45.32 54.29
N ASP E 675 -10.48 -45.45 54.61
CA ASP E 675 -9.48 -44.46 54.20
C ASP E 675 -8.56 -44.96 53.08
N GLN E 676 -9.00 -45.99 52.35
CA GLN E 676 -8.19 -46.56 51.26
C GLN E 676 -8.75 -46.36 49.85
N ARG E 677 -10.06 -46.14 49.75
CA ARG E 677 -10.70 -45.88 48.49
C ARG E 677 -11.82 -44.89 48.69
N PRO E 678 -12.17 -44.15 47.63
CA PRO E 678 -13.26 -43.17 47.73
C PRO E 678 -14.64 -43.80 47.63
N ASP E 679 -14.70 -44.98 47.02
CA ASP E 679 -15.96 -45.55 46.64
C ASP E 679 -16.24 -46.82 47.54
N TYR E 680 -17.20 -46.66 48.45
CA TYR E 680 -17.53 -47.69 49.42
C TYR E 680 -18.88 -47.40 49.99
N VAL E 681 -19.39 -48.34 50.77
CA VAL E 681 -20.71 -48.24 51.36
C VAL E 681 -20.62 -47.23 52.51
N TRP E 682 -20.89 -45.98 52.17
CA TRP E 682 -20.69 -44.86 53.06
C TRP E 682 -21.60 -44.82 54.27
N HIS E 683 -22.82 -45.34 54.08
CA HIS E 683 -23.84 -45.39 55.11
C HIS E 683 -23.75 -46.60 56.09
N GLU E 684 -22.63 -47.32 56.06
CA GLU E 684 -22.36 -48.36 57.01
C GLU E 684 -21.06 -48.03 57.68
N GLY E 685 -21.13 -47.94 59.00
CA GLY E 685 -19.96 -47.68 59.84
C GLY E 685 -19.70 -46.20 59.94
N THR E 686 -20.69 -45.43 59.51
CA THR E 686 -20.57 -43.97 59.44
C THR E 686 -20.20 -43.39 60.79
N ALA E 687 -19.31 -42.38 60.77
CA ALA E 687 -19.02 -41.55 61.94
C ALA E 687 -19.56 -40.14 61.73
N PHE E 688 -20.66 -39.81 62.38
CA PHE E 688 -21.19 -38.45 62.36
C PHE E 688 -20.49 -37.56 63.36
N HIS E 689 -20.37 -36.29 63.01
CA HIS E 689 -19.77 -35.34 63.92
C HIS E 689 -20.62 -34.08 63.97
N LEU E 690 -21.05 -33.70 65.17
CA LEU E 690 -21.85 -32.54 65.39
C LEU E 690 -20.94 -31.41 65.87
N PHE E 691 -21.03 -30.27 65.20
CA PHE E 691 -20.21 -29.13 65.49
C PHE E 691 -21.14 -28.02 65.94
N ASN E 692 -21.03 -27.62 67.20
CA ASN E 692 -21.59 -26.32 67.71
C ASN E 692 -23.07 -26.05 67.33
N LEU E 693 -23.96 -26.96 67.73
CA LEU E 693 -25.39 -26.81 67.50
C LEU E 693 -25.95 -25.83 68.54
N GLN E 694 -26.30 -24.64 68.06
CA GLN E 694 -26.87 -23.61 68.91
C GLN E 694 -28.33 -23.95 69.24
N ASP E 695 -28.82 -23.28 70.28
CA ASP E 695 -30.21 -23.43 70.70
C ASP E 695 -31.15 -22.86 69.66
N GLY E 696 -32.15 -23.63 69.28
CA GLY E 696 -33.09 -23.19 68.26
C GLY E 696 -32.62 -23.47 66.85
N HIS E 697 -31.50 -24.19 66.73
CA HIS E 697 -31.03 -24.65 65.42
C HIS E 697 -31.22 -26.14 65.20
N GLU E 698 -31.15 -26.53 63.93
CA GLU E 698 -31.17 -27.91 63.51
C GLU E 698 -30.03 -28.10 62.49
N ALA E 699 -29.22 -29.15 62.67
CA ALA E 699 -28.18 -29.51 61.70
C ALA E 699 -28.68 -30.76 60.95
N VAL E 700 -28.50 -30.80 59.64
CA VAL E 700 -29.00 -31.89 58.78
C VAL E 700 -27.82 -32.49 58.03
N CYS E 701 -27.75 -33.80 58.00
CA CYS E 701 -26.73 -34.52 57.27
C CYS E 701 -27.41 -35.55 56.35
N GLU E 702 -27.08 -35.52 55.07
CA GLU E 702 -27.70 -36.44 54.10
C GLU E 702 -26.58 -37.31 53.57
N VAL E 703 -26.70 -38.63 53.78
CA VAL E 703 -25.64 -39.51 53.33
C VAL E 703 -26.07 -39.99 51.98
N PRO E 704 -25.17 -39.87 50.96
CA PRO E 704 -25.65 -40.26 49.63
C PRO E 704 -25.51 -41.74 49.35
N ALA E 705 -26.33 -42.19 48.41
CA ALA E 705 -26.07 -43.44 47.73
C ALA E 705 -25.01 -43.19 46.64
N ALA E 706 -24.59 -44.30 46.02
CA ALA E 706 -23.57 -44.23 44.97
C ALA E 706 -24.06 -43.45 43.73
N ASP E 707 -25.40 -43.36 43.56
CA ASP E 707 -26.02 -42.64 42.46
C ASP E 707 -26.34 -41.17 42.81
N GLY E 708 -25.98 -40.76 44.03
CA GLY E 708 -26.06 -39.37 44.44
C GLY E 708 -27.35 -38.99 45.10
N SER E 709 -28.36 -39.87 44.98
CA SER E 709 -29.58 -39.79 45.81
C SER E 709 -29.26 -39.95 47.30
N VAL E 710 -30.20 -39.53 48.13
CA VAL E 710 -30.01 -39.54 49.58
C VAL E 710 -30.56 -40.85 50.14
N ILE E 711 -29.66 -41.65 50.70
CA ILE E 711 -30.04 -42.92 51.32
C ILE E 711 -30.39 -42.83 52.82
N PHE E 712 -29.72 -41.91 53.52
CA PHE E 712 -29.94 -41.72 54.95
C PHE E 712 -29.90 -40.22 55.29
N THR E 713 -30.94 -39.72 55.97
CA THR E 713 -30.95 -38.34 56.54
C THR E 713 -30.91 -38.41 58.08
N LEU E 714 -29.93 -37.76 58.70
CA LEU E 714 -29.86 -37.61 60.15
C LEU E 714 -30.03 -36.16 60.49
N LYS E 715 -30.90 -35.86 61.45
CA LYS E 715 -31.03 -34.51 61.98
C LYS E 715 -30.73 -34.46 63.48
N ALA E 716 -30.25 -33.30 63.91
CA ALA E 716 -30.01 -33.00 65.31
C ALA E 716 -30.60 -31.63 65.57
N ALA E 717 -31.67 -31.56 66.34
CA ALA E 717 -32.32 -30.29 66.71
C ALA E 717 -32.11 -29.99 68.18
N ARG E 718 -31.77 -28.74 68.48
CA ARG E 718 -31.63 -28.26 69.85
C ARG E 718 -32.74 -27.26 70.19
N THR E 719 -33.48 -27.60 71.24
CA THR E 719 -34.35 -26.65 71.91
C THR E 719 -34.01 -26.72 73.42
N GLY E 720 -33.62 -25.59 73.98
CA GLY E 720 -33.09 -25.56 75.35
C GLY E 720 -31.79 -26.33 75.46
N ASN E 721 -31.69 -27.21 76.46
CA ASN E 721 -30.53 -28.08 76.65
C ASN E 721 -30.80 -29.53 76.19
N THR E 722 -31.84 -29.70 75.40
CA THR E 722 -32.15 -31.00 74.86
C THR E 722 -31.89 -31.04 73.33
N ILE E 723 -31.06 -31.99 72.88
CA ILE E 723 -30.90 -32.22 71.44
C ILE E 723 -31.56 -33.54 71.04
N THR E 724 -32.51 -33.41 70.13
CA THR E 724 -33.21 -34.55 69.62
C THR E 724 -32.53 -34.92 68.31
N VAL E 725 -32.26 -36.21 68.17
CA VAL E 725 -31.58 -36.74 67.01
C VAL E 725 -32.52 -37.71 66.34
N THR E 726 -32.79 -37.48 65.05
CA THR E 726 -33.70 -38.32 64.26
C THR E 726 -33.05 -38.79 62.94
N GLY E 727 -33.27 -40.06 62.61
CA GLY E 727 -32.75 -40.68 61.42
C GLY E 727 -33.89 -41.20 60.57
N ALA E 728 -33.64 -41.30 59.26
CA ALA E 728 -34.60 -41.78 58.29
C ALA E 728 -33.83 -42.35 57.11
N GLY E 729 -34.23 -43.56 56.70
CA GLY E 729 -33.62 -44.25 55.57
C GLY E 729 -32.78 -45.39 56.06
N GLU E 730 -31.69 -45.63 55.36
CA GLU E 730 -30.91 -46.83 55.58
C GLU E 730 -29.46 -46.51 55.98
N ALA E 731 -29.04 -47.10 57.09
CA ALA E 731 -27.72 -46.86 57.68
C ALA E 731 -27.49 -47.86 58.82
N LYS E 732 -26.24 -48.26 59.04
CA LYS E 732 -25.97 -49.25 60.06
C LYS E 732 -24.62 -49.03 60.73
N ASN E 733 -24.59 -49.34 62.02
CA ASN E 733 -23.39 -49.32 62.84
C ASN E 733 -22.73 -47.96 62.88
N TRP E 734 -23.56 -46.94 63.01
CA TRP E 734 -23.06 -45.58 63.06
C TRP E 734 -22.99 -45.02 64.46
N THR E 735 -22.39 -43.85 64.56
CA THR E 735 -21.91 -43.29 65.79
C THR E 735 -22.02 -41.76 65.63
N LEU E 736 -22.26 -41.05 66.72
CA LEU E 736 -22.37 -39.60 66.69
C LEU E 736 -21.41 -38.97 67.69
N CYS E 737 -20.52 -38.12 67.20
CA CYS E 737 -19.58 -37.43 68.07
C CYS E 737 -20.03 -36.00 68.35
N LEU E 738 -20.19 -35.71 69.65
CA LEU E 738 -20.48 -34.39 70.12
C LEU E 738 -19.17 -33.69 70.30
N ARG E 739 -18.81 -32.96 69.26
CA ARG E 739 -17.53 -32.34 69.19
C ARG E 739 -17.35 -31.28 70.28
N ASN E 740 -16.22 -31.34 70.98
CA ASN E 740 -15.88 -30.43 72.06
C ASN E 740 -16.85 -30.42 73.27
N VAL E 741 -17.63 -31.50 73.38
CA VAL E 741 -18.49 -31.78 74.52
C VAL E 741 -17.94 -33.03 75.25
N VAL E 742 -17.28 -32.84 76.41
CA VAL E 742 -16.75 -33.97 77.21
C VAL E 742 -17.85 -34.84 77.81
N LYS E 743 -18.85 -34.16 78.37
CA LYS E 743 -19.76 -34.78 79.32
C LYS E 743 -21.16 -34.20 79.10
N VAL E 744 -22.14 -35.08 79.22
CA VAL E 744 -23.55 -34.78 79.06
C VAL E 744 -24.29 -35.20 80.34
N ASN E 745 -25.41 -34.55 80.64
CA ASN E 745 -26.20 -34.89 81.82
C ASN E 745 -26.83 -36.27 81.69
N GLY E 746 -27.60 -36.46 80.64
CA GLY E 746 -28.28 -37.71 80.42
C GLY E 746 -28.38 -37.99 78.95
N LEU E 747 -28.89 -39.17 78.64
CA LEU E 747 -28.90 -39.69 77.30
C LEU E 747 -30.08 -40.64 77.24
N GLN E 748 -30.91 -40.50 76.21
CA GLN E 748 -32.08 -41.35 76.00
C GLN E 748 -31.91 -42.25 74.78
N ASP E 749 -32.06 -43.55 74.93
CA ASP E 749 -31.95 -44.48 73.81
C ASP E 749 -30.53 -44.58 73.22
N GLY E 750 -29.50 -44.41 74.04
CA GLY E 750 -28.16 -44.56 73.50
C GLY E 750 -27.08 -44.73 74.53
N SER E 751 -26.00 -45.42 74.16
CA SER E 751 -24.79 -45.54 74.98
C SER E 751 -23.73 -44.48 74.65
N GLN E 752 -22.79 -44.27 75.55
CA GLN E 752 -21.79 -43.23 75.37
C GLN E 752 -20.41 -43.66 75.80
N ALA E 753 -19.41 -42.90 75.34
CA ALA E 753 -18.02 -43.11 75.74
C ALA E 753 -17.20 -41.89 75.37
N GLU E 754 -16.33 -41.45 76.28
CA GLU E 754 -15.46 -40.33 75.98
C GLU E 754 -14.58 -40.62 74.77
N SER E 755 -14.22 -39.56 74.05
CA SER E 755 -13.11 -39.59 73.12
C SER E 755 -12.42 -38.27 73.27
N GLU E 756 -11.22 -38.16 72.76
CA GLU E 756 -10.45 -36.93 72.95
C GLU E 756 -11.21 -35.71 72.38
N GLN E 757 -11.79 -35.90 71.20
CA GLN E 757 -12.50 -34.85 70.47
C GLN E 757 -13.92 -34.59 70.92
N GLY E 758 -14.45 -35.46 71.77
CA GLY E 758 -15.77 -35.24 72.33
C GLY E 758 -16.50 -36.53 72.53
N LEU E 759 -17.63 -36.43 73.22
CA LEU E 759 -18.40 -37.60 73.58
C LEU E 759 -18.91 -38.32 72.36
N VAL E 760 -18.65 -39.62 72.33
CA VAL E 760 -19.12 -40.50 71.24
C VAL E 760 -20.37 -41.26 71.69
N VAL E 761 -21.49 -40.92 71.05
CA VAL E 761 -22.77 -41.52 71.32
C VAL E 761 -23.05 -42.62 70.30
N LYS E 762 -23.80 -43.62 70.71
CA LYS E 762 -24.19 -44.71 69.84
C LYS E 762 -25.64 -44.98 70.12
N PRO E 763 -26.48 -45.03 69.09
CA PRO E 763 -27.90 -45.15 69.41
C PRO E 763 -28.34 -46.58 69.60
N GLN E 764 -29.53 -46.74 70.16
CA GLN E 764 -30.44 -47.86 69.86
C GLN E 764 -31.80 -47.64 70.55
N GLY E 765 -32.82 -47.44 69.71
CA GLY E 765 -34.20 -47.02 70.07
C GLY E 765 -34.77 -45.97 69.08
N ASN E 766 -33.87 -45.30 68.37
CA ASN E 766 -34.16 -44.00 67.74
C ASN E 766 -35.43 -43.25 68.23
N ALA E 767 -35.44 -42.99 69.53
CA ALA E 767 -35.92 -41.71 70.03
C ALA E 767 -34.70 -40.77 70.17
N LEU E 768 -33.49 -41.33 70.05
CA LEU E 768 -32.27 -40.71 70.59
C LEU E 768 -32.40 -39.24 70.96
N THR E 769 -32.30 -38.94 72.25
CA THR E 769 -32.23 -37.57 72.71
C THR E 769 -31.09 -37.40 73.69
N ILE E 770 -30.45 -36.24 73.63
CA ILE E 770 -29.34 -35.91 74.51
C ILE E 770 -29.70 -34.74 75.40
N THR E 771 -29.38 -34.88 76.69
CA THR E 771 -29.62 -33.79 77.61
C THR E 771 -28.25 -33.23 77.99
N LEU E 772 -28.03 -31.95 77.67
CA LEU E 772 -26.74 -31.31 77.93
C LEU E 772 -26.63 -30.87 79.37
N HIS E 773 -25.38 -30.62 79.76
CA HIS E 773 -25.02 -30.07 81.05
C HIS E 773 -25.43 -28.61 81.19
N MET F 1 2.03 -3.02 26.78
CA MET F 1 2.24 -3.49 25.38
C MET F 1 2.43 -5.00 25.36
N LYS F 2 1.73 -5.69 24.47
CA LYS F 2 1.81 -7.12 24.45
C LYS F 2 3.14 -7.54 23.84
N ILE F 3 3.88 -8.37 24.55
CA ILE F 3 5.13 -8.88 24.05
C ILE F 3 5.01 -10.41 23.83
N SER F 4 4.64 -11.12 24.88
CA SER F 4 4.30 -12.55 24.73
C SER F 4 2.89 -12.77 24.16
N ASP F 5 2.67 -13.99 23.68
CA ASP F 5 1.39 -14.48 23.23
C ASP F 5 1.24 -15.79 24.01
N GLY F 6 0.65 -15.63 25.21
CA GLY F 6 0.63 -16.66 26.23
C GLY F 6 2.01 -17.05 26.74
N ASN F 7 2.08 -18.19 27.43
CA ASN F 7 3.34 -18.67 27.96
C ASN F 7 4.28 -19.13 26.86
N TRP F 8 3.73 -19.70 25.78
CA TRP F 8 4.53 -20.49 24.81
C TRP F 8 5.06 -19.73 23.60
N LEU F 9 4.40 -18.64 23.24
CA LEU F 9 4.63 -17.92 21.98
C LEU F 9 4.97 -16.45 22.21
N ILE F 10 5.45 -15.80 21.14
CA ILE F 10 5.73 -14.37 21.16
C ILE F 10 4.79 -13.70 20.14
N GLN F 11 4.41 -12.45 20.38
CA GLN F 11 3.57 -11.74 19.43
C GLN F 11 4.24 -11.80 18.07
N PRO F 12 3.45 -11.95 17.01
CA PRO F 12 4.10 -12.02 15.67
C PRO F 12 4.86 -10.77 15.22
N GLY F 13 6.03 -11.00 14.64
CA GLY F 13 6.89 -9.94 14.17
C GLY F 13 7.81 -9.31 15.18
N LEU F 14 7.71 -9.74 16.45
CA LEU F 14 8.63 -9.31 17.49
C LEU F 14 9.78 -10.27 17.64
N ASN F 15 10.97 -9.70 17.66
CA ASN F 15 12.19 -10.42 17.97
C ASN F 15 12.72 -9.96 19.30
N LEU F 16 12.97 -10.92 20.20
CA LEU F 16 13.42 -10.60 21.55
C LEU F 16 14.82 -11.12 21.76
N ILE F 17 15.64 -10.31 22.45
CA ILE F 17 16.86 -10.74 23.08
C ILE F 17 16.90 -10.29 24.54
N HIS F 18 17.50 -11.14 25.37
CA HIS F 18 17.51 -10.92 26.82
C HIS F 18 18.92 -11.03 27.37
N PRO F 19 19.20 -10.34 28.49
CA PRO F 19 20.48 -10.63 29.19
C PRO F 19 20.36 -11.92 29.98
N LEU F 20 21.18 -12.92 29.60
CA LEU F 20 21.08 -14.31 30.08
C LEU F 20 22.36 -14.82 30.73
N GLN F 21 23.47 -14.10 30.59
CA GLN F 21 24.74 -14.58 31.14
C GLN F 21 25.68 -13.44 31.43
N VAL F 22 26.13 -13.33 32.67
CA VAL F 22 27.16 -12.35 33.05
C VAL F 22 28.50 -12.65 32.33
N PHE F 23 29.05 -11.65 31.63
CA PHE F 23 30.33 -11.76 30.98
C PHE F 23 31.40 -11.05 31.78
N GLU F 24 31.11 -9.89 32.35
CA GLU F 24 32.11 -9.16 33.08
C GLU F 24 31.45 -8.18 34.03
N VAL F 25 32.12 -7.94 35.14
CA VAL F 25 31.64 -7.00 36.16
C VAL F 25 32.70 -5.97 36.40
N GLU F 26 32.31 -4.72 36.39
CA GLU F 26 33.27 -3.64 36.57
C GLU F 26 32.75 -2.69 37.66
N GLN F 27 33.59 -2.39 38.66
CA GLN F 27 33.30 -1.35 39.63
C GLN F 27 33.87 0.00 39.16
N GLN F 28 32.99 1.00 39.05
CA GLN F 28 33.36 2.35 38.61
C GLN F 28 32.96 3.35 39.70
N ASP F 29 33.92 3.59 40.59
CA ASP F 29 33.72 4.31 41.83
C ASP F 29 32.58 3.67 42.62
N ASN F 30 31.48 4.40 42.81
CA ASN F 30 30.38 3.86 43.62
C ASN F 30 29.19 3.37 42.77
N GLU F 31 29.49 2.89 41.55
CA GLU F 31 28.50 2.30 40.63
C GLU F 31 28.97 0.92 40.18
N MET F 32 28.05 -0.01 39.96
CA MET F 32 28.41 -1.33 39.47
C MET F 32 27.93 -1.55 38.02
N VAL F 33 28.84 -1.96 37.14
CA VAL F 33 28.52 -2.22 35.75
C VAL F 33 28.61 -3.73 35.48
N VAL F 34 27.53 -4.30 34.92
CA VAL F 34 27.49 -5.72 34.50
C VAL F 34 27.25 -5.79 33.00
N TYR F 35 28.11 -6.52 32.29
CA TYR F 35 27.97 -6.75 30.87
C TYR F 35 27.40 -8.14 30.73
N ALA F 36 26.25 -8.25 30.05
CA ALA F 36 25.49 -9.49 30.03
C ALA F 36 25.12 -9.93 28.60
N ALA F 37 25.47 -11.16 28.27
CA ALA F 37 25.27 -11.69 26.93
C ALA F 37 23.90 -12.32 26.82
N PRO F 38 23.32 -12.31 25.60
CA PRO F 38 22.03 -12.90 25.26
C PRO F 38 22.11 -14.38 24.90
N ARG F 39 23.30 -14.94 25.02
CA ARG F 39 23.55 -16.35 24.79
C ARG F 39 24.86 -16.70 25.51
N ASP F 40 25.24 -17.96 25.41
CA ASP F 40 26.46 -18.44 26.07
C ASP F 40 27.69 -17.96 25.36
N VAL F 41 28.53 -17.22 26.07
CA VAL F 41 29.76 -16.68 25.53
C VAL F 41 30.99 -17.08 26.36
N ARG F 42 30.94 -18.24 26.99
CA ARG F 42 32.08 -18.73 27.77
C ARG F 42 33.29 -19.07 26.92
N GLU F 43 33.02 -19.37 25.65
CA GLU F 43 33.99 -19.87 24.67
C GLU F 43 34.32 -18.68 23.80
N ARG F 44 35.59 -18.43 23.55
CA ARG F 44 35.99 -17.26 22.76
C ARG F 44 35.33 -17.31 21.37
N THR F 45 35.24 -18.51 20.82
CA THR F 45 34.57 -18.73 19.53
C THR F 45 33.22 -18.00 19.43
N TRP F 46 32.49 -17.91 20.55
CA TRP F 46 31.19 -17.23 20.59
C TRP F 46 31.23 -15.78 21.09
N GLN F 47 32.42 -15.22 21.30
CA GLN F 47 32.56 -13.82 21.75
C GLN F 47 32.63 -12.82 20.60
N LEU F 48 31.71 -12.97 19.65
CA LEU F 48 31.53 -12.05 18.53
C LEU F 48 30.24 -12.42 17.88
N ASP F 49 29.72 -11.56 16.99
CA ASP F 49 28.44 -11.80 16.30
C ASP F 49 27.31 -12.06 17.31
N THR F 50 27.26 -11.17 18.31
CA THR F 50 26.19 -11.20 19.31
C THR F 50 25.91 -9.79 19.82
N PRO F 51 24.64 -9.51 20.10
CA PRO F 51 24.36 -8.40 20.98
C PRO F 51 24.97 -8.53 22.40
N LEU F 52 24.98 -7.39 23.10
CA LEU F 52 25.47 -7.33 24.46
C LEU F 52 24.77 -6.24 25.30
N PHE F 53 24.25 -6.62 26.46
CA PHE F 53 23.58 -5.63 27.33
C PHE F 53 24.56 -5.04 28.35
N THR F 54 24.48 -3.73 28.55
CA THR F 54 25.26 -3.03 29.56
C THR F 54 24.32 -2.55 30.67
N LEU F 55 24.46 -3.16 31.85
CA LEU F 55 23.59 -2.87 33.00
C LEU F 55 24.38 -2.08 34.01
N ARG F 56 23.79 -1.01 34.51
CA ARG F 56 24.49 -0.18 35.48
C ARG F 56 23.65 0.03 36.72
N PHE F 57 24.29 -0.21 37.87
CA PHE F 57 23.63 -0.03 39.14
C PHE F 57 24.26 1.11 39.86
N PHE F 58 23.39 1.94 40.41
CA PHE F 58 23.79 3.15 41.09
C PHE F 58 22.72 3.52 42.12
N SER F 59 23.05 4.43 43.05
CA SER F 59 22.14 4.88 44.10
C SER F 59 22.14 6.38 44.25
N PRO F 60 20.99 7.02 43.95
CA PRO F 60 20.84 8.44 44.08
C PRO F 60 20.41 8.95 45.44
N GLN F 61 19.91 8.05 46.28
CA GLN F 61 19.60 8.26 47.69
C GLN F 61 19.72 6.93 48.41
N GLU F 62 19.97 6.98 49.72
CA GLU F 62 19.94 5.75 50.55
C GLU F 62 18.64 4.94 50.39
N GLY F 63 18.79 3.65 50.08
CA GLY F 63 17.70 2.71 49.99
C GLY F 63 16.96 2.85 48.67
N ILE F 64 17.58 3.58 47.73
CA ILE F 64 17.12 3.57 46.32
C ILE F 64 18.23 3.04 45.43
N VAL F 65 17.91 2.01 44.68
CA VAL F 65 18.84 1.53 43.67
C VAL F 65 18.23 1.67 42.26
N GLY F 66 19.01 2.38 41.43
CA GLY F 66 18.69 2.62 40.04
C GLY F 66 19.32 1.51 39.27
N VAL F 67 18.61 1.10 38.23
CA VAL F 67 19.00 -0.01 37.37
C VAL F 67 18.87 0.51 35.99
N ARG F 68 19.99 0.56 35.25
CA ARG F 68 19.95 0.98 33.85
C ARG F 68 20.40 -0.13 32.88
N ILE F 69 19.48 -0.60 32.04
CA ILE F 69 19.73 -1.68 31.08
C ILE F 69 19.75 -1.08 29.70
N GLU F 70 20.89 -1.13 29.02
CA GLU F 70 20.90 -0.61 27.67
C GLU F 70 21.42 -1.50 26.62
N HIS F 71 20.92 -1.21 25.41
CA HIS F 71 21.42 -1.79 24.16
C HIS F 71 22.34 -0.76 23.50
N PHE F 72 21.86 0.07 22.58
CA PHE F 72 22.75 1.01 21.91
C PHE F 72 22.86 2.36 22.59
N GLN F 73 24.11 2.79 22.85
CA GLN F 73 24.40 4.13 23.37
C GLN F 73 24.55 5.21 22.30
N GLY F 74 24.58 4.85 21.02
CA GLY F 74 24.72 5.85 19.97
C GLY F 74 23.46 6.63 19.63
N ALA F 75 22.31 6.27 20.20
CA ALA F 75 21.07 7.02 20.04
C ALA F 75 21.15 8.48 20.57
N LEU F 76 20.25 9.32 20.07
CA LEU F 76 20.28 10.75 20.42
C LEU F 76 19.96 11.09 21.88
N ASN F 77 18.98 10.43 22.46
CA ASN F 77 18.65 10.72 23.89
C ASN F 77 18.73 12.25 24.31
N ASN F 78 17.64 12.97 24.07
CA ASN F 78 17.43 14.39 24.42
C ASN F 78 16.46 14.51 25.65
N GLY F 79 16.46 15.68 26.30
CA GLY F 79 15.53 16.01 27.35
C GLY F 79 14.09 16.31 26.87
N PRO F 80 13.19 16.61 27.82
CA PRO F 80 13.47 16.81 29.24
C PRO F 80 13.61 15.53 30.09
N HIS F 81 14.27 15.71 31.24
CA HIS F 81 14.30 14.68 32.25
C HIS F 81 13.49 15.12 33.48
N TYR F 82 13.00 14.12 34.21
CA TYR F 82 12.36 14.31 35.51
C TYR F 82 13.24 15.06 36.54
N PRO F 83 12.61 15.88 37.41
CA PRO F 83 13.37 16.74 38.36
C PRO F 83 13.86 15.93 39.59
N LEU F 84 14.71 14.95 39.31
CA LEU F 84 15.18 13.97 40.30
C LEU F 84 16.30 14.56 41.19
N ASN F 85 16.26 14.29 42.50
CA ASN F 85 17.27 14.70 43.40
C ASN F 85 18.29 13.57 43.51
N ILE F 86 19.43 13.75 42.83
CA ILE F 86 20.44 12.73 42.70
C ILE F 86 21.72 13.12 43.45
N LEU F 87 22.03 12.39 44.51
CA LEU F 87 23.33 12.58 45.20
C LEU F 87 24.45 11.80 44.53
N GLN F 88 25.67 12.33 44.58
CA GLN F 88 26.81 11.69 43.84
C GLN F 88 27.78 10.83 44.70
N ASP F 89 27.48 10.68 45.99
CA ASP F 89 28.38 10.07 46.99
C ASP F 89 27.60 9.35 48.12
N VAL F 90 26.46 8.77 47.76
CA VAL F 90 25.67 7.93 48.66
C VAL F 90 26.55 6.76 49.06
N LYS F 91 26.55 6.42 50.34
CA LYS F 91 27.33 5.28 50.82
C LYS F 91 26.68 4.00 50.34
N VAL F 92 27.47 3.22 49.63
CA VAL F 92 27.06 1.97 49.08
C VAL F 92 28.15 0.92 49.19
N THR F 93 27.74 -0.31 48.91
CA THR F 93 28.58 -1.48 48.99
C THR F 93 28.48 -2.25 47.68
N ILE F 94 29.64 -2.50 47.07
CA ILE F 94 29.69 -3.28 45.83
C ILE F 94 30.51 -4.52 46.09
N GLU F 95 29.91 -5.69 45.88
CA GLU F 95 30.63 -6.94 46.04
C GLU F 95 30.52 -7.92 44.88
N ASN F 96 31.67 -8.12 44.27
CA ASN F 96 31.78 -8.92 43.08
C ASN F 96 32.48 -10.20 43.43
N THR F 97 31.72 -11.29 43.41
CA THR F 97 32.24 -12.57 43.81
C THR F 97 32.06 -13.60 42.69
N GLU F 98 32.53 -14.80 42.91
CA GLU F 98 32.40 -15.82 41.87
C GLU F 98 30.93 -16.12 41.54
N ARG F 99 30.07 -15.96 42.53
CA ARG F 99 28.70 -16.38 42.40
C ARG F 99 27.77 -15.21 42.02
N TYR F 100 28.14 -14.00 42.43
CA TYR F 100 27.23 -12.87 42.43
C TYR F 100 27.94 -11.56 42.17
N ALA F 101 27.21 -10.63 41.57
CA ALA F 101 27.52 -9.22 41.58
C ALA F 101 26.40 -8.53 42.37
N GLU F 102 26.76 -7.86 43.47
CA GLU F 102 25.77 -7.30 44.41
C GLU F 102 26.05 -5.84 44.71
N PHE F 103 25.00 -5.04 44.60
CA PHE F 103 25.06 -3.62 44.79
C PHE F 103 24.05 -3.26 45.88
N LYS F 104 24.51 -2.63 46.97
CA LYS F 104 23.66 -2.26 48.13
C LYS F 104 23.73 -0.78 48.57
N SER F 105 22.55 -0.22 48.83
CA SER F 105 22.36 1.12 49.35
C SER F 105 21.38 0.98 50.53
N GLY F 106 21.81 1.30 51.75
CA GLY F 106 21.04 1.03 52.96
C GLY F 106 20.71 -0.46 53.10
N ASN F 107 19.44 -0.78 53.25
CA ASN F 107 19.01 -2.16 53.42
C ASN F 107 18.64 -2.88 52.11
N LEU F 108 18.66 -2.13 51.01
CA LEU F 108 18.26 -2.62 49.67
C LEU F 108 19.45 -2.98 48.81
N SER F 109 19.40 -4.15 48.19
CA SER F 109 20.41 -4.49 47.22
C SER F 109 19.84 -5.08 45.96
N ALA F 110 20.62 -4.92 44.89
CA ALA F 110 20.42 -5.60 43.64
C ALA F 110 21.50 -6.66 43.50
N ARG F 111 21.08 -7.88 43.20
CA ARG F 111 21.98 -8.98 43.07
C ARG F 111 21.76 -9.72 41.77
N VAL F 112 22.85 -9.90 41.01
CA VAL F 112 22.82 -10.62 39.73
C VAL F 112 23.65 -11.87 39.87
N SER F 113 23.01 -12.99 39.55
CA SER F 113 23.65 -14.32 39.59
C SER F 113 24.50 -14.58 38.35
N LYS F 114 25.78 -14.88 38.58
CA LYS F 114 26.67 -15.36 37.55
C LYS F 114 26.41 -16.83 37.21
N GLY F 115 27.07 -17.35 36.18
CA GLY F 115 26.88 -18.75 35.78
C GLY F 115 25.72 -19.04 34.84
N GLU F 116 25.34 -20.30 34.80
CA GLU F 116 24.25 -20.82 33.97
C GLU F 116 22.88 -20.18 34.25
N PHE F 117 22.58 -19.88 35.50
CA PHE F 117 21.22 -19.50 35.90
C PHE F 117 21.21 -18.05 36.31
N TRP F 118 21.12 -17.19 35.30
CA TRP F 118 20.91 -15.76 35.51
C TRP F 118 19.67 -15.47 36.36
N SER F 119 19.81 -14.44 37.18
CA SER F 119 18.75 -13.91 37.99
C SER F 119 19.14 -12.50 38.36
N LEU F 120 18.15 -11.63 38.43
CA LEU F 120 18.29 -10.29 38.98
C LEU F 120 17.31 -10.20 40.15
N ASP F 121 17.85 -10.17 41.38
CA ASP F 121 17.03 -10.18 42.62
C ASP F 121 17.21 -8.88 43.39
N PHE F 122 16.11 -8.38 43.97
CA PHE F 122 16.16 -7.21 44.84
C PHE F 122 15.94 -7.67 46.29
N LEU F 123 16.92 -7.37 47.14
CA LEU F 123 16.98 -7.95 48.49
C LEU F 123 16.92 -6.87 49.58
N ARG F 124 16.05 -7.08 50.57
CA ARG F 124 15.97 -6.22 51.77
C ARG F 124 16.65 -7.03 52.87
N ASN F 125 17.80 -6.54 53.31
CA ASN F 125 18.67 -7.30 54.17
C ASN F 125 18.64 -8.76 53.85
N GLY F 126 19.04 -9.10 52.62
CA GLY F 126 19.12 -10.49 52.17
C GLY F 126 17.83 -11.23 51.90
N GLU F 127 16.67 -10.65 52.19
CA GLU F 127 15.40 -11.32 51.86
C GLU F 127 14.88 -10.72 50.53
N ARG F 128 14.52 -11.58 49.59
CA ARG F 128 14.07 -11.13 48.28
C ARG F 128 12.69 -10.47 48.35
N ILE F 129 12.62 -9.23 47.90
CA ILE F 129 11.33 -8.53 47.85
C ILE F 129 10.74 -8.49 46.45
N THR F 130 11.59 -8.58 45.44
CA THR F 130 11.14 -8.73 44.05
C THR F 130 12.35 -9.07 43.21
N GLY F 131 12.16 -9.22 41.91
CA GLY F 131 13.27 -9.46 41.03
C GLY F 131 12.79 -9.70 39.64
N SER F 132 13.75 -9.83 38.74
CA SER F 132 13.48 -10.16 37.37
C SER F 132 14.04 -11.55 37.07
N GLN F 133 13.19 -12.44 36.59
CA GLN F 133 13.66 -13.74 36.24
C GLN F 133 14.17 -13.76 34.81
N VAL F 134 15.11 -14.66 34.54
CA VAL F 134 15.76 -14.70 33.24
C VAL F 134 14.70 -14.68 32.12
N LYS F 135 14.97 -13.89 31.07
CA LYS F 135 14.08 -13.70 29.91
C LYS F 135 12.86 -12.80 30.18
N ASN F 136 12.76 -12.24 31.38
CA ASN F 136 11.74 -11.24 31.66
C ASN F 136 12.19 -9.79 31.54
N ASN F 137 13.39 -9.58 31.04
CA ASN F 137 13.77 -8.28 30.53
C ASN F 137 14.55 -8.36 29.22
N GLY F 138 14.80 -7.20 28.61
CA GLY F 138 15.60 -7.11 27.40
C GLY F 138 14.98 -6.22 26.33
N TYR F 139 15.25 -6.53 25.07
CA TYR F 139 15.08 -5.59 23.94
C TYR F 139 14.12 -6.21 23.00
N VAL F 140 13.17 -5.40 22.51
CA VAL F 140 12.14 -5.85 21.53
C VAL F 140 12.33 -5.11 20.23
N GLN F 141 12.60 -5.87 19.17
CA GLN F 141 12.57 -5.36 17.83
C GLN F 141 11.26 -5.67 17.25
N ASP F 142 10.47 -4.62 17.07
CA ASP F 142 9.19 -4.77 16.39
C ASP F 142 9.39 -4.53 14.89
N THR F 143 9.22 -5.63 14.20
CA THR F 143 9.56 -5.79 12.81
C THR F 143 8.35 -5.43 11.96
N ASN F 144 7.20 -5.28 12.62
CA ASN F 144 6.00 -4.78 12.00
C ASN F 144 6.00 -3.28 11.77
N ASN F 145 6.54 -2.53 12.72
CA ASN F 145 6.60 -1.06 12.60
C ASN F 145 7.98 -0.47 12.64
N GLN F 146 8.99 -1.30 12.78
CA GLN F 146 10.38 -0.83 12.84
C GLN F 146 10.65 -0.03 14.10
N ARG F 147 9.83 -0.24 15.11
CA ARG F 147 10.04 0.40 16.37
C ARG F 147 10.77 -0.56 17.37
N ASN F 148 11.70 -0.01 18.16
CA ASN F 148 12.41 -0.78 19.18
C ASN F 148 12.11 -0.35 20.62
N TYR F 149 12.01 -1.35 21.50
CA TYR F 149 11.66 -1.16 22.90
C TYR F 149 12.58 -1.89 23.90
N MET F 150 12.62 -1.37 25.11
CA MET F 150 13.22 -2.06 26.26
C MET F 150 12.15 -2.35 27.30
N PHE F 151 12.29 -3.49 27.99
CA PHE F 151 11.28 -3.95 28.90
C PHE F 151 11.84 -4.75 30.07
N GLU F 152 11.02 -4.83 31.10
CA GLU F 152 11.30 -5.48 32.37
C GLU F 152 9.98 -5.97 32.91
N ARG F 153 10.03 -7.09 33.62
CA ARG F 153 8.92 -7.54 34.43
C ARG F 153 9.43 -7.84 35.84
N LEU F 154 8.92 -7.09 36.81
CA LEU F 154 9.28 -7.34 38.21
C LEU F 154 8.24 -8.16 38.91
N ASP F 155 8.70 -9.24 39.53
CA ASP F 155 7.80 -10.21 40.16
C ASP F 155 6.90 -9.68 41.30
N LEU F 156 5.74 -10.31 41.38
CA LEU F 156 4.81 -10.15 42.49
C LEU F 156 4.66 -11.47 43.26
N GLY F 157 4.49 -11.38 44.58
CA GLY F 157 4.35 -12.56 45.45
C GLY F 157 2.90 -12.85 45.62
N VAL F 158 2.62 -13.95 46.34
CA VAL F 158 1.23 -14.36 46.63
C VAL F 158 0.49 -13.27 47.47
N GLY F 159 -0.70 -12.86 47.03
CA GLY F 159 -1.42 -11.77 47.73
C GLY F 159 -0.82 -10.37 47.57
N GLU F 160 0.21 -10.23 46.72
CA GLU F 160 0.88 -8.94 46.58
C GLU F 160 0.08 -8.06 45.65
N THR F 161 -0.27 -6.84 46.14
CA THR F 161 -1.18 -5.97 45.42
C THR F 161 -0.47 -4.68 45.08
N VAL F 162 -0.94 -4.05 44.01
CA VAL F 162 -0.21 -2.96 43.37
C VAL F 162 -1.07 -1.70 43.34
N TYR F 163 -0.45 -0.56 43.60
CA TYR F 163 -1.16 0.72 43.79
C TYR F 163 -0.38 1.86 43.16
N GLY F 164 -1.12 2.94 42.88
CA GLY F 164 -0.51 4.13 42.36
C GLY F 164 -0.63 4.30 40.85
N LEU F 165 0.47 4.70 40.23
CA LEU F 165 0.55 5.03 38.78
C LEU F 165 -0.18 6.33 38.42
N GLY F 166 -0.41 7.17 39.41
CA GLY F 166 -1.05 8.48 39.24
C GLY F 166 -2.48 8.47 39.79
N GLU F 167 -3.21 9.52 39.49
CA GLU F 167 -4.62 9.66 39.80
C GLU F 167 -5.41 8.92 38.72
N ARG F 168 -5.89 7.72 39.04
CA ARG F 168 -6.65 6.92 38.10
C ARG F 168 -7.96 6.49 38.74
N PHE F 169 -8.95 6.28 37.86
CA PHE F 169 -10.31 6.12 38.24
C PHE F 169 -10.81 4.71 38.10
N THR F 170 -9.92 3.83 37.65
CA THR F 170 -10.18 2.40 37.62
C THR F 170 -10.11 1.82 39.03
N ALA F 171 -10.26 0.51 39.13
CA ALA F 171 -10.15 -0.18 40.44
C ALA F 171 -8.85 0.19 41.09
N LEU F 172 -8.91 0.44 42.41
CA LEU F 172 -7.75 0.80 43.21
C LEU F 172 -6.56 -0.13 43.10
N VAL F 173 -6.78 -1.44 43.28
CA VAL F 173 -5.65 -2.35 43.11
C VAL F 173 -5.49 -2.60 41.61
N ARG F 174 -4.27 -2.41 41.14
CA ARG F 174 -3.99 -2.27 39.74
C ARG F 174 -3.80 -3.62 39.05
N ASN F 175 -3.58 -4.66 39.86
CA ASN F 175 -3.47 -6.02 39.32
C ASN F 175 -4.59 -6.33 38.30
N GLY F 176 -4.19 -6.73 37.07
CA GLY F 176 -5.11 -7.03 36.03
C GLY F 176 -5.24 -5.94 35.00
N GLN F 177 -4.59 -4.79 35.20
CA GLN F 177 -4.82 -3.62 34.37
C GLN F 177 -3.63 -3.29 33.48
N THR F 178 -3.90 -2.84 32.26
CA THR F 178 -2.88 -2.16 31.47
C THR F 178 -2.99 -0.65 31.75
N VAL F 179 -1.85 -0.04 32.02
CA VAL F 179 -1.83 1.39 32.16
C VAL F 179 -0.70 2.04 31.39
N GLU F 180 -1.07 3.07 30.63
CA GLU F 180 -0.16 3.85 29.83
C GLU F 180 0.00 5.21 30.49
N THR F 181 1.24 5.61 30.78
CA THR F 181 1.48 6.86 31.47
C THR F 181 1.60 7.99 30.47
N TRP F 182 0.43 8.54 30.13
CA TRP F 182 0.27 9.54 29.07
C TRP F 182 -0.92 10.43 29.43
N ASN F 183 -0.64 11.68 29.76
CA ASN F 183 -1.70 12.57 30.19
C ASN F 183 -2.70 12.74 29.08
N ARG F 184 -3.95 12.80 29.50
CA ARG F 184 -5.09 12.88 28.61
C ARG F 184 -6.19 13.65 29.26
N ASP F 185 -7.10 14.18 28.45
CA ASP F 185 -8.32 14.74 28.97
C ASP F 185 -9.48 13.79 28.68
N GLY F 186 -9.73 12.86 29.60
CA GLY F 186 -10.76 11.86 29.41
C GLY F 186 -11.88 11.86 30.46
N GLY F 187 -12.05 12.94 31.18
CA GLY F 187 -12.95 12.93 32.34
C GLY F 187 -12.38 12.08 33.49
N THR F 188 -13.27 11.65 34.41
CA THR F 188 -12.93 10.90 35.64
C THR F 188 -13.60 9.52 35.65
N SER F 189 -14.02 9.05 34.50
CA SER F 189 -14.94 7.92 34.35
C SER F 189 -14.35 6.82 33.53
N THR F 190 -13.07 6.94 33.20
CA THR F 190 -12.47 6.04 32.23
C THR F 190 -11.09 5.58 32.67
N GLU F 191 -10.44 4.80 31.81
CA GLU F 191 -9.08 4.35 32.05
C GLU F 191 -8.04 5.46 31.88
N GLN F 192 -8.45 6.61 31.37
CA GLN F 192 -7.51 7.68 31.10
C GLN F 192 -7.33 8.54 32.36
N ALA F 193 -6.21 9.29 32.39
CA ALA F 193 -5.88 10.11 33.54
C ALA F 193 -5.27 11.44 33.07
N TYR F 194 -5.58 12.51 33.78
CA TYR F 194 -4.91 13.80 33.63
C TYR F 194 -3.54 13.85 34.28
N LYS F 195 -3.31 12.99 35.28
CA LYS F 195 -2.13 13.06 36.16
C LYS F 195 -1.48 11.68 36.22
N ASN F 196 -0.57 11.40 35.28
CA ASN F 196 0.08 10.08 35.16
C ASN F 196 1.45 10.13 35.80
N ILE F 197 1.79 9.06 36.48
CA ILE F 197 3.08 8.94 37.14
C ILE F 197 3.53 7.51 36.99
N PRO F 198 4.72 7.28 36.41
CA PRO F 198 5.21 5.94 36.20
C PRO F 198 5.89 5.39 37.47
N PHE F 199 5.17 5.53 38.60
CA PHE F 199 5.55 5.03 39.92
C PHE F 199 4.45 4.15 40.46
N TYR F 200 4.80 2.94 40.84
CA TYR F 200 3.91 2.12 41.60
C TYR F 200 4.52 1.67 42.95
N MET F 201 3.65 1.24 43.86
CA MET F 201 4.05 0.66 45.15
C MET F 201 3.17 -0.53 45.46
N THR F 202 3.66 -1.42 46.30
CA THR F 202 2.89 -2.62 46.61
C THR F 202 2.64 -2.78 48.13
N ASN F 203 1.73 -3.70 48.49
CA ASN F 203 1.53 -4.04 49.90
C ASN F 203 2.70 -4.90 50.46
N ARG F 204 3.80 -5.03 49.75
CA ARG F 204 5.03 -5.59 50.33
C ARG F 204 6.08 -4.53 50.75
N GLY F 205 5.73 -3.26 50.71
CA GLY F 205 6.62 -2.21 51.24
C GLY F 205 7.85 -1.79 50.43
N TYR F 206 7.73 -1.91 49.10
CA TYR F 206 8.67 -1.25 48.21
C TYR F 206 7.87 -0.50 47.12
N GLY F 207 8.54 0.40 46.43
CA GLY F 207 7.97 1.09 45.26
C GLY F 207 8.93 0.97 44.10
N VAL F 208 8.44 1.33 42.91
CA VAL F 208 9.33 1.53 41.77
C VAL F 208 8.95 2.66 40.87
N LEU F 209 9.96 3.50 40.57
CA LEU F 209 9.83 4.57 39.58
C LEU F 209 10.51 4.21 38.25
N VAL F 210 9.72 4.22 37.19
CA VAL F 210 10.25 4.03 35.82
C VAL F 210 10.60 5.40 35.25
N ASN F 211 11.88 5.58 34.93
CA ASN F 211 12.46 6.89 34.78
C ASN F 211 12.48 7.39 33.37
N HIS F 212 11.27 7.52 32.84
CA HIS F 212 10.95 7.86 31.44
C HIS F 212 9.72 8.77 31.41
N PRO F 213 9.92 10.06 31.08
CA PRO F 213 8.86 11.00 30.86
C PRO F 213 7.89 10.70 29.69
N GLN F 214 8.35 9.95 28.69
CA GLN F 214 7.53 9.51 27.54
C GLN F 214 6.45 8.53 28.00
N CYS F 215 5.61 8.06 27.09
CA CYS F 215 4.65 7.03 27.48
C CYS F 215 5.43 5.79 28.00
N VAL F 216 5.07 5.32 29.20
CA VAL F 216 5.48 4.01 29.69
C VAL F 216 4.23 3.10 29.70
N SER F 217 4.40 1.92 29.17
CA SER F 217 3.25 0.98 29.01
C SER F 217 3.39 -0.12 30.05
N PHE F 218 2.53 -0.08 31.09
CA PHE F 218 2.56 -1.05 32.18
C PHE F 218 1.54 -2.13 31.92
N GLU F 219 1.98 -3.37 32.04
CA GLU F 219 1.03 -4.49 32.10
C GLU F 219 1.13 -5.04 33.52
N VAL F 220 0.21 -4.62 34.38
CA VAL F 220 0.27 -4.91 35.79
C VAL F 220 -0.54 -6.17 36.07
N GLY F 221 0.12 -7.33 36.05
CA GLY F 221 -0.56 -8.60 36.05
C GLY F 221 -1.58 -8.83 34.97
N SER F 222 -1.39 -8.17 33.83
CA SER F 222 -2.32 -8.23 32.71
C SER F 222 -1.71 -8.97 31.52
N GLU F 223 -0.39 -9.16 31.46
CA GLU F 223 0.23 -10.08 30.50
C GLU F 223 0.76 -11.32 31.22
N LYS F 224 1.76 -11.12 32.07
CA LYS F 224 2.15 -12.13 33.09
C LYS F 224 1.48 -11.76 34.42
N VAL F 225 0.54 -12.59 34.85
CA VAL F 225 -0.42 -12.26 35.93
C VAL F 225 0.23 -12.02 37.30
N SER F 226 1.42 -12.56 37.53
CA SER F 226 2.10 -12.24 38.75
C SER F 226 3.44 -11.55 38.53
N LYS F 227 3.47 -10.63 37.57
CA LYS F 227 4.52 -9.63 37.42
C LYS F 227 3.92 -8.29 36.94
N VAL F 228 4.67 -7.22 37.22
CA VAL F 228 4.40 -5.90 36.70
C VAL F 228 5.39 -5.69 35.60
N GLN F 229 4.89 -5.68 34.37
CA GLN F 229 5.70 -5.48 33.17
C GLN F 229 5.67 -4.04 32.76
N PHE F 230 6.81 -3.53 32.35
CA PHE F 230 6.84 -2.20 31.76
C PHE F 230 7.80 -2.10 30.57
N SER F 231 7.37 -1.35 29.57
CA SER F 231 8.13 -1.14 28.35
C SER F 231 8.06 0.30 27.88
N VAL F 232 9.13 0.66 27.20
CA VAL F 232 9.24 1.97 26.63
C VAL F 232 9.99 1.87 25.28
N GLU F 233 9.60 2.72 24.31
CA GLU F 233 10.32 2.83 23.07
C GLU F 233 11.64 3.56 23.31
N SER F 234 12.74 2.81 23.37
CA SER F 234 14.00 3.37 23.82
C SER F 234 15.08 2.30 23.68
N GLU F 235 16.33 2.74 23.56
CA GLU F 235 17.54 1.88 23.54
C GLU F 235 18.06 1.55 24.93
N TYR F 236 17.44 2.16 25.95
CA TYR F 236 17.70 1.83 27.33
C TYR F 236 16.43 1.90 28.14
N LEU F 237 16.44 1.18 29.25
CA LEU F 237 15.44 1.28 30.31
C LEU F 237 16.12 1.64 31.61
N GLU F 238 15.63 2.65 32.31
CA GLU F 238 16.12 2.96 33.63
C GLU F 238 15.01 3.01 34.64
N TYR F 239 15.14 2.23 35.73
CA TYR F 239 14.23 2.28 36.84
C TYR F 239 14.89 2.20 38.20
N PHE F 240 14.12 2.66 39.19
CA PHE F 240 14.49 2.79 40.57
C PHE F 240 13.61 1.97 41.49
N VAL F 241 14.24 0.99 42.17
CA VAL F 241 13.60 0.23 43.24
C VAL F 241 13.82 1.03 44.52
N ILE F 242 12.71 1.27 45.21
CA ILE F 242 12.66 2.13 46.41
C ILE F 242 12.17 1.33 47.60
N ASP F 243 13.06 1.19 48.60
CA ASP F 243 12.73 0.45 49.82
C ASP F 243 11.78 1.21 50.77
N GLY F 244 11.09 0.47 51.62
CA GLY F 244 10.26 1.03 52.72
C GLY F 244 10.88 0.79 54.09
N PRO F 245 10.50 -0.29 54.74
CA PRO F 245 9.66 -1.40 54.32
C PRO F 245 8.20 -1.24 54.54
N THR F 246 7.74 -0.02 54.79
CA THR F 246 6.32 0.20 54.88
C THR F 246 5.90 1.17 53.75
N PRO F 247 4.61 1.19 53.35
CA PRO F 247 4.12 2.20 52.40
C PRO F 247 4.50 3.64 52.69
N LYS F 248 4.31 4.12 53.92
CA LYS F 248 4.71 5.47 54.32
C LYS F 248 6.19 5.72 54.13
N ALA F 249 7.01 4.70 54.33
CA ALA F 249 8.44 4.89 54.18
C ALA F 249 8.87 4.92 52.70
N VAL F 250 8.21 4.14 51.85
CA VAL F 250 8.41 4.23 50.39
C VAL F 250 8.09 5.64 49.90
N LEU F 251 6.98 6.20 50.37
CA LEU F 251 6.57 7.53 49.93
C LEU F 251 7.46 8.61 50.47
N ASP F 252 7.98 8.42 51.68
CA ASP F 252 9.03 9.29 52.22
C ASP F 252 10.25 9.32 51.30
N ARG F 253 10.84 8.15 51.02
CA ARG F 253 11.95 8.08 50.05
C ARG F 253 11.60 8.61 48.66
N TYR F 254 10.42 8.22 48.13
CA TYR F 254 9.94 8.70 46.84
C TYR F 254 9.79 10.21 46.80
N THR F 255 9.20 10.81 47.82
CA THR F 255 9.08 12.29 47.81
C THR F 255 10.42 13.03 48.09
N ARG F 256 11.29 12.43 48.87
CA ARG F 256 12.64 13.00 49.04
C ARG F 256 13.33 13.02 47.66
N PHE F 257 13.16 11.95 46.89
CA PHE F 257 13.81 11.78 45.58
C PHE F 257 13.23 12.68 44.49
N THR F 258 11.91 12.91 44.52
CA THR F 258 11.24 13.53 43.35
C THR F 258 10.56 14.86 43.65
N GLY F 259 10.45 15.18 44.95
CA GLY F 259 9.82 16.41 45.42
C GLY F 259 8.85 16.26 46.56
N ARG F 260 9.02 17.11 47.57
CA ARG F 260 8.17 17.10 48.73
C ARG F 260 6.96 17.98 48.45
N PRO F 261 5.76 17.51 48.83
CA PRO F 261 4.68 18.46 48.75
C PRO F 261 5.01 19.72 49.57
N ALA F 262 4.60 20.88 49.08
CA ALA F 262 4.70 22.09 49.86
C ALA F 262 3.58 22.11 50.89
N LEU F 263 3.73 22.99 51.87
CA LEU F 263 2.72 23.17 52.93
C LEU F 263 1.75 24.26 52.51
N PRO F 264 0.52 23.86 52.18
CA PRO F 264 -0.39 24.86 51.66
C PRO F 264 -0.80 25.89 52.72
N PRO F 265 -1.22 27.10 52.31
CA PRO F 265 -1.67 28.04 53.33
C PRO F 265 -2.91 27.57 54.10
N ALA F 266 -3.00 27.92 55.39
CA ALA F 266 -4.17 27.45 56.19
C ALA F 266 -5.52 27.87 55.60
N TRP F 267 -5.58 29.02 54.96
CA TRP F 267 -6.87 29.49 54.43
C TRP F 267 -7.41 28.59 53.31
N SER F 268 -6.50 27.91 52.63
CA SER F 268 -6.89 27.06 51.48
C SER F 268 -7.70 25.85 51.95
N PHE F 269 -7.67 25.61 53.25
CA PHE F 269 -8.42 24.51 53.87
C PHE F 269 -9.89 24.87 54.14
N GLY F 270 -10.31 26.13 53.88
CA GLY F 270 -11.70 26.46 54.11
C GLY F 270 -12.58 26.05 52.94
N LEU F 271 -13.74 26.69 52.85
CA LEU F 271 -14.69 26.40 51.78
C LEU F 271 -14.46 27.31 50.58
N TRP F 272 -14.22 26.66 49.43
CA TRP F 272 -14.22 27.31 48.12
C TRP F 272 -15.57 27.25 47.42
N LEU F 273 -15.92 28.31 46.74
CA LEU F 273 -17.12 28.38 45.87
C LEU F 273 -16.73 29.00 44.50
N THR F 274 -17.44 28.61 43.44
CA THR F 274 -17.20 29.21 42.11
C THR F 274 -18.40 30.06 41.59
N THR F 275 -18.12 30.87 40.55
CA THR F 275 -19.14 31.46 39.65
C THR F 275 -20.05 30.41 38.99
N SER F 276 -19.55 29.19 38.88
CA SER F 276 -20.02 28.15 37.96
C SER F 276 -19.57 28.50 36.54
N PHE F 277 -19.90 27.63 35.58
CA PHE F 277 -19.43 27.78 34.21
C PHE F 277 -20.20 28.82 33.38
N THR F 278 -21.45 28.50 33.07
CA THR F 278 -22.20 29.22 32.06
C THR F 278 -23.18 30.25 32.66
N THR F 279 -23.00 30.59 33.92
CA THR F 279 -23.91 31.49 34.64
C THR F 279 -23.54 32.92 34.33
N ASN F 280 -24.35 33.84 34.85
CA ASN F 280 -24.02 35.24 34.86
C ASN F 280 -22.94 35.50 35.94
N TYR F 281 -21.84 36.12 35.56
CA TYR F 281 -20.74 36.42 36.50
C TYR F 281 -20.72 37.90 36.95
N ASP F 282 -21.72 38.68 36.58
CA ASP F 282 -21.61 40.08 36.90
C ASP F 282 -21.62 40.27 38.42
N GLU F 283 -21.12 41.41 38.85
CA GLU F 283 -20.93 41.62 40.29
C GLU F 283 -22.23 41.38 41.06
N ALA F 284 -23.34 41.95 40.59
CA ALA F 284 -24.59 41.84 41.36
C ALA F 284 -24.98 40.38 41.52
N THR F 285 -24.76 39.59 40.47
CA THR F 285 -25.12 38.18 40.56
C THR F 285 -24.22 37.51 41.61
N VAL F 286 -22.91 37.71 41.49
CA VAL F 286 -21.94 37.19 42.46
C VAL F 286 -22.23 37.60 43.95
N ASN F 287 -22.50 38.89 44.18
CA ASN F 287 -22.82 39.36 45.51
C ASN F 287 -23.99 38.65 46.13
N SER F 288 -25.06 38.42 45.36
CA SER F 288 -26.26 37.69 45.87
C SER F 288 -25.93 36.30 46.49
N PHE F 289 -25.00 35.58 45.91
CA PHE F 289 -24.65 34.24 46.41
C PHE F 289 -23.69 34.30 47.60
N ILE F 290 -22.75 35.25 47.55
CA ILE F 290 -21.89 35.51 48.70
C ILE F 290 -22.70 36.03 49.89
N ASP F 291 -23.50 37.06 49.67
CA ASP F 291 -24.35 37.58 50.74
C ASP F 291 -25.34 36.52 51.18
N GLY F 292 -25.82 35.69 50.26
CA GLY F 292 -26.70 34.56 50.64
C GLY F 292 -26.08 33.50 51.56
N MET F 293 -24.79 33.25 51.42
CA MET F 293 -24.10 32.35 52.33
C MET F 293 -24.01 32.94 53.79
N ALA F 294 -23.63 34.21 53.88
CA ALA F 294 -23.46 34.87 55.18
C ALA F 294 -24.81 35.03 55.90
N GLU F 295 -25.86 35.33 55.16
CA GLU F 295 -27.21 35.39 55.73
C GLU F 295 -27.66 34.04 56.30
N ARG F 296 -27.12 32.94 55.77
CA ARG F 296 -27.47 31.62 56.28
C ARG F 296 -26.35 31.06 57.17
N ASN F 297 -25.42 31.92 57.59
CA ASN F 297 -24.36 31.51 58.52
C ASN F 297 -23.54 30.34 58.00
N LEU F 298 -23.26 30.40 56.70
CA LEU F 298 -22.44 29.45 55.97
C LEU F 298 -21.11 30.13 55.72
N PRO F 299 -20.11 29.79 56.51
CA PRO F 299 -18.78 30.39 56.28
C PRO F 299 -18.23 30.06 54.87
N LEU F 300 -17.70 31.09 54.23
CA LEU F 300 -17.13 30.98 52.90
C LEU F 300 -15.75 31.66 52.91
N HIS F 301 -14.78 31.03 52.27
CA HIS F 301 -13.39 31.49 52.38
C HIS F 301 -12.75 31.86 51.08
N VAL F 302 -13.04 31.11 50.02
CA VAL F 302 -12.44 31.34 48.72
C VAL F 302 -13.48 31.40 47.61
N PHE F 303 -13.36 32.44 46.79
CA PHE F 303 -14.21 32.58 45.60
C PHE F 303 -13.38 32.52 44.30
N HIS F 304 -13.86 31.64 43.41
CA HIS F 304 -13.23 31.36 42.13
C HIS F 304 -14.05 31.86 40.94
N PHE F 305 -13.40 32.66 40.07
CA PHE F 305 -13.97 33.00 38.75
C PHE F 305 -13.68 31.95 37.70
N ASP F 306 -14.71 31.42 37.07
CA ASP F 306 -14.46 30.39 36.06
C ASP F 306 -14.18 31.01 34.65
N CYS F 307 -14.18 30.21 33.59
CA CYS F 307 -13.55 30.60 32.30
C CYS F 307 -14.08 31.91 31.72
N PHE F 308 -15.38 32.16 31.88
CA PHE F 308 -16.00 33.34 31.26
C PHE F 308 -15.64 34.69 31.89
N TRP F 309 -14.64 34.73 32.77
CA TRP F 309 -14.10 36.00 33.15
C TRP F 309 -13.41 36.67 31.97
N MET F 310 -12.94 35.84 31.02
CA MET F 310 -12.46 36.28 29.72
C MET F 310 -13.54 36.07 28.63
N LYS F 311 -13.31 36.70 27.49
CA LYS F 311 -14.27 36.68 26.41
C LYS F 311 -14.25 35.35 25.66
N ALA F 312 -15.42 34.83 25.34
CA ALA F 312 -15.51 33.56 24.69
C ALA F 312 -14.59 33.49 23.48
N PHE F 313 -14.01 32.31 23.27
CA PHE F 313 -13.13 31.96 22.13
C PHE F 313 -11.78 32.66 22.21
N GLN F 314 -11.55 33.41 23.29
CA GLN F 314 -10.29 34.18 23.53
C GLN F 314 -9.52 33.61 24.70
N TRP F 315 -9.98 32.47 25.18
CA TRP F 315 -9.33 31.81 26.32
C TRP F 315 -8.00 31.35 25.87
N CYS F 316 -7.19 31.20 26.90
CA CYS F 316 -6.45 32.17 27.73
C CYS F 316 -5.57 33.35 27.35
N ASP F 317 -6.22 34.51 27.18
CA ASP F 317 -5.50 35.74 26.86
C ASP F 317 -5.43 36.73 28.02
N PHE F 318 -6.02 36.38 29.15
CA PHE F 318 -5.99 37.17 30.38
C PHE F 318 -6.67 38.53 30.39
N GLU F 319 -7.50 38.87 29.42
CA GLU F 319 -8.21 40.14 29.49
C GLU F 319 -9.54 39.89 30.08
N TRP F 320 -9.92 40.62 31.13
CA TRP F 320 -11.29 40.59 31.62
C TRP F 320 -12.29 40.99 30.53
N ASP F 321 -13.39 40.26 30.41
CA ASP F 321 -14.47 40.68 29.55
C ASP F 321 -14.97 42.09 29.95
N PRO F 322 -14.79 43.08 29.06
CA PRO F 322 -15.10 44.47 29.49
C PRO F 322 -16.58 44.83 29.62
N LEU F 323 -17.47 43.94 29.18
CA LEU F 323 -18.89 44.17 29.30
C LEU F 323 -19.45 43.64 30.62
N THR F 324 -19.02 42.44 31.02
CA THR F 324 -19.35 41.90 32.33
C THR F 324 -18.58 42.60 33.47
N PHE F 325 -17.30 42.88 33.25
CA PHE F 325 -16.41 43.38 34.29
C PHE F 325 -15.73 44.66 33.83
N PRO F 326 -16.49 45.78 33.83
CA PRO F 326 -15.96 47.11 33.50
C PRO F 326 -14.91 47.66 34.46
N ASP F 327 -14.91 47.18 35.70
CA ASP F 327 -13.89 47.56 36.70
C ASP F 327 -13.38 46.32 37.47
N PRO F 328 -12.50 45.53 36.87
CA PRO F 328 -12.05 44.31 37.58
C PRO F 328 -11.54 44.65 39.00
N GLU F 329 -10.64 45.63 39.08
CA GLU F 329 -9.89 45.90 40.29
C GLU F 329 -10.80 46.30 41.47
N GLY F 330 -11.85 47.07 41.17
CA GLY F 330 -12.83 47.45 42.16
C GLY F 330 -13.74 46.30 42.54
N MET F 331 -14.08 45.43 41.59
CA MET F 331 -14.91 44.31 41.97
C MET F 331 -14.17 43.42 42.91
N ILE F 332 -12.93 43.15 42.59
CA ILE F 332 -12.11 42.29 43.44
C ILE F 332 -12.02 42.86 44.86
N ARG F 333 -11.71 44.16 44.95
CA ARG F 333 -11.63 44.83 46.25
C ARG F 333 -12.92 44.67 47.05
N ARG F 334 -14.05 44.98 46.44
CA ARG F 334 -15.33 44.86 47.15
C ARG F 334 -15.59 43.45 47.65
N LEU F 335 -15.13 42.43 46.90
CA LEU F 335 -15.39 41.01 47.28
C LEU F 335 -14.46 40.53 48.38
N LYS F 336 -13.18 40.86 48.22
CA LYS F 336 -12.17 40.60 49.21
C LYS F 336 -12.61 41.16 50.58
N ALA F 337 -13.17 42.36 50.53
CA ALA F 337 -13.66 43.07 51.73
C ALA F 337 -14.76 42.29 52.46
N LYS F 338 -15.31 41.30 51.78
CA LYS F 338 -16.22 40.38 52.43
C LYS F 338 -15.50 39.23 53.08
N GLY F 339 -14.17 39.28 53.14
CA GLY F 339 -13.40 38.28 53.83
C GLY F 339 -13.25 37.04 52.96
N LEU F 340 -12.91 37.28 51.69
CA LEU F 340 -12.67 36.22 50.73
C LEU F 340 -11.30 36.32 50.10
N LYS F 341 -10.71 35.12 49.92
CA LYS F 341 -9.63 34.94 48.99
C LYS F 341 -10.17 34.73 47.57
N ILE F 342 -9.36 35.08 46.55
CA ILE F 342 -9.79 35.01 45.15
C ILE F 342 -8.91 34.14 44.23
N CYS F 343 -9.61 33.23 43.53
CA CYS F 343 -9.00 32.37 42.55
C CYS F 343 -9.56 32.71 41.18
N VAL F 344 -8.75 32.56 40.14
CA VAL F 344 -9.25 32.63 38.76
C VAL F 344 -8.77 31.46 37.90
N TRP F 345 -9.60 31.20 36.92
CA TRP F 345 -9.36 30.12 36.00
C TRP F 345 -8.25 30.55 35.04
N ILE F 346 -7.30 29.69 34.82
CA ILE F 346 -6.44 29.91 33.67
C ILE F 346 -6.09 28.55 33.01
N ASN F 347 -5.43 28.60 31.85
CA ASN F 347 -4.92 27.41 31.14
C ASN F 347 -3.84 27.85 30.14
N PRO F 348 -3.09 26.88 29.57
CA PRO F 348 -1.89 27.16 28.78
C PRO F 348 -2.09 27.19 27.25
N TYR F 349 -3.33 27.46 26.85
CA TYR F 349 -3.75 27.56 25.49
C TYR F 349 -4.35 28.95 25.21
N ILE F 350 -4.41 29.29 23.94
CA ILE F 350 -5.09 30.50 23.53
C ILE F 350 -5.83 30.39 22.18
N GLY F 351 -7.08 30.82 22.19
CA GLY F 351 -7.90 30.85 20.98
C GLY F 351 -7.46 31.97 20.05
N GLN F 352 -7.55 31.65 18.75
CA GLN F 352 -7.19 32.56 17.67
C GLN F 352 -7.93 33.88 17.64
N LYS F 353 -9.19 33.91 18.09
CA LYS F 353 -9.97 35.14 18.12
C LYS F 353 -9.36 36.27 18.99
N SER F 354 -8.61 35.93 20.00
CA SER F 354 -8.00 36.97 20.88
C SER F 354 -7.07 37.88 20.12
N PRO F 355 -7.17 39.21 20.36
CA PRO F 355 -6.21 40.17 19.87
C PRO F 355 -4.74 39.87 20.22
N VAL F 356 -4.52 39.16 21.30
CA VAL F 356 -3.21 38.81 21.82
C VAL F 356 -2.51 37.72 20.96
N PHE F 357 -3.32 36.89 20.30
CA PHE F 357 -2.83 35.78 19.51
C PHE F 357 -1.86 36.22 18.41
N LYS F 358 -2.27 37.25 17.64
CA LYS F 358 -1.38 37.92 16.69
C LYS F 358 -0.08 38.35 17.31
N GLU F 359 -0.11 39.02 18.45
CA GLU F 359 1.15 39.42 19.16
C GLU F 359 2.02 38.19 19.40
N LEU F 360 1.41 37.17 19.95
CA LEU F 360 2.12 35.97 20.39
C LEU F 360 2.74 35.28 19.19
N GLN F 361 1.99 35.21 18.09
CA GLN F 361 2.45 34.60 16.83
C GLN F 361 3.61 35.37 16.24
N GLU F 362 3.54 36.68 16.25
CA GLU F 362 4.62 37.50 15.72
C GLU F 362 5.90 37.39 16.59
N LYS F 363 5.76 37.35 17.91
CA LYS F 363 6.91 37.20 18.81
C LYS F 363 7.46 35.80 18.85
N GLY F 364 6.68 34.82 18.38
CA GLY F 364 7.12 33.42 18.35
C GLY F 364 6.98 32.68 19.66
N TYR F 365 5.97 33.05 20.45
CA TYR F 365 5.75 32.44 21.74
C TYR F 365 4.84 31.24 21.72
N LEU F 366 4.34 30.90 20.54
CA LEU F 366 3.40 29.79 20.39
C LEU F 366 4.09 28.54 19.85
N LEU F 367 3.62 27.39 20.29
CA LEU F 367 4.14 26.12 19.78
C LEU F 367 4.00 25.95 18.26
N LYS F 368 5.13 25.64 17.62
CA LYS F 368 5.21 25.46 16.17
C LYS F 368 5.34 24.01 15.71
N ARG F 369 4.82 23.78 14.49
CA ARG F 369 5.12 22.58 13.72
C ARG F 369 6.55 22.68 13.17
N PRO F 370 7.11 21.56 12.74
CA PRO F 370 8.47 21.63 12.17
C PRO F 370 8.68 22.57 10.95
N ASP F 371 7.63 22.79 10.13
CA ASP F 371 7.73 23.68 8.97
C ASP F 371 7.70 25.17 9.35
N GLY F 372 7.47 25.44 10.63
CA GLY F 372 7.41 26.82 11.15
C GLY F 372 6.03 27.39 11.27
N SER F 373 5.02 26.71 10.71
CA SER F 373 3.64 27.12 10.99
C SER F 373 3.28 26.85 12.46
N LEU F 374 2.24 27.53 12.93
CA LEU F 374 1.70 27.28 14.25
C LEU F 374 1.01 25.94 14.28
N TRP F 375 1.22 25.19 15.36
CA TRP F 375 0.34 24.09 15.66
C TRP F 375 -1.00 24.69 16.06
N GLN F 376 -2.08 24.25 15.43
CA GLN F 376 -3.40 24.66 15.85
C GLN F 376 -4.43 23.55 15.72
N TRP F 377 -5.49 23.64 16.49
CA TRP F 377 -6.72 22.81 16.22
C TRP F 377 -7.97 23.49 16.76
N ASP F 378 -9.13 22.84 16.66
CA ASP F 378 -10.41 23.48 17.03
C ASP F 378 -11.07 22.94 18.29
N LYS F 379 -10.42 22.00 18.97
CA LYS F 379 -10.89 21.50 20.26
C LYS F 379 -10.61 22.57 21.33
N TRP F 380 -11.58 22.68 22.24
CA TRP F 380 -11.63 23.65 23.34
C TRP F 380 -11.91 25.08 22.83
N GLN F 381 -10.97 25.66 22.09
CA GLN F 381 -11.17 26.95 21.43
C GLN F 381 -10.83 26.89 19.95
N PRO F 382 -11.43 27.79 19.14
CA PRO F 382 -11.19 27.87 17.73
C PRO F 382 -9.79 28.32 17.47
N GLY F 383 -9.09 27.58 16.60
CA GLY F 383 -7.72 27.91 16.18
C GLY F 383 -6.79 27.97 17.36
N LEU F 384 -7.11 27.14 18.33
CA LEU F 384 -6.36 27.05 19.56
C LEU F 384 -4.90 26.78 19.28
N ALA F 385 -4.05 27.62 19.87
CA ALA F 385 -2.61 27.40 19.93
C ALA F 385 -2.19 27.17 21.39
N ILE F 386 -0.92 26.74 21.52
CA ILE F 386 -0.30 26.37 22.81
C ILE F 386 0.92 27.30 23.18
N TYR F 387 0.92 27.79 24.39
CA TYR F 387 2.07 28.59 24.86
C TYR F 387 3.32 27.69 24.98
N ASP F 388 4.40 28.06 24.31
CA ASP F 388 5.62 27.25 24.29
C ASP F 388 6.48 27.63 25.47
N PHE F 389 6.32 26.89 26.57
CA PHE F 389 6.97 27.21 27.80
C PHE F 389 8.42 26.70 27.79
N THR F 390 8.93 26.25 26.66
CA THR F 390 10.39 26.05 26.52
C THR F 390 11.06 27.32 26.06
N ASN F 391 10.26 28.33 25.70
CA ASN F 391 10.75 29.61 25.27
C ASN F 391 10.77 30.52 26.49
N PRO F 392 11.97 30.89 26.96
CA PRO F 392 12.06 31.78 28.12
C PRO F 392 11.31 33.07 28.02
N ASP F 393 11.24 33.68 26.84
CA ASP F 393 10.48 34.95 26.69
C ASP F 393 8.98 34.80 26.76
N ALA F 394 8.53 33.65 26.23
CA ALA F 394 7.13 33.25 26.35
C ALA F 394 6.80 32.94 27.80
N CYS F 395 7.70 32.28 28.54
CA CYS F 395 7.45 32.09 29.95
C CYS F 395 7.28 33.41 30.67
N LYS F 396 8.19 34.34 30.38
CA LYS F 396 8.17 35.63 31.04
C LYS F 396 6.91 36.41 30.72
N TRP F 397 6.52 36.44 29.46
CA TRP F 397 5.25 37.03 29.00
C TRP F 397 4.04 36.52 29.80
N TYR F 398 3.96 35.20 29.97
CA TYR F 398 2.83 34.53 30.67
C TYR F 398 2.87 34.89 32.18
N ALA F 399 4.08 34.81 32.75
CA ALA F 399 4.31 35.14 34.13
C ALA F 399 3.89 36.58 34.45
N ASP F 400 4.17 37.52 33.57
CA ASP F 400 3.88 38.92 33.79
C ASP F 400 2.39 39.18 33.75
N LYS F 401 1.68 38.48 32.90
CA LYS F 401 0.22 38.50 32.92
C LYS F 401 -0.35 38.03 34.25
N LEU F 402 0.16 36.90 34.77
CA LEU F 402 -0.22 36.39 36.07
C LEU F 402 0.13 37.40 37.21
N LYS F 403 1.32 37.98 37.17
CA LYS F 403 1.69 39.02 38.12
C LYS F 403 0.72 40.20 38.16
N GLY F 404 0.23 40.61 36.99
CA GLY F 404 -0.71 41.71 36.94
C GLY F 404 -2.05 41.38 37.59
N LEU F 405 -2.48 40.13 37.48
CA LEU F 405 -3.69 39.69 38.21
C LEU F 405 -3.49 39.61 39.72
N VAL F 406 -2.34 39.10 40.17
CA VAL F 406 -2.06 39.12 41.60
C VAL F 406 -2.08 40.56 42.12
N ALA F 407 -1.53 41.49 41.35
CA ALA F 407 -1.45 42.92 41.74
C ALA F 407 -2.80 43.56 41.95
N MET F 408 -3.80 42.96 41.35
CA MET F 408 -5.17 43.43 41.36
C MET F 408 -5.95 42.69 42.44
N GLY F 409 -5.28 41.81 43.19
CA GLY F 409 -5.92 41.12 44.30
C GLY F 409 -6.18 39.64 44.15
N VAL F 410 -5.91 39.07 42.97
CA VAL F 410 -6.02 37.60 42.81
C VAL F 410 -4.99 36.94 43.73
N ASP F 411 -5.40 35.83 44.38
CA ASP F 411 -4.60 35.12 45.38
C ASP F 411 -4.07 33.81 44.93
N CYS F 412 -4.76 33.19 43.98
CA CYS F 412 -4.35 31.89 43.51
C CYS F 412 -4.96 31.62 42.15
N PHE F 413 -4.66 30.42 41.58
CA PHE F 413 -5.07 30.08 40.21
C PHE F 413 -5.49 28.62 40.14
N LYS F 414 -6.55 28.37 39.38
CA LYS F 414 -6.82 27.01 38.89
C LYS F 414 -6.07 26.80 37.57
N THR F 415 -4.93 26.11 37.68
CA THR F 415 -4.12 25.69 36.51
C THR F 415 -4.80 24.52 35.76
N ASP F 416 -5.76 24.88 34.93
CA ASP F 416 -6.56 23.89 34.27
C ASP F 416 -5.86 23.42 33.02
N PHE F 417 -6.41 22.36 32.45
CA PHE F 417 -5.83 21.76 31.26
C PHE F 417 -4.31 21.45 31.37
N GLY F 418 -3.59 21.40 30.24
CA GLY F 418 -2.18 21.01 30.24
C GLY F 418 -1.90 19.61 29.72
N GLU F 419 -2.95 18.85 29.45
CA GLU F 419 -2.84 17.42 29.04
C GLU F 419 -2.63 17.11 27.55
N ARG F 420 -3.46 17.69 26.69
CA ARG F 420 -3.44 17.37 25.28
C ARG F 420 -2.31 18.08 24.49
N ILE F 421 -1.10 17.64 24.75
CA ILE F 421 0.08 18.23 24.22
C ILE F 421 0.61 17.42 23.00
N PRO F 422 0.56 18.05 21.80
CA PRO F 422 0.83 17.25 20.60
C PRO F 422 2.32 16.94 20.49
N THR F 423 2.67 15.95 19.70
CA THR F 423 4.06 15.56 19.47
C THR F 423 4.56 15.85 18.04
N ASP F 424 3.65 16.26 17.14
CA ASP F 424 4.02 16.66 15.77
C ASP F 424 4.42 18.16 15.71
N VAL F 425 5.48 18.47 16.47
CA VAL F 425 5.84 19.84 16.76
C VAL F 425 7.35 19.96 16.96
N GLN F 426 7.83 21.19 17.05
CA GLN F 426 9.23 21.44 17.34
C GLN F 426 9.27 22.51 18.40
N TRP F 427 9.70 22.09 19.60
CA TRP F 427 9.80 22.97 20.77
C TRP F 427 10.95 23.95 20.61
N PHE F 428 10.76 25.15 21.12
CA PHE F 428 11.73 26.21 21.03
C PHE F 428 13.13 25.71 21.43
N ASP F 429 13.21 24.87 22.46
CA ASP F 429 14.49 24.32 22.93
C ASP F 429 14.92 22.99 22.32
N GLY F 430 14.16 22.46 21.35
CA GLY F 430 14.52 21.21 20.68
C GLY F 430 14.41 19.92 21.52
N SER F 431 13.63 19.99 22.60
CA SER F 431 13.29 18.83 23.42
C SER F 431 12.59 17.74 22.61
N ASP F 432 12.67 16.51 23.09
CA ASP F 432 11.95 15.38 22.56
C ASP F 432 10.44 15.60 22.80
N PRO F 433 9.65 15.77 21.74
CA PRO F 433 8.20 15.90 21.88
C PRO F 433 7.52 14.74 22.62
N GLN F 434 8.09 13.54 22.56
CA GLN F 434 7.50 12.39 23.29
C GLN F 434 7.62 12.51 24.82
N LYS F 435 8.68 13.19 25.24
CA LYS F 435 8.93 13.49 26.64
C LYS F 435 8.18 14.72 27.11
N MET F 436 8.01 15.72 26.24
CA MET F 436 7.37 16.96 26.64
C MET F 436 5.88 16.85 26.86
N HIS F 437 5.27 15.82 26.33
CA HIS F 437 3.82 15.68 26.40
C HIS F 437 3.39 15.66 27.87
N ASN F 438 3.99 14.74 28.64
CA ASN F 438 3.78 14.68 30.10
C ASN F 438 4.44 15.83 30.86
N HIS F 439 5.71 16.11 30.57
CA HIS F 439 6.45 17.06 31.39
C HIS F 439 5.99 18.51 31.25
N TYR F 440 5.26 18.82 30.18
CA TYR F 440 4.67 20.16 30.06
C TYR F 440 3.89 20.54 31.30
N ALA F 441 3.10 19.60 31.83
CA ALA F 441 2.27 19.85 33.01
C ALA F 441 3.10 20.33 34.21
N TYR F 442 4.30 19.78 34.34
CA TYR F 442 5.25 20.16 35.37
C TYR F 442 5.79 21.60 35.17
N ILE F 443 6.30 21.87 33.97
CA ILE F 443 6.75 23.18 33.58
C ILE F 443 5.70 24.26 33.72
N TYR F 444 4.50 23.99 33.19
CA TYR F 444 3.33 24.89 33.36
C TYR F 444 3.08 25.29 34.79
N ASN F 445 2.83 24.32 35.65
CA ASN F 445 2.50 24.57 37.06
C ASN F 445 3.64 25.19 37.85
N GLU F 446 4.86 24.74 37.57
CA GLU F 446 6.06 25.35 38.20
C GLU F 446 6.14 26.85 37.96
N LEU F 447 5.89 27.23 36.73
CA LEU F 447 5.86 28.63 36.29
C LEU F 447 4.82 29.41 37.12
N VAL F 448 3.63 28.85 37.23
CA VAL F 448 2.58 29.57 37.94
C VAL F 448 2.86 29.64 39.43
N TRP F 449 3.29 28.51 39.99
CA TRP F 449 3.68 28.43 41.38
C TRP F 449 4.73 29.50 41.73
N ASN F 450 5.77 29.60 40.91
CA ASN F 450 6.81 30.60 41.12
C ASN F 450 6.37 32.04 41.10
N VAL F 451 5.43 32.42 40.22
CA VAL F 451 4.84 33.77 40.25
C VAL F 451 4.24 34.04 41.65
N LEU F 452 3.52 33.06 42.17
CA LEU F 452 2.91 33.18 43.49
C LEU F 452 3.98 33.31 44.59
N LYS F 453 4.95 32.40 44.56
CA LYS F 453 6.08 32.40 45.48
C LYS F 453 6.73 33.80 45.56
N ASP F 454 6.88 34.48 44.43
CA ASP F 454 7.49 35.82 44.35
C ASP F 454 6.58 37.05 44.50
N THR F 455 5.32 36.82 44.80
CA THR F 455 4.40 37.91 44.96
C THR F 455 3.77 37.78 46.33
N VAL F 456 2.69 37.00 46.44
CA VAL F 456 2.05 36.78 47.71
C VAL F 456 3.01 36.18 48.76
N GLY F 457 4.05 35.48 48.34
CA GLY F 457 4.93 34.79 49.25
C GLY F 457 4.73 33.28 49.20
N GLU F 458 5.82 32.55 49.32
CA GLU F 458 5.82 31.09 49.34
C GLU F 458 4.79 30.47 50.27
N GLU F 459 4.57 31.11 51.40
CA GLU F 459 3.68 30.58 52.46
C GLU F 459 2.26 30.57 51.97
N GLU F 460 2.00 31.49 51.03
CA GLU F 460 0.69 31.85 50.54
C GLU F 460 0.34 31.17 49.21
N ALA F 461 1.29 30.42 48.63
CA ALA F 461 1.12 29.86 47.27
C ALA F 461 0.22 28.64 47.36
N VAL F 462 -0.73 28.54 46.42
CA VAL F 462 -1.57 27.37 46.25
C VAL F 462 -2.24 27.40 44.85
N LEU F 463 -2.45 26.20 44.29
CA LEU F 463 -3.14 26.02 43.04
C LEU F 463 -4.30 25.02 43.23
N PHE F 464 -5.27 25.03 42.30
CA PHE F 464 -6.10 23.83 41.93
C PHE F 464 -5.60 23.35 40.53
N ALA F 465 -4.76 22.34 40.51
CA ALA F 465 -4.08 21.88 39.28
C ALA F 465 -4.77 20.62 38.73
N ARG F 466 -5.15 20.65 37.45
CA ARG F 466 -5.83 19.52 36.83
C ARG F 466 -4.84 18.47 36.37
N SER F 467 -3.67 18.90 35.89
CA SER F 467 -2.72 17.94 35.37
C SER F 467 -1.43 17.92 36.20
N ALA F 468 -0.59 16.95 35.89
CA ALA F 468 0.61 16.71 36.68
C ALA F 468 1.49 15.67 36.02
N SER F 469 2.72 15.64 36.48
CA SER F 469 3.79 14.72 36.03
C SER F 469 4.75 14.62 37.24
N VAL F 470 5.66 13.65 37.24
CA VAL F 470 6.58 13.42 38.37
C VAL F 470 7.17 14.77 38.84
N GLY F 471 7.04 15.05 40.13
CA GLY F 471 7.67 16.28 40.69
C GLY F 471 6.68 17.40 40.93
N ALA F 472 5.55 17.34 40.22
CA ALA F 472 4.52 18.34 40.35
C ALA F 472 3.82 18.34 41.69
N GLN F 473 4.01 17.28 42.50
CA GLN F 473 3.44 17.27 43.84
C GLN F 473 3.98 18.41 44.72
N LYS F 474 5.15 18.97 44.32
CA LYS F 474 5.73 20.17 44.97
C LYS F 474 4.88 21.43 44.89
N PHE F 475 3.88 21.43 44.01
CA PHE F 475 3.05 22.62 43.73
C PHE F 475 1.57 22.28 43.99
N PRO F 476 1.22 22.08 45.27
CA PRO F 476 -0.15 21.69 45.55
C PRO F 476 -1.23 22.70 45.22
N VAL F 477 -2.32 22.28 45.78
CA VAL F 477 -3.29 21.28 45.43
C VAL F 477 -3.68 20.80 43.99
N HIS F 478 -3.81 19.48 43.91
CA HIS F 478 -4.22 18.85 42.71
C HIS F 478 -5.68 18.51 42.78
N TRP F 479 -6.40 18.97 41.74
CA TRP F 479 -7.84 18.95 41.72
C TRP F 479 -8.35 17.82 40.79
N GLY F 480 -9.31 17.07 41.31
CA GLY F 480 -9.75 15.79 40.74
C GLY F 480 -10.61 15.71 39.48
N GLY F 481 -10.86 16.84 38.86
CA GLY F 481 -11.40 16.88 37.51
C GLY F 481 -12.91 16.92 37.48
N ASP F 482 -13.46 16.58 36.32
CA ASP F 482 -14.89 16.72 36.01
C ASP F 482 -15.70 15.43 36.21
N CYS F 483 -16.63 15.46 37.19
CA CYS F 483 -17.38 14.29 37.60
C CYS F 483 -18.84 14.44 37.38
N TYR F 484 -19.49 13.34 37.00
CA TYR F 484 -20.95 13.33 36.92
C TYR F 484 -21.52 13.28 38.33
N ALA F 485 -22.77 13.69 38.43
CA ALA F 485 -23.41 13.91 39.70
C ALA F 485 -24.23 12.69 40.14
N ASN F 486 -23.54 11.61 40.45
CA ASN F 486 -24.19 10.38 40.89
C ASN F 486 -23.26 9.68 41.83
N TYR F 487 -23.78 8.66 42.52
CA TYR F 487 -22.97 8.01 43.54
C TYR F 487 -21.81 7.23 42.97
N GLU F 488 -22.01 6.56 41.84
CA GLU F 488 -20.93 5.77 41.25
C GLU F 488 -19.75 6.68 40.87
N SER F 489 -20.03 7.85 40.34
CA SER F 489 -19.02 8.84 40.02
C SER F 489 -18.28 9.39 41.27
N MET F 490 -19.02 9.62 42.37
CA MET F 490 -18.43 10.02 43.64
C MET F 490 -17.45 8.94 44.08
N ALA F 491 -17.85 7.66 44.02
CA ALA F 491 -16.93 6.57 44.33
C ALA F 491 -15.68 6.52 43.42
N GLU F 492 -15.83 6.71 42.11
CA GLU F 492 -14.64 6.70 41.23
C GLU F 492 -13.73 7.86 41.56
N SER F 493 -14.31 8.99 41.94
CA SER F 493 -13.51 10.14 42.35
C SER F 493 -12.68 9.80 43.57
N LEU F 494 -13.28 9.15 44.57
CA LEU F 494 -12.51 8.74 45.73
C LEU F 494 -11.37 7.80 45.34
N ARG F 495 -11.58 6.87 44.38
CA ARG F 495 -10.47 5.99 43.96
C ARG F 495 -9.30 6.82 43.46
N GLY F 496 -9.61 7.84 42.65
CA GLY F 496 -8.60 8.73 42.11
C GLY F 496 -7.85 9.50 43.17
N GLY F 497 -8.57 10.05 44.13
CA GLY F 497 -7.91 10.78 45.26
C GLY F 497 -7.03 9.91 46.13
N LEU F 498 -7.49 8.67 46.39
CA LEU F 498 -6.65 7.75 47.11
C LEU F 498 -5.39 7.42 46.34
N SER F 499 -5.58 7.17 45.02
CA SER F 499 -4.49 6.77 44.11
C SER F 499 -3.44 7.87 44.00
N ILE F 500 -3.86 9.14 44.00
CA ILE F 500 -2.89 10.22 43.89
C ILE F 500 -1.96 10.27 45.13
N GLY F 501 -2.52 10.03 46.32
CA GLY F 501 -1.75 9.90 47.56
C GLY F 501 -0.75 8.77 47.54
N LEU F 502 -1.13 7.68 46.89
CA LEU F 502 -0.29 6.54 46.63
C LEU F 502 0.77 6.77 45.56
N SER F 503 0.81 7.98 44.98
CA SER F 503 1.71 8.39 43.90
C SER F 503 2.57 9.62 44.25
N GLY F 504 2.58 10.05 45.50
CA GLY F 504 3.52 11.13 45.96
C GLY F 504 2.84 12.47 46.23
N PHE F 505 1.51 12.53 46.06
CA PHE F 505 0.81 13.81 46.13
C PHE F 505 0.14 13.95 47.48
N GLY F 506 0.41 15.06 48.15
CA GLY F 506 0.06 15.20 49.54
C GLY F 506 -1.33 15.68 49.85
N PHE F 507 -1.92 16.41 48.89
CA PHE F 507 -3.24 17.03 49.03
C PHE F 507 -4.06 16.84 47.76
N TRP F 508 -5.37 16.81 47.91
CA TRP F 508 -6.22 16.48 46.80
C TRP F 508 -7.56 17.11 47.05
N SER F 509 -8.00 17.81 46.01
CA SER F 509 -9.19 18.55 46.02
C SER F 509 -10.14 17.95 45.01
N HIS F 510 -11.40 18.31 45.17
CA HIS F 510 -12.49 17.78 44.34
C HIS F 510 -13.79 18.60 44.58
N ASP F 511 -14.70 18.57 43.61
CA ASP F 511 -15.93 19.37 43.63
C ASP F 511 -17.11 18.59 44.18
N ILE F 512 -17.79 19.23 45.12
CA ILE F 512 -18.90 18.63 45.80
C ILE F 512 -20.11 18.63 44.84
N GLY F 513 -20.71 17.45 44.66
CA GLY F 513 -21.82 17.27 43.73
C GLY F 513 -21.36 17.09 42.27
N GLY F 514 -20.06 17.14 42.01
CA GLY F 514 -19.57 17.08 40.65
C GLY F 514 -19.85 18.35 39.89
N PHE F 515 -19.95 18.22 38.56
CA PHE F 515 -20.03 19.36 37.62
C PHE F 515 -21.41 19.40 36.94
N GLU F 516 -21.95 18.20 36.71
CA GLU F 516 -23.18 18.01 35.97
C GLU F 516 -24.29 18.56 36.82
N ASN F 517 -24.89 19.66 36.37
CA ASN F 517 -25.74 20.48 37.23
C ASN F 517 -27.18 19.91 37.48
N THR F 518 -27.27 18.59 37.58
CA THR F 518 -28.56 17.90 37.73
C THR F 518 -28.56 17.03 38.99
N ALA F 519 -27.66 17.34 39.92
CA ALA F 519 -27.44 16.50 41.14
C ALA F 519 -28.69 16.44 42.00
N PRO F 520 -29.16 15.21 42.29
CA PRO F 520 -30.20 15.12 43.28
C PRO F 520 -29.68 15.61 44.63
N ALA F 521 -30.54 16.26 45.40
CA ALA F 521 -30.14 16.84 46.70
C ALA F 521 -29.46 15.82 47.61
N HIS F 522 -29.99 14.59 47.66
CA HIS F 522 -29.34 13.51 48.44
C HIS F 522 -27.87 13.22 48.04
N VAL F 523 -27.58 13.20 46.74
CA VAL F 523 -26.20 13.08 46.26
C VAL F 523 -25.32 14.27 46.70
N TYR F 524 -25.84 15.46 46.54
CA TYR F 524 -25.11 16.65 46.96
C TYR F 524 -24.74 16.62 48.45
N LYS F 525 -25.72 16.24 49.28
CA LYS F 525 -25.53 16.14 50.73
C LYS F 525 -24.48 15.14 51.12
N ARG F 526 -24.54 13.96 50.53
CA ARG F 526 -23.53 12.95 50.81
C ARG F 526 -22.17 13.42 50.37
N TRP F 527 -22.12 14.10 49.23
CA TRP F 527 -20.85 14.54 48.68
C TRP F 527 -20.25 15.67 49.51
N CYS F 528 -21.08 16.50 50.15
CA CYS F 528 -20.58 17.58 51.06
C CYS F 528 -19.74 17.05 52.20
N ALA F 529 -20.26 16.02 52.82
CA ALA F 529 -19.63 15.34 53.93
C ALA F 529 -18.26 14.81 53.54
N PHE F 530 -18.24 14.03 52.47
CA PHE F 530 -16.99 13.58 51.87
C PHE F 530 -16.02 14.74 51.59
N GLY F 531 -16.50 15.71 50.86
CA GLY F 531 -15.70 16.84 50.42
C GLY F 531 -15.07 17.62 51.55
N LEU F 532 -15.86 17.86 52.61
CA LEU F 532 -15.35 18.65 53.72
C LEU F 532 -14.48 17.80 54.67
N LEU F 533 -14.48 16.49 54.49
CA LEU F 533 -13.60 15.57 55.21
C LEU F 533 -12.46 15.09 54.25
N SER F 534 -12.12 15.96 53.31
CA SER F 534 -10.94 15.78 52.41
C SER F 534 -10.01 16.95 52.68
N SER F 535 -8.78 16.93 52.14
CA SER F 535 -7.86 18.04 52.49
C SER F 535 -8.43 19.37 51.96
N HIS F 536 -8.95 19.33 50.72
CA HIS F 536 -9.40 20.52 50.02
C HIS F 536 -10.72 20.32 49.32
N SER F 537 -11.57 21.34 49.40
CA SER F 537 -13.01 21.15 49.17
C SER F 537 -13.53 22.36 48.36
N ARG F 538 -14.30 22.11 47.29
CA ARG F 538 -14.88 23.19 46.53
C ARG F 538 -16.30 22.87 46.03
N LEU F 539 -17.12 23.91 45.93
CA LEU F 539 -18.49 23.85 45.40
C LEU F 539 -18.48 24.55 44.05
N HIS F 540 -18.88 23.84 42.98
CA HIS F 540 -18.78 24.36 41.58
C HIS F 540 -19.77 23.65 40.65
N GLY F 541 -20.53 24.42 39.88
CA GLY F 541 -21.38 23.83 38.83
C GLY F 541 -21.11 24.22 37.37
N SER F 542 -21.97 23.69 36.49
CA SER F 542 -21.99 24.06 35.06
C SER F 542 -23.01 25.17 34.85
N LYS F 543 -24.29 24.80 34.97
CA LYS F 543 -25.38 25.70 34.59
C LYS F 543 -26.02 26.40 35.81
N SER F 544 -25.37 26.29 36.97
CA SER F 544 -25.89 26.88 38.20
C SER F 544 -24.83 27.01 39.29
N TYR F 545 -24.97 28.06 40.12
CA TYR F 545 -24.17 28.26 41.34
C TYR F 545 -24.41 27.05 42.28
N ARG F 546 -23.36 26.42 42.79
CA ARG F 546 -23.48 25.20 43.61
C ARG F 546 -23.83 25.49 45.08
N VAL F 547 -24.70 26.49 45.30
CA VAL F 547 -25.16 26.89 46.64
C VAL F 547 -26.23 25.93 47.14
N PRO F 548 -26.21 25.66 48.45
CA PRO F 548 -27.10 24.63 48.99
C PRO F 548 -28.60 24.98 48.96
N TRP F 549 -28.95 26.26 49.04
CA TRP F 549 -30.39 26.62 48.99
C TRP F 549 -31.04 26.39 47.62
N ALA F 550 -30.26 26.07 46.59
CA ALA F 550 -30.80 25.54 45.35
C ALA F 550 -31.47 24.18 45.59
N TYR F 551 -31.04 23.46 46.65
CA TYR F 551 -31.60 22.12 47.01
C TYR F 551 -32.73 22.18 48.07
N ASP F 552 -32.39 22.45 49.32
CA ASP F 552 -33.34 22.47 50.43
C ASP F 552 -32.66 23.06 51.66
N ASP F 553 -33.40 23.27 52.74
CA ASP F 553 -32.81 23.82 53.98
C ASP F 553 -31.78 22.89 54.61
N GLU F 554 -32.04 21.60 54.49
CA GLU F 554 -31.20 20.58 55.09
C GLU F 554 -29.83 20.60 54.40
N SER F 555 -29.83 20.90 53.09
CA SER F 555 -28.58 21.09 52.38
C SER F 555 -27.74 22.21 52.99
N CYS F 556 -28.36 23.32 53.38
CA CYS F 556 -27.64 24.40 54.08
C CYS F 556 -27.09 23.94 55.45
N ASP F 557 -27.89 23.16 56.16
CA ASP F 557 -27.51 22.60 57.44
C ASP F 557 -26.29 21.69 57.32
N VAL F 558 -26.31 20.86 56.27
CA VAL F 558 -25.24 19.94 56.02
C VAL F 558 -23.94 20.70 55.75
N VAL F 559 -24.01 21.71 54.91
CA VAL F 559 -22.85 22.48 54.52
C VAL F 559 -22.25 23.18 55.74
N ARG F 560 -23.12 23.82 56.52
CA ARG F 560 -22.77 24.53 57.75
C ARG F 560 -22.09 23.57 58.69
N PHE F 561 -22.72 22.43 58.92
CA PHE F 561 -22.21 21.44 59.86
C PHE F 561 -20.82 20.97 59.55
N PHE F 562 -20.59 20.66 58.30
CA PHE F 562 -19.34 20.05 57.92
C PHE F 562 -18.25 21.11 57.74
N THR F 563 -18.59 22.32 57.35
CA THR F 563 -17.62 23.43 57.33
C THR F 563 -17.15 23.83 58.71
N GLN F 564 -18.09 24.00 59.64
CA GLN F 564 -17.78 24.23 61.06
C GLN F 564 -16.86 23.15 61.64
N LEU F 565 -17.20 21.90 61.35
CA LEU F 565 -16.41 20.76 61.80
C LEU F 565 -14.99 20.81 61.27
N LYS F 566 -14.83 20.99 59.96
CA LYS F 566 -13.48 21.00 59.38
C LYS F 566 -12.65 22.10 60.02
N CYS F 567 -13.25 23.27 60.16
CA CYS F 567 -12.64 24.40 60.91
C CYS F 567 -12.20 24.01 62.34
N ARG F 568 -13.09 23.32 63.06
CA ARG F 568 -12.75 22.81 64.37
C ARG F 568 -11.67 21.75 64.37
N MET F 569 -11.55 21.01 63.25
CA MET F 569 -10.49 20.01 63.16
C MET F 569 -9.11 20.56 62.75
N MET F 570 -8.98 21.87 62.50
CA MET F 570 -7.74 22.39 61.95
C MET F 570 -6.50 22.14 62.80
N PRO F 571 -6.64 22.16 64.15
CA PRO F 571 -5.39 21.84 64.88
C PRO F 571 -4.84 20.43 64.63
N TYR F 572 -5.73 19.48 64.44
CA TYR F 572 -5.35 18.13 64.01
C TYR F 572 -4.94 18.15 62.54
N LEU F 573 -5.82 18.66 61.70
CA LEU F 573 -5.60 18.66 60.26
C LEU F 573 -4.28 19.32 59.81
N TYR F 574 -4.01 20.54 60.27
CA TYR F 574 -2.76 21.23 59.81
C TYR F 574 -1.49 20.51 60.21
N ARG F 575 -1.55 19.72 61.28
CA ARG F 575 -0.40 18.96 61.72
C ARG F 575 -0.19 17.78 60.78
N GLU F 576 -1.30 17.19 60.32
CA GLU F 576 -1.21 16.11 59.33
C GLU F 576 -0.78 16.63 57.94
N ALA F 577 -1.13 17.88 57.62
CA ALA F 577 -0.62 18.56 56.43
C ALA F 577 0.90 18.73 56.51
N ALA F 578 1.41 19.14 57.68
CA ALA F 578 2.85 19.22 57.85
C ALA F 578 3.49 17.85 57.66
N ARG F 579 2.78 16.79 57.99
CA ARG F 579 3.28 15.41 57.74
C ARG F 579 3.51 15.11 56.25
N ALA F 580 2.54 15.54 55.44
CA ALA F 580 2.63 15.47 53.97
C ALA F 580 3.86 16.19 53.47
N ASN F 581 4.08 17.42 53.94
CA ASN F 581 5.25 18.22 53.56
C ASN F 581 6.56 17.53 54.01
N ALA F 582 6.60 16.99 55.24
CA ALA F 582 7.90 16.49 55.73
C ALA F 582 8.23 15.07 55.29
N ARG F 583 7.22 14.25 55.07
CA ARG F 583 7.44 12.84 54.75
C ARG F 583 6.71 12.32 53.49
N GLY F 584 6.03 13.19 52.77
CA GLY F 584 5.16 12.77 51.69
C GLY F 584 3.97 11.92 52.05
N THR F 585 3.54 11.95 53.33
CA THR F 585 2.42 11.11 53.79
C THR F 585 1.15 11.88 53.47
N PRO F 586 0.33 11.39 52.51
CA PRO F 586 -0.80 12.23 52.05
C PRO F 586 -1.86 12.40 53.14
N MET F 587 -2.64 13.48 53.13
CA MET F 587 -3.68 13.65 54.16
C MET F 587 -4.80 12.57 54.05
N MET F 588 -5.22 12.26 52.84
CA MET F 588 -6.20 11.21 52.58
C MET F 588 -5.47 9.94 52.23
N ARG F 589 -5.59 8.94 53.13
CA ARG F 589 -4.81 7.73 53.03
C ARG F 589 -5.65 6.51 52.85
N ALA F 590 -5.24 5.69 51.89
CA ALA F 590 -5.83 4.37 51.68
C ALA F 590 -5.59 3.57 52.97
N MET F 591 -6.55 2.73 53.34
CA MET F 591 -6.47 1.88 54.49
C MET F 591 -5.18 1.03 54.49
N MET F 592 -4.80 0.47 53.34
CA MET F 592 -3.60 -0.38 53.23
C MET F 592 -2.37 0.38 53.67
N MET F 593 -2.33 1.67 53.37
CA MET F 593 -1.20 2.55 53.75
C MET F 593 -1.07 2.78 55.27
N GLU F 594 -2.21 2.92 55.96
CA GLU F 594 -2.18 3.16 57.42
C GLU F 594 -2.03 1.81 58.17
N PHE F 595 -2.62 0.75 57.64
CA PHE F 595 -2.61 -0.58 58.24
C PHE F 595 -2.06 -1.62 57.30
N PRO F 596 -0.76 -1.51 56.95
CA PRO F 596 -0.21 -2.43 55.94
C PRO F 596 -0.13 -3.90 56.38
N ASP F 597 -0.20 -4.17 57.66
CA ASP F 597 -0.15 -5.55 58.05
C ASP F 597 -1.52 -6.17 58.22
N ASP F 598 -2.59 -5.42 57.90
CA ASP F 598 -3.99 -5.91 58.09
C ASP F 598 -4.57 -6.40 56.76
N PRO F 599 -4.66 -7.73 56.61
CA PRO F 599 -5.00 -8.31 55.34
C PRO F 599 -6.42 -7.98 54.94
N ALA F 600 -7.18 -7.40 55.87
CA ALA F 600 -8.53 -6.94 55.53
C ALA F 600 -8.52 -5.63 54.77
N CYS F 601 -7.38 -4.93 54.76
CA CYS F 601 -7.31 -3.57 54.20
C CYS F 601 -6.87 -3.44 52.75
N ASP F 602 -6.57 -4.56 52.10
CA ASP F 602 -5.82 -4.58 50.86
C ASP F 602 -6.62 -3.89 49.73
N TYR F 603 -7.91 -4.18 49.70
CA TYR F 603 -8.80 -3.71 48.65
C TYR F 603 -9.77 -2.63 49.04
N LEU F 604 -9.60 -2.03 50.21
CA LEU F 604 -10.62 -1.08 50.65
C LEU F 604 -10.45 0.26 49.91
N ASP F 605 -11.54 0.74 49.27
CA ASP F 605 -11.53 1.90 48.35
C ASP F 605 -12.69 2.88 48.57
N ARG F 606 -13.60 2.58 49.51
CA ARG F 606 -14.80 3.40 49.80
C ARG F 606 -14.66 4.09 51.16
N GLN F 607 -13.45 3.98 51.75
CA GLN F 607 -13.17 4.59 53.03
C GLN F 607 -11.68 4.88 53.05
N TYR F 608 -11.30 5.70 54.00
CA TYR F 608 -9.94 6.18 54.07
C TYR F 608 -9.62 6.66 55.48
N MET F 609 -8.34 6.96 55.73
CA MET F 609 -7.90 7.57 56.96
C MET F 609 -7.60 8.99 56.59
N LEU F 610 -8.19 9.94 57.32
CA LEU F 610 -7.82 11.35 57.26
C LEU F 610 -6.80 11.65 58.37
N GLY F 611 -5.54 11.63 57.99
CA GLY F 611 -4.47 11.73 58.91
C GLY F 611 -4.32 10.43 59.64
N ASP F 612 -3.49 10.44 60.67
CA ASP F 612 -3.15 9.22 61.45
C ASP F 612 -4.35 8.58 62.12
N ASN F 613 -5.29 9.39 62.62
CA ASN F 613 -6.20 8.91 63.69
C ASN F 613 -7.67 8.78 63.41
N VAL F 614 -8.10 9.16 62.20
CA VAL F 614 -9.56 9.25 61.95
C VAL F 614 -9.88 8.53 60.68
N MET F 615 -10.80 7.56 60.76
CA MET F 615 -11.33 6.84 59.60
C MET F 615 -12.63 7.50 59.15
N VAL F 616 -12.70 7.84 57.85
CA VAL F 616 -13.96 8.29 57.24
C VAL F 616 -14.46 7.39 56.13
N ALA F 617 -15.75 7.05 56.22
CA ALA F 617 -16.41 6.21 55.23
C ALA F 617 -17.56 7.00 54.72
N PRO F 618 -17.40 7.69 53.57
CA PRO F 618 -18.53 8.37 52.97
C PRO F 618 -19.68 7.41 52.71
N VAL F 619 -20.86 8.00 52.72
CA VAL F 619 -22.11 7.32 52.47
C VAL F 619 -22.62 7.49 51.04
N PHE F 620 -22.75 6.36 50.36
CA PHE F 620 -23.04 6.32 48.93
C PHE F 620 -24.50 5.87 48.62
N THR F 621 -25.43 6.18 49.52
CA THR F 621 -26.85 5.86 49.38
C THR F 621 -27.68 7.04 49.93
N GLU F 622 -28.84 7.26 49.32
CA GLU F 622 -29.80 8.21 49.81
C GLU F 622 -30.25 7.75 51.19
N ALA F 623 -30.61 6.48 51.30
CA ALA F 623 -31.13 5.97 52.58
C ALA F 623 -30.15 6.07 53.74
N GLY F 624 -28.84 6.18 53.46
CA GLY F 624 -27.86 6.30 54.52
C GLY F 624 -27.18 5.00 54.89
N ASP F 625 -27.51 3.94 54.17
CA ASP F 625 -26.93 2.63 54.38
C ASP F 625 -25.48 2.64 54.00
N VAL F 626 -24.66 2.04 54.84
CA VAL F 626 -23.21 2.02 54.65
C VAL F 626 -22.54 0.87 55.42
N GLN F 627 -21.53 0.24 54.81
CA GLN F 627 -20.74 -0.77 55.45
C GLN F 627 -19.29 -0.38 55.42
N PHE F 628 -18.59 -0.61 56.51
CA PHE F 628 -17.17 -0.26 56.61
C PHE F 628 -16.38 -1.21 57.55
N TYR F 629 -15.09 -1.26 57.33
CA TYR F 629 -14.18 -2.09 58.10
C TYR F 629 -13.39 -1.25 59.07
N LEU F 630 -13.25 -1.76 60.29
CA LEU F 630 -12.51 -1.11 61.33
C LEU F 630 -11.39 -2.08 61.70
N PRO F 631 -10.12 -1.64 61.57
CA PRO F 631 -9.00 -2.37 62.11
C PRO F 631 -9.00 -2.45 63.61
N GLU F 632 -7.94 -3.06 64.13
CA GLU F 632 -7.92 -3.46 65.55
C GLU F 632 -8.02 -2.29 66.49
N GLY F 633 -8.81 -2.42 67.53
CA GLY F 633 -8.92 -1.37 68.54
C GLY F 633 -10.37 -1.05 68.80
N ARG F 634 -10.58 -0.21 69.82
CA ARG F 634 -11.91 0.24 70.15
C ARG F 634 -12.01 1.66 69.64
N TRP F 635 -12.83 1.84 68.63
CA TRP F 635 -12.97 3.12 67.93
C TRP F 635 -14.17 3.86 68.51
N THR F 636 -14.08 5.20 68.43
CA THR F 636 -15.09 6.10 68.93
C THR F 636 -15.52 7.11 67.86
N HIS F 637 -16.83 7.26 67.65
CA HIS F 637 -17.32 8.27 66.70
C HIS F 637 -16.95 9.67 67.17
N LEU F 638 -16.32 10.41 66.27
CA LEU F 638 -15.78 11.72 66.63
C LEU F 638 -16.81 12.62 67.34
N TRP F 639 -18.09 12.62 66.97
CA TRP F 639 -19.05 13.45 67.71
C TRP F 639 -20.30 12.71 68.27
N HIS F 640 -20.60 11.51 67.79
CA HIS F 640 -21.70 10.72 68.35
C HIS F 640 -21.26 9.99 69.62
N ASN F 641 -19.95 9.86 69.79
CA ASN F 641 -19.36 9.18 70.91
C ASN F 641 -19.65 7.67 71.10
N ASP F 642 -20.37 7.02 70.18
CA ASP F 642 -20.51 5.56 70.27
C ASP F 642 -19.19 4.83 69.97
N GLU F 643 -18.99 3.68 70.61
CA GLU F 643 -17.78 2.89 70.42
C GLU F 643 -18.09 1.60 69.65
N LEU F 644 -17.08 1.15 68.93
CA LEU F 644 -17.17 -0.07 68.10
C LEU F 644 -15.86 -0.84 68.24
N ASP F 645 -15.97 -2.17 68.29
CA ASP F 645 -14.77 -2.99 68.30
C ASP F 645 -14.24 -3.26 66.90
N GLY F 646 -12.93 -3.20 66.77
CA GLY F 646 -12.27 -3.39 65.53
C GLY F 646 -12.02 -4.82 65.11
N SER F 647 -11.12 -4.95 64.11
CA SER F 647 -10.85 -6.19 63.36
C SER F 647 -12.11 -6.81 62.71
N ARG F 648 -13.06 -5.94 62.38
CA ARG F 648 -14.25 -6.40 61.72
C ARG F 648 -14.95 -5.30 60.96
N TRP F 649 -15.93 -5.74 60.17
CA TRP F 649 -16.82 -4.90 59.36
C TRP F 649 -18.07 -4.51 60.16
N HIS F 650 -18.59 -3.31 59.90
CA HIS F 650 -19.81 -2.81 60.55
C HIS F 650 -20.78 -2.29 59.53
N LYS F 651 -22.06 -2.26 59.89
CA LYS F 651 -23.16 -1.80 59.05
C LYS F 651 -23.97 -0.81 59.83
N GLN F 652 -24.31 0.33 59.22
CA GLN F 652 -24.97 1.44 59.90
C GLN F 652 -25.89 2.11 58.88
N GLN F 653 -26.80 2.96 59.37
CA GLN F 653 -27.64 3.83 58.53
C GLN F 653 -27.51 5.24 59.11
N HIS F 654 -27.20 6.23 58.26
CA HIS F 654 -26.92 7.57 58.70
C HIS F 654 -27.86 8.60 58.04
N GLY F 655 -28.23 9.65 58.77
CA GLY F 655 -28.89 10.80 58.16
C GLY F 655 -27.87 11.67 57.44
N PHE F 656 -28.33 12.76 56.84
CA PHE F 656 -27.46 13.60 56.01
C PHE F 656 -26.50 14.43 56.81
N LEU F 657 -26.71 14.52 58.13
CA LEU F 657 -25.74 15.19 59.03
C LEU F 657 -24.75 14.23 59.71
N SER F 658 -24.61 13.02 59.14
CA SER F 658 -23.78 11.99 59.75
C SER F 658 -23.15 11.07 58.69
N LEU F 659 -22.03 10.48 59.05
CA LEU F 659 -21.44 9.38 58.35
C LEU F 659 -20.49 8.82 59.37
N PRO F 660 -19.98 7.59 59.13
CA PRO F 660 -18.93 7.00 59.99
C PRO F 660 -17.66 7.81 59.95
N VAL F 661 -17.33 8.40 61.10
CA VAL F 661 -16.09 9.15 61.34
C VAL F 661 -15.58 8.69 62.70
N TYR F 662 -14.59 7.78 62.67
CA TYR F 662 -14.20 7.03 63.88
C TYR F 662 -12.76 7.33 64.28
N VAL F 663 -12.54 7.60 65.57
CA VAL F 663 -11.20 7.90 66.13
C VAL F 663 -10.59 6.61 66.72
N ARG F 664 -9.32 6.35 66.43
CA ARG F 664 -8.65 5.15 66.94
C ARG F 664 -8.54 5.23 68.44
N ASP F 665 -8.36 4.07 69.08
CA ASP F 665 -8.00 4.05 70.50
C ASP F 665 -6.58 4.58 70.75
N ASN F 666 -6.31 4.87 72.01
CA ASN F 666 -4.98 5.33 72.45
C ASN F 666 -4.61 6.61 71.72
N THR F 667 -5.62 7.46 71.56
CA THR F 667 -5.50 8.70 70.79
C THR F 667 -5.85 9.92 71.62
N LEU F 668 -5.04 10.94 71.41
CA LEU F 668 -5.26 12.25 71.96
C LEU F 668 -5.38 13.24 70.78
N LEU F 669 -6.56 13.86 70.65
CA LEU F 669 -6.91 14.65 69.49
C LEU F 669 -7.03 16.11 69.89
N ALA F 670 -6.44 17.02 69.11
CA ALA F 670 -6.70 18.44 69.31
C ALA F 670 -7.81 19.00 68.43
N LEU F 671 -8.90 19.44 69.07
CA LEU F 671 -9.90 20.27 68.40
C LEU F 671 -9.73 21.73 68.77
N GLY F 672 -10.21 22.62 67.90
CA GLY F 672 -9.97 24.06 68.06
C GLY F 672 -11.21 24.79 68.50
N ASN F 673 -11.03 26.05 68.92
CA ASN F 673 -12.15 26.88 69.40
C ASN F 673 -12.74 27.90 68.35
N ASN F 674 -12.59 27.56 67.07
CA ASN F 674 -13.09 28.37 65.97
C ASN F 674 -13.73 27.49 64.92
N ASP F 675 -15.03 27.68 64.66
CA ASP F 675 -15.75 26.91 63.69
C ASP F 675 -16.13 27.78 62.48
N GLN F 676 -15.47 28.94 62.33
CA GLN F 676 -15.81 29.92 61.31
C GLN F 676 -14.70 30.02 60.24
N ARG F 677 -13.47 29.79 60.63
CA ARG F 677 -12.38 29.84 59.68
C ARG F 677 -11.27 28.87 60.04
N PRO F 678 -10.54 28.37 59.03
CA PRO F 678 -9.43 27.46 59.28
C PRO F 678 -8.16 28.05 59.85
N ASP F 679 -7.91 29.31 59.54
CA ASP F 679 -6.67 29.95 59.97
C ASP F 679 -6.95 30.74 61.27
N TYR F 680 -6.63 30.10 62.40
CA TYR F 680 -6.70 30.77 63.69
C TYR F 680 -5.58 30.27 64.59
N VAL F 681 -5.48 30.80 65.81
CA VAL F 681 -4.36 30.35 66.66
C VAL F 681 -4.78 29.07 67.38
N TRP F 682 -4.29 27.96 66.82
CA TRP F 682 -4.80 26.65 67.16
C TRP F 682 -4.43 26.18 68.58
N HIS F 683 -3.36 26.78 69.13
CA HIS F 683 -2.88 26.42 70.49
C HIS F 683 -3.46 27.28 71.63
N GLU F 684 -4.41 28.14 71.30
CA GLU F 684 -5.09 28.98 72.30
C GLU F 684 -6.53 28.52 72.27
N GLY F 685 -7.00 28.08 73.42
CA GLY F 685 -8.37 27.64 73.52
C GLY F 685 -8.60 26.21 73.07
N THR F 686 -7.52 25.43 72.92
CA THR F 686 -7.56 24.05 72.45
C THR F 686 -8.40 23.11 73.35
N ALA F 687 -9.24 22.29 72.72
CA ALA F 687 -10.00 21.29 73.40
C ALA F 687 -9.46 19.92 72.99
N PHE F 688 -8.69 19.28 73.88
CA PHE F 688 -8.13 17.99 73.64
C PHE F 688 -9.12 16.94 74.03
N HIS F 689 -9.04 15.80 73.38
CA HIS F 689 -9.94 14.72 73.64
C HIS F 689 -9.14 13.46 73.65
N LEU F 690 -9.24 12.72 74.76
CA LEU F 690 -8.52 11.47 74.93
C LEU F 690 -9.47 10.30 74.66
N PHE F 691 -9.06 9.39 73.82
CA PHE F 691 -9.90 8.29 73.37
C PHE F 691 -9.28 6.93 73.72
N ASN F 692 -10.00 6.17 74.56
CA ASN F 692 -9.72 4.77 74.96
C ASN F 692 -8.24 4.48 75.18
N LEU F 693 -7.69 5.17 76.18
CA LEU F 693 -6.28 5.01 76.52
C LEU F 693 -6.15 3.75 77.36
N GLN F 694 -5.41 2.78 76.84
CA GLN F 694 -5.24 1.50 77.53
C GLN F 694 -4.08 1.56 78.59
N ASP F 695 -4.14 0.64 79.56
CA ASP F 695 -3.08 0.47 80.55
C ASP F 695 -1.80 0.20 79.78
N GLY F 696 -0.75 0.96 80.09
CA GLY F 696 0.55 0.73 79.46
C GLY F 696 0.77 1.40 78.14
N HIS F 697 -0.16 2.29 77.77
CA HIS F 697 -0.08 3.04 76.53
C HIS F 697 0.16 4.51 76.80
N GLU F 698 0.63 5.18 75.75
CA GLU F 698 0.80 6.61 75.78
C GLU F 698 0.20 7.21 74.49
N ALA F 699 -0.67 8.20 74.64
CA ALA F 699 -1.20 8.99 73.54
C ALA F 699 -0.46 10.33 73.42
N VAL F 700 0.09 10.62 72.26
CA VAL F 700 0.78 11.89 72.03
C VAL F 700 -0.01 12.75 71.06
N CYS F 701 -0.18 14.02 71.40
CA CYS F 701 -0.80 15.00 70.53
C CYS F 701 0.10 16.25 70.34
N GLU F 702 0.50 16.50 69.09
CA GLU F 702 1.31 17.63 68.69
C GLU F 702 0.48 18.72 68.03
N VAL F 703 0.47 19.91 68.62
CA VAL F 703 -0.24 21.05 68.07
C VAL F 703 0.67 21.85 67.13
N PRO F 704 0.23 22.08 65.86
CA PRO F 704 1.04 22.83 64.95
C PRO F 704 1.03 24.33 65.21
N ALA F 705 2.18 24.93 64.95
CA ALA F 705 2.26 26.35 64.78
C ALA F 705 1.83 26.74 63.33
N ALA F 706 1.78 28.04 63.08
CA ALA F 706 1.39 28.55 61.77
C ALA F 706 2.26 28.01 60.64
N ASP F 707 3.53 27.76 60.92
CA ASP F 707 4.41 27.24 59.87
C ASP F 707 4.46 25.75 59.84
N GLY F 708 3.59 25.09 60.61
CA GLY F 708 3.47 23.65 60.59
C GLY F 708 4.33 22.91 61.59
N SER F 709 5.36 23.59 62.15
CA SER F 709 6.16 22.99 63.23
C SER F 709 5.34 22.81 64.52
N VAL F 710 5.83 21.97 65.42
CA VAL F 710 5.12 21.65 66.67
C VAL F 710 5.31 22.79 67.66
N ILE F 711 4.20 23.37 68.10
CA ILE F 711 4.28 24.39 69.11
C ILE F 711 4.02 23.83 70.52
N PHE F 712 3.28 22.71 70.61
CA PHE F 712 2.88 22.15 71.90
C PHE F 712 2.73 20.66 71.77
N THR F 713 3.18 19.92 72.78
CA THR F 713 2.99 18.49 72.81
C THR F 713 2.32 18.13 74.12
N LEU F 714 1.17 17.47 74.06
CA LEU F 714 0.48 16.97 75.25
C LEU F 714 0.63 15.47 75.17
N LYS F 715 1.12 14.86 76.25
CA LYS F 715 1.16 13.38 76.38
C LYS F 715 0.23 12.89 77.51
N ALA F 716 -0.38 11.72 77.31
CA ALA F 716 -1.16 11.07 78.35
C ALA F 716 -0.72 9.63 78.37
N ALA F 717 -0.04 9.23 79.45
CA ALA F 717 0.48 7.87 79.62
C ALA F 717 -0.29 7.20 80.77
N ARG F 718 -0.64 5.94 80.59
CA ARG F 718 -1.41 5.25 81.60
C ARG F 718 -0.64 4.08 82.17
N THR F 719 -0.73 3.97 83.48
CA THR F 719 -0.08 2.89 84.22
C THR F 719 -1.01 2.52 85.38
N GLY F 720 -1.58 1.33 85.27
CA GLY F 720 -2.64 0.92 86.17
C GLY F 720 -3.87 1.74 85.92
N ASN F 721 -4.37 2.40 86.96
CA ASN F 721 -5.53 3.25 86.85
C ASN F 721 -5.16 4.73 86.96
N THR F 722 -3.87 5.02 86.83
CA THR F 722 -3.39 6.40 86.84
C THR F 722 -2.88 6.89 85.47
N ILE F 723 -3.42 8.03 85.03
CA ILE F 723 -3.00 8.67 83.79
C ILE F 723 -2.23 9.95 84.10
N THR F 724 -0.97 9.96 83.69
CA THR F 724 -0.10 11.12 83.79
C THR F 724 -0.11 11.96 82.49
N VAL F 725 -0.64 13.18 82.62
CA VAL F 725 -0.68 14.17 81.54
C VAL F 725 0.48 15.14 81.68
N THR F 726 1.32 15.25 80.66
CA THR F 726 2.43 16.19 80.67
C THR F 726 2.45 17.08 79.40
N GLY F 727 2.68 18.37 79.60
CA GLY F 727 2.77 19.35 78.51
C GLY F 727 4.19 19.83 78.25
N ALA F 728 4.42 20.35 77.06
CA ALA F 728 5.74 20.86 76.66
C ALA F 728 5.51 21.76 75.45
N GLY F 729 5.89 23.02 75.61
CA GLY F 729 5.72 24.05 74.61
C GLY F 729 4.76 25.11 75.08
N GLU F 730 4.11 25.77 74.13
CA GLU F 730 3.25 26.92 74.37
C GLU F 730 1.77 26.59 74.05
N ALA F 731 0.91 26.55 75.07
CA ALA F 731 -0.55 26.52 74.87
C ALA F 731 -1.27 27.27 76.00
N LYS F 732 -2.47 27.80 75.69
CA LYS F 732 -3.24 28.62 76.61
C LYS F 732 -4.70 28.21 76.64
N ASN F 733 -5.27 28.27 77.83
CA ASN F 733 -6.71 28.16 78.01
C ASN F 733 -7.25 26.82 77.44
N TRP F 734 -6.47 25.76 77.65
CA TRP F 734 -6.87 24.48 77.14
C TRP F 734 -7.51 23.59 78.20
N THR F 735 -8.14 22.54 77.68
CA THR F 735 -9.06 21.69 78.39
C THR F 735 -8.75 20.25 77.89
N LEU F 736 -8.97 19.23 78.71
CA LEU F 736 -8.78 17.83 78.27
C LEU F 736 -10.06 17.07 78.57
N CYS F 737 -10.70 16.47 77.56
CA CYS F 737 -11.93 15.72 77.76
C CYS F 737 -11.65 14.23 77.77
N LEU F 738 -12.14 13.56 78.82
CA LEU F 738 -11.99 12.11 79.01
C LEU F 738 -13.20 11.46 78.37
N ARG F 739 -12.98 11.07 77.13
CA ARG F 739 -14.08 10.65 76.32
C ARG F 739 -14.72 9.37 76.89
N ASN F 740 -16.05 9.38 77.05
CA ASN F 740 -16.82 8.23 77.58
C ASN F 740 -16.48 7.78 79.05
N VAL F 741 -15.96 8.71 79.85
CA VAL F 741 -15.67 8.54 81.27
C VAL F 741 -16.46 9.63 81.99
N VAL F 742 -17.49 9.24 82.73
CA VAL F 742 -18.38 10.21 83.42
C VAL F 742 -17.81 10.65 84.77
N LYS F 743 -17.06 9.75 85.39
CA LYS F 743 -16.67 9.94 86.77
C LYS F 743 -15.31 9.31 86.96
N VAL F 744 -14.58 9.91 87.89
CA VAL F 744 -13.18 9.59 88.10
C VAL F 744 -12.95 9.47 89.62
N ASN F 745 -11.88 8.79 90.02
CA ASN F 745 -11.56 8.68 91.43
C ASN F 745 -10.93 9.93 91.99
N GLY F 746 -10.03 10.54 91.23
CA GLY F 746 -9.23 11.63 91.75
C GLY F 746 -8.35 12.32 90.72
N LEU F 747 -7.79 13.45 91.15
CA LEU F 747 -7.27 14.43 90.25
C LEU F 747 -6.21 15.29 90.94
N GLN F 748 -4.95 15.20 90.52
CA GLN F 748 -3.94 16.19 90.94
C GLN F 748 -3.86 17.30 89.94
N ASP F 749 -3.63 18.51 90.45
CA ASP F 749 -3.38 19.71 89.68
C ASP F 749 -4.41 19.93 88.57
N GLY F 750 -5.68 19.71 88.90
CA GLY F 750 -6.73 19.90 87.92
C GLY F 750 -8.10 20.08 88.52
N SER F 751 -8.94 20.88 87.87
CA SER F 751 -10.37 20.93 88.16
C SER F 751 -11.15 20.15 87.12
N GLN F 752 -12.33 19.68 87.50
CA GLN F 752 -13.16 18.86 86.62
C GLN F 752 -14.60 19.39 86.50
N ALA F 753 -15.20 19.12 85.35
CA ALA F 753 -16.64 19.30 85.12
C ALA F 753 -17.23 18.18 84.27
N GLU F 754 -18.52 17.90 84.48
CA GLU F 754 -19.30 16.98 83.67
C GLU F 754 -19.37 17.51 82.24
N SER F 755 -19.34 16.63 81.23
CA SER F 755 -19.89 16.97 79.90
C SER F 755 -20.56 15.74 79.30
N GLU F 756 -21.30 15.92 78.20
CA GLU F 756 -21.99 14.80 77.54
C GLU F 756 -21.04 13.75 76.97
N GLN F 757 -19.89 14.21 76.48
CA GLN F 757 -18.92 13.34 75.83
C GLN F 757 -18.03 12.64 76.84
N GLY F 758 -18.07 13.13 78.08
CA GLY F 758 -17.18 12.70 79.13
C GLY F 758 -16.66 13.89 79.92
N LEU F 759 -15.89 13.55 80.94
CA LEU F 759 -15.41 14.49 81.97
C LEU F 759 -14.42 15.46 81.36
N VAL F 760 -14.67 16.75 81.51
CA VAL F 760 -13.71 17.78 81.11
C VAL F 760 -12.83 18.23 82.27
N VAL F 761 -11.53 18.09 82.08
CA VAL F 761 -10.50 18.50 83.02
C VAL F 761 -9.86 19.82 82.54
N LYS F 762 -9.58 20.74 83.45
CA LYS F 762 -8.83 21.99 83.17
C LYS F 762 -7.57 21.92 84.08
N PRO F 763 -6.36 21.97 83.50
CA PRO F 763 -5.17 21.82 84.34
C PRO F 763 -4.90 23.05 85.22
N GLN F 764 -4.22 22.81 86.33
CA GLN F 764 -3.75 23.89 87.20
C GLN F 764 -2.57 23.36 88.00
N GLY F 765 -1.40 23.39 87.37
CA GLY F 765 -0.16 22.88 87.96
C GLY F 765 0.45 21.85 87.03
N ASN F 766 1.67 21.40 87.33
CA ASN F 766 2.35 20.39 86.50
C ASN F 766 2.29 19.01 87.10
N ALA F 767 1.19 18.34 86.80
CA ALA F 767 1.03 16.94 87.14
C ALA F 767 -0.10 16.44 86.28
N LEU F 768 -1.18 17.21 86.29
CA LEU F 768 -2.44 16.70 85.92
C LEU F 768 -2.35 15.17 85.94
N THR F 769 -2.39 14.61 87.13
CA THR F 769 -2.54 13.18 87.28
C THR F 769 -4.02 12.89 87.50
N ILE F 770 -4.59 12.04 86.66
CA ILE F 770 -5.96 11.63 86.90
C ILE F 770 -5.93 10.17 87.35
N THR F 771 -6.77 9.82 88.32
CA THR F 771 -6.79 8.48 88.79
C THR F 771 -8.20 7.92 88.57
N LEU F 772 -8.25 6.80 87.86
CA LEU F 772 -9.52 6.23 87.42
C LEU F 772 -10.18 5.40 88.51
N HIS F 773 -11.50 5.32 88.47
CA HIS F 773 -12.25 4.27 89.18
C HIS F 773 -11.80 2.86 88.75
#